data_7U60
#
_entry.id   7U60
#
_cell.length_a   260.890
_cell.length_b   145.770
_cell.length_c   105.160
_cell.angle_alpha   90.000
_cell.angle_beta   90.000
_cell.angle_gamma   90.000
#
_symmetry.space_group_name_H-M   'P 21 21 2'
#
loop_
_entity.id
_entity.type
_entity.pdbx_description
1 polymer 'Integrin alpha-IIb'
2 polymer 'Integrin beta-3'
3 polymer 'Fab heavy chain'
4 polymer 'Fab light chain'
5 polymer ARG-GLY-ASP-DPN-VAL
6 branched alpha-D-mannopyranose-(1-3)-alpha-D-mannopyranose-(1-4)-2-acetamido-2-deoxy-beta-D-glucopyranose-(1-4)-2-acetamido-2-deoxy-beta-D-glucopyranose
7 branched 2-acetamido-2-deoxy-beta-D-glucopyranose-(1-4)-2-acetamido-2-deoxy-beta-D-glucopyranose
8 non-polymer 'CALCIUM ION'
9 non-polymer GLYCEROL
10 non-polymer 'SULFATE ION'
11 non-polymer 'MANGANESE (II) ION'
12 non-polymer 2-acetamido-2-deoxy-beta-D-glucopyranose
13 water water
#
loop_
_entity_poly.entity_id
_entity_poly.type
_entity_poly.pdbx_seq_one_letter_code
_entity_poly.pdbx_strand_id
1 'polypeptide(L)'
;LNLDPVQLTFYAGPNGSQFGFSLDFHKDSHGRVAIVVGAPRTLGPSQEETGGVFLCPWRAEGGQCPSLLFDLRDETRNVG
SQTLQTFKARQGLGASVVSWSDVIVACAPWQHWNVLEKTEEAEKTPVGSCFLAQPESGRRAEYSPCRGNTLSRIYVENDF
SWDKRYCEAGFSSVVTQAGELVLGAPGGYYFLGLLAQAPVADIFSSYRPGILLWHVSSQSLSFDSSNPEYFDGYWGYSVA
VGEFDGDLNTTEYVVGAPTWSWTLGAVEILDSYYQRLHRLRGEQMASYFGHSVAVTDVNGDGRHDLLVGAPLYMESRADR
KLAEVGRVYLFLQPRGPHALGAPSLLLTGTQLYGRFGSAIAPLGDLDRDGYNDIAVAAPYGGPSGRGQVLVFLGQSEGLR
SRPSQVLDSPFPTGSAFGFSLRGAVDIDDNGYPDLIVGAYGANQVAVYRAQPVVK
;
A,C
2 'polypeptide(L)'
;GPNICTTRGVSSCQQCLAVSPMCAWCSDEALPLGSPRCDLKENLLKDNCAPESIEFPVSEARVLEDRPLSDKGSGDSSQV
TQVSPQRIALRLRPDDSKNFSIQVRQVEDYPVDIYYLMDLSYSMKDDLWSIQNLGTKLATQMRKLTSNLRIGFGAFVDKP
VSPYMYISPPEALENPCYDMKTTCLPMFGYKHVLTLTDQVTRFNEEVKKQSVSRNRDAPEGGFDAIMQATVCDEKIGWRN
DASHLLVFTTDAKTHIALDGRLAGIVQPNDGQCHVGSDNHYSASTTMDYPSLGLMTEKLSQKNINLIFAVTENVVNLYQN
YSELIPGTTVGVLSMDSSNVLQLIVDAYGKIRSKVELEVRDLPEELSLSFNATCLNNEVIPGLKSCMGLKIGDTVSFSIE
AKVRGCPQEKEKSFTIKPVGFKDSLIVQVTFDCDCACQAQAEPNSHRCNNGNGTFECGVCRCGPGWLGSQC
;
B,D
3 'polypeptide(L)'
;EVQLQQSGAELVKPGASVKLSCTASGFNIKDTYVHWVKQRPEQGLEWIGRIDPANGYTKYDPKFQGKATITADTSSNTAY
LQLSSLTSEDTAVYYCVRPLYDYYAMDYWGQGTSVTVSSAKTTAPSVYPLAPVCTGSSVTLGCLVKGYFPEPVTLTWNSG
SLSSGVHTFPAVLQSDLYTLSSSVTVTSSTWPSQSITCNVAHPASSTKVDKKIEPR
;
E,H
4 'polypeptide(L)'
;DILMTQSPSSMSVSLGDTVSITCHASQGISSNIGWLQQKPGKSFMGLIYYGTNLVDGVPSRFSGSGSGADYSLTISSLDS
EDFADYYCVQYAQLPYTFGGGTKLEIKRADAAPTVSIFPPSSEQLTSGGASVVCFLNNFYPKDINVKWKIDGSERQNGVL
NSWTDQDSKDSTYSMSSTLTLTKDEYERHNSYTCEATHKTSTSPIVKSFNRNEC
;
F,L
5 'polypeptide(L)' RGD(DPN)V M,N
#
loop_
_chem_comp.id
_chem_comp.type
_chem_comp.name
_chem_comp.formula
CA non-polymer 'CALCIUM ION' 'Ca 2'
GOL non-polymer GLYCEROL 'C3 H8 O3'
MAN D-saccharide, alpha linking alpha-D-mannopyranose 'C6 H12 O6'
MN non-polymer 'MANGANESE (II) ION' 'Mn 2'
NAG D-saccharide, beta linking 2-acetamido-2-deoxy-beta-D-glucopyranose 'C8 H15 N O6'
SO4 non-polymer 'SULFATE ION' 'O4 S -2'
#
# COMPACT_ATOMS: atom_id res chain seq x y z
N LEU A 1 -13.23 10.98 -44.90
CA LEU A 1 -13.89 10.52 -46.12
C LEU A 1 -13.79 11.57 -47.22
N ASN A 2 -14.38 12.76 -46.99
CA ASN A 2 -14.62 13.72 -48.05
C ASN A 2 -13.75 14.97 -47.98
N LEU A 3 -12.60 14.90 -47.30
CA LEU A 3 -11.63 15.97 -47.43
C LEU A 3 -10.94 15.85 -48.79
N ASP A 4 -10.71 16.99 -49.44
CA ASP A 4 -10.15 17.00 -50.79
C ASP A 4 -8.63 17.00 -50.75
N PRO A 5 -7.96 15.91 -51.10
CA PRO A 5 -6.50 15.88 -51.14
C PRO A 5 -5.87 16.26 -52.48
N VAL A 6 -6.65 16.82 -53.41
CA VAL A 6 -6.14 17.20 -54.72
C VAL A 6 -5.78 18.67 -54.76
N GLN A 7 -6.70 19.55 -54.39
CA GLN A 7 -6.49 21.00 -54.47
C GLN A 7 -6.33 21.54 -53.05
N LEU A 8 -5.08 21.59 -52.60
CA LEU A 8 -4.73 22.07 -51.26
C LEU A 8 -4.40 23.56 -51.29
N THR A 9 -4.18 24.10 -50.10
CA THR A 9 -3.73 25.48 -49.92
C THR A 9 -2.55 25.48 -48.97
N PHE A 10 -1.51 26.24 -49.31
CA PHE A 10 -0.26 26.24 -48.56
C PHE A 10 0.04 27.65 -48.07
N TYR A 11 0.22 27.80 -46.77
CA TYR A 11 0.79 28.99 -46.17
C TYR A 11 2.21 28.67 -45.71
N ALA A 12 3.12 29.65 -45.86
CA ALA A 12 4.53 29.43 -45.58
C ALA A 12 5.09 30.57 -44.75
N GLY A 13 6.02 30.23 -43.86
CA GLY A 13 6.71 31.20 -43.06
C GLY A 13 8.19 31.22 -43.35
N PRO A 14 8.96 32.00 -42.58
CA PRO A 14 10.40 32.09 -42.83
C PRO A 14 11.09 30.76 -42.56
N ASN A 15 12.18 30.52 -43.29
CA ASN A 15 12.97 29.31 -43.08
CA ASN A 15 12.96 29.31 -43.08
C ASN A 15 13.55 29.30 -41.68
N GLY A 16 13.54 28.13 -41.05
CA GLY A 16 14.05 27.97 -39.71
C GLY A 16 13.15 28.46 -38.59
N SER A 17 12.04 29.13 -38.92
CA SER A 17 11.16 29.69 -37.90
C SER A 17 10.27 28.66 -37.23
N GLN A 18 10.13 27.46 -37.81
CA GLN A 18 9.23 26.41 -37.33
C GLN A 18 7.77 26.85 -37.41
N PHE A 19 7.47 27.65 -38.44
CA PHE A 19 6.11 28.02 -38.81
C PHE A 19 5.23 26.78 -38.96
N GLY A 20 4.20 26.68 -38.12
CA GLY A 20 3.30 25.53 -38.12
C GLY A 20 3.40 24.65 -36.89
N PHE A 21 4.25 25.01 -35.92
CA PHE A 21 4.35 24.25 -34.68
C PHE A 21 3.02 24.23 -33.94
N SER A 22 2.30 25.35 -33.96
CA SER A 22 0.94 25.43 -33.43
C SER A 22 0.09 26.26 -34.39
N LEU A 23 -1.22 26.04 -34.34
CA LEU A 23 -2.15 26.78 -35.18
C LEU A 23 -3.55 26.72 -34.59
N ASP A 24 -4.41 27.59 -35.10
CA ASP A 24 -5.81 27.58 -34.71
C ASP A 24 -6.59 28.44 -35.70
N PHE A 25 -7.90 28.18 -35.77
CA PHE A 25 -8.79 29.06 -36.50
C PHE A 25 -9.12 30.27 -35.63
N HIS A 26 -9.34 31.40 -36.30
CA HIS A 26 -9.68 32.64 -35.60
C HIS A 26 -10.77 33.38 -36.36
N LYS A 27 -11.80 33.81 -35.64
CA LYS A 27 -12.89 34.61 -36.19
C LYS A 27 -12.79 36.04 -35.69
N ASP A 28 -13.01 37.01 -36.58
CA ASP A 28 -13.07 38.40 -36.17
C ASP A 28 -14.49 38.72 -35.70
N SER A 29 -14.71 39.96 -35.28
CA SER A 29 -16.03 40.37 -34.80
C SER A 29 -17.11 40.30 -35.87
N HIS A 30 -16.73 40.08 -37.13
CA HIS A 30 -17.69 39.93 -38.23
C HIS A 30 -17.85 38.48 -38.66
N GLY A 31 -17.25 37.53 -37.94
CA GLY A 31 -17.35 36.13 -38.28
C GLY A 31 -16.38 35.65 -39.34
N ARG A 32 -15.55 36.54 -39.88
CA ARG A 32 -14.58 36.16 -40.90
C ARG A 32 -13.52 35.24 -40.31
N VAL A 33 -13.31 34.10 -40.94
CA VAL A 33 -12.41 33.07 -40.40
C VAL A 33 -11.02 33.24 -41.00
N ALA A 34 -10.02 33.31 -40.13
CA ALA A 34 -8.61 33.34 -40.51
C ALA A 34 -7.87 32.21 -39.79
N ILE A 35 -6.56 32.15 -40.00
CA ILE A 35 -5.71 31.12 -39.41
C ILE A 35 -4.59 31.82 -38.66
N VAL A 36 -4.45 31.52 -37.37
CA VAL A 36 -3.34 32.00 -36.56
C VAL A 36 -2.31 30.89 -36.46
N VAL A 37 -1.04 31.23 -36.73
CA VAL A 37 0.04 30.25 -36.83
C VAL A 37 1.15 30.67 -35.88
N GLY A 38 1.63 29.72 -35.07
CA GLY A 38 2.79 29.96 -34.23
C GLY A 38 4.06 29.47 -34.90
N ALA A 39 5.11 30.29 -34.80
CA ALA A 39 6.42 29.98 -35.36
C ALA A 39 7.46 30.22 -34.27
N PRO A 40 7.65 29.25 -33.37
CA PRO A 40 8.39 29.51 -32.12
C PRO A 40 9.88 29.79 -32.29
N ARG A 41 10.41 29.81 -33.51
CA ARG A 41 11.83 30.13 -33.70
C ARG A 41 12.05 31.28 -34.68
N THR A 42 11.02 32.06 -34.97
CA THR A 42 11.20 33.27 -35.74
C THR A 42 12.23 34.17 -35.08
N LEU A 43 13.07 34.79 -35.91
CA LEU A 43 14.13 35.64 -35.38
C LEU A 43 13.54 36.93 -34.80
N GLY A 44 14.26 37.53 -33.86
CA GLY A 44 13.81 38.73 -33.22
C GLY A 44 14.67 39.93 -33.55
N PRO A 45 14.75 40.90 -32.63
CA PRO A 45 15.49 42.12 -32.94
C PRO A 45 17.01 41.93 -32.95
N SER A 46 17.55 41.21 -31.96
CA SER A 46 18.98 40.97 -31.84
C SER A 46 19.48 39.86 -32.76
N GLN A 47 18.79 39.62 -33.88
CA GLN A 47 19.08 38.48 -34.76
C GLN A 47 19.14 37.19 -33.97
N GLU A 48 18.23 37.05 -33.01
CA GLU A 48 18.18 35.93 -32.10
C GLU A 48 16.79 35.33 -32.11
N GLU A 49 16.71 34.02 -31.99
CA GLU A 49 15.43 33.35 -31.98
C GLU A 49 14.62 33.76 -30.76
N THR A 50 13.41 34.25 -31.01
CA THR A 50 12.44 34.53 -29.96
C THR A 50 11.06 33.97 -30.25
N GLY A 51 10.77 33.61 -31.50
CA GLY A 51 9.45 33.19 -31.89
C GLY A 51 8.62 34.34 -32.43
N GLY A 52 7.48 33.99 -33.00
CA GLY A 52 6.59 34.98 -33.56
C GLY A 52 5.26 34.36 -33.93
N VAL A 53 4.29 35.23 -34.18
CA VAL A 53 2.94 34.80 -34.54
C VAL A 53 2.56 35.43 -35.87
N PHE A 54 1.76 34.70 -36.65
CA PHE A 54 1.26 35.18 -37.93
C PHE A 54 -0.24 35.00 -37.99
N LEU A 55 -0.93 35.94 -38.62
CA LEU A 55 -2.38 35.90 -38.77
C LEU A 55 -2.69 35.82 -40.26
N CYS A 56 -3.02 34.61 -40.73
CA CYS A 56 -3.17 34.36 -42.15
C CYS A 56 -4.62 34.52 -42.59
N PRO A 57 -4.92 35.45 -43.49
CA PRO A 57 -6.28 35.52 -44.04
C PRO A 57 -6.53 34.37 -44.99
N TRP A 58 -7.81 33.99 -45.11
CA TRP A 58 -8.18 32.86 -45.95
C TRP A 58 -8.12 33.24 -47.42
N ARG A 59 -7.24 32.58 -48.17
CA ARG A 59 -7.15 32.69 -49.62
C ARG A 59 -6.88 31.31 -50.18
N ALA A 60 -7.65 30.90 -51.20
CA ALA A 60 -7.50 29.57 -51.76
C ALA A 60 -6.08 29.30 -52.23
N GLU A 61 -5.37 30.33 -52.70
CA GLU A 61 -4.00 30.16 -53.18
C GLU A 61 -2.97 30.29 -52.08
N GLY A 62 -3.37 30.69 -50.87
CA GLY A 62 -2.45 30.71 -49.74
C GLY A 62 -1.39 31.80 -49.87
N GLY A 63 -0.15 31.42 -49.57
CA GLY A 63 0.96 32.36 -49.66
C GLY A 63 1.54 32.78 -48.33
N GLN A 64 1.91 34.06 -48.24
CA GLN A 64 2.53 34.62 -47.04
C GLN A 64 1.48 35.28 -46.15
N CYS A 65 1.87 35.52 -44.90
CA CYS A 65 0.97 36.07 -43.90
C CYS A 65 1.63 37.23 -43.18
N PRO A 66 0.85 38.20 -42.73
CA PRO A 66 1.40 39.28 -41.91
C PRO A 66 1.66 38.85 -40.48
N SER A 67 2.62 39.51 -39.85
CA SER A 67 2.95 39.23 -38.47
C SER A 67 1.87 39.79 -37.54
N LEU A 68 1.67 39.09 -36.42
CA LEU A 68 0.93 39.63 -35.28
C LEU A 68 1.96 40.04 -34.25
N LEU A 69 2.17 41.35 -34.12
CA LEU A 69 3.35 41.87 -33.43
C LEU A 69 3.16 41.83 -31.91
N PHE A 70 4.20 41.37 -31.22
CA PHE A 70 4.28 41.41 -29.78
C PHE A 70 5.62 42.00 -29.38
N ASP A 71 5.65 42.61 -28.19
CA ASP A 71 6.89 43.19 -27.67
C ASP A 71 7.92 42.09 -27.43
N LEU A 72 9.08 42.22 -28.09
CA LEU A 72 10.13 41.22 -28.01
C LEU A 72 11.34 41.68 -27.20
N ARG A 73 11.23 42.78 -26.47
CA ARG A 73 12.37 43.35 -25.75
C ARG A 73 12.44 42.82 -24.32
N ASP A 74 13.66 42.55 -23.87
CA ASP A 74 13.88 42.17 -22.48
C ASP A 74 13.59 43.36 -21.56
N GLU A 75 13.02 43.07 -20.40
CA GLU A 75 12.53 44.09 -19.48
C GLU A 75 13.25 44.03 -18.15
N THR A 76 13.43 45.21 -17.55
CA THR A 76 14.07 45.33 -16.24
C THR A 76 13.27 46.34 -15.41
N ARG A 77 12.98 45.99 -14.16
CA ARG A 77 12.29 46.90 -13.25
C ARG A 77 12.96 46.86 -11.89
N ASN A 78 13.50 48.00 -11.46
CA ASN A 78 14.05 48.16 -10.12
C ASN A 78 12.95 48.73 -9.22
N VAL A 79 12.49 47.93 -8.26
CA VAL A 79 11.35 48.30 -7.42
C VAL A 79 11.41 47.47 -6.15
N GLY A 80 10.96 48.08 -5.05
CA GLY A 80 10.97 47.38 -3.77
C GLY A 80 12.32 46.86 -3.37
N SER A 81 13.39 47.61 -3.68
CA SER A 81 14.77 47.22 -3.41
C SER A 81 15.16 45.91 -4.08
N GLN A 82 14.45 45.54 -5.16
CA GLN A 82 14.76 44.35 -5.94
C GLN A 82 14.92 44.74 -7.40
N THR A 83 15.36 43.77 -8.22
CA THR A 83 15.47 43.95 -9.65
C THR A 83 14.74 42.81 -10.34
N LEU A 84 13.76 43.15 -11.17
CA LEU A 84 12.97 42.16 -11.90
C LEU A 84 13.44 42.11 -13.35
N GLN A 85 13.54 40.90 -13.90
CA GLN A 85 14.09 40.70 -15.23
C GLN A 85 13.30 39.66 -16.01
N THR A 86 12.95 40.00 -17.24
CA THR A 86 12.45 39.04 -18.21
C THR A 86 13.53 38.80 -19.27
N PHE A 87 13.57 37.57 -19.78
CA PHE A 87 14.53 37.17 -20.80
C PHE A 87 13.77 36.47 -21.91
N LYS A 88 13.81 37.04 -23.11
CA LYS A 88 12.99 36.58 -24.22
C LYS A 88 13.76 35.81 -25.28
N ALA A 89 15.08 35.68 -25.12
CA ALA A 89 15.86 34.87 -26.05
C ALA A 89 15.42 33.40 -25.97
N ARG A 90 15.12 32.82 -27.13
CA ARG A 90 14.75 31.42 -27.25
CA ARG A 90 14.75 31.42 -27.25
C ARG A 90 13.56 31.07 -26.36
N GLN A 91 12.66 32.03 -26.15
CA GLN A 91 11.47 31.80 -25.32
C GLN A 91 10.45 30.92 -26.01
N GLY A 92 10.48 30.84 -27.33
CA GLY A 92 9.52 30.03 -28.06
C GLY A 92 8.14 30.64 -28.21
N LEU A 93 8.06 31.97 -28.36
CA LEU A 93 6.79 32.61 -28.66
C LEU A 93 6.12 31.96 -29.86
N GLY A 94 4.91 31.46 -29.67
CA GLY A 94 4.23 30.70 -30.68
C GLY A 94 4.35 29.20 -30.57
N ALA A 95 4.82 28.69 -29.43
CA ALA A 95 4.81 27.24 -29.21
C ALA A 95 3.41 26.72 -28.93
N SER A 96 2.48 27.61 -28.56
CA SER A 96 1.06 27.31 -28.53
C SER A 96 0.29 28.58 -28.88
N VAL A 97 -0.79 28.41 -29.62
CA VAL A 97 -1.72 29.50 -29.94
C VAL A 97 -3.13 28.97 -29.83
N VAL A 98 -4.04 29.81 -29.35
CA VAL A 98 -5.45 29.47 -29.26
C VAL A 98 -6.24 30.76 -29.48
N SER A 99 -7.44 30.62 -30.03
CA SER A 99 -8.30 31.76 -30.31
C SER A 99 -9.63 31.57 -29.60
N TRP A 100 -10.11 32.66 -29.01
CA TRP A 100 -11.42 32.70 -28.37
C TRP A 100 -12.04 34.07 -28.59
N SER A 101 -13.30 34.07 -29.01
CA SER A 101 -14.04 35.26 -29.47
C SER A 101 -13.17 35.98 -30.50
N ASP A 102 -12.89 37.29 -30.35
CA ASP A 102 -12.00 38.01 -31.23
C ASP A 102 -10.64 38.25 -30.61
N VAL A 103 -10.16 37.31 -29.78
CA VAL A 103 -8.93 37.45 -29.03
C VAL A 103 -8.03 36.27 -29.34
N ILE A 104 -6.73 36.55 -29.48
CA ILE A 104 -5.72 35.54 -29.74
C ILE A 104 -4.78 35.46 -28.54
N VAL A 105 -4.52 34.23 -28.07
CA VAL A 105 -3.56 33.98 -26.99
C VAL A 105 -2.41 33.16 -27.57
N ALA A 106 -1.19 33.65 -27.42
CA ALA A 106 -0.01 33.00 -27.96
C ALA A 106 1.11 33.03 -26.93
N CYS A 107 1.65 31.87 -26.59
CA CYS A 107 2.46 31.71 -25.40
C CYS A 107 3.92 31.39 -25.73
N ALA A 108 4.80 31.77 -24.81
CA ALA A 108 6.24 31.50 -24.89
C ALA A 108 6.62 30.64 -23.68
N PRO A 109 6.55 29.31 -23.80
CA PRO A 109 6.73 28.46 -22.61
C PRO A 109 8.11 28.53 -22.00
N TRP A 110 9.11 29.03 -22.73
CA TRP A 110 10.48 29.01 -22.25
C TRP A 110 11.03 30.41 -21.99
N GLN A 111 10.15 31.39 -21.80
CA GLN A 111 10.62 32.69 -21.36
C GLN A 111 11.23 32.57 -19.97
N HIS A 112 12.41 33.14 -19.79
CA HIS A 112 13.10 33.05 -18.51
C HIS A 112 12.87 34.31 -17.69
N TRP A 113 13.16 34.19 -16.40
CA TRP A 113 12.80 35.17 -15.40
C TRP A 113 13.83 35.09 -14.28
N ASN A 114 14.09 36.22 -13.65
CA ASN A 114 14.99 36.24 -12.50
C ASN A 114 14.73 37.52 -11.71
N VAL A 115 15.04 37.44 -10.42
CA VAL A 115 14.93 38.56 -9.51
C VAL A 115 16.26 38.69 -8.78
N LEU A 116 16.75 39.93 -8.65
CA LEU A 116 18.02 40.20 -7.99
C LEU A 116 17.77 41.06 -6.75
N GLU A 117 18.48 40.73 -5.68
CA GLU A 117 18.42 41.49 -4.43
C GLU A 117 19.80 41.42 -3.79
N LYS A 118 20.56 42.51 -3.88
CA LYS A 118 21.94 42.56 -3.41
C LYS A 118 22.78 41.48 -4.09
N THR A 119 23.24 40.50 -3.31
CA THR A 119 24.05 39.40 -3.82
C THR A 119 23.26 38.12 -4.03
N GLU A 120 21.98 38.10 -3.68
CA GLU A 120 21.14 36.93 -3.84
C GLU A 120 20.27 37.05 -5.09
N GLU A 121 19.63 35.96 -5.46
CA GLU A 121 18.82 35.91 -6.66
C GLU A 121 17.73 34.86 -6.51
N ALA A 122 16.71 34.98 -7.35
CA ALA A 122 15.66 33.97 -7.38
C ALA A 122 16.13 32.72 -8.13
N GLU A 123 17.12 32.89 -9.02
CA GLU A 123 17.60 31.96 -10.04
C GLU A 123 16.87 32.23 -11.36
N LYS A 124 17.63 32.21 -12.47
CA LYS A 124 17.10 32.46 -13.80
C LYS A 124 16.47 31.18 -14.33
N THR A 125 15.14 31.17 -14.43
CA THR A 125 14.39 29.95 -14.68
C THR A 125 13.26 30.21 -15.67
N PRO A 126 12.78 29.17 -16.37
CA PRO A 126 11.72 29.37 -17.36
C PRO A 126 10.30 29.32 -16.80
N VAL A 127 9.80 30.47 -16.36
CA VAL A 127 8.43 30.54 -15.86
C VAL A 127 7.39 30.49 -16.98
N GLY A 128 7.81 30.75 -18.22
CA GLY A 128 6.87 30.87 -19.31
C GLY A 128 6.07 32.14 -19.24
N SER A 129 5.34 32.47 -20.30
CA SER A 129 4.52 33.68 -20.36
C SER A 129 3.62 33.58 -21.58
N CYS A 130 2.46 34.23 -21.50
CA CYS A 130 1.52 34.25 -22.62
C CYS A 130 1.25 35.69 -23.02
N PHE A 131 0.97 35.87 -24.31
CA PHE A 131 0.68 37.18 -24.90
C PHE A 131 -0.72 37.16 -25.46
N LEU A 132 -1.48 38.21 -25.21
CA LEU A 132 -2.85 38.31 -25.66
C LEU A 132 -3.02 39.51 -26.58
N ALA A 133 -3.75 39.31 -27.67
CA ALA A 133 -3.99 40.36 -28.65
C ALA A 133 -5.45 40.38 -29.04
N GLN A 134 -5.99 41.59 -29.22
CA GLN A 134 -7.27 41.81 -29.87
C GLN A 134 -6.97 42.48 -31.20
N PRO A 135 -6.76 41.71 -32.27
CA PRO A 135 -6.22 42.30 -33.52
C PRO A 135 -6.99 43.50 -34.05
N GLU A 136 -8.32 43.46 -34.03
CA GLU A 136 -9.09 44.55 -34.64
C GLU A 136 -8.90 45.87 -33.91
N SER A 137 -8.63 45.84 -32.61
CA SER A 137 -8.47 47.04 -31.81
C SER A 137 -7.04 47.37 -31.46
N GLY A 138 -6.12 46.42 -31.61
CA GLY A 138 -4.73 46.63 -31.23
C GLY A 138 -4.42 46.43 -29.77
N ARG A 139 -5.41 46.10 -28.95
CA ARG A 139 -5.18 45.92 -27.52
C ARG A 139 -4.20 44.77 -27.28
N ARG A 140 -3.40 44.92 -26.24
CA ARG A 140 -2.39 43.93 -25.87
C ARG A 140 -2.41 43.73 -24.35
N ALA A 141 -2.11 42.50 -23.94
CA ALA A 141 -1.96 42.17 -22.54
C ALA A 141 -1.03 40.97 -22.43
N GLU A 142 -0.58 40.71 -21.20
CA GLU A 142 0.28 39.56 -20.92
C GLU A 142 -0.23 38.86 -19.67
N TYR A 143 0.22 37.63 -19.49
CA TYR A 143 -0.16 36.81 -18.34
C TYR A 143 0.97 35.84 -18.06
N SER A 144 1.57 35.96 -16.88
CA SER A 144 2.70 35.13 -16.48
C SER A 144 2.50 34.72 -15.03
N PRO A 145 1.67 33.71 -14.79
CA PRO A 145 1.24 33.43 -13.40
C PRO A 145 2.30 32.81 -12.51
N CYS A 146 3.47 32.45 -13.04
CA CYS A 146 4.48 31.78 -12.22
C CYS A 146 5.67 32.65 -11.86
N ARG A 147 5.75 33.86 -12.39
CA ARG A 147 6.75 34.82 -11.91
C ARG A 147 6.55 35.04 -10.41
N GLY A 148 7.65 35.00 -9.66
CA GLY A 148 7.64 35.30 -8.25
C GLY A 148 8.80 36.21 -7.90
N ASN A 149 8.84 36.65 -6.65
CA ASN A 149 9.94 37.51 -6.19
C ASN A 149 10.64 36.92 -4.95
N THR A 150 10.57 35.61 -4.77
CA THR A 150 11.21 34.94 -3.64
C THR A 150 12.64 34.57 -4.00
N LEU A 151 13.55 34.74 -3.03
CA LEU A 151 14.96 34.47 -3.25
C LEU A 151 15.28 32.98 -3.10
N SER A 152 16.41 32.59 -3.69
CA SER A 152 16.76 31.18 -3.79
C SER A 152 16.85 30.50 -2.43
N ARG A 153 17.39 31.22 -1.44
CA ARG A 153 17.60 30.65 -0.11
C ARG A 153 16.28 30.36 0.61
N ILE A 154 15.22 31.10 0.31
CA ILE A 154 13.94 30.85 0.98
C ILE A 154 13.35 29.52 0.53
N TYR A 155 13.43 29.22 -0.78
CA TYR A 155 12.98 27.92 -1.26
C TYR A 155 13.73 26.78 -0.58
N VAL A 156 15.05 26.95 -0.40
CA VAL A 156 15.84 25.90 0.24
C VAL A 156 15.44 25.72 1.70
N GLU A 157 15.23 26.84 2.41
CA GLU A 157 14.82 26.75 3.81
C GLU A 157 13.42 26.18 3.98
N ASN A 158 12.61 26.20 2.92
CA ASN A 158 11.23 25.70 2.99
C ASN A 158 11.04 24.39 2.22
N ASP A 159 12.14 23.72 1.89
CA ASP A 159 12.10 22.38 1.28
C ASP A 159 11.45 22.39 -0.11
N PHE A 160 11.64 23.49 -0.84
CA PHE A 160 11.22 23.60 -2.24
C PHE A 160 9.72 23.38 -2.43
N SER A 161 8.93 23.73 -1.43
CA SER A 161 7.49 23.66 -1.57
C SER A 161 6.97 24.83 -2.39
N TRP A 162 5.94 24.56 -3.19
CA TRP A 162 5.25 25.58 -3.99
C TRP A 162 6.24 26.38 -4.83
N ASP A 163 7.09 25.64 -5.54
CA ASP A 163 8.18 26.18 -6.36
C ASP A 163 7.67 26.29 -7.79
N LYS A 164 7.31 27.49 -8.22
CA LYS A 164 6.75 27.72 -9.54
C LYS A 164 7.79 28.24 -10.54
N ARG A 165 9.07 28.01 -10.28
CA ARG A 165 10.10 28.69 -11.05
C ARG A 165 10.29 28.09 -12.45
N TYR A 166 9.86 26.85 -12.65
CA TYR A 166 10.07 26.18 -13.94
C TYR A 166 8.75 25.76 -14.57
N CYS A 167 7.69 26.55 -14.32
CA CYS A 167 6.35 26.22 -14.78
C CYS A 167 6.31 25.91 -16.27
N GLU A 168 6.91 26.78 -17.08
CA GLU A 168 6.71 26.80 -18.54
C GLU A 168 5.21 26.95 -18.85
N ALA A 169 4.60 27.93 -18.20
CA ALA A 169 3.20 28.27 -18.44
C ALA A 169 2.99 28.60 -19.90
N GLY A 170 1.92 28.06 -20.48
CA GLY A 170 1.68 28.17 -21.89
C GLY A 170 2.22 27.03 -22.73
N PHE A 171 2.86 26.05 -22.10
CA PHE A 171 3.25 24.82 -22.79
C PHE A 171 2.05 24.21 -23.51
N SER A 172 0.90 24.20 -22.86
CA SER A 172 -0.40 23.93 -23.48
C SER A 172 -1.40 24.96 -22.99
N SER A 173 -2.51 25.10 -23.73
CA SER A 173 -3.46 26.16 -23.42
C SER A 173 -4.82 25.83 -24.03
N VAL A 174 -5.87 26.35 -23.39
CA VAL A 174 -7.24 26.18 -23.86
C VAL A 174 -8.08 27.27 -23.20
N VAL A 175 -9.19 27.61 -23.85
CA VAL A 175 -10.13 28.60 -23.31
C VAL A 175 -11.51 27.96 -23.22
N THR A 176 -12.19 28.21 -22.11
CA THR A 176 -13.58 27.78 -21.96
C THR A 176 -14.49 28.71 -22.77
N GLN A 177 -15.69 28.21 -23.08
CA GLN A 177 -16.65 29.02 -23.82
C GLN A 177 -17.03 30.30 -23.06
N ALA A 178 -16.87 30.30 -21.72
CA ALA A 178 -17.14 31.49 -20.92
C ALA A 178 -15.99 32.50 -20.96
N GLY A 179 -14.84 32.13 -21.50
CA GLY A 179 -13.73 33.03 -21.63
C GLY A 179 -12.65 32.91 -20.56
N GLU A 180 -12.53 31.75 -19.93
CA GLU A 180 -11.51 31.51 -18.92
C GLU A 180 -10.32 30.81 -19.58
N LEU A 181 -9.18 31.50 -19.61
CA LEU A 181 -7.96 30.91 -20.16
C LEU A 181 -7.38 29.91 -19.16
N VAL A 182 -7.10 28.71 -19.62
CA VAL A 182 -6.53 27.65 -18.80
C VAL A 182 -5.19 27.26 -19.40
N LEU A 183 -4.13 27.35 -18.60
CA LEU A 183 -2.77 27.15 -19.06
C LEU A 183 -2.16 25.91 -18.45
N GLY A 184 -1.53 25.09 -19.28
CA GLY A 184 -0.75 23.97 -18.79
C GLY A 184 0.69 24.40 -18.51
N ALA A 185 1.20 23.96 -17.37
CA ALA A 185 2.56 24.29 -16.93
C ALA A 185 3.24 23.04 -16.43
N PRO A 186 3.77 22.22 -17.34
CA PRO A 186 4.20 20.87 -16.95
C PRO A 186 5.38 20.85 -16.00
N GLY A 187 6.10 21.96 -15.85
CA GLY A 187 7.22 22.05 -14.95
C GLY A 187 6.92 22.63 -13.58
N GLY A 188 5.65 22.91 -13.27
CA GLY A 188 5.32 23.54 -12.02
C GLY A 188 5.52 22.63 -10.82
N TYR A 189 5.75 23.28 -9.67
CA TYR A 189 5.94 22.61 -8.39
C TYR A 189 7.04 21.55 -8.47
N TYR A 190 8.21 22.02 -8.92
CA TYR A 190 9.39 21.19 -9.11
C TYR A 190 9.08 19.95 -9.96
N PHE A 191 8.47 20.21 -11.12
CA PHE A 191 8.28 19.28 -12.22
C PHE A 191 7.16 18.28 -11.98
N LEU A 192 6.28 18.55 -11.01
CA LEU A 192 5.00 17.85 -10.97
C LEU A 192 4.08 18.34 -12.08
N GLY A 193 4.06 19.65 -12.30
CA GLY A 193 3.17 20.27 -13.27
C GLY A 193 1.95 20.88 -12.60
N LEU A 194 1.50 22.03 -13.09
CA LEU A 194 0.34 22.71 -12.52
C LEU A 194 -0.52 23.28 -13.63
N LEU A 195 -1.71 23.74 -13.25
CA LEU A 195 -2.62 24.43 -14.14
C LEU A 195 -2.89 25.83 -13.59
N ALA A 196 -3.03 26.79 -14.51
CA ALA A 196 -3.34 28.17 -14.15
C ALA A 196 -4.53 28.64 -14.97
N GLN A 197 -5.54 29.18 -14.30
CA GLN A 197 -6.75 29.67 -14.93
C GLN A 197 -6.98 31.12 -14.52
N ALA A 198 -7.50 31.91 -15.45
CA ALA A 198 -7.95 33.27 -15.16
C ALA A 198 -8.83 33.74 -16.31
N PRO A 199 -9.84 34.57 -16.02
CA PRO A 199 -10.68 35.08 -17.11
C PRO A 199 -9.93 36.05 -18.01
N VAL A 200 -10.14 35.90 -19.32
CA VAL A 200 -9.46 36.75 -20.29
C VAL A 200 -9.75 38.22 -20.02
N ALA A 201 -11.00 38.53 -19.66
CA ALA A 201 -11.37 39.91 -19.36
C ALA A 201 -10.54 40.46 -18.21
N ASP A 202 -10.34 39.66 -17.16
CA ASP A 202 -9.57 40.13 -16.02
C ASP A 202 -8.08 40.20 -16.33
N ILE A 203 -7.60 39.36 -17.25
CA ILE A 203 -6.20 39.46 -17.68
C ILE A 203 -5.95 40.81 -18.34
N PHE A 204 -6.89 41.28 -19.16
CA PHE A 204 -6.71 42.55 -19.85
C PHE A 204 -6.82 43.72 -18.89
N SER A 205 -7.86 43.72 -18.05
CA SER A 205 -8.13 44.89 -17.20
C SER A 205 -7.11 45.06 -16.08
N SER A 206 -6.35 44.01 -15.74
CA SER A 206 -5.37 44.11 -14.66
C SER A 206 -3.94 44.27 -15.16
N TYR A 207 -3.70 44.16 -16.46
CA TYR A 207 -2.36 44.28 -17.03
C TYR A 207 -2.05 45.73 -17.38
N ARG A 208 -0.80 46.13 -17.12
CA ARG A 208 -0.22 47.38 -17.62
C ARG A 208 1.23 47.08 -17.95
N PRO A 209 1.78 47.67 -19.00
CA PRO A 209 3.18 47.39 -19.35
C PRO A 209 4.14 47.94 -18.31
N GLY A 210 5.23 47.20 -18.09
CA GLY A 210 6.29 47.64 -17.21
C GLY A 210 6.17 47.19 -15.77
N ILE A 211 5.03 46.66 -15.35
CA ILE A 211 4.86 46.25 -13.96
C ILE A 211 5.58 44.94 -13.68
N LEU A 212 5.40 43.96 -14.57
CA LEU A 212 6.07 42.66 -14.55
C LEU A 212 5.53 41.74 -13.46
N LEU A 213 5.30 42.26 -12.25
CA LEU A 213 4.69 41.49 -11.17
C LEU A 213 3.37 42.15 -10.78
N TRP A 214 2.25 41.50 -11.10
CA TRP A 214 0.95 42.07 -10.79
C TRP A 214 -0.04 40.97 -10.45
N HIS A 215 -1.15 41.38 -9.81
CA HIS A 215 -2.15 40.46 -9.29
C HIS A 215 -3.33 40.34 -10.26
N VAL A 216 -3.73 39.10 -10.54
CA VAL A 216 -4.98 38.81 -11.22
C VAL A 216 -5.85 38.07 -10.22
N SER A 217 -6.69 38.80 -9.49
CA SER A 217 -7.29 38.26 -8.27
C SER A 217 -8.24 37.09 -8.55
N SER A 218 -8.94 37.13 -9.67
CA SER A 218 -9.86 36.06 -10.01
C SER A 218 -9.17 34.80 -10.49
N GLN A 219 -7.84 34.74 -10.47
CA GLN A 219 -7.13 33.59 -10.99
C GLN A 219 -7.17 32.44 -9.99
N SER A 220 -6.76 31.26 -10.46
CA SER A 220 -6.90 30.03 -9.69
C SER A 220 -5.86 29.04 -10.17
N LEU A 221 -4.98 28.61 -9.27
CA LEU A 221 -3.92 27.67 -9.59
C LEU A 221 -4.15 26.34 -8.89
N SER A 222 -3.59 25.28 -9.47
CA SER A 222 -3.70 23.95 -8.88
C SER A 222 -2.68 23.81 -7.76
N PHE A 223 -2.53 22.60 -7.22
CA PHE A 223 -1.87 22.41 -5.94
C PHE A 223 -0.65 21.51 -6.04
N ASP A 224 0.30 21.77 -5.14
CA ASP A 224 1.46 20.92 -4.94
C ASP A 224 1.05 19.58 -4.34
N SER A 225 1.97 18.62 -4.34
CA SER A 225 1.66 17.31 -3.80
C SER A 225 2.92 16.68 -3.19
N SER A 226 2.69 15.86 -2.17
CA SER A 226 3.71 15.01 -1.58
C SER A 226 3.62 13.57 -2.08
N ASN A 227 2.65 13.27 -2.95
CA ASN A 227 2.48 11.91 -3.46
C ASN A 227 3.51 11.65 -4.55
N PRO A 228 4.39 10.66 -4.38
CA PRO A 228 5.44 10.41 -5.38
C PRO A 228 4.89 9.99 -6.73
N GLU A 229 3.64 9.55 -6.81
CA GLU A 229 3.04 9.22 -8.09
C GLU A 229 3.00 10.41 -9.03
N TYR A 230 3.05 11.63 -8.49
CA TYR A 230 2.98 12.82 -9.32
C TYR A 230 4.35 13.42 -9.64
N PHE A 231 5.40 12.94 -9.01
CA PHE A 231 6.73 13.50 -9.23
C PHE A 231 7.15 13.30 -10.69
N ASP A 232 7.60 14.39 -11.32
CA ASP A 232 8.07 14.36 -12.70
C ASP A 232 7.00 13.86 -13.66
N GLY A 233 5.72 14.04 -13.31
CA GLY A 233 4.64 13.56 -14.14
C GLY A 233 4.25 14.48 -15.28
N TYR A 234 4.72 15.73 -15.25
CA TYR A 234 4.44 16.69 -16.32
C TYR A 234 2.94 16.88 -16.52
N TRP A 235 2.22 16.93 -15.42
CA TRP A 235 0.81 17.31 -15.33
C TRP A 235 0.60 18.67 -15.98
N GLY A 236 -0.04 18.70 -17.16
CA GLY A 236 -0.19 19.94 -17.92
C GLY A 236 0.53 19.94 -19.25
N TYR A 237 1.17 18.83 -19.62
CA TYR A 237 1.72 18.66 -20.96
C TYR A 237 0.67 18.96 -22.02
N SER A 238 -0.58 18.58 -21.75
CA SER A 238 -1.71 18.87 -22.64
C SER A 238 -2.95 19.15 -21.79
N VAL A 239 -3.88 19.92 -22.36
CA VAL A 239 -5.10 20.31 -21.66
CA VAL A 239 -5.10 20.32 -21.65
C VAL A 239 -6.25 20.36 -22.64
N ALA A 240 -7.47 20.23 -22.11
CA ALA A 240 -8.72 20.36 -22.85
C ALA A 240 -9.83 20.55 -21.83
N VAL A 241 -11.00 20.98 -22.33
CA VAL A 241 -12.16 21.19 -21.47
C VAL A 241 -13.35 20.45 -22.05
N GLY A 242 -14.32 20.16 -21.19
CA GLY A 242 -15.51 19.44 -21.62
C GLY A 242 -16.55 19.38 -20.52
N GLU A 243 -17.69 18.82 -20.88
CA GLU A 243 -18.79 18.57 -19.94
C GLU A 243 -18.78 17.10 -19.57
N PHE A 244 -18.47 16.81 -18.30
CA PHE A 244 -18.30 15.43 -17.86
C PHE A 244 -19.00 15.10 -16.55
N ASP A 245 -19.69 16.05 -15.92
CA ASP A 245 -20.34 15.79 -14.63
C ASP A 245 -21.86 15.98 -14.67
N GLY A 246 -22.45 16.12 -15.85
CA GLY A 246 -23.89 16.24 -15.98
C GLY A 246 -24.47 17.59 -15.66
N ASP A 247 -23.72 18.46 -14.97
CA ASP A 247 -24.17 19.80 -14.61
C ASP A 247 -23.64 20.79 -15.64
N LEU A 248 -24.55 21.45 -16.35
CA LEU A 248 -24.18 22.34 -17.43
C LEU A 248 -23.64 23.68 -16.96
N ASN A 249 -23.79 24.01 -15.67
CA ASN A 249 -23.21 25.24 -15.15
C ASN A 249 -21.73 25.12 -14.83
N THR A 250 -21.22 23.90 -14.70
CA THR A 250 -19.82 23.67 -14.38
C THR A 250 -19.06 23.24 -15.63
N THR A 251 -17.84 23.74 -15.77
CA THR A 251 -16.93 23.32 -16.83
C THR A 251 -15.83 22.48 -16.22
N GLU A 252 -15.55 21.33 -16.85
CA GLU A 252 -14.59 20.37 -16.35
C GLU A 252 -13.30 20.44 -17.17
N TYR A 253 -12.17 20.13 -16.52
CA TYR A 253 -10.87 20.21 -17.15
C TYR A 253 -10.31 18.82 -17.42
N VAL A 254 -9.64 18.67 -18.56
CA VAL A 254 -8.99 17.42 -18.95
C VAL A 254 -7.49 17.70 -19.03
N VAL A 255 -6.70 16.96 -18.25
CA VAL A 255 -5.28 17.26 -18.08
C VAL A 255 -4.47 16.00 -18.38
N GLY A 256 -3.44 16.15 -19.21
CA GLY A 256 -2.55 15.06 -19.54
C GLY A 256 -1.25 15.16 -18.74
N ALA A 257 -0.85 14.02 -18.18
CA ALA A 257 0.41 13.89 -17.44
C ALA A 257 1.11 12.64 -17.96
N PRO A 258 1.82 12.75 -19.08
CA PRO A 258 2.30 11.57 -19.80
C PRO A 258 3.44 10.82 -19.13
N THR A 259 4.00 11.31 -18.02
CA THR A 259 5.00 10.55 -17.27
C THR A 259 4.58 10.33 -15.82
N TRP A 260 3.28 10.45 -15.54
CA TRP A 260 2.77 10.22 -14.19
C TRP A 260 3.12 8.82 -13.72
N SER A 261 3.48 8.73 -12.44
CA SER A 261 3.73 7.46 -11.74
C SER A 261 4.79 6.62 -12.47
N TRP A 262 6.01 7.14 -12.41
CA TRP A 262 7.19 6.44 -12.94
C TRP A 262 7.01 6.09 -14.42
N THR A 263 6.48 7.06 -15.16
CA THR A 263 6.29 7.04 -16.61
C THR A 263 5.20 6.07 -17.06
N LEU A 264 4.27 5.70 -16.19
CA LEU A 264 3.09 4.98 -16.67
C LEU A 264 2.17 5.91 -17.47
N GLY A 265 2.14 7.18 -17.12
CA GLY A 265 1.28 8.14 -17.79
C GLY A 265 -0.15 8.10 -17.26
N ALA A 266 -0.85 9.21 -17.45
CA ALA A 266 -2.22 9.30 -16.96
C ALA A 266 -2.92 10.50 -17.59
N VAL A 267 -4.25 10.45 -17.56
CA VAL A 267 -5.11 11.58 -17.87
C VAL A 267 -6.11 11.75 -16.74
N GLU A 268 -6.38 12.99 -16.34
CA GLU A 268 -7.30 13.27 -15.25
C GLU A 268 -8.36 14.26 -15.70
N ILE A 269 -9.57 14.06 -15.18
CA ILE A 269 -10.70 14.96 -15.41
C ILE A 269 -11.05 15.60 -14.08
N LEU A 270 -11.14 16.93 -14.06
CA LEU A 270 -11.30 17.68 -12.82
C LEU A 270 -12.44 18.67 -12.93
N ASP A 271 -12.91 19.13 -11.78
CA ASP A 271 -13.82 20.26 -11.78
C ASP A 271 -13.00 21.57 -11.78
N SER A 272 -13.70 22.70 -11.90
CA SER A 272 -13.00 23.98 -12.02
C SER A 272 -12.22 24.36 -10.78
N TYR A 273 -12.40 23.65 -9.67
CA TYR A 273 -11.59 23.85 -8.47
C TYR A 273 -10.44 22.86 -8.36
N TYR A 274 -10.13 22.14 -9.45
CA TYR A 274 -9.01 21.20 -9.53
C TYR A 274 -9.22 19.98 -8.64
N GLN A 275 -10.46 19.63 -8.33
CA GLN A 275 -10.78 18.39 -7.65
C GLN A 275 -10.92 17.28 -8.68
N ARG A 276 -10.35 16.11 -8.37
CA ARG A 276 -10.22 15.02 -9.34
C ARG A 276 -11.50 14.21 -9.40
N LEU A 277 -12.12 14.16 -10.59
CA LEU A 277 -13.35 13.41 -10.82
C LEU A 277 -13.07 11.99 -11.32
N HIS A 278 -12.22 11.86 -12.35
CA HIS A 278 -11.80 10.55 -12.80
CA HIS A 278 -11.83 10.58 -12.93
C HIS A 278 -10.32 10.58 -13.15
N ARG A 279 -9.74 9.38 -13.20
CA ARG A 279 -8.36 9.23 -13.62
C ARG A 279 -8.25 8.02 -14.54
N LEU A 280 -7.60 8.22 -15.68
CA LEU A 280 -7.36 7.16 -16.65
C LEU A 280 -5.87 6.88 -16.68
N ARG A 281 -5.50 5.65 -16.37
CA ARG A 281 -4.10 5.25 -16.29
C ARG A 281 -3.62 4.73 -17.63
N GLY A 282 -2.32 4.91 -17.88
CA GLY A 282 -1.73 4.40 -19.10
C GLY A 282 -1.58 2.89 -19.08
N GLU A 283 -1.43 2.35 -20.28
CA GLU A 283 -1.30 0.91 -20.47
C GLU A 283 0.14 0.43 -20.38
N GLN A 284 1.09 1.25 -20.82
CA GLN A 284 2.46 0.81 -21.03
C GLN A 284 3.42 1.94 -20.64
N MET A 285 4.42 1.60 -19.83
CA MET A 285 5.40 2.60 -19.41
C MET A 285 6.16 3.15 -20.60
N ALA A 286 6.40 4.46 -20.58
CA ALA A 286 7.14 5.26 -21.55
C ALA A 286 6.38 5.48 -22.86
N SER A 287 5.14 4.99 -22.98
CA SER A 287 4.37 5.20 -24.20
C SER A 287 3.87 6.63 -24.35
N TYR A 288 4.03 7.45 -23.31
CA TYR A 288 3.59 8.84 -23.28
C TYR A 288 2.07 8.96 -23.42
N PHE A 289 1.35 8.08 -22.74
CA PHE A 289 -0.09 8.19 -22.52
C PHE A 289 -0.43 9.52 -21.89
N GLY A 290 -1.15 10.38 -22.61
CA GLY A 290 -1.40 11.74 -22.18
C GLY A 290 -0.66 12.80 -22.98
N HIS A 291 0.13 12.40 -23.98
CA HIS A 291 0.76 13.35 -24.87
C HIS A 291 -0.26 14.30 -25.48
N SER A 292 -1.42 13.78 -25.88
CA SER A 292 -2.49 14.58 -26.47
C SER A 292 -3.84 14.11 -25.93
N VAL A 293 -4.79 15.03 -25.85
CA VAL A 293 -6.14 14.75 -25.40
C VAL A 293 -7.11 15.49 -26.32
N ALA A 294 -8.32 14.93 -26.46
CA ALA A 294 -9.34 15.55 -27.30
C ALA A 294 -10.71 15.20 -26.72
N VAL A 295 -11.64 16.15 -26.85
CA VAL A 295 -12.99 16.03 -26.30
C VAL A 295 -13.98 16.32 -27.42
N THR A 296 -14.87 15.36 -27.69
CA THR A 296 -15.93 15.51 -28.67
C THR A 296 -16.89 14.33 -28.53
N ASP A 297 -18.17 14.59 -28.79
CA ASP A 297 -19.17 13.53 -28.77
C ASP A 297 -19.15 12.82 -30.11
N VAL A 298 -18.67 11.57 -30.12
CA VAL A 298 -18.52 10.85 -31.38
C VAL A 298 -19.68 9.93 -31.70
N ASN A 299 -20.51 9.58 -30.72
CA ASN A 299 -21.59 8.61 -30.93
C ASN A 299 -22.97 9.24 -30.77
N GLY A 300 -23.07 10.56 -30.93
CA GLY A 300 -24.36 11.21 -31.13
C GLY A 300 -25.34 11.07 -29.99
N ASP A 301 -24.85 10.83 -28.77
CA ASP A 301 -25.72 10.84 -27.60
C ASP A 301 -25.78 12.21 -26.93
N GLY A 302 -24.96 13.16 -27.39
CA GLY A 302 -24.88 14.46 -26.75
C GLY A 302 -24.00 14.50 -25.52
N ARG A 303 -23.27 13.43 -25.22
CA ARG A 303 -22.36 13.38 -24.08
C ARG A 303 -20.93 13.36 -24.61
N HIS A 304 -20.12 14.30 -24.12
CA HIS A 304 -18.73 14.41 -24.55
C HIS A 304 -17.98 13.11 -24.30
N ASP A 305 -17.21 12.68 -25.30
CA ASP A 305 -16.35 11.51 -25.19
C ASP A 305 -14.90 11.98 -25.22
N LEU A 306 -14.01 11.14 -24.69
CA LEU A 306 -12.61 11.49 -24.52
C LEU A 306 -11.71 10.61 -25.37
N LEU A 307 -10.65 11.20 -25.90
CA LEU A 307 -9.62 10.48 -26.64
C LEU A 307 -8.25 10.83 -26.07
N VAL A 308 -7.39 9.83 -25.94
CA VAL A 308 -6.05 9.99 -25.40
C VAL A 308 -5.06 9.40 -26.39
N GLY A 309 -3.99 10.14 -26.67
CA GLY A 309 -2.93 9.67 -27.55
C GLY A 309 -1.71 9.22 -26.77
N ALA A 310 -1.15 8.08 -27.17
CA ALA A 310 0.09 7.56 -26.60
C ALA A 310 1.03 7.24 -27.75
N PRO A 311 1.74 8.24 -28.25
CA PRO A 311 2.45 8.08 -29.54
C PRO A 311 3.59 7.08 -29.53
N LEU A 312 4.10 6.71 -28.35
CA LEU A 312 5.24 5.79 -28.28
C LEU A 312 4.83 4.39 -27.83
N TYR A 313 3.54 4.05 -27.92
CA TYR A 313 3.10 2.72 -27.55
C TYR A 313 3.77 1.68 -28.44
N MET A 314 4.16 0.56 -27.84
CA MET A 314 4.82 -0.54 -28.54
C MET A 314 3.84 -1.70 -28.65
N GLU A 315 3.50 -2.06 -29.87
CA GLU A 315 2.57 -3.14 -30.14
C GLU A 315 3.28 -4.49 -30.10
N SER A 316 2.61 -5.48 -29.54
CA SER A 316 3.16 -6.83 -29.47
CA SER A 316 3.15 -6.83 -29.47
C SER A 316 3.01 -7.51 -30.83
N ARG A 317 4.10 -8.11 -31.30
CA ARG A 317 4.07 -8.82 -32.57
C ARG A 317 4.62 -10.23 -32.40
N ALA A 318 4.80 -10.94 -33.50
CA ALA A 318 5.21 -12.34 -33.43
C ALA A 318 6.60 -12.47 -32.80
N ASP A 319 6.85 -13.66 -32.24
CA ASP A 319 8.16 -14.01 -31.68
C ASP A 319 8.55 -13.11 -30.51
N ARG A 320 7.55 -12.67 -29.73
CA ARG A 320 7.78 -11.89 -28.51
C ARG A 320 8.57 -10.62 -28.78
N LYS A 321 8.13 -9.87 -29.80
CA LYS A 321 8.80 -8.63 -30.18
C LYS A 321 7.82 -7.48 -30.19
N LEU A 322 8.31 -6.31 -29.79
CA LEU A 322 7.53 -5.10 -29.69
C LEU A 322 7.91 -4.14 -30.81
N ALA A 323 6.94 -3.35 -31.26
CA ALA A 323 7.13 -2.38 -32.32
C ALA A 323 6.43 -1.09 -31.93
N GLU A 324 7.20 -0.03 -31.77
CA GLU A 324 6.65 1.28 -31.46
C GLU A 324 5.88 1.84 -32.64
N VAL A 325 4.60 2.16 -32.42
CA VAL A 325 3.72 2.58 -33.49
C VAL A 325 2.77 3.69 -33.03
N GLY A 326 2.46 3.70 -31.74
CA GLY A 326 1.49 4.64 -31.21
C GLY A 326 0.11 4.03 -31.07
N ARG A 327 -0.70 4.62 -30.18
CA ARG A 327 -2.03 4.10 -29.90
C ARG A 327 -2.92 5.25 -29.44
N VAL A 328 -4.21 5.15 -29.80
CA VAL A 328 -5.24 6.10 -29.38
C VAL A 328 -6.32 5.34 -28.63
N TYR A 329 -6.82 5.93 -27.54
CA TYR A 329 -7.81 5.31 -26.67
C TYR A 329 -9.09 6.12 -26.70
N LEU A 330 -10.23 5.44 -26.82
CA LEU A 330 -11.54 6.08 -26.88
C LEU A 330 -12.37 5.68 -25.66
N PHE A 331 -12.84 6.68 -24.91
CA PHE A 331 -13.67 6.48 -23.73
C PHE A 331 -15.00 7.19 -23.96
N LEU A 332 -16.09 6.42 -24.00
CA LEU A 332 -17.42 7.00 -24.16
C LEU A 332 -17.99 7.33 -22.78
N GLN A 333 -18.59 8.50 -22.66
CA GLN A 333 -19.16 8.93 -21.38
C GLN A 333 -20.48 8.20 -21.14
N PRO A 334 -20.65 7.55 -19.99
CA PRO A 334 -21.88 6.81 -19.73
C PRO A 334 -23.00 7.71 -19.22
N ARG A 335 -24.20 7.14 -19.17
CA ARG A 335 -25.39 7.88 -18.77
C ARG A 335 -25.34 8.23 -17.28
N GLY A 336 -25.67 9.48 -16.96
CA GLY A 336 -25.80 9.90 -15.59
C GLY A 336 -24.50 9.84 -14.80
N PRO A 337 -24.59 10.01 -13.49
CA PRO A 337 -23.38 10.06 -12.66
C PRO A 337 -22.66 8.73 -12.57
N HIS A 338 -21.78 8.45 -13.53
CA HIS A 338 -21.03 7.21 -13.56
C HIS A 338 -19.63 7.49 -14.08
N ALA A 339 -18.69 6.64 -13.68
CA ALA A 339 -17.28 6.83 -14.02
C ALA A 339 -16.96 6.19 -15.36
N LEU A 340 -15.98 6.78 -16.05
CA LEU A 340 -15.54 6.25 -17.34
C LEU A 340 -14.90 4.88 -17.15
N GLY A 341 -15.34 3.90 -17.93
CA GLY A 341 -14.89 2.54 -17.79
C GLY A 341 -13.58 2.27 -18.50
N ALA A 342 -13.40 1.02 -18.93
CA ALA A 342 -12.31 0.69 -19.83
C ALA A 342 -12.54 1.38 -21.17
N PRO A 343 -11.50 1.49 -22.00
CA PRO A 343 -11.69 2.10 -23.31
C PRO A 343 -12.71 1.34 -24.15
N SER A 344 -13.51 2.10 -24.90
CA SER A 344 -14.45 1.50 -25.85
C SER A 344 -13.76 1.00 -27.11
N LEU A 345 -12.60 1.55 -27.43
CA LEU A 345 -11.94 1.28 -28.70
C LEU A 345 -10.46 1.60 -28.56
N LEU A 346 -9.62 0.77 -29.18
CA LEU A 346 -8.19 1.01 -29.26
C LEU A 346 -7.80 1.12 -30.73
N LEU A 347 -7.21 2.25 -31.10
CA LEU A 347 -6.66 2.46 -32.44
C LEU A 347 -5.15 2.42 -32.35
N THR A 348 -4.51 1.57 -33.17
CA THR A 348 -3.09 1.32 -33.09
C THR A 348 -2.45 1.59 -34.45
N GLY A 349 -1.31 2.28 -34.43
CA GLY A 349 -0.61 2.62 -35.65
C GLY A 349 0.02 1.42 -36.32
N THR A 350 0.44 1.65 -37.57
CA THR A 350 1.00 0.59 -38.40
CA THR A 350 0.99 0.61 -38.42
C THR A 350 2.47 0.80 -38.72
N GLN A 351 2.92 2.04 -38.89
CA GLN A 351 4.29 2.32 -39.32
C GLN A 351 5.23 2.43 -38.13
N LEU A 352 6.34 1.69 -38.17
CA LEU A 352 7.33 1.75 -37.10
C LEU A 352 7.84 3.16 -36.92
N TYR A 353 7.85 3.64 -35.68
CA TYR A 353 8.27 4.97 -35.28
C TYR A 353 7.37 6.07 -35.83
N GLY A 354 6.15 5.73 -36.28
CA GLY A 354 5.30 6.74 -36.89
C GLY A 354 4.70 7.70 -35.89
N ARG A 355 4.60 7.30 -34.63
CA ARG A 355 4.05 8.13 -33.57
C ARG A 355 2.58 8.46 -33.83
N PHE A 356 1.83 7.46 -34.28
CA PHE A 356 0.38 7.53 -34.32
C PHE A 356 -0.17 7.97 -32.96
N GLY A 357 -1.11 8.91 -32.97
CA GLY A 357 -1.63 9.45 -31.74
C GLY A 357 -0.85 10.61 -31.16
N SER A 358 0.06 11.22 -31.94
CA SER A 358 0.79 12.39 -31.46
C SER A 358 -0.11 13.63 -31.39
N ALA A 359 -1.14 13.68 -32.23
CA ALA A 359 -2.13 14.75 -32.19
C ALA A 359 -3.47 14.18 -32.58
N ILE A 360 -4.53 14.62 -31.89
CA ILE A 360 -5.90 14.20 -32.16
C ILE A 360 -6.77 15.44 -32.24
N ALA A 361 -7.43 15.63 -33.39
CA ALA A 361 -8.24 16.82 -33.62
C ALA A 361 -9.67 16.46 -33.93
N PRO A 362 -10.65 16.94 -33.16
CA PRO A 362 -12.05 16.80 -33.58
C PRO A 362 -12.29 17.53 -34.89
N LEU A 363 -13.11 16.92 -35.73
CA LEU A 363 -13.43 17.48 -37.05
C LEU A 363 -14.85 18.02 -37.13
N GLY A 364 -15.66 17.87 -36.09
CA GLY A 364 -17.08 18.05 -36.29
C GLY A 364 -17.61 16.87 -37.11
N ASP A 365 -18.69 17.13 -37.84
CA ASP A 365 -19.32 16.09 -38.67
C ASP A 365 -18.86 16.31 -40.11
N LEU A 366 -17.78 15.62 -40.49
CA LEU A 366 -17.14 15.87 -41.79
C LEU A 366 -18.05 15.45 -42.95
N ASP A 367 -18.68 14.29 -42.84
CA ASP A 367 -19.51 13.75 -43.92
C ASP A 367 -21.00 14.04 -43.74
N ARG A 368 -21.37 14.85 -42.75
CA ARG A 368 -22.74 15.33 -42.57
C ARG A 368 -23.72 14.17 -42.40
N ASP A 369 -23.37 13.22 -41.53
CA ASP A 369 -24.23 12.07 -41.27
C ASP A 369 -24.84 12.06 -39.88
N GLY A 370 -24.54 13.08 -39.06
CA GLY A 370 -25.08 13.16 -37.72
C GLY A 370 -24.17 12.65 -36.62
N TYR A 371 -22.92 12.30 -36.94
CA TYR A 371 -21.95 11.88 -35.93
C TYR A 371 -20.66 12.65 -36.14
N ASN A 372 -20.09 13.17 -35.06
CA ASN A 372 -18.85 13.90 -35.14
C ASN A 372 -17.67 12.95 -35.37
N ASP A 373 -16.65 13.45 -36.05
CA ASP A 373 -15.53 12.65 -36.52
C ASP A 373 -14.23 13.22 -35.98
N ILE A 374 -13.13 12.45 -36.11
CA ILE A 374 -11.83 12.88 -35.59
C ILE A 374 -10.75 12.61 -36.62
N ALA A 375 -9.61 13.27 -36.43
CA ALA A 375 -8.41 13.08 -37.24
C ALA A 375 -7.24 12.80 -36.32
N VAL A 376 -6.42 11.80 -36.68
CA VAL A 376 -5.28 11.38 -35.89
C VAL A 376 -4.02 11.52 -36.72
N ALA A 377 -2.98 12.11 -36.15
CA ALA A 377 -1.74 12.32 -36.87
C ALA A 377 -0.71 11.25 -36.52
N ALA A 378 0.04 10.83 -37.52
CA ALA A 378 1.25 10.01 -37.34
C ALA A 378 2.35 10.77 -38.07
N PRO A 379 3.03 11.70 -37.39
CA PRO A 379 3.89 12.66 -38.10
C PRO A 379 5.11 12.05 -38.76
N TYR A 380 5.44 10.80 -38.47
CA TYR A 380 6.49 10.08 -39.20
C TYR A 380 5.95 8.80 -39.80
N GLY A 381 4.63 8.70 -39.96
CA GLY A 381 3.99 7.53 -40.49
C GLY A 381 3.95 7.54 -42.01
N GLY A 382 3.05 6.71 -42.55
CA GLY A 382 3.01 6.49 -43.97
C GLY A 382 4.11 5.54 -44.39
N PRO A 383 3.91 4.88 -45.54
CA PRO A 383 4.93 3.93 -46.01
C PRO A 383 6.27 4.58 -46.28
N SER A 384 6.30 5.89 -46.50
CA SER A 384 7.53 6.63 -46.73
C SER A 384 8.14 7.21 -45.47
N GLY A 385 7.40 7.22 -44.35
CA GLY A 385 7.89 7.86 -43.16
C GLY A 385 7.81 9.37 -43.17
N ARG A 386 7.12 9.95 -44.15
CA ARG A 386 7.05 11.41 -44.28
C ARG A 386 5.92 12.02 -43.46
N GLY A 387 5.01 11.22 -42.91
CA GLY A 387 3.91 11.74 -42.11
C GLY A 387 2.55 11.45 -42.69
N GLN A 388 1.56 11.18 -41.82
CA GLN A 388 0.24 10.77 -42.28
C GLN A 388 -0.82 11.27 -41.30
N VAL A 389 -1.96 11.67 -41.82
CA VAL A 389 -3.14 12.02 -41.02
C VAL A 389 -4.26 11.07 -41.44
N LEU A 390 -4.95 10.51 -40.45
CA LEU A 390 -5.97 9.50 -40.67
C LEU A 390 -7.29 9.98 -40.09
N VAL A 391 -8.37 9.79 -40.85
CA VAL A 391 -9.70 10.25 -40.47
C VAL A 391 -10.53 9.06 -40.02
N PHE A 392 -11.23 9.21 -38.89
CA PHE A 392 -12.10 8.17 -38.35
C PHE A 392 -13.48 8.75 -38.13
N LEU A 393 -14.49 8.05 -38.64
CA LEU A 393 -15.87 8.54 -38.59
C LEU A 393 -16.56 8.06 -37.34
N GLY A 394 -17.38 8.93 -36.76
CA GLY A 394 -18.22 8.54 -35.64
C GLY A 394 -19.38 7.68 -36.09
N GLN A 395 -19.98 7.01 -35.11
CA GLN A 395 -21.13 6.15 -35.34
C GLN A 395 -21.80 5.90 -34.00
N SER A 396 -23.00 5.30 -34.06
CA SER A 396 -23.81 5.14 -32.86
C SER A 396 -23.07 4.37 -31.76
N GLU A 397 -22.12 3.52 -32.12
CA GLU A 397 -21.38 2.72 -31.16
C GLU A 397 -20.02 3.29 -30.80
N GLY A 398 -19.65 4.45 -31.37
CA GLY A 398 -18.36 5.05 -31.11
C GLY A 398 -17.67 5.56 -32.34
N LEU A 399 -16.59 4.91 -32.76
CA LEU A 399 -15.86 5.28 -33.95
C LEU A 399 -15.66 4.03 -34.82
N ARG A 400 -15.61 4.24 -36.13
CA ARG A 400 -15.19 3.18 -37.02
C ARG A 400 -13.75 2.81 -36.73
N SER A 401 -13.46 1.50 -36.74
CA SER A 401 -12.12 1.03 -36.39
C SER A 401 -11.13 1.18 -37.54
N ARG A 402 -11.60 1.49 -38.75
CA ARG A 402 -10.70 1.65 -39.89
C ARG A 402 -10.86 3.05 -40.48
N PRO A 403 -9.75 3.68 -40.87
CA PRO A 403 -9.84 5.05 -41.38
C PRO A 403 -10.64 5.14 -42.68
N SER A 404 -11.49 6.15 -42.76
CA SER A 404 -12.26 6.41 -43.98
C SER A 404 -11.42 7.05 -45.07
N GLN A 405 -10.28 7.64 -44.70
CA GLN A 405 -9.48 8.44 -45.61
C GLN A 405 -8.12 8.67 -44.97
N VAL A 406 -7.10 8.82 -45.82
CA VAL A 406 -5.73 8.96 -45.38
C VAL A 406 -5.10 10.11 -46.14
N LEU A 407 -4.49 11.05 -45.42
CA LEU A 407 -3.84 12.21 -46.01
C LEU A 407 -2.33 12.02 -45.90
N ASP A 408 -1.67 11.81 -47.03
CA ASP A 408 -0.22 11.66 -47.08
C ASP A 408 0.44 13.02 -47.17
N SER A 409 1.57 13.16 -46.48
CA SER A 409 2.23 14.46 -46.37
C SER A 409 2.68 14.94 -47.74
N PRO A 410 2.33 16.18 -48.14
CA PRO A 410 2.86 16.73 -49.38
C PRO A 410 4.27 17.28 -49.26
N PHE A 411 4.84 17.31 -48.07
CA PHE A 411 6.12 17.95 -47.81
C PHE A 411 7.25 16.93 -47.87
N PRO A 412 8.50 17.38 -47.83
CA PRO A 412 9.61 16.43 -47.86
C PRO A 412 9.84 15.78 -46.49
N THR A 413 10.74 14.80 -46.50
CA THR A 413 11.10 14.07 -45.28
C THR A 413 11.51 15.04 -44.17
N GLY A 414 10.95 14.80 -42.98
CA GLY A 414 11.29 15.58 -41.81
C GLY A 414 10.42 16.77 -41.53
N SER A 415 9.33 16.97 -42.28
CA SER A 415 8.46 18.12 -42.05
C SER A 415 7.64 18.01 -40.78
N ALA A 416 7.49 16.81 -40.21
CA ALA A 416 6.65 16.58 -39.03
C ALA A 416 5.19 16.90 -39.31
N PHE A 417 4.78 16.74 -40.58
CA PHE A 417 3.40 16.84 -41.04
C PHE A 417 2.44 16.19 -40.06
N GLY A 418 1.51 16.99 -39.51
CA GLY A 418 0.54 16.51 -38.55
C GLY A 418 0.90 16.75 -37.10
N PHE A 419 2.10 17.26 -36.81
CA PHE A 419 2.48 17.53 -35.43
C PHE A 419 1.47 18.45 -34.75
N SER A 420 0.79 19.31 -35.51
CA SER A 420 -0.32 20.09 -35.00
C SER A 420 -1.50 19.98 -35.95
N LEU A 421 -2.69 19.95 -35.38
CA LEU A 421 -3.93 19.71 -36.11
C LEU A 421 -5.03 20.63 -35.62
N ARG A 422 -6.00 20.89 -36.50
CA ARG A 422 -7.19 21.64 -36.12
C ARG A 422 -8.31 21.47 -37.14
N GLY A 423 -9.51 21.12 -36.66
CA GLY A 423 -10.65 21.01 -37.55
C GLY A 423 -11.89 21.69 -37.00
N ALA A 424 -13.06 21.29 -37.50
CA ALA A 424 -14.38 21.68 -37.03
C ALA A 424 -14.75 23.12 -37.36
N VAL A 425 -14.03 23.77 -38.28
CA VAL A 425 -14.36 25.12 -38.70
C VAL A 425 -14.44 25.17 -40.22
N ASP A 426 -15.56 25.67 -40.72
CA ASP A 426 -15.78 25.88 -42.15
C ASP A 426 -15.11 27.18 -42.56
N ILE A 427 -13.98 27.09 -43.26
CA ILE A 427 -13.18 28.28 -43.54
C ILE A 427 -13.56 28.95 -44.86
N ASP A 428 -14.17 28.23 -45.79
CA ASP A 428 -14.57 28.78 -47.07
C ASP A 428 -16.08 28.95 -47.18
N ASP A 429 -16.83 28.65 -46.11
CA ASP A 429 -18.27 28.86 -46.05
C ASP A 429 -19.02 28.03 -47.09
N ASN A 430 -18.57 26.80 -47.30
CA ASN A 430 -19.25 25.89 -48.21
C ASN A 430 -20.18 24.93 -47.48
N GLY A 431 -20.31 25.06 -46.17
CA GLY A 431 -21.17 24.20 -45.38
C GLY A 431 -20.53 22.93 -44.86
N TYR A 432 -19.24 22.72 -45.11
CA TYR A 432 -18.54 21.54 -44.67
C TYR A 432 -17.34 21.95 -43.83
N PRO A 433 -17.10 21.30 -42.69
CA PRO A 433 -15.98 21.70 -41.83
C PRO A 433 -14.65 21.19 -42.39
N ASP A 434 -13.61 22.00 -42.21
CA ASP A 434 -12.33 21.79 -42.87
C ASP A 434 -11.23 21.49 -41.85
N LEU A 435 -10.02 21.28 -42.35
CA LEU A 435 -8.90 20.81 -41.53
C LEU A 435 -7.62 21.51 -41.94
N ILE A 436 -6.88 22.01 -40.94
CA ILE A 436 -5.57 22.60 -41.15
C ILE A 436 -4.52 21.73 -40.47
N VAL A 437 -3.39 21.56 -41.15
CA VAL A 437 -2.33 20.65 -40.72
C VAL A 437 -1.00 21.39 -40.76
N GLY A 438 -0.34 21.48 -39.61
CA GLY A 438 0.95 22.14 -39.53
C GLY A 438 2.11 21.19 -39.73
N ALA A 439 3.18 21.70 -40.36
CA ALA A 439 4.39 20.93 -40.63
C ALA A 439 5.58 21.85 -40.37
N TYR A 440 5.91 22.03 -39.09
CA TYR A 440 6.89 23.04 -38.72
C TYR A 440 8.26 22.74 -39.30
N GLY A 441 8.56 21.47 -39.56
CA GLY A 441 9.85 21.10 -40.15
C GLY A 441 10.03 21.68 -41.53
N ALA A 442 8.93 21.94 -42.24
CA ALA A 442 8.96 22.60 -43.53
C ALA A 442 8.50 24.05 -43.46
N ASN A 443 8.17 24.53 -42.25
CA ASN A 443 7.72 25.91 -42.04
C ASN A 443 6.48 26.23 -42.87
N GLN A 444 5.52 25.29 -42.90
CA GLN A 444 4.33 25.48 -43.72
C GLN A 444 3.11 24.89 -43.02
N VAL A 445 1.94 25.31 -43.50
CA VAL A 445 0.64 24.81 -43.06
C VAL A 445 -0.17 24.45 -44.29
N ALA A 446 -0.89 23.33 -44.23
CA ALA A 446 -1.72 22.87 -45.33
C ALA A 446 -3.18 22.90 -44.93
N VAL A 447 -4.03 23.41 -45.82
CA VAL A 447 -5.46 23.51 -45.59
C VAL A 447 -6.15 22.48 -46.49
N TYR A 448 -6.93 21.59 -45.87
CA TYR A 448 -7.73 20.60 -46.58
C TYR A 448 -9.18 21.04 -46.49
N ARG A 449 -9.78 21.32 -47.64
CA ARG A 449 -11.18 21.69 -47.72
C ARG A 449 -12.04 20.44 -47.89
N ALA A 450 -13.10 20.36 -47.09
CA ALA A 450 -14.09 19.30 -47.25
C ALA A 450 -15.05 19.65 -48.36
N GLN A 451 -15.38 18.65 -49.18
CA GLN A 451 -16.27 18.80 -50.32
C GLN A 451 -17.39 17.79 -50.19
N PRO A 452 -18.47 17.94 -50.99
CA PRO A 452 -19.59 16.99 -50.89
C PRO A 452 -19.14 15.54 -51.04
N VAL A 453 -19.90 14.65 -50.40
CA VAL A 453 -19.58 13.23 -50.41
C VAL A 453 -19.78 12.66 -51.80
N VAL A 454 -18.86 11.79 -52.21
CA VAL A 454 -18.96 11.17 -53.53
C VAL A 454 -19.88 9.95 -53.50
N LYS A 455 -19.66 9.06 -52.53
CA LYS A 455 -20.33 7.75 -52.48
C LYS A 455 -21.85 7.85 -52.61
N ASN B 3 -4.83 -46.69 -55.32
CA ASN B 3 -4.29 -45.64 -54.48
C ASN B 3 -4.62 -44.26 -55.04
N ILE B 4 -4.26 -43.22 -54.29
CA ILE B 4 -4.61 -41.86 -54.69
C ILE B 4 -3.83 -41.41 -55.92
N CYS B 5 -2.68 -42.03 -56.21
CA CYS B 5 -1.93 -41.65 -57.40
C CYS B 5 -2.67 -42.02 -58.68
N THR B 6 -3.39 -43.14 -58.67
CA THR B 6 -4.15 -43.58 -59.83
C THR B 6 -5.55 -42.98 -59.86
N THR B 7 -6.22 -42.89 -58.71
CA THR B 7 -7.58 -42.39 -58.65
C THR B 7 -7.67 -40.89 -58.85
N ARG B 8 -6.56 -40.19 -59.07
CA ARG B 8 -6.59 -38.76 -59.33
C ARG B 8 -6.66 -38.42 -60.81
N GLY B 9 -6.25 -39.32 -61.69
CA GLY B 9 -6.28 -39.08 -63.12
C GLY B 9 -5.43 -37.89 -63.53
N VAL B 10 -4.13 -37.97 -63.27
CA VAL B 10 -3.23 -36.86 -63.59
C VAL B 10 -2.94 -36.86 -65.08
N SER B 11 -2.48 -35.70 -65.57
CA SER B 11 -2.21 -35.51 -66.99
C SER B 11 -0.73 -35.55 -67.35
N SER B 12 0.14 -35.10 -66.45
CA SER B 12 1.57 -35.00 -66.75
C SER B 12 2.38 -35.59 -65.62
N CYS B 13 3.68 -35.77 -65.90
CA CYS B 13 4.61 -36.23 -64.87
C CYS B 13 4.67 -35.25 -63.71
N GLN B 14 4.55 -33.95 -64.00
CA GLN B 14 4.64 -32.94 -62.95
C GLN B 14 3.42 -32.96 -62.04
N GLN B 15 2.22 -33.12 -62.62
CA GLN B 15 1.01 -33.18 -61.81
C GLN B 15 0.95 -34.47 -61.01
N CYS B 16 1.62 -35.53 -61.48
CA CYS B 16 1.65 -36.79 -60.74
C CYS B 16 2.43 -36.65 -59.45
N LEU B 17 3.61 -36.01 -59.50
CA LEU B 17 4.41 -35.82 -58.31
C LEU B 17 3.73 -34.89 -57.31
N ALA B 18 2.90 -33.96 -57.78
CA ALA B 18 2.24 -32.99 -56.92
C ALA B 18 1.01 -33.55 -56.22
N VAL B 19 0.76 -34.85 -56.30
CA VAL B 19 -0.37 -35.46 -55.60
C VAL B 19 0.01 -35.90 -54.20
N SER B 20 1.16 -36.57 -54.07
CA SER B 20 1.63 -37.07 -52.78
C SER B 20 3.11 -37.37 -52.89
N PRO B 21 3.87 -37.22 -51.80
CA PRO B 21 5.31 -37.57 -51.86
C PRO B 21 5.59 -39.03 -52.13
N MET B 22 4.57 -39.91 -52.07
CA MET B 22 4.78 -41.33 -52.31
C MET B 22 4.50 -41.74 -53.76
N CYS B 23 3.96 -40.84 -54.57
CA CYS B 23 3.67 -41.19 -55.96
C CYS B 23 4.93 -41.16 -56.81
N ALA B 24 4.90 -41.89 -57.91
CA ALA B 24 5.98 -41.92 -58.88
C ALA B 24 5.39 -41.92 -60.28
N TRP B 25 6.26 -41.76 -61.28
CA TRP B 25 5.82 -41.65 -62.67
C TRP B 25 6.71 -42.51 -63.55
N CYS B 26 6.09 -43.12 -64.57
CA CYS B 26 6.80 -43.97 -65.52
C CYS B 26 6.80 -43.29 -66.89
N SER B 27 7.98 -43.09 -67.45
CA SER B 27 8.15 -42.48 -68.77
C SER B 27 8.40 -43.51 -69.86
N ASP B 28 8.38 -44.80 -69.52
CA ASP B 28 8.77 -45.83 -70.46
C ASP B 28 7.81 -45.89 -71.66
N GLU B 29 8.39 -46.11 -72.84
CA GLU B 29 7.58 -46.22 -74.05
C GLU B 29 6.76 -47.51 -74.04
N ALA B 30 7.38 -48.63 -73.66
CA ALA B 30 6.73 -49.94 -73.70
C ALA B 30 5.92 -50.18 -72.43
N LEU B 31 4.95 -49.31 -72.20
CA LEU B 31 4.04 -49.50 -71.08
C LEU B 31 2.73 -50.09 -71.59
N PRO B 32 2.12 -51.03 -70.85
CA PRO B 32 0.90 -51.69 -71.33
C PRO B 32 -0.23 -50.72 -71.60
N LEU B 33 -1.31 -51.27 -72.15
CA LEU B 33 -2.48 -50.51 -72.60
C LEU B 33 -3.00 -49.55 -71.54
N GLY B 34 -3.80 -50.06 -70.61
CA GLY B 34 -4.40 -49.22 -69.58
C GLY B 34 -3.64 -49.22 -68.28
N SER B 35 -2.31 -49.15 -68.36
CA SER B 35 -1.51 -49.09 -67.14
C SER B 35 -1.33 -47.63 -66.70
N PRO B 36 -1.71 -47.29 -65.47
CA PRO B 36 -1.57 -45.90 -65.02
C PRO B 36 -0.10 -45.53 -64.84
N ARG B 37 0.32 -44.45 -65.51
CA ARG B 37 1.69 -43.98 -65.38
C ARG B 37 1.97 -43.36 -64.01
N CYS B 38 0.95 -43.11 -63.21
CA CYS B 38 1.12 -42.50 -61.89
C CYS B 38 0.66 -43.50 -60.84
N ASP B 39 1.61 -44.19 -60.24
CA ASP B 39 1.32 -45.22 -59.24
C ASP B 39 2.51 -45.28 -58.28
N LEU B 40 2.39 -46.17 -57.28
CA LEU B 40 3.51 -46.42 -56.39
C LEU B 40 4.69 -46.96 -57.18
N LYS B 41 5.90 -46.56 -56.78
CA LYS B 41 7.11 -47.06 -57.44
C LYS B 41 7.16 -48.57 -57.42
N GLU B 42 6.53 -49.21 -56.44
CA GLU B 42 6.49 -50.66 -56.39
C GLU B 42 5.53 -51.22 -57.42
N ASN B 43 4.40 -50.53 -57.65
CA ASN B 43 3.45 -51.00 -58.65
C ASN B 43 3.95 -50.76 -60.06
N LEU B 44 4.80 -49.75 -60.26
CA LEU B 44 5.31 -49.45 -61.61
C LEU B 44 6.30 -50.51 -62.05
N LEU B 45 7.30 -50.82 -61.22
CA LEU B 45 8.26 -51.87 -61.54
C LEU B 45 7.57 -53.22 -61.71
N LYS B 46 6.46 -53.43 -61.00
CA LYS B 46 5.70 -54.66 -61.17
C LYS B 46 5.10 -54.79 -62.57
N ASP B 47 4.88 -53.66 -63.26
CA ASP B 47 4.32 -53.65 -64.60
C ASP B 47 5.40 -53.45 -65.67
N ASN B 48 6.64 -53.87 -65.39
CA ASN B 48 7.73 -53.88 -66.36
C ASN B 48 8.10 -52.47 -66.82
N CYS B 49 7.91 -51.47 -65.96
CA CYS B 49 8.40 -50.13 -66.27
C CYS B 49 9.92 -50.11 -66.14
N ALA B 50 10.60 -49.59 -67.16
CA ALA B 50 12.05 -49.59 -67.19
C ALA B 50 12.59 -48.86 -65.96
N PRO B 51 13.55 -49.44 -65.23
CA PRO B 51 14.01 -48.82 -63.97
C PRO B 51 14.52 -47.40 -64.14
N GLU B 52 15.10 -47.08 -65.29
CA GLU B 52 15.55 -45.72 -65.56
C GLU B 52 14.40 -44.79 -65.93
N SER B 53 13.21 -45.33 -66.18
CA SER B 53 12.04 -44.51 -66.52
C SER B 53 11.24 -44.10 -65.30
N ILE B 54 11.69 -44.45 -64.10
CA ILE B 54 10.97 -44.10 -62.88
C ILE B 54 11.36 -42.68 -62.47
N GLU B 55 10.36 -41.82 -62.28
CA GLU B 55 10.55 -40.48 -61.75
C GLU B 55 9.99 -40.48 -60.33
N PHE B 56 10.89 -40.54 -59.34
CA PHE B 56 10.49 -40.66 -57.94
C PHE B 56 11.49 -39.92 -57.07
N PRO B 57 11.27 -38.62 -56.86
CA PRO B 57 12.18 -37.86 -56.00
C PRO B 57 11.94 -38.19 -54.53
N VAL B 58 13.03 -38.10 -53.74
CA VAL B 58 12.99 -38.36 -52.31
C VAL B 58 13.55 -37.14 -51.58
N SER B 59 12.87 -36.74 -50.51
CA SER B 59 13.30 -35.60 -49.72
C SER B 59 14.47 -36.02 -48.83
N GLU B 60 15.60 -35.32 -48.96
CA GLU B 60 16.81 -35.65 -48.21
C GLU B 60 17.30 -34.40 -47.48
N ALA B 61 18.43 -34.56 -46.77
CA ALA B 61 19.03 -33.48 -45.99
C ALA B 61 20.44 -33.87 -45.56
N ARG B 62 21.44 -33.43 -46.31
CA ARG B 62 22.83 -33.73 -46.00
C ARG B 62 23.58 -32.47 -45.63
N VAL B 63 24.60 -32.63 -44.80
CA VAL B 63 25.38 -31.52 -44.26
C VAL B 63 26.45 -31.14 -45.27
N LEU B 64 26.76 -29.84 -45.32
CA LEU B 64 27.84 -29.33 -46.13
C LEU B 64 29.02 -28.82 -45.32
N GLU B 65 28.76 -28.24 -44.14
CA GLU B 65 29.80 -27.84 -43.21
C GLU B 65 29.44 -28.39 -41.84
N ASP B 66 30.33 -29.20 -41.27
CA ASP B 66 30.08 -29.88 -40.01
C ASP B 66 31.30 -29.76 -39.11
N ARG B 67 31.75 -28.53 -38.88
CA ARG B 67 32.83 -28.29 -37.95
C ARG B 67 32.43 -28.77 -36.56
N PRO B 68 33.34 -29.38 -35.80
CA PRO B 68 33.00 -29.79 -34.44
C PRO B 68 32.96 -28.59 -33.51
N LEU B 69 32.16 -28.72 -32.45
CA LEU B 69 32.04 -27.65 -31.47
C LEU B 69 33.35 -27.46 -30.73
N SER B 70 33.79 -26.21 -30.64
CA SER B 70 35.05 -25.90 -29.97
C SER B 70 34.92 -26.15 -28.47
N ASP B 71 36.04 -26.57 -27.87
CA ASP B 71 36.10 -26.77 -26.43
C ASP B 71 36.40 -25.48 -25.69
N LYS B 72 37.27 -24.63 -26.24
CA LYS B 72 37.66 -23.39 -25.61
C LYS B 72 37.51 -22.25 -26.60
N GLY B 73 36.91 -21.15 -26.13
CA GLY B 73 36.85 -19.94 -26.93
C GLY B 73 38.09 -19.07 -26.83
N SER B 74 39.01 -19.44 -25.95
CA SER B 74 40.28 -18.72 -25.84
C SER B 74 41.11 -18.91 -27.10
N GLY B 75 42.09 -18.04 -27.28
CA GLY B 75 42.95 -18.11 -28.45
C GLY B 75 42.19 -17.99 -29.75
N ASP B 76 42.92 -18.27 -30.84
CA ASP B 76 42.39 -18.23 -32.21
C ASP B 76 41.98 -16.83 -32.63
N SER B 77 41.99 -16.58 -33.94
CA SER B 77 41.43 -15.35 -34.49
C SER B 77 39.94 -15.51 -34.75
N SER B 78 39.23 -15.98 -33.72
CA SER B 78 37.80 -16.25 -33.78
C SER B 78 37.47 -17.36 -34.78
N GLN B 79 38.29 -18.42 -34.78
CA GLN B 79 37.93 -19.66 -35.43
C GLN B 79 37.07 -20.55 -34.54
N VAL B 80 36.47 -19.97 -33.50
CA VAL B 80 35.65 -20.71 -32.56
C VAL B 80 34.35 -21.14 -33.24
N THR B 81 33.89 -22.34 -32.92
CA THR B 81 32.64 -22.87 -33.42
C THR B 81 31.72 -23.18 -32.25
N GLN B 82 30.51 -22.61 -32.27
CA GLN B 82 29.54 -22.86 -31.22
C GLN B 82 28.18 -23.31 -31.76
N VAL B 83 28.02 -23.41 -33.08
CA VAL B 83 26.81 -23.92 -33.70
C VAL B 83 27.21 -24.99 -34.70
N SER B 84 26.54 -26.15 -34.64
CA SER B 84 26.87 -27.26 -35.54
C SER B 84 25.63 -28.07 -35.85
N PRO B 85 25.41 -28.44 -37.12
CA PRO B 85 26.29 -28.08 -38.24
C PRO B 85 26.13 -26.62 -38.67
N GLN B 86 27.00 -26.16 -39.57
CA GLN B 86 26.97 -24.77 -40.00
C GLN B 86 26.16 -24.57 -41.27
N ARG B 87 26.17 -25.54 -42.18
CA ARG B 87 25.43 -25.44 -43.44
C ARG B 87 24.94 -26.83 -43.82
N ILE B 88 23.67 -26.91 -44.24
CA ILE B 88 23.10 -28.15 -44.74
C ILE B 88 22.34 -27.84 -46.02
N ALA B 89 22.12 -28.88 -46.81
CA ALA B 89 21.38 -28.80 -48.07
C ALA B 89 20.08 -29.56 -47.91
N LEU B 90 18.96 -28.88 -48.17
CA LEU B 90 17.63 -29.45 -48.00
C LEU B 90 16.97 -29.61 -49.36
N ARG B 91 16.37 -30.78 -49.59
CA ARG B 91 15.63 -31.07 -50.81
C ARG B 91 14.25 -31.57 -50.44
N LEU B 92 13.22 -30.95 -51.02
CA LEU B 92 11.84 -31.26 -50.67
C LEU B 92 10.99 -31.33 -51.94
N ARG B 93 10.00 -32.20 -51.90
CA ARG B 93 8.98 -32.34 -52.94
C ARG B 93 7.64 -31.84 -52.39
N PRO B 94 6.66 -31.60 -53.28
CA PRO B 94 5.43 -30.93 -52.85
C PRO B 94 4.78 -31.57 -51.61
N ASP B 95 4.51 -30.72 -50.61
CA ASP B 95 3.77 -31.10 -49.42
C ASP B 95 4.49 -32.18 -48.60
N ASP B 96 5.80 -32.24 -48.72
CA ASP B 96 6.61 -33.20 -47.98
C ASP B 96 7.37 -32.48 -46.86
N SER B 97 7.98 -33.27 -45.98
CA SER B 97 8.72 -32.73 -44.86
C SER B 97 9.96 -33.56 -44.60
N LYS B 98 10.97 -32.93 -44.00
CA LYS B 98 12.22 -33.57 -43.66
C LYS B 98 12.73 -32.96 -42.37
N ASN B 99 13.44 -33.78 -41.58
CA ASN B 99 13.95 -33.33 -40.29
C ASN B 99 15.47 -33.19 -40.34
N PHE B 100 15.98 -32.38 -39.41
CA PHE B 100 17.41 -32.18 -39.24
C PHE B 100 17.64 -31.66 -37.82
N SER B 101 18.90 -31.58 -37.43
CA SER B 101 19.25 -31.21 -36.07
C SER B 101 20.29 -30.09 -36.08
N ILE B 102 20.38 -29.41 -34.94
CA ILE B 102 21.36 -28.37 -34.70
C ILE B 102 21.81 -28.46 -33.25
N GLN B 103 23.12 -28.29 -33.02
CA GLN B 103 23.69 -28.28 -31.68
C GLN B 103 24.25 -26.89 -31.38
N VAL B 104 24.04 -26.43 -30.15
CA VAL B 104 24.52 -25.13 -29.71
C VAL B 104 25.25 -25.33 -28.38
N ARG B 105 26.43 -24.70 -28.26
CA ARG B 105 27.24 -24.81 -27.05
C ARG B 105 27.60 -23.43 -26.53
N GLN B 106 27.46 -23.25 -25.21
CA GLN B 106 27.97 -22.07 -24.52
C GLN B 106 29.44 -22.32 -24.22
N VAL B 107 30.30 -21.84 -25.10
CA VAL B 107 31.71 -22.20 -25.07
C VAL B 107 32.38 -21.65 -23.81
N GLU B 108 33.35 -22.41 -23.29
CA GLU B 108 34.13 -21.98 -22.15
C GLU B 108 35.25 -21.04 -22.58
N ASP B 109 35.50 -20.03 -21.75
CA ASP B 109 36.60 -19.07 -21.94
C ASP B 109 36.43 -18.31 -23.26
N TYR B 110 35.31 -17.62 -23.38
CA TYR B 110 35.01 -16.73 -24.48
C TYR B 110 35.30 -15.29 -24.08
N PRO B 111 35.83 -14.47 -25.00
CA PRO B 111 36.18 -13.09 -24.63
C PRO B 111 34.99 -12.30 -24.14
N VAL B 112 35.26 -11.29 -23.31
CA VAL B 112 34.24 -10.44 -22.71
C VAL B 112 34.69 -8.99 -22.79
N ASP B 113 33.80 -8.13 -23.28
CA ASP B 113 33.94 -6.68 -23.16
C ASP B 113 33.01 -6.17 -22.06
N ILE B 114 33.51 -5.28 -21.22
CA ILE B 114 32.70 -4.66 -20.16
C ILE B 114 32.93 -3.15 -20.22
N TYR B 115 31.90 -2.42 -20.65
CA TYR B 115 31.94 -0.96 -20.63
C TYR B 115 31.07 -0.46 -19.48
N TYR B 116 31.69 0.24 -18.53
CA TYR B 116 31.03 0.72 -17.32
C TYR B 116 30.51 2.13 -17.58
N LEU B 117 29.20 2.29 -17.67
CA LEU B 117 28.57 3.57 -17.98
C LEU B 117 27.95 4.10 -16.69
N MET B 118 28.52 5.17 -16.15
CA MET B 118 28.25 5.59 -14.78
C MET B 118 27.52 6.92 -14.72
N ASP B 119 26.45 6.95 -13.92
CA ASP B 119 25.83 8.19 -13.46
C ASP B 119 26.81 8.98 -12.59
N LEU B 120 27.08 10.23 -12.97
CA LEU B 120 27.95 11.09 -12.18
C LEU B 120 27.24 12.38 -11.77
N SER B 121 25.93 12.34 -11.63
CA SER B 121 25.22 13.45 -11.01
C SER B 121 25.66 13.58 -9.55
N TYR B 122 25.27 14.69 -8.92
CA TYR B 122 25.73 14.92 -7.55
C TYR B 122 25.23 13.86 -6.58
N SER B 123 24.06 13.26 -6.86
CA SER B 123 23.54 12.21 -5.99
C SER B 123 24.46 11.01 -5.92
N MET B 124 25.38 10.85 -6.87
CA MET B 124 26.28 9.70 -6.95
C MET B 124 27.67 10.00 -6.40
N LYS B 125 27.81 11.04 -5.58
CA LYS B 125 29.14 11.49 -5.18
C LYS B 125 29.89 10.43 -4.39
N ASP B 126 29.21 9.73 -3.49
CA ASP B 126 29.82 8.72 -2.64
CA ASP B 126 29.88 8.75 -2.66
C ASP B 126 30.22 7.48 -3.42
N ASP B 127 29.60 7.24 -4.58
CA ASP B 127 29.84 6.00 -5.31
C ASP B 127 31.21 5.97 -5.98
N LEU B 128 31.73 7.14 -6.39
CA LEU B 128 33.02 7.19 -7.06
C LEU B 128 34.13 6.62 -6.17
N TRP B 129 34.07 6.91 -4.87
CA TRP B 129 35.11 6.43 -3.95
C TRP B 129 35.08 4.92 -3.80
N SER B 130 33.96 4.26 -4.10
CA SER B 130 33.85 2.83 -3.89
C SER B 130 34.48 2.02 -5.02
N ILE B 131 34.48 2.54 -6.24
CA ILE B 131 34.88 1.76 -7.41
C ILE B 131 36.29 2.13 -7.89
N GLN B 132 37.08 2.81 -7.06
CA GLN B 132 38.39 3.26 -7.53
C GLN B 132 39.39 2.12 -7.69
N ASN B 133 39.08 0.93 -7.19
CA ASN B 133 39.89 -0.25 -7.46
CA ASN B 133 39.88 -0.27 -7.43
C ASN B 133 39.08 -1.34 -8.16
N LEU B 134 37.91 -1.00 -8.69
CA LEU B 134 37.04 -1.97 -9.33
C LEU B 134 37.72 -2.69 -10.47
N GLY B 135 38.50 -1.96 -11.28
CA GLY B 135 39.08 -2.56 -12.48
C GLY B 135 39.96 -3.76 -12.16
N THR B 136 40.84 -3.62 -11.17
CA THR B 136 41.71 -4.73 -10.80
C THR B 136 40.93 -5.84 -10.11
N LYS B 137 40.02 -5.48 -9.21
CA LYS B 137 39.24 -6.50 -8.51
C LYS B 137 38.30 -7.23 -9.46
N LEU B 138 37.71 -6.50 -10.41
CA LEU B 138 36.90 -7.14 -11.44
C LEU B 138 37.74 -8.07 -12.31
N ALA B 139 38.96 -7.63 -12.65
CA ALA B 139 39.84 -8.45 -13.46
C ALA B 139 40.26 -9.71 -12.74
N THR B 140 40.39 -9.65 -11.40
CA THR B 140 40.72 -10.84 -10.65
C THR B 140 39.60 -11.88 -10.71
N GLN B 141 38.35 -11.43 -10.58
CA GLN B 141 37.24 -12.37 -10.56
C GLN B 141 36.89 -12.88 -11.95
N MET B 142 36.82 -12.00 -12.94
CA MET B 142 36.51 -12.43 -14.30
C MET B 142 37.63 -13.29 -14.90
N ARG B 143 38.84 -13.22 -14.34
CA ARG B 143 39.93 -14.06 -14.79
C ARG B 143 39.59 -15.54 -14.69
N LYS B 144 38.76 -15.91 -13.71
CA LYS B 144 38.38 -17.31 -13.53
C LYS B 144 37.49 -17.82 -14.65
N LEU B 145 36.80 -16.92 -15.35
CA LEU B 145 35.85 -17.31 -16.40
C LEU B 145 36.40 -17.13 -17.81
N THR B 146 37.09 -16.02 -18.06
CA THR B 146 37.66 -15.76 -19.38
C THR B 146 39.11 -15.32 -19.22
N SER B 147 39.90 -15.56 -20.26
CA SER B 147 41.27 -15.08 -20.33
C SER B 147 41.43 -13.95 -21.34
N ASN B 148 40.31 -13.32 -21.73
CA ASN B 148 40.29 -12.27 -22.76
C ASN B 148 39.29 -11.19 -22.30
N LEU B 149 39.71 -10.38 -21.33
CA LEU B 149 38.87 -9.35 -20.74
C LEU B 149 39.34 -7.97 -21.18
N ARG B 150 38.40 -7.14 -21.63
CA ARG B 150 38.64 -5.74 -21.90
C ARG B 150 37.60 -4.92 -21.14
N ILE B 151 38.02 -3.79 -20.56
CA ILE B 151 37.13 -2.94 -19.79
C ILE B 151 37.32 -1.48 -20.17
N GLY B 152 36.30 -0.68 -19.89
CA GLY B 152 36.28 0.72 -20.25
C GLY B 152 35.16 1.42 -19.51
N PHE B 153 35.15 2.75 -19.63
CA PHE B 153 34.37 3.60 -18.74
C PHE B 153 33.83 4.81 -19.49
N GLY B 154 32.58 5.16 -19.18
CA GLY B 154 32.01 6.42 -19.63
C GLY B 154 31.14 7.00 -18.52
N ALA B 155 30.77 8.27 -18.68
CA ALA B 155 30.01 8.97 -17.65
C ALA B 155 28.90 9.79 -18.30
N PHE B 156 27.85 10.04 -17.52
CA PHE B 156 26.74 10.88 -17.97
C PHE B 156 26.18 11.65 -16.79
N VAL B 157 25.52 12.77 -17.10
CA VAL B 157 24.67 13.46 -16.15
C VAL B 157 23.31 13.67 -16.79
N ASP B 158 23.20 14.70 -17.63
CA ASP B 158 21.93 15.09 -18.23
C ASP B 158 22.22 16.12 -19.32
N LYS B 159 21.17 16.50 -20.04
CA LYS B 159 21.33 17.49 -21.12
C LYS B 159 21.71 18.84 -20.51
N PRO B 160 22.88 19.39 -20.83
CA PRO B 160 23.29 20.66 -20.22
C PRO B 160 22.55 21.86 -20.79
N VAL B 161 21.27 21.98 -20.42
CA VAL B 161 20.42 23.08 -20.88
C VAL B 161 19.40 23.34 -19.79
N SER B 162 19.01 24.60 -19.64
CA SER B 162 17.90 24.93 -18.75
C SER B 162 16.65 24.17 -19.19
N PRO B 163 15.83 23.67 -18.25
CA PRO B 163 15.91 23.83 -16.79
C PRO B 163 16.67 22.71 -16.08
N TYR B 164 17.14 21.71 -16.83
CA TYR B 164 17.97 20.68 -16.23
C TYR B 164 19.24 21.28 -15.61
N MET B 165 19.80 22.30 -16.25
CA MET B 165 21.07 22.91 -15.85
C MET B 165 20.82 24.22 -15.11
N TYR B 166 21.68 24.51 -14.13
CA TYR B 166 21.69 25.82 -13.48
C TYR B 166 22.42 26.82 -14.35
N ILE B 167 21.78 27.95 -14.65
CA ILE B 167 22.31 28.90 -15.62
C ILE B 167 22.51 30.28 -15.02
N SER B 168 22.40 30.42 -13.70
CA SER B 168 22.67 31.69 -13.06
C SER B 168 23.15 31.44 -11.64
N PRO B 169 24.03 32.30 -11.11
CA PRO B 169 24.75 33.40 -11.75
C PRO B 169 25.83 32.86 -12.69
N PRO B 170 26.60 33.72 -13.40
CA PRO B 170 27.65 33.19 -14.30
C PRO B 170 28.59 32.19 -13.64
N GLU B 171 28.76 32.27 -12.31
N GLU B 171 28.75 32.28 -12.31
CA GLU B 171 29.65 31.34 -11.62
CA GLU B 171 29.63 31.35 -11.60
C GLU B 171 29.12 29.91 -11.65
C GLU B 171 29.11 29.92 -11.63
N ALA B 172 27.80 29.74 -11.67
CA ALA B 172 27.22 28.39 -11.62
C ALA B 172 27.56 27.57 -12.87
N LEU B 173 27.79 28.23 -14.00
CA LEU B 173 28.14 27.51 -15.22
C LEU B 173 29.47 26.79 -15.08
N GLU B 174 30.48 27.46 -14.53
CA GLU B 174 31.78 26.83 -14.34
C GLU B 174 31.80 25.89 -13.14
N ASN B 175 30.95 26.14 -12.15
CA ASN B 175 30.89 25.31 -10.94
C ASN B 175 29.45 25.28 -10.46
N PRO B 176 28.68 24.25 -10.86
CA PRO B 176 27.28 24.14 -10.40
C PRO B 176 27.13 24.02 -8.91
N CYS B 177 28.20 23.70 -8.18
CA CYS B 177 28.18 23.64 -6.73
C CYS B 177 28.54 24.96 -6.08
N TYR B 178 28.40 26.07 -6.83
CA TYR B 178 28.81 27.37 -6.32
CA TYR B 178 28.81 27.38 -6.33
C TYR B 178 28.06 27.74 -5.06
N ASP B 179 26.73 27.57 -5.06
CA ASP B 179 25.90 28.01 -3.95
C ASP B 179 25.91 27.04 -2.78
N MET B 180 26.74 26.03 -2.85
CA MET B 180 27.12 25.21 -1.71
C MET B 180 28.59 25.51 -1.39
N LYS B 181 29.12 24.84 -0.38
CA LYS B 181 30.50 25.12 0.01
C LYS B 181 31.49 24.17 -0.64
N THR B 182 31.27 23.79 -1.91
CA THR B 182 32.13 22.85 -2.60
C THR B 182 32.27 23.25 -4.07
N THR B 183 33.00 22.42 -4.81
CA THR B 183 33.21 22.58 -6.24
C THR B 183 32.89 21.26 -6.93
N CYS B 184 32.14 21.32 -8.03
CA CYS B 184 31.95 20.16 -8.89
C CYS B 184 32.21 20.57 -10.33
N LEU B 185 32.16 19.58 -11.23
CA LEU B 185 32.47 19.83 -12.62
C LEU B 185 31.32 20.56 -13.31
N PRO B 186 31.62 21.32 -14.36
CA PRO B 186 30.55 21.82 -15.23
C PRO B 186 29.72 20.66 -15.75
N MET B 187 28.42 20.91 -15.91
CA MET B 187 27.51 19.87 -16.37
C MET B 187 27.95 19.35 -17.73
N PHE B 188 27.72 18.07 -17.96
CA PHE B 188 28.01 17.45 -19.24
C PHE B 188 26.96 16.38 -19.50
N GLY B 189 26.66 16.17 -20.79
CA GLY B 189 25.68 15.18 -21.16
C GLY B 189 26.20 13.77 -21.02
N TYR B 190 27.05 13.37 -21.97
CA TYR B 190 27.71 12.09 -21.94
C TYR B 190 29.14 12.28 -22.42
N LYS B 191 30.09 11.63 -21.74
CA LYS B 191 31.49 11.68 -22.15
C LYS B 191 32.09 10.29 -22.08
N HIS B 192 32.70 9.87 -23.18
CA HIS B 192 33.52 8.68 -23.21
C HIS B 192 34.86 8.95 -22.54
N VAL B 193 35.33 8.00 -21.73
CA VAL B 193 36.53 8.23 -20.95
C VAL B 193 37.64 7.26 -21.35
N LEU B 194 37.35 5.96 -21.30
CA LEU B 194 38.36 4.93 -21.49
C LEU B 194 37.87 3.89 -22.49
N THR B 195 38.54 3.82 -23.64
CA THR B 195 38.21 2.80 -24.64
C THR B 195 38.53 1.41 -24.12
N LEU B 196 37.67 0.45 -24.47
CA LEU B 196 37.80 -0.92 -23.99
C LEU B 196 39.23 -1.44 -24.17
N THR B 197 39.80 -1.93 -23.07
CA THR B 197 41.20 -2.33 -23.06
C THR B 197 41.43 -3.43 -22.04
N ASP B 198 42.48 -4.22 -22.27
CA ASP B 198 42.90 -5.27 -21.33
C ASP B 198 43.86 -4.77 -20.26
N GLN B 199 44.21 -3.49 -20.29
CA GLN B 199 45.10 -2.89 -19.29
C GLN B 199 44.24 -2.34 -18.17
N VAL B 200 44.01 -3.17 -17.15
CA VAL B 200 42.98 -2.86 -16.16
C VAL B 200 43.38 -1.75 -15.20
N THR B 201 44.68 -1.47 -15.05
CA THR B 201 45.06 -0.34 -14.20
C THR B 201 44.76 1.00 -14.86
N ARG B 202 44.56 1.01 -16.19
CA ARG B 202 44.05 2.20 -16.85
C ARG B 202 42.66 2.56 -16.34
N PHE B 203 41.83 1.56 -16.09
CA PHE B 203 40.51 1.79 -15.52
C PHE B 203 40.62 2.45 -14.16
N ASN B 204 41.40 1.86 -13.25
CA ASN B 204 41.56 2.39 -11.90
C ASN B 204 42.04 3.84 -11.94
N GLU B 205 43.01 4.14 -12.80
CA GLU B 205 43.60 5.49 -12.79
C GLU B 205 42.70 6.52 -13.45
N GLU B 206 41.95 6.14 -14.48
CA GLU B 206 40.96 7.06 -15.03
C GLU B 206 39.88 7.37 -13.99
N VAL B 207 39.37 6.32 -13.32
CA VAL B 207 38.30 6.50 -12.35
C VAL B 207 38.73 7.43 -11.22
N LYS B 208 39.99 7.31 -10.77
CA LYS B 208 40.50 8.14 -9.70
C LYS B 208 40.59 9.62 -10.08
N LYS B 209 40.49 9.95 -11.37
CA LYS B 209 40.48 11.35 -11.81
C LYS B 209 39.08 11.89 -12.04
N GLN B 210 38.05 11.04 -12.05
CA GLN B 210 36.69 11.47 -12.29
C GLN B 210 36.11 12.20 -11.07
N SER B 211 35.07 12.97 -11.32
CA SER B 211 34.36 13.68 -10.25
C SER B 211 32.96 14.02 -10.75
N VAL B 212 32.08 14.33 -9.81
CA VAL B 212 30.66 14.50 -10.12
C VAL B 212 30.39 15.91 -10.60
N SER B 213 29.23 16.08 -11.22
CA SER B 213 28.70 17.40 -11.55
C SER B 213 27.40 17.59 -10.76
N ARG B 214 26.52 18.47 -11.24
CA ARG B 214 25.26 18.71 -10.53
C ARG B 214 24.25 19.34 -11.50
N ASN B 215 23.03 18.83 -11.46
CA ASN B 215 21.92 19.44 -12.20
C ASN B 215 20.70 19.51 -11.29
N ARG B 216 19.59 20.00 -11.83
CA ARG B 216 18.44 20.38 -11.02
C ARG B 216 17.47 19.23 -10.76
N ASP B 217 17.11 18.48 -11.80
CA ASP B 217 16.00 17.54 -11.70
C ASP B 217 16.48 16.10 -11.60
N ALA B 218 15.73 15.32 -10.81
CA ALA B 218 16.13 13.97 -10.44
C ALA B 218 16.25 13.01 -11.63
N PRO B 219 15.31 12.95 -12.59
CA PRO B 219 15.53 12.09 -13.74
C PRO B 219 16.77 12.55 -14.50
N GLU B 220 17.57 11.58 -14.96
CA GLU B 220 18.85 11.89 -15.56
C GLU B 220 18.90 11.38 -17.00
N GLY B 221 19.95 11.80 -17.71
CA GLY B 221 20.03 11.58 -19.14
C GLY B 221 20.77 10.32 -19.54
N GLY B 222 20.53 9.23 -18.82
CA GLY B 222 21.31 8.02 -19.05
C GLY B 222 21.00 7.32 -20.35
N PHE B 223 19.75 7.40 -20.82
CA PHE B 223 19.40 6.75 -22.07
C PHE B 223 20.15 7.35 -23.26
N ASP B 224 20.47 8.65 -23.21
CA ASP B 224 21.37 9.25 -24.19
C ASP B 224 22.69 8.50 -24.22
N ALA B 225 23.24 8.19 -23.05
CA ALA B 225 24.57 7.58 -22.99
C ALA B 225 24.52 6.13 -23.44
N ILE B 226 23.43 5.42 -23.14
CA ILE B 226 23.28 4.05 -23.62
C ILE B 226 23.28 4.01 -25.14
N MET B 227 22.57 4.96 -25.76
CA MET B 227 22.50 5.01 -27.22
C MET B 227 23.86 5.27 -27.84
N GLN B 228 24.59 6.25 -27.31
CA GLN B 228 25.89 6.59 -27.88
C GLN B 228 26.94 5.52 -27.61
N ALA B 229 26.90 4.89 -26.43
CA ALA B 229 27.85 3.82 -26.14
C ALA B 229 27.59 2.58 -26.99
N THR B 230 26.40 2.46 -27.57
CA THR B 230 26.04 1.34 -28.42
C THR B 230 26.44 1.55 -29.88
N VAL B 231 26.10 2.71 -30.45
CA VAL B 231 26.29 2.95 -31.89
C VAL B 231 27.62 3.61 -32.23
N CYS B 232 28.39 4.05 -31.24
CA CYS B 232 29.75 4.55 -31.49
C CYS B 232 30.75 3.40 -31.37
N ASP B 233 30.61 2.44 -32.30
CA ASP B 233 31.39 1.21 -32.32
C ASP B 233 32.88 1.45 -32.14
N GLU B 234 33.46 2.29 -33.00
CA GLU B 234 34.91 2.43 -33.02
C GLU B 234 35.42 3.12 -31.77
N LYS B 235 34.73 4.16 -31.30
CA LYS B 235 35.22 4.91 -30.15
C LYS B 235 35.20 4.05 -28.89
N ILE B 236 34.08 3.39 -28.61
CA ILE B 236 34.00 2.57 -27.40
C ILE B 236 34.91 1.34 -27.54
N GLY B 237 34.92 0.72 -28.71
CA GLY B 237 35.86 -0.35 -28.99
C GLY B 237 35.35 -1.76 -28.88
N TRP B 238 34.03 -1.97 -28.97
CA TRP B 238 33.47 -3.32 -28.90
C TRP B 238 34.17 -4.24 -29.90
N ARG B 239 34.47 -5.46 -29.46
CA ARG B 239 35.16 -6.45 -30.27
C ARG B 239 34.16 -7.33 -31.02
N ASN B 240 34.56 -7.76 -32.22
CA ASN B 240 33.66 -8.52 -33.08
C ASN B 240 33.23 -9.83 -32.43
N ASP B 241 34.17 -10.59 -31.88
CA ASP B 241 33.89 -11.91 -31.34
C ASP B 241 34.11 -11.90 -29.83
N ALA B 242 33.14 -11.31 -29.12
CA ALA B 242 33.18 -11.23 -27.67
C ALA B 242 31.77 -10.94 -27.17
N SER B 243 31.53 -11.28 -25.91
CA SER B 243 30.32 -10.85 -25.24
C SER B 243 30.42 -9.36 -24.91
N HIS B 244 29.33 -8.64 -25.16
CA HIS B 244 29.28 -7.20 -24.93
C HIS B 244 28.40 -6.94 -23.72
N LEU B 245 28.99 -6.39 -22.66
CA LEU B 245 28.30 -6.09 -21.42
C LEU B 245 28.31 -4.58 -21.20
N LEU B 246 27.13 -3.97 -21.25
CA LEU B 246 26.96 -2.56 -20.95
C LEU B 246 26.38 -2.45 -19.56
N VAL B 247 27.19 -1.99 -18.60
CA VAL B 247 26.79 -1.83 -17.21
C VAL B 247 26.41 -0.38 -16.98
N PHE B 248 25.15 -0.17 -16.60
CA PHE B 248 24.55 1.14 -16.42
C PHE B 248 24.17 1.25 -14.94
N THR B 249 24.86 2.13 -14.21
CA THR B 249 24.62 2.34 -12.79
C THR B 249 24.01 3.71 -12.56
N THR B 250 22.92 3.76 -11.81
CA THR B 250 22.29 5.01 -11.43
C THR B 250 21.49 4.79 -10.15
N ASP B 251 21.08 5.90 -9.53
CA ASP B 251 20.27 5.88 -8.33
C ASP B 251 18.95 6.61 -8.51
N ALA B 252 18.56 6.94 -9.73
CA ALA B 252 17.42 7.82 -9.96
C ALA B 252 16.62 7.34 -11.16
N LYS B 253 15.45 7.95 -11.32
CA LYS B 253 14.64 7.77 -12.51
C LYS B 253 15.44 8.22 -13.74
N THR B 254 14.91 7.95 -14.92
CA THR B 254 15.57 8.31 -16.16
C THR B 254 14.64 9.10 -17.05
N HIS B 255 15.21 10.00 -17.82
CA HIS B 255 14.46 10.71 -18.85
C HIS B 255 14.23 9.79 -20.04
N ILE B 256 13.11 10.01 -20.73
CA ILE B 256 12.70 9.18 -21.84
C ILE B 256 12.33 10.08 -23.02
N ALA B 257 12.13 9.46 -24.17
CA ALA B 257 11.81 10.22 -25.37
C ALA B 257 10.52 11.02 -25.16
N LEU B 258 10.51 12.24 -25.69
CA LEU B 258 9.49 13.27 -25.61
C LEU B 258 9.60 14.08 -24.31
N ASP B 259 10.53 13.73 -23.41
CA ASP B 259 10.85 14.60 -22.28
C ASP B 259 11.52 15.87 -22.74
N GLY B 260 12.24 15.81 -23.87
CA GLY B 260 13.10 16.88 -24.32
C GLY B 260 12.39 18.18 -24.60
N ARG B 261 11.08 18.14 -24.85
CA ARG B 261 10.33 19.35 -25.15
C ARG B 261 10.36 20.34 -23.98
N LEU B 262 10.55 19.84 -22.75
CA LEU B 262 10.71 20.73 -21.61
C LEU B 262 11.99 21.55 -21.65
N ALA B 263 12.91 21.23 -22.57
CA ALA B 263 14.06 22.07 -22.86
C ALA B 263 13.99 22.66 -24.26
N GLY B 264 12.81 22.61 -24.89
CA GLY B 264 12.65 23.12 -26.24
C GLY B 264 13.21 22.23 -27.32
N ILE B 265 13.49 20.97 -27.00
CA ILE B 265 14.06 20.01 -27.95
C ILE B 265 12.96 19.08 -28.43
N VAL B 266 12.65 19.16 -29.71
CA VAL B 266 11.61 18.32 -30.31
C VAL B 266 12.15 17.37 -31.36
N GLN B 267 13.37 17.55 -31.87
CA GLN B 267 13.87 16.70 -32.93
C GLN B 267 14.06 15.27 -32.41
N PRO B 268 13.46 14.28 -33.05
CA PRO B 268 13.65 12.89 -32.60
C PRO B 268 15.10 12.46 -32.66
N ASN B 269 15.45 11.53 -31.76
CA ASN B 269 16.76 10.91 -31.77
C ASN B 269 16.95 10.12 -33.06
N ASP B 270 18.12 10.30 -33.69
CA ASP B 270 18.36 9.71 -35.00
C ASP B 270 19.20 8.44 -34.93
N GLY B 271 19.52 7.96 -33.73
CA GLY B 271 20.19 6.68 -33.57
C GLY B 271 21.60 6.62 -34.12
N GLN B 272 22.13 7.76 -34.57
CA GLN B 272 23.49 7.82 -35.11
C GLN B 272 24.46 8.23 -34.00
N CYS B 273 25.75 8.08 -34.29
CA CYS B 273 26.80 8.42 -33.34
C CYS B 273 27.20 9.89 -33.51
N HIS B 274 27.24 10.62 -32.40
CA HIS B 274 27.58 12.04 -32.38
C HIS B 274 28.62 12.33 -31.31
N VAL B 275 29.58 11.41 -31.13
CA VAL B 275 30.67 11.58 -30.18
C VAL B 275 31.97 11.58 -30.96
N GLY B 276 32.60 12.75 -31.05
CA GLY B 276 33.80 12.95 -31.86
C GLY B 276 35.07 12.94 -31.05
N SER B 277 36.06 13.71 -31.53
CA SER B 277 37.41 13.65 -30.98
C SER B 277 37.50 14.24 -29.57
N ASP B 278 36.57 15.10 -29.18
CA ASP B 278 36.57 15.63 -27.81
C ASP B 278 35.91 14.69 -26.81
N ASN B 279 35.35 13.57 -27.28
CA ASN B 279 34.76 12.50 -26.48
C ASN B 279 33.49 12.90 -25.75
N HIS B 280 32.84 13.99 -26.15
CA HIS B 280 31.54 14.37 -25.60
C HIS B 280 30.45 14.16 -26.63
N TYR B 281 29.23 13.96 -26.15
CA TYR B 281 28.06 13.79 -27.01
C TYR B 281 27.59 15.18 -27.45
N SER B 282 27.78 15.49 -28.74
CA SER B 282 27.56 16.85 -29.22
C SER B 282 26.12 17.13 -29.60
N ALA B 283 25.28 16.12 -29.72
CA ALA B 283 23.87 16.32 -29.99
C ALA B 283 23.03 16.37 -28.72
N SER B 284 23.67 16.47 -27.55
CA SER B 284 22.93 16.41 -26.30
C SER B 284 21.94 17.56 -26.15
N THR B 285 22.25 18.73 -26.72
CA THR B 285 21.39 19.90 -26.58
C THR B 285 20.51 20.14 -27.81
N THR B 286 20.51 19.23 -28.79
CA THR B 286 19.75 19.42 -30.02
C THR B 286 18.91 18.22 -30.42
N MET B 287 18.96 17.13 -29.66
CA MET B 287 18.33 15.87 -30.05
C MET B 287 17.68 15.23 -28.84
N ASP B 288 16.47 14.72 -29.03
CA ASP B 288 15.68 14.23 -27.92
C ASP B 288 16.24 12.92 -27.38
N TYR B 289 15.89 12.63 -26.14
CA TYR B 289 16.22 11.33 -25.56
C TYR B 289 15.67 10.22 -26.45
N PRO B 290 16.33 9.07 -26.52
CA PRO B 290 15.85 8.00 -27.39
C PRO B 290 14.72 7.22 -26.72
N SER B 291 13.94 6.57 -27.57
CA SER B 291 12.82 5.77 -27.11
C SER B 291 13.28 4.34 -26.83
N LEU B 292 12.41 3.57 -26.16
CA LEU B 292 12.74 2.18 -25.85
C LEU B 292 12.92 1.37 -27.12
N GLY B 293 12.01 1.53 -28.08
CA GLY B 293 12.10 0.78 -29.32
C GLY B 293 13.39 1.06 -30.08
N LEU B 294 13.79 2.33 -30.13
CA LEU B 294 15.03 2.68 -30.82
C LEU B 294 16.24 2.09 -30.09
N MET B 295 16.25 2.18 -28.76
CA MET B 295 17.33 1.57 -27.98
C MET B 295 17.39 0.07 -28.19
N THR B 296 16.23 -0.61 -28.16
CA THR B 296 16.18 -2.04 -28.42
C THR B 296 16.77 -2.38 -29.78
N GLU B 297 16.42 -1.60 -30.81
CA GLU B 297 16.92 -1.88 -32.15
C GLU B 297 18.43 -1.85 -32.21
N LYS B 298 19.05 -0.82 -31.61
CA LYS B 298 20.49 -0.64 -31.71
C LYS B 298 21.25 -1.62 -30.81
N LEU B 299 20.79 -1.79 -29.57
CA LEU B 299 21.36 -2.82 -28.71
C LEU B 299 21.36 -4.18 -29.42
N SER B 300 20.22 -4.55 -30.02
CA SER B 300 20.13 -5.81 -30.74
C SER B 300 21.08 -5.84 -31.93
N GLN B 301 21.18 -4.73 -32.66
CA GLN B 301 21.98 -4.70 -33.87
C GLN B 301 23.47 -4.87 -33.57
N LYS B 302 23.93 -4.31 -32.45
CA LYS B 302 25.33 -4.41 -32.06
C LYS B 302 25.61 -5.55 -31.10
N ASN B 303 24.60 -6.36 -30.77
CA ASN B 303 24.78 -7.50 -29.84
C ASN B 303 25.28 -7.02 -28.47
N ILE B 304 24.62 -6.00 -27.93
CA ILE B 304 24.98 -5.46 -26.63
C ILE B 304 24.01 -6.00 -25.59
N ASN B 305 24.54 -6.47 -24.46
CA ASN B 305 23.74 -6.93 -23.34
C ASN B 305 23.66 -5.80 -22.33
N LEU B 306 22.48 -5.20 -22.18
CA LEU B 306 22.29 -4.10 -21.25
C LEU B 306 22.02 -4.64 -19.85
N ILE B 307 22.71 -4.08 -18.86
CA ILE B 307 22.59 -4.50 -17.47
C ILE B 307 22.23 -3.27 -16.65
N PHE B 308 21.02 -3.27 -16.09
CA PHE B 308 20.55 -2.20 -15.21
C PHE B 308 21.01 -2.50 -13.79
N ALA B 309 22.04 -1.80 -13.33
CA ALA B 309 22.60 -1.96 -11.98
C ALA B 309 22.23 -0.73 -11.17
N VAL B 310 21.02 -0.76 -10.60
CA VAL B 310 20.42 0.42 -9.97
C VAL B 310 20.10 0.09 -8.51
N THR B 311 19.78 1.15 -7.75
CA THR B 311 19.55 1.02 -6.33
C THR B 311 18.12 0.60 -6.03
N GLU B 312 17.89 0.21 -4.78
CA GLU B 312 16.61 -0.40 -4.39
C GLU B 312 15.43 0.51 -4.66
N ASN B 313 15.61 1.83 -4.55
CA ASN B 313 14.49 2.75 -4.69
C ASN B 313 13.96 2.83 -6.12
N VAL B 314 14.68 2.29 -7.11
CA VAL B 314 14.23 2.34 -8.50
C VAL B 314 14.35 0.97 -9.15
N VAL B 315 14.41 -0.09 -8.34
CA VAL B 315 14.58 -1.44 -8.89
C VAL B 315 13.34 -1.84 -9.69
N ASN B 316 12.14 -1.63 -9.11
CA ASN B 316 10.91 -2.01 -9.81
C ASN B 316 10.78 -1.26 -11.13
N LEU B 317 11.12 0.03 -11.14
CA LEU B 317 11.10 0.82 -12.36
C LEU B 317 11.93 0.15 -13.45
N TYR B 318 13.20 -0.14 -13.14
CA TYR B 318 14.09 -0.64 -14.19
C TYR B 318 13.81 -2.10 -14.54
N GLN B 319 13.25 -2.87 -13.60
CA GLN B 319 12.75 -4.20 -13.95
CA GLN B 319 12.75 -4.20 -13.96
C GLN B 319 11.60 -4.10 -14.94
N ASN B 320 10.75 -3.09 -14.78
CA ASN B 320 9.62 -2.91 -15.69
C ASN B 320 10.09 -2.44 -17.06
N TYR B 321 11.06 -1.54 -17.11
CA TYR B 321 11.72 -1.23 -18.37
C TYR B 321 12.38 -2.48 -18.95
N SER B 322 12.96 -3.31 -18.11
CA SER B 322 13.67 -4.51 -18.57
C SER B 322 12.73 -5.46 -19.31
N GLU B 323 11.45 -5.50 -18.93
CA GLU B 323 10.51 -6.33 -19.66
C GLU B 323 10.20 -5.79 -21.05
N LEU B 324 10.38 -4.49 -21.26
CA LEU B 324 10.14 -3.86 -22.56
C LEU B 324 11.39 -3.82 -23.43
N ILE B 325 12.54 -4.27 -22.92
CA ILE B 325 13.75 -4.41 -23.72
C ILE B 325 14.26 -5.83 -23.53
N PRO B 326 13.74 -6.81 -24.27
CA PRO B 326 14.11 -8.21 -24.03
C PRO B 326 15.61 -8.43 -24.11
N GLY B 327 16.11 -9.29 -23.21
CA GLY B 327 17.52 -9.56 -23.08
C GLY B 327 18.22 -8.76 -22.01
N THR B 328 17.59 -7.70 -21.50
CA THR B 328 18.16 -6.89 -20.44
C THR B 328 18.05 -7.62 -19.10
N THR B 329 19.05 -7.41 -18.24
CA THR B 329 19.04 -7.96 -16.89
C THR B 329 19.23 -6.85 -15.87
N VAL B 330 18.71 -7.08 -14.66
CA VAL B 330 18.70 -6.09 -13.59
C VAL B 330 19.42 -6.66 -12.38
N GLY B 331 20.22 -5.82 -11.73
CA GLY B 331 20.83 -6.17 -10.47
C GLY B 331 20.68 -5.02 -9.47
N VAL B 332 20.61 -5.38 -8.20
CA VAL B 332 20.37 -4.41 -7.13
C VAL B 332 21.70 -3.81 -6.70
N LEU B 333 21.88 -2.52 -6.98
CA LEU B 333 23.09 -1.80 -6.62
C LEU B 333 22.92 -1.15 -5.25
N SER B 334 23.91 -1.34 -4.38
CA SER B 334 23.85 -0.72 -3.06
C SER B 334 23.96 0.80 -3.20
N MET B 335 23.75 1.50 -2.08
CA MET B 335 23.66 2.96 -2.09
C MET B 335 24.99 3.63 -2.43
N ASP B 336 26.08 2.86 -2.50
CA ASP B 336 27.40 3.43 -2.77
C ASP B 336 28.17 2.64 -3.83
N SER B 337 27.52 1.69 -4.50
CA SER B 337 28.12 0.84 -5.54
C SER B 337 29.17 -0.10 -5.00
N SER B 338 29.12 -0.44 -3.70
CA SER B 338 30.13 -1.31 -3.12
C SER B 338 29.91 -2.79 -3.42
N ASN B 339 28.78 -3.15 -4.02
CA ASN B 339 28.50 -4.53 -4.40
C ASN B 339 28.52 -4.73 -5.91
N VAL B 340 28.98 -3.73 -6.66
CA VAL B 340 28.81 -3.76 -8.11
C VAL B 340 29.65 -4.85 -8.75
N LEU B 341 30.74 -5.27 -8.09
CA LEU B 341 31.59 -6.32 -8.64
C LEU B 341 30.82 -7.63 -8.73
N GLN B 342 30.30 -8.11 -7.60
CA GLN B 342 29.56 -9.37 -7.60
C GLN B 342 28.30 -9.26 -8.46
N LEU B 343 27.71 -8.07 -8.53
CA LEU B 343 26.56 -7.86 -9.39
C LEU B 343 26.90 -8.13 -10.85
N ILE B 344 28.07 -7.65 -11.30
CA ILE B 344 28.49 -7.85 -12.69
C ILE B 344 28.74 -9.33 -12.97
N VAL B 345 29.30 -10.06 -11.99
CA VAL B 345 29.59 -11.47 -12.19
C VAL B 345 28.31 -12.28 -12.32
N ASP B 346 27.33 -11.99 -11.46
CA ASP B 346 26.06 -12.72 -11.53
C ASP B 346 25.30 -12.38 -12.80
N ALA B 347 25.37 -11.12 -13.24
CA ALA B 347 24.74 -10.74 -14.50
C ALA B 347 25.32 -11.52 -15.67
N TYR B 348 26.65 -11.67 -15.70
CA TYR B 348 27.29 -12.39 -16.80
C TYR B 348 26.85 -13.85 -16.82
N GLY B 349 26.70 -14.47 -15.64
CA GLY B 349 26.21 -15.84 -15.60
C GLY B 349 24.79 -15.96 -16.11
N LYS B 350 23.90 -15.08 -15.65
CA LYS B 350 22.52 -15.11 -16.12
C LYS B 350 22.43 -14.89 -17.61
N ILE B 351 23.38 -14.15 -18.19
CA ILE B 351 23.33 -13.85 -19.62
C ILE B 351 23.63 -15.11 -20.44
N ARG B 352 24.73 -15.79 -20.11
CA ARG B 352 25.11 -17.02 -20.79
C ARG B 352 24.46 -18.26 -20.17
N SER B 353 23.25 -18.13 -19.62
CA SER B 353 22.49 -19.25 -19.09
C SER B 353 21.28 -19.60 -19.96
N LYS B 354 21.17 -19.02 -21.15
CA LYS B 354 20.03 -19.25 -22.02
C LYS B 354 20.51 -19.42 -23.45
N VAL B 355 19.76 -20.23 -24.21
CA VAL B 355 19.95 -20.40 -25.64
C VAL B 355 18.57 -20.33 -26.29
N GLU B 356 18.41 -19.43 -27.26
CA GLU B 356 17.11 -19.19 -27.88
C GLU B 356 17.29 -19.11 -29.38
N LEU B 357 16.61 -20.00 -30.11
CA LEU B 357 16.75 -20.05 -31.55
C LEU B 357 15.93 -18.95 -32.22
N GLU B 358 16.48 -18.38 -33.28
CA GLU B 358 15.82 -17.36 -34.07
C GLU B 358 15.92 -17.74 -35.54
N VAL B 359 14.86 -17.49 -36.29
CA VAL B 359 14.76 -17.89 -37.69
C VAL B 359 14.69 -16.63 -38.55
N ARG B 360 15.60 -16.54 -39.51
CA ARG B 360 15.68 -15.38 -40.40
C ARG B 360 15.47 -15.82 -41.85
N ASP B 361 14.69 -15.02 -42.59
CA ASP B 361 14.51 -15.18 -44.03
C ASP B 361 13.82 -16.49 -44.37
N LEU B 362 12.86 -16.89 -43.55
CA LEU B 362 12.11 -18.12 -43.80
C LEU B 362 11.13 -17.89 -44.95
N PRO B 363 11.18 -18.69 -46.01
CA PRO B 363 10.17 -18.56 -47.07
C PRO B 363 8.77 -18.82 -46.53
N GLU B 364 7.80 -18.11 -47.10
CA GLU B 364 6.42 -18.21 -46.63
C GLU B 364 5.88 -19.63 -46.73
N GLU B 365 6.30 -20.39 -47.75
CA GLU B 365 5.77 -21.73 -47.95
C GLU B 365 6.23 -22.69 -46.86
N LEU B 366 7.38 -22.42 -46.25
CA LEU B 366 7.95 -23.33 -45.25
C LEU B 366 7.44 -23.00 -43.86
N SER B 367 7.12 -24.04 -43.10
CA SER B 367 6.83 -23.94 -41.68
C SER B 367 7.74 -24.89 -40.93
N LEU B 368 8.14 -24.49 -39.71
CA LEU B 368 9.09 -25.23 -38.91
C LEU B 368 8.47 -25.67 -37.59
N SER B 369 9.00 -26.76 -37.04
CA SER B 369 8.63 -27.26 -35.72
C SER B 369 9.90 -27.67 -35.00
N PHE B 370 9.88 -27.52 -33.67
CA PHE B 370 11.09 -27.67 -32.87
C PHE B 370 10.84 -28.58 -31.67
N ASN B 371 11.82 -29.44 -31.38
CA ASN B 371 11.89 -30.22 -30.16
C ASN B 371 13.23 -29.95 -29.50
N ALA B 372 13.19 -29.52 -28.25
CA ALA B 372 14.40 -29.11 -27.52
C ALA B 372 14.89 -30.24 -26.62
N THR B 373 16.19 -30.16 -26.29
CA THR B 373 16.84 -31.15 -25.43
C THR B 373 17.82 -30.39 -24.53
N CYS B 374 17.36 -30.02 -23.33
CA CYS B 374 18.17 -29.32 -22.36
C CYS B 374 18.44 -30.23 -21.16
N LEU B 375 19.27 -29.73 -20.23
CA LEU B 375 19.59 -30.40 -18.98
C LEU B 375 20.23 -31.77 -19.19
N ASN B 376 19.41 -32.81 -19.39
CA ASN B 376 19.97 -34.17 -19.43
C ASN B 376 19.09 -35.03 -20.34
N ASN B 377 19.26 -34.84 -21.66
CA ASN B 377 18.61 -35.67 -22.67
C ASN B 377 17.09 -35.70 -22.51
N GLU B 378 16.53 -34.63 -21.94
CA GLU B 378 15.09 -34.51 -21.74
C GLU B 378 14.50 -33.76 -22.93
N VAL B 379 13.65 -34.44 -23.70
CA VAL B 379 13.06 -33.86 -24.90
C VAL B 379 11.83 -33.06 -24.52
N ILE B 380 11.78 -31.80 -24.93
CA ILE B 380 10.67 -30.90 -24.65
C ILE B 380 10.04 -30.49 -25.97
N PRO B 381 8.96 -31.16 -26.38
CA PRO B 381 8.39 -30.88 -27.70
C PRO B 381 7.82 -29.46 -27.79
N GLY B 382 7.78 -28.95 -29.02
CA GLY B 382 7.20 -27.64 -29.26
C GLY B 382 7.89 -26.50 -28.53
N LEU B 383 9.21 -26.54 -28.44
CA LEU B 383 9.96 -25.53 -27.72
C LEU B 383 11.32 -25.34 -28.39
N LYS B 384 11.78 -24.09 -28.46
CA LYS B 384 13.01 -23.76 -29.15
C LYS B 384 13.91 -22.86 -28.29
N SER B 385 13.95 -23.11 -26.99
CA SER B 385 14.80 -22.33 -26.11
C SER B 385 15.10 -23.13 -24.85
N CYS B 386 16.35 -23.04 -24.37
CA CYS B 386 16.77 -23.69 -23.14
C CYS B 386 17.20 -22.64 -22.12
N MET B 387 16.96 -22.94 -20.85
CA MET B 387 17.28 -22.03 -19.76
C MET B 387 17.95 -22.80 -18.63
N GLY B 388 18.50 -22.06 -17.67
CA GLY B 388 19.19 -22.66 -16.54
C GLY B 388 20.52 -23.29 -16.90
N LEU B 389 21.18 -22.80 -17.94
CA LEU B 389 22.41 -23.40 -18.44
C LEU B 389 23.63 -22.83 -17.70
N LYS B 390 24.75 -23.53 -17.85
CA LYS B 390 26.04 -23.09 -17.34
C LYS B 390 27.03 -23.02 -18.48
N ILE B 391 28.08 -22.22 -18.29
CA ILE B 391 29.12 -22.10 -19.30
C ILE B 391 29.79 -23.45 -19.48
N GLY B 392 29.76 -23.98 -20.70
CA GLY B 392 30.26 -25.29 -21.01
C GLY B 392 29.19 -26.28 -21.41
N ASP B 393 27.93 -26.02 -21.05
CA ASP B 393 26.84 -26.91 -21.41
C ASP B 393 26.59 -26.89 -22.91
N THR B 394 25.97 -27.97 -23.39
CA THR B 394 25.62 -28.12 -24.80
C THR B 394 24.20 -28.64 -24.89
N VAL B 395 23.40 -28.02 -25.77
CA VAL B 395 22.03 -28.44 -26.01
C VAL B 395 21.88 -28.72 -27.51
N SER B 396 20.71 -29.25 -27.87
CA SER B 396 20.43 -29.55 -29.27
C SER B 396 18.93 -29.44 -29.52
N PHE B 397 18.58 -29.29 -30.79
CA PHE B 397 17.20 -29.12 -31.20
C PHE B 397 16.91 -30.00 -32.42
N SER B 398 15.75 -30.63 -32.41
CA SER B 398 15.25 -31.38 -33.56
C SER B 398 14.27 -30.50 -34.32
N ILE B 399 14.52 -30.29 -35.61
CA ILE B 399 13.76 -29.35 -36.42
C ILE B 399 13.17 -30.11 -37.61
N GLU B 400 11.95 -29.73 -38.00
CA GLU B 400 11.29 -30.30 -39.16
C GLU B 400 10.69 -29.18 -40.00
N ALA B 401 11.04 -29.17 -41.29
CA ALA B 401 10.51 -28.20 -42.24
C ALA B 401 9.43 -28.87 -43.08
N LYS B 402 8.30 -28.18 -43.25
CA LYS B 402 7.16 -28.71 -43.98
C LYS B 402 6.77 -27.70 -45.06
N VAL B 403 6.92 -28.08 -46.32
CA VAL B 403 6.60 -27.22 -47.46
C VAL B 403 5.14 -27.41 -47.81
N ARG B 404 4.53 -26.35 -48.36
CA ARG B 404 3.12 -26.32 -48.71
C ARG B 404 3.02 -25.99 -50.19
N GLY B 405 2.59 -26.98 -51.00
CA GLY B 405 2.58 -26.80 -52.43
C GLY B 405 3.98 -26.87 -53.01
N CYS B 406 4.16 -26.24 -54.17
CA CYS B 406 5.51 -26.02 -54.71
C CYS B 406 5.63 -24.56 -55.17
N PRO B 407 6.56 -23.79 -54.64
CA PRO B 407 6.66 -22.38 -54.99
C PRO B 407 7.25 -22.17 -56.38
N GLN B 408 7.16 -20.92 -56.83
CA GLN B 408 7.68 -20.57 -58.15
C GLN B 408 9.19 -20.71 -58.20
N GLU B 409 9.89 -20.15 -57.22
CA GLU B 409 11.34 -20.27 -57.14
C GLU B 409 11.72 -21.59 -56.51
N LYS B 410 12.73 -22.24 -57.09
CA LYS B 410 13.16 -23.56 -56.65
C LYS B 410 14.38 -23.52 -55.74
N GLU B 411 14.97 -22.34 -55.54
CA GLU B 411 16.16 -22.20 -54.69
C GLU B 411 15.92 -21.07 -53.70
N LYS B 412 15.91 -21.41 -52.41
CA LYS B 412 15.82 -20.42 -51.35
C LYS B 412 16.69 -20.89 -50.18
N SER B 413 17.07 -19.95 -49.34
CA SER B 413 17.91 -20.26 -48.19
C SER B 413 17.55 -19.35 -47.03
N PHE B 414 17.47 -19.92 -45.83
CA PHE B 414 17.17 -19.19 -44.61
C PHE B 414 18.22 -19.54 -43.55
N THR B 415 18.17 -18.82 -42.44
CA THR B 415 19.16 -18.95 -41.38
C THR B 415 18.49 -19.28 -40.06
N ILE B 416 19.17 -20.10 -39.25
CA ILE B 416 18.76 -20.41 -37.88
C ILE B 416 19.93 -20.04 -36.98
N LYS B 417 19.70 -19.09 -36.07
CA LYS B 417 20.77 -18.50 -35.27
C LYS B 417 20.32 -18.30 -33.83
N PRO B 418 21.16 -18.66 -32.86
CA PRO B 418 20.85 -18.33 -31.46
C PRO B 418 21.04 -16.84 -31.21
N VAL B 419 20.21 -16.31 -30.30
CA VAL B 419 20.20 -14.88 -30.04
C VAL B 419 21.52 -14.46 -29.42
N GLY B 420 22.16 -13.45 -30.02
CA GLY B 420 23.43 -12.95 -29.55
C GLY B 420 24.64 -13.78 -29.95
N PHE B 421 24.44 -14.86 -30.68
CA PHE B 421 25.54 -15.72 -31.10
C PHE B 421 26.11 -15.26 -32.44
N LYS B 422 27.40 -15.51 -32.62
CA LYS B 422 28.04 -15.22 -33.90
C LYS B 422 27.65 -16.26 -34.95
N ASP B 423 27.85 -17.54 -34.63
CA ASP B 423 27.66 -18.61 -35.59
C ASP B 423 26.16 -18.84 -35.85
N SER B 424 25.89 -19.59 -36.92
CA SER B 424 24.50 -19.85 -37.33
C SER B 424 24.49 -21.05 -38.27
N LEU B 425 23.28 -21.59 -38.45
CA LEU B 425 23.05 -22.69 -39.39
C LEU B 425 22.32 -22.12 -40.61
N ILE B 426 22.93 -22.27 -41.78
CA ILE B 426 22.34 -21.84 -43.04
C ILE B 426 21.73 -23.07 -43.71
N VAL B 427 20.45 -23.00 -44.03
CA VAL B 427 19.73 -24.10 -44.66
C VAL B 427 19.45 -23.71 -46.10
N GLN B 428 20.13 -24.36 -47.03
CA GLN B 428 19.91 -24.15 -48.45
C GLN B 428 18.83 -25.12 -48.93
N VAL B 429 17.69 -24.58 -49.36
CA VAL B 429 16.53 -25.39 -49.74
C VAL B 429 16.42 -25.46 -51.25
N THR B 430 16.16 -26.67 -51.76
CA THR B 430 15.87 -26.90 -53.16
C THR B 430 14.53 -27.60 -53.26
N PHE B 431 13.63 -27.05 -54.07
CA PHE B 431 12.30 -27.62 -54.27
C PHE B 431 12.31 -28.46 -55.53
N ASP B 432 12.06 -29.76 -55.37
CA ASP B 432 12.12 -30.73 -56.45
C ASP B 432 10.70 -31.21 -56.76
N CYS B 433 10.01 -30.44 -57.61
CA CYS B 433 8.71 -30.85 -58.13
C CYS B 433 8.70 -30.95 -59.65
N ASP B 434 9.87 -31.18 -60.26
CA ASP B 434 10.00 -31.31 -61.70
C ASP B 434 10.54 -32.69 -62.05
N CYS B 435 10.21 -33.15 -63.26
CA CYS B 435 10.65 -34.45 -63.74
C CYS B 435 11.83 -34.28 -64.68
N ALA B 436 12.80 -35.19 -64.57
CA ALA B 436 14.01 -35.12 -65.40
C ALA B 436 13.67 -35.27 -66.88
N CYS B 437 12.61 -36.01 -67.20
CA CYS B 437 12.22 -36.19 -68.61
C CYS B 437 11.70 -34.91 -69.23
N GLN B 438 11.33 -33.91 -68.43
CA GLN B 438 10.83 -32.65 -68.98
C GLN B 438 11.95 -31.85 -69.65
N ALA B 439 13.21 -32.09 -69.29
CA ALA B 439 14.35 -31.42 -69.91
C ALA B 439 14.73 -32.02 -71.26
N GLN B 440 13.88 -32.88 -71.83
CA GLN B 440 14.14 -33.47 -73.14
C GLN B 440 12.81 -33.72 -73.85
N ALA B 441 11.93 -32.72 -73.82
CA ALA B 441 10.63 -32.81 -74.46
C ALA B 441 10.75 -32.62 -75.97
N GLU B 442 9.66 -32.91 -76.67
CA GLU B 442 9.58 -32.77 -78.12
C GLU B 442 8.49 -31.77 -78.47
N PRO B 443 8.84 -30.49 -78.64
CA PRO B 443 7.83 -29.51 -79.06
C PRO B 443 7.44 -29.72 -80.51
N ASN B 444 6.15 -29.55 -80.79
CA ASN B 444 5.58 -29.80 -82.11
C ASN B 444 5.93 -31.20 -82.61
N SER B 445 5.72 -32.18 -81.74
CA SER B 445 6.12 -33.54 -82.02
C SER B 445 5.19 -34.20 -83.04
N HIS B 446 5.77 -35.07 -83.87
CA HIS B 446 4.99 -35.81 -84.86
C HIS B 446 4.01 -36.77 -84.20
N ARG B 447 4.17 -37.07 -82.91
CA ARG B 447 3.29 -38.01 -82.22
C ARG B 447 2.03 -37.36 -81.67
N CYS B 448 2.00 -36.05 -81.52
CA CYS B 448 0.93 -35.36 -80.80
C CYS B 448 0.09 -34.53 -81.77
N ASN B 449 -0.99 -35.14 -82.26
CA ASN B 449 -2.01 -34.46 -83.06
C ASN B 449 -1.41 -33.82 -84.32
N ASN B 450 -0.36 -34.45 -84.86
CA ASN B 450 0.31 -33.98 -86.08
C ASN B 450 0.82 -32.55 -85.90
N GLY B 451 1.72 -32.38 -84.92
CA GLY B 451 2.41 -31.13 -84.71
C GLY B 451 1.73 -30.15 -83.79
N ASN B 452 0.49 -30.40 -83.38
CA ASN B 452 -0.24 -29.48 -82.51
C ASN B 452 -0.02 -29.74 -81.03
N GLY B 453 0.98 -30.53 -80.67
CA GLY B 453 1.22 -30.86 -79.28
C GLY B 453 2.68 -31.08 -78.99
N THR B 454 2.97 -31.34 -77.72
CA THR B 454 4.33 -31.57 -77.24
C THR B 454 4.40 -32.93 -76.56
N PHE B 455 5.45 -33.70 -76.89
CA PHE B 455 5.66 -35.03 -76.35
C PHE B 455 6.71 -34.94 -75.24
N GLU B 456 6.30 -35.22 -74.01
CA GLU B 456 7.23 -35.20 -72.88
C GLU B 456 6.83 -36.26 -71.87
N CYS B 457 7.85 -36.94 -71.33
CA CYS B 457 7.68 -37.95 -70.28
C CYS B 457 6.73 -39.06 -70.69
N GLY B 458 6.64 -39.33 -72.00
CA GLY B 458 5.86 -40.42 -72.52
C GLY B 458 4.49 -40.05 -73.03
N VAL B 459 3.92 -38.94 -72.56
CA VAL B 459 2.58 -38.54 -72.94
C VAL B 459 2.64 -37.26 -73.77
N CYS B 460 1.49 -36.87 -74.31
CA CYS B 460 1.37 -35.67 -75.13
C CYS B 460 0.72 -34.55 -74.32
N ARG B 461 1.33 -33.37 -74.35
CA ARG B 461 0.81 -32.19 -73.68
C ARG B 461 0.37 -31.15 -74.71
N CYS B 462 -0.63 -30.35 -74.35
CA CYS B 462 -1.11 -29.29 -75.23
C CYS B 462 -0.14 -28.14 -75.20
N GLY B 463 0.39 -27.77 -76.38
CA GLY B 463 1.48 -26.85 -76.47
C GLY B 463 1.10 -25.43 -76.08
N PRO B 464 2.07 -24.53 -76.17
CA PRO B 464 1.81 -23.13 -75.78
C PRO B 464 0.96 -22.42 -76.82
N GLY B 465 -0.05 -21.70 -76.34
CA GLY B 465 -0.96 -20.96 -77.20
C GLY B 465 -2.34 -21.57 -77.32
N TRP B 466 -2.55 -22.76 -76.80
CA TRP B 466 -3.85 -23.42 -76.88
C TRP B 466 -4.60 -23.34 -75.55
N LEU C 1 -22.92 -21.33 47.58
CA LEU C 1 -23.74 -21.22 48.78
C LEU C 1 -23.16 -22.06 49.92
N ASN C 2 -22.94 -23.35 49.65
CA ASN C 2 -22.58 -24.30 50.70
C ASN C 2 -21.21 -24.92 50.49
N LEU C 3 -20.27 -24.16 49.92
CA LEU C 3 -18.88 -24.58 49.88
C LEU C 3 -18.19 -24.15 51.18
N ASP C 4 -17.44 -25.07 51.77
CA ASP C 4 -16.73 -24.78 53.03
C ASP C 4 -15.48 -23.95 52.73
N PRO C 5 -15.42 -22.71 53.20
CA PRO C 5 -14.22 -21.87 53.01
C PRO C 5 -13.22 -21.91 54.16
N VAL C 6 -13.36 -22.83 55.11
CA VAL C 6 -12.50 -22.88 56.28
C VAL C 6 -11.49 -24.02 56.18
N GLN C 7 -11.95 -25.23 55.83
CA GLN C 7 -11.10 -26.41 55.76
C GLN C 7 -10.90 -26.78 54.30
N LEU C 8 -9.91 -26.16 53.67
CA LEU C 8 -9.61 -26.43 52.28
C LEU C 8 -8.56 -27.53 52.19
N THR C 9 -8.34 -28.02 50.98
CA THR C 9 -7.32 -29.01 50.68
C THR C 9 -6.40 -28.45 49.60
N PHE C 10 -5.10 -28.57 49.82
CA PHE C 10 -4.10 -27.99 48.93
C PHE C 10 -3.17 -29.07 48.42
N TYR C 11 -3.03 -29.15 47.10
CA TYR C 11 -1.99 -29.95 46.45
C TYR C 11 -0.96 -29.00 45.85
N ALA C 12 0.28 -29.47 45.73
CA ALA C 12 1.37 -28.59 45.35
C ALA C 12 2.34 -29.30 44.41
N GLY C 13 2.79 -28.58 43.38
CA GLY C 13 3.76 -29.09 42.45
C GLY C 13 5.12 -28.42 42.60
N PRO C 14 6.06 -28.76 41.72
CA PRO C 14 7.40 -28.17 41.81
C PRO C 14 7.39 -26.69 41.46
N ASN C 15 8.49 -26.03 41.82
CA ASN C 15 8.61 -24.60 41.58
C ASN C 15 8.71 -24.31 40.09
N GLY C 16 8.07 -23.22 39.67
CA GLY C 16 8.17 -22.80 38.28
C GLY C 16 7.57 -23.78 37.29
N SER C 17 6.79 -24.75 37.76
CA SER C 17 6.19 -25.74 36.89
C SER C 17 4.80 -25.34 36.39
N GLN C 18 4.21 -24.28 36.95
CA GLN C 18 2.86 -23.84 36.62
C GLN C 18 1.84 -24.95 36.85
N PHE C 19 2.10 -25.77 37.86
CA PHE C 19 1.16 -26.75 38.40
C PHE C 19 -0.16 -26.08 38.75
N GLY C 20 -1.22 -26.46 38.04
CA GLY C 20 -2.53 -25.88 38.22
C GLY C 20 -3.04 -25.10 37.02
N PHE C 21 -2.22 -24.96 35.97
CA PHE C 21 -2.65 -24.27 34.75
C PHE C 21 -3.91 -24.89 34.18
N SER C 22 -4.00 -26.22 34.23
CA SER C 22 -5.20 -26.95 33.83
C SER C 22 -5.43 -28.09 34.82
N LEU C 23 -6.66 -28.58 34.87
CA LEU C 23 -7.01 -29.66 35.79
C LEU C 23 -8.33 -30.28 35.36
N ASP C 24 -8.62 -31.45 35.92
CA ASP C 24 -9.89 -32.13 35.68
C ASP C 24 -10.06 -33.25 36.71
N PHE C 25 -11.32 -33.63 36.91
CA PHE C 25 -11.64 -34.82 37.69
C PHE C 25 -11.39 -36.06 36.84
N HIS C 26 -10.92 -37.13 37.48
CA HIS C 26 -10.66 -38.39 36.78
C HIS C 26 -11.18 -39.55 37.60
N LYS C 27 -12.01 -40.39 36.98
CA LYS C 27 -12.50 -41.62 37.57
C LYS C 27 -11.73 -42.80 37.01
N ASP C 28 -11.26 -43.68 37.89
CA ASP C 28 -10.63 -44.90 37.43
C ASP C 28 -11.72 -45.94 37.08
N SER C 29 -11.28 -47.13 36.68
CA SER C 29 -12.23 -48.18 36.33
C SER C 29 -13.03 -48.68 37.53
N HIS C 30 -12.69 -48.24 38.74
CA HIS C 30 -13.42 -48.62 39.94
C HIS C 30 -14.41 -47.56 40.40
N GLY C 31 -14.36 -46.36 39.85
CA GLY C 31 -15.19 -45.27 40.29
C GLY C 31 -14.56 -44.33 41.28
N ARG C 32 -13.28 -44.51 41.60
CA ARG C 32 -12.59 -43.66 42.55
C ARG C 32 -12.12 -42.38 41.87
N VAL C 33 -12.50 -41.23 42.43
CA VAL C 33 -12.24 -39.94 41.81
C VAL C 33 -10.86 -39.43 42.26
N ALA C 34 -10.06 -39.01 41.30
CA ALA C 34 -8.79 -38.34 41.54
C ALA C 34 -8.74 -37.05 40.73
N ILE C 35 -7.68 -36.28 40.93
CA ILE C 35 -7.48 -35.02 40.22
C ILE C 35 -6.24 -35.15 39.34
N VAL C 36 -6.41 -34.87 38.06
CA VAL C 36 -5.28 -34.77 37.13
C VAL C 36 -4.94 -33.30 36.97
N VAL C 37 -3.65 -32.97 37.11
CA VAL C 37 -3.18 -31.59 37.11
C VAL C 37 -2.11 -31.45 36.05
N GLY C 38 -2.24 -30.41 35.22
CA GLY C 38 -1.22 -30.07 34.24
C GLY C 38 -0.25 -29.04 34.79
N ALA C 39 1.02 -29.19 34.43
CA ALA C 39 2.07 -28.28 34.85
C ALA C 39 2.96 -27.98 33.64
N PRO C 40 2.54 -27.06 32.77
CA PRO C 40 3.15 -26.93 31.44
C PRO C 40 4.59 -26.44 31.43
N ARG C 41 5.19 -26.10 32.57
CA ARG C 41 6.59 -25.67 32.57
C ARG C 41 7.48 -26.56 33.43
N THR C 42 6.99 -27.76 33.78
CA THR C 42 7.80 -28.73 34.50
C THR C 42 9.07 -29.05 33.70
N LEU C 43 10.18 -29.21 34.41
CA LEU C 43 11.46 -29.50 33.77
C LEU C 43 11.46 -30.92 33.19
N GLY C 44 12.03 -31.05 32.00
CA GLY C 44 12.19 -32.33 31.37
C GLY C 44 13.53 -32.95 31.68
N PRO C 45 13.79 -34.14 31.15
CA PRO C 45 15.09 -34.79 31.40
C PRO C 45 16.25 -34.04 30.77
N SER C 46 15.99 -33.28 29.71
CA SER C 46 17.01 -32.49 29.02
C SER C 46 17.37 -31.22 29.77
N GLN C 47 16.87 -31.04 31.00
CA GLN C 47 17.03 -29.83 31.79
C GLN C 47 16.39 -28.61 31.11
N GLU C 48 15.49 -28.85 30.18
CA GLU C 48 14.66 -27.81 29.60
C GLU C 48 13.23 -27.97 30.09
N GLU C 49 12.45 -26.92 29.91
CA GLU C 49 11.03 -27.00 30.18
C GLU C 49 10.36 -27.84 29.10
N THR C 50 9.59 -28.84 29.52
CA THR C 50 8.75 -29.61 28.61
C THR C 50 7.32 -29.72 29.10
N GLY C 51 7.04 -29.36 30.35
CA GLY C 51 5.74 -29.57 30.93
C GLY C 51 5.60 -30.96 31.53
N GLY C 52 4.50 -31.16 32.24
CA GLY C 52 4.27 -32.43 32.89
C GLY C 52 2.83 -32.55 33.33
N VAL C 53 2.48 -33.78 33.73
CA VAL C 53 1.14 -34.11 34.19
C VAL C 53 1.26 -34.81 35.54
N PHE C 54 0.28 -34.57 36.40
CA PHE C 54 0.26 -35.18 37.72
C PHE C 54 -1.13 -35.73 37.99
N LEU C 55 -1.19 -36.86 38.69
CA LEU C 55 -2.44 -37.54 39.01
C LEU C 55 -2.56 -37.59 40.53
N CYS C 56 -3.33 -36.65 41.08
CA CYS C 56 -3.41 -36.48 42.53
C CYS C 56 -4.51 -37.37 43.10
N PRO C 57 -4.18 -38.35 43.92
CA PRO C 57 -5.23 -39.14 44.57
C PRO C 57 -5.89 -38.35 45.69
N TRP C 58 -7.20 -38.53 45.84
CA TRP C 58 -7.96 -37.72 46.79
C TRP C 58 -7.53 -38.02 48.22
N ARG C 59 -6.99 -36.99 48.88
CA ARG C 59 -6.67 -37.04 50.29
C ARG C 59 -7.10 -35.72 50.90
N ALA C 60 -7.84 -35.75 52.01
CA ALA C 60 -8.27 -34.53 52.65
C ALA C 60 -7.09 -33.66 53.10
N GLU C 61 -5.93 -34.26 53.31
CA GLU C 61 -4.73 -33.53 53.72
C GLU C 61 -3.98 -32.94 52.53
N GLY C 62 -4.29 -33.39 51.32
CA GLY C 62 -3.60 -32.86 50.15
C GLY C 62 -2.17 -33.34 50.07
N GLY C 63 -1.28 -32.46 49.62
CA GLY C 63 0.14 -32.78 49.55
C GLY C 63 0.67 -32.95 48.15
N GLN C 64 1.72 -33.77 48.02
CA GLN C 64 2.37 -34.01 46.75
C GLN C 64 1.65 -35.09 45.96
N CYS C 65 1.91 -35.12 44.65
CA CYS C 65 1.23 -36.03 43.74
C CYS C 65 2.23 -36.80 42.90
N PRO C 66 1.89 -38.01 42.48
CA PRO C 66 2.75 -38.73 41.53
C PRO C 66 2.59 -38.15 40.13
N SER C 67 3.65 -38.24 39.35
CA SER C 67 3.62 -37.77 37.97
C SER C 67 3.08 -38.86 37.06
N LEU C 68 2.39 -38.42 36.00
CA LEU C 68 1.91 -39.31 34.95
C LEU C 68 2.91 -39.23 33.80
N LEU C 69 3.71 -40.27 33.65
CA LEU C 69 4.89 -40.21 32.79
C LEU C 69 4.54 -40.32 31.32
N PHE C 70 5.21 -39.51 30.51
CA PHE C 70 5.11 -39.57 29.06
C PHE C 70 6.51 -39.53 28.46
N ASP C 71 6.59 -39.92 27.19
CA ASP C 71 7.86 -39.89 26.47
C ASP C 71 8.19 -38.45 26.10
N LEU C 72 9.38 -38.00 26.47
CA LEU C 72 9.81 -36.63 26.25
C LEU C 72 11.02 -36.53 25.33
N ARG C 73 11.25 -37.53 24.49
CA ARG C 73 12.36 -37.51 23.56
C ARG C 73 11.99 -36.80 22.27
N ASP C 74 12.94 -36.06 21.71
CA ASP C 74 12.79 -35.54 20.35
C ASP C 74 13.01 -36.68 19.37
N GLU C 75 12.09 -36.83 18.43
CA GLU C 75 12.04 -37.98 17.54
C GLU C 75 12.46 -37.59 16.12
N THR C 76 13.15 -38.52 15.46
CA THR C 76 13.62 -38.34 14.09
C THR C 76 13.34 -39.61 13.30
N ARG C 77 12.74 -39.46 12.12
CA ARG C 77 12.52 -40.58 11.22
C ARG C 77 12.94 -40.20 9.81
N ASN C 78 13.90 -40.94 9.26
CA ASN C 78 14.32 -40.79 7.87
C ASN C 78 13.52 -41.79 7.04
N VAL C 79 12.57 -41.29 6.26
CA VAL C 79 11.66 -42.14 5.50
C VAL C 79 11.21 -41.38 4.26
N GLY C 80 11.03 -42.11 3.17
CA GLY C 80 10.58 -41.49 1.92
C GLY C 80 11.49 -40.39 1.44
N SER C 81 12.80 -40.55 1.62
CA SER C 81 13.80 -39.55 1.28
C SER C 81 13.57 -38.23 2.00
N GLN C 82 12.80 -38.25 3.08
CA GLN C 82 12.52 -37.08 3.90
C GLN C 82 12.96 -37.35 5.34
N THR C 83 13.03 -36.28 6.13
CA THR C 83 13.41 -36.37 7.54
C THR C 83 12.31 -35.74 8.38
N LEU C 84 11.64 -36.55 9.20
CA LEU C 84 10.59 -36.08 10.10
C LEU C 84 11.19 -35.80 11.46
N GLN C 85 10.86 -34.64 12.04
CA GLN C 85 11.47 -34.20 13.29
C GLN C 85 10.39 -33.67 14.23
N THR C 86 10.47 -34.07 15.49
CA THR C 86 9.63 -33.51 16.55
C THR C 86 10.51 -32.79 17.55
N PHE C 87 9.93 -31.76 18.18
CA PHE C 87 10.65 -30.92 19.13
C PHE C 87 9.75 -30.62 20.32
N LYS C 88 10.16 -31.09 21.51
CA LYS C 88 9.32 -31.00 22.70
C LYS C 88 9.81 -29.99 23.72
N ALA C 89 10.97 -29.36 23.49
CA ALA C 89 11.41 -28.29 24.38
C ALA C 89 10.41 -27.14 24.37
N ARG C 90 10.01 -26.69 25.56
CA ARG C 90 9.02 -25.64 25.75
CA ARG C 90 9.02 -25.63 25.74
C ARG C 90 7.69 -25.96 25.06
N GLN C 91 7.39 -27.24 24.86
CA GLN C 91 6.13 -27.64 24.24
C GLN C 91 4.93 -27.34 25.12
N GLY C 92 5.13 -27.24 26.44
CA GLY C 92 4.04 -26.93 27.33
C GLY C 92 3.09 -28.07 27.59
N LEU C 93 3.62 -29.29 27.74
CA LEU C 93 2.78 -30.44 28.06
C LEU C 93 2.03 -30.19 29.37
N GLY C 94 0.71 -30.33 29.32
CA GLY C 94 -0.13 -30.01 30.45
C GLY C 94 -0.82 -28.67 30.39
N ALA C 95 -0.72 -27.97 29.25
CA ALA C 95 -1.45 -26.71 29.10
C ALA C 95 -2.96 -26.94 29.02
N SER C 96 -3.39 -28.14 28.65
CA SER C 96 -4.77 -28.56 28.79
C SER C 96 -4.79 -30.04 29.14
N VAL C 97 -5.71 -30.42 30.02
CA VAL C 97 -5.92 -31.82 30.39
C VAL C 97 -7.42 -32.06 30.47
N VAL C 98 -7.84 -33.27 30.07
CA VAL C 98 -9.24 -33.66 30.13
C VAL C 98 -9.29 -35.16 30.35
N SER C 99 -10.32 -35.60 31.08
CA SER C 99 -10.50 -37.01 31.39
C SER C 99 -11.82 -37.50 30.78
N TRP C 100 -11.80 -38.74 30.28
CA TRP C 100 -13.00 -39.40 29.79
C TRP C 100 -12.84 -40.89 30.04
N SER C 101 -13.81 -41.49 30.71
CA SER C 101 -13.80 -42.91 31.07
C SER C 101 -12.57 -43.15 31.95
N ASP C 102 -11.66 -44.05 31.59
CA ASP C 102 -10.41 -44.25 32.32
C ASP C 102 -9.22 -43.75 31.53
N VAL C 103 -9.42 -42.72 30.72
CA VAL C 103 -8.39 -42.18 29.83
C VAL C 103 -8.15 -40.73 30.19
N ILE C 104 -6.88 -40.31 30.13
CA ILE C 104 -6.47 -38.92 30.33
C ILE C 104 -5.83 -38.43 29.04
N VAL C 105 -6.25 -37.25 28.58
CA VAL C 105 -5.68 -36.61 27.41
C VAL C 105 -4.99 -35.32 27.89
N ALA C 106 -3.67 -35.28 27.76
CA ALA C 106 -2.89 -34.09 28.03
C ALA C 106 -2.21 -33.63 26.74
N CYS C 107 -2.25 -32.33 26.49
CA CYS C 107 -1.81 -31.77 25.23
C CYS C 107 -0.66 -30.79 25.44
N ALA C 108 0.16 -30.66 24.40
CA ALA C 108 1.31 -29.75 24.36
C ALA C 108 1.15 -28.87 23.13
N PRO C 109 0.40 -27.77 23.24
CA PRO C 109 0.07 -26.99 22.04
C PRO C 109 1.25 -26.33 21.37
N TRP C 110 2.41 -26.26 22.02
CA TRP C 110 3.58 -25.60 21.43
C TRP C 110 4.69 -26.59 21.09
N GLN C 111 4.36 -27.87 20.97
CA GLN C 111 5.31 -28.83 20.41
C GLN C 111 5.55 -28.51 18.95
N HIS C 112 6.82 -28.47 18.54
CA HIS C 112 7.19 -28.09 17.20
C HIS C 112 7.43 -29.31 16.32
N TRP C 113 7.59 -29.05 15.02
CA TRP C 113 7.62 -30.08 14.00
C TRP C 113 8.29 -29.52 12.76
N ASN C 114 9.05 -30.35 12.07
CA ASN C 114 9.68 -29.94 10.83
C ASN C 114 9.93 -31.16 9.97
N VAL C 115 10.05 -30.93 8.66
CA VAL C 115 10.35 -31.97 7.69
C VAL C 115 11.46 -31.46 6.79
N LEU C 116 12.49 -32.28 6.58
CA LEU C 116 13.65 -31.90 5.79
C LEU C 116 13.71 -32.73 4.51
N GLU C 117 14.08 -32.09 3.41
CA GLU C 117 14.23 -32.76 2.12
C GLU C 117 15.34 -32.05 1.35
N LYS C 118 16.55 -32.58 1.45
CA LYS C 118 17.76 -31.99 0.88
C LYS C 118 17.98 -30.59 1.45
N THR C 119 17.80 -29.55 0.65
CA THR C 119 18.00 -28.18 1.11
C THR C 119 16.69 -27.48 1.46
N GLU C 120 15.55 -28.08 1.15
CA GLU C 120 14.26 -27.49 1.45
C GLU C 120 13.72 -28.02 2.77
N GLU C 121 12.60 -27.44 3.21
CA GLU C 121 12.00 -27.81 4.48
C GLU C 121 10.54 -27.37 4.49
N ALA C 122 9.81 -27.91 5.47
CA ALA C 122 8.42 -27.50 5.69
C ALA C 122 8.32 -26.27 6.57
N GLU C 123 9.41 -25.91 7.26
CA GLU C 123 9.52 -24.89 8.30
C GLU C 123 9.20 -25.47 9.67
N LYS C 124 9.98 -25.07 10.69
CA LYS C 124 9.87 -25.60 12.05
C LYS C 124 8.79 -24.80 12.76
N THR C 125 7.61 -25.39 12.93
CA THR C 125 6.42 -24.69 13.37
C THR C 125 5.72 -25.45 14.48
N PRO C 126 4.91 -24.75 15.31
CA PRO C 126 4.18 -25.41 16.42
C PRO C 126 2.82 -26.02 16.06
N VAL C 127 2.87 -27.22 15.50
CA VAL C 127 1.63 -27.93 15.15
C VAL C 127 0.91 -28.44 16.39
N GLY C 128 1.61 -28.57 17.52
CA GLY C 128 1.01 -29.11 18.72
C GLY C 128 0.88 -30.61 18.67
N SER C 129 0.55 -31.21 19.81
CA SER C 129 0.38 -32.65 19.93
C SER C 129 -0.27 -32.96 21.25
N CYS C 130 -1.06 -34.04 21.29
CA CYS C 130 -1.73 -34.48 22.49
C CYS C 130 -1.26 -35.87 22.88
N PHE C 131 -1.08 -36.09 24.18
CA PHE C 131 -0.66 -37.36 24.74
C PHE C 131 -1.84 -38.01 25.45
N LEU C 132 -2.11 -39.27 25.12
CA LEU C 132 -3.20 -40.02 25.71
C LEU C 132 -2.64 -41.14 26.58
N ALA C 133 -3.15 -41.25 27.80
CA ALA C 133 -2.69 -42.24 28.76
C ALA C 133 -3.87 -42.98 29.35
N GLN C 134 -3.72 -44.30 29.49
CA GLN C 134 -4.64 -45.12 30.27
C GLN C 134 -3.92 -45.55 31.54
N PRO C 135 -4.10 -44.84 32.66
CA PRO C 135 -3.20 -45.03 33.80
C PRO C 135 -3.14 -46.45 34.35
N GLU C 136 -4.28 -47.13 34.45
CA GLU C 136 -4.28 -48.45 35.09
C GLU C 136 -3.61 -49.51 34.22
N SER C 137 -3.66 -49.35 32.90
CA SER C 137 -3.05 -50.32 32.00
C SER C 137 -1.64 -49.94 31.56
N GLY C 138 -1.26 -48.68 31.69
CA GLY C 138 0.02 -48.21 31.21
C GLY C 138 0.06 -47.85 29.75
N ARG C 139 -1.03 -48.04 29.02
CA ARG C 139 -1.02 -47.80 27.59
C ARG C 139 -0.85 -46.32 27.28
N ARG C 140 -0.30 -46.04 26.09
CA ARG C 140 0.00 -44.69 25.65
C ARG C 140 -0.30 -44.56 24.17
N ALA C 141 -0.67 -43.35 23.77
CA ALA C 141 -0.91 -43.04 22.36
C ALA C 141 -0.84 -41.53 22.19
N GLU C 142 -0.58 -41.10 20.95
CA GLU C 142 -0.45 -39.70 20.64
C GLU C 142 -1.37 -39.34 19.49
N TYR C 143 -1.63 -38.04 19.35
CA TYR C 143 -2.51 -37.54 18.29
C TYR C 143 -2.04 -36.15 17.92
N SER C 144 -1.54 -35.99 16.69
CA SER C 144 -1.06 -34.71 16.18
C SER C 144 -1.65 -34.52 14.79
N PRO C 145 -2.90 -34.07 14.70
CA PRO C 145 -3.59 -34.07 13.40
C PRO C 145 -3.12 -33.01 12.42
N CYS C 146 -2.18 -32.15 12.78
CA CYS C 146 -1.75 -31.07 11.90
C CYS C 146 -0.35 -31.26 11.34
N ARG C 147 0.35 -32.31 11.73
CA ARG C 147 1.63 -32.62 11.10
C ARG C 147 1.43 -32.90 9.61
N GLY C 148 2.43 -32.52 8.82
CA GLY C 148 2.38 -32.72 7.38
C GLY C 148 3.78 -32.93 6.84
N ASN C 149 3.84 -33.15 5.52
CA ASN C 149 5.11 -33.35 4.83
C ASN C 149 5.26 -32.47 3.60
N THR C 150 4.49 -31.39 3.51
CA THR C 150 4.61 -30.47 2.39
C THR C 150 5.76 -29.51 2.61
N LEU C 151 6.51 -29.21 1.54
CA LEU C 151 7.63 -28.31 1.66
C LEU C 151 7.16 -26.85 1.59
N SER C 152 8.01 -25.96 2.10
CA SER C 152 7.64 -24.55 2.23
C SER C 152 7.29 -23.93 0.88
N ARG C 153 8.07 -24.25 -0.15
CA ARG C 153 7.84 -23.70 -1.48
C ARG C 153 6.42 -23.95 -1.97
N ILE C 154 5.82 -25.07 -1.59
CA ILE C 154 4.51 -25.43 -2.12
C ILE C 154 3.42 -24.54 -1.55
N TYR C 155 3.49 -24.22 -0.25
CA TYR C 155 2.50 -23.31 0.32
C TYR C 155 2.53 -21.95 -0.35
N VAL C 156 3.71 -21.50 -0.78
CA VAL C 156 3.81 -20.23 -1.48
C VAL C 156 3.09 -20.29 -2.81
N GLU C 157 3.25 -21.39 -3.56
CA GLU C 157 2.62 -21.52 -4.87
C GLU C 157 1.10 -21.55 -4.78
N ASN C 158 0.53 -21.88 -3.62
CA ASN C 158 -0.91 -22.05 -3.48
C ASN C 158 -1.52 -21.04 -2.52
N ASP C 159 -0.87 -19.89 -2.33
CA ASP C 159 -1.40 -18.80 -1.52
C ASP C 159 -1.72 -19.26 -0.10
N PHE C 160 -0.86 -20.12 0.44
CA PHE C 160 -0.91 -20.54 1.84
C PHE C 160 -2.27 -21.12 2.22
N SER C 161 -2.93 -21.77 1.27
CA SER C 161 -4.19 -22.43 1.56
C SER C 161 -3.95 -23.73 2.32
N TRP C 162 -4.89 -24.05 3.21
CA TRP C 162 -4.85 -25.28 4.01
C TRP C 162 -3.50 -25.46 4.69
N ASP C 163 -3.06 -24.39 5.34
CA ASP C 163 -1.76 -24.34 6.01
C ASP C 163 -1.97 -24.65 7.49
N LYS C 164 -1.72 -25.89 7.87
CA LYS C 164 -1.93 -26.36 9.23
C LYS C 164 -0.66 -26.40 10.06
N ARG C 165 0.35 -25.61 9.70
CA ARG C 165 1.66 -25.73 10.33
C ARG C 165 1.72 -25.07 11.71
N TYR C 166 0.83 -24.13 12.01
CA TYR C 166 0.88 -23.40 13.27
C TYR C 166 -0.32 -23.71 14.14
N CYS C 167 -0.91 -24.90 13.95
CA CYS C 167 -2.19 -25.26 14.58
C CYS C 167 -2.20 -24.99 16.08
N GLU C 168 -1.15 -25.46 16.77
CA GLU C 168 -1.16 -25.54 18.23
C GLU C 168 -2.35 -26.37 18.72
N ALA C 169 -2.57 -27.50 18.05
CA ALA C 169 -3.66 -28.41 18.42
C ALA C 169 -3.53 -28.83 19.87
N GLY C 170 -4.66 -28.81 20.58
CA GLY C 170 -4.68 -29.11 21.99
C GLY C 170 -4.67 -27.90 22.89
N PHE C 171 -4.53 -26.70 22.31
CA PHE C 171 -4.72 -25.45 23.04
C PHE C 171 -5.95 -25.52 23.93
N SER C 172 -7.05 -26.02 23.37
CA SER C 172 -8.25 -26.36 24.11
C SER C 172 -8.67 -27.77 23.72
N SER C 173 -9.47 -28.40 24.58
CA SER C 173 -9.87 -29.78 24.30
C SER C 173 -11.13 -30.12 25.08
N VAL C 174 -11.82 -31.15 24.60
CA VAL C 174 -13.08 -31.63 25.14
C VAL C 174 -13.34 -33.00 24.55
N VAL C 175 -14.08 -33.86 25.26
CA VAL C 175 -14.40 -35.19 24.78
C VAL C 175 -15.92 -35.38 24.88
N THR C 176 -16.53 -35.79 23.77
CA THR C 176 -17.95 -36.08 23.78
C THR C 176 -18.25 -37.29 24.67
N GLN C 177 -19.52 -37.41 25.06
CA GLN C 177 -19.94 -38.54 25.87
C GLN C 177 -19.72 -39.87 25.15
N ALA C 178 -19.79 -39.87 23.82
CA ALA C 178 -19.51 -41.06 23.04
C ALA C 178 -18.02 -41.32 22.87
N GLY C 179 -17.16 -40.45 23.38
CA GLY C 179 -15.73 -40.67 23.33
C GLY C 179 -15.02 -40.11 22.12
N GLU C 180 -15.48 -39.00 21.55
CA GLU C 180 -14.82 -38.35 20.44
C GLU C 180 -14.00 -37.19 20.99
N LEU C 181 -12.69 -37.23 20.74
CA LEU C 181 -11.82 -36.13 21.16
C LEU C 181 -11.96 -34.98 20.17
N VAL C 182 -12.15 -33.78 20.69
CA VAL C 182 -12.29 -32.57 19.88
C VAL C 182 -11.24 -31.57 20.36
N LEU C 183 -10.32 -31.20 19.47
CA LEU C 183 -9.22 -30.31 19.80
C LEU C 183 -9.41 -28.95 19.14
N GLY C 184 -9.17 -27.89 19.91
CA GLY C 184 -9.10 -26.55 19.35
C GLY C 184 -7.67 -26.25 18.93
N ALA C 185 -7.54 -25.61 17.76
CA ALA C 185 -6.24 -25.26 17.19
C ALA C 185 -6.30 -23.83 16.69
N PRO C 186 -6.14 -22.86 17.59
CA PRO C 186 -6.37 -21.45 17.21
C PRO C 186 -5.40 -20.92 16.18
N GLY C 187 -4.28 -21.60 15.95
CA GLY C 187 -3.33 -21.20 14.93
C GLY C 187 -3.52 -21.86 13.58
N GLY C 188 -4.61 -22.62 13.40
CA GLY C 188 -4.78 -23.38 12.18
C GLY C 188 -5.19 -22.51 11.00
N TYR C 189 -4.81 -22.96 9.81
CA TYR C 189 -5.08 -22.27 8.54
C TYR C 189 -4.58 -20.83 8.59
N TYR C 190 -3.30 -20.69 8.93
CA TYR C 190 -2.62 -19.40 9.03
C TYR C 190 -3.37 -18.46 9.98
N PHE C 191 -3.69 -19.00 11.16
CA PHE C 191 -4.20 -18.29 12.33
C PHE C 191 -5.67 -17.93 12.23
N LEU C 192 -6.42 -18.55 11.29
CA LEU C 192 -7.87 -18.48 11.36
C LEU C 192 -8.38 -19.33 12.52
N GLY C 193 -7.86 -20.53 12.65
CA GLY C 193 -8.23 -21.48 13.68
C GLY C 193 -9.00 -22.63 13.06
N LEU C 194 -8.86 -23.81 13.65
CA LEU C 194 -9.57 -24.99 13.18
C LEU C 194 -9.83 -25.91 14.35
N LEU C 195 -10.68 -26.91 14.10
CA LEU C 195 -11.01 -27.96 15.06
C LEU C 195 -10.66 -29.31 14.46
N ALA C 196 -10.12 -30.20 15.29
CA ALA C 196 -9.78 -31.56 14.86
C ALA C 196 -10.47 -32.55 15.80
N GLN C 197 -11.08 -33.57 15.21
CA GLN C 197 -11.89 -34.53 15.94
C GLN C 197 -11.55 -35.95 15.51
N ALA C 198 -11.47 -36.85 16.47
CA ALA C 198 -11.24 -38.26 16.20
C ALA C 198 -11.68 -39.08 17.40
N PRO C 199 -12.20 -40.30 17.18
CA PRO C 199 -12.58 -41.13 18.32
C PRO C 199 -11.36 -41.59 19.10
N VAL C 200 -11.50 -41.60 20.43
CA VAL C 200 -10.37 -41.97 21.29
C VAL C 200 -9.93 -43.39 21.01
N ALA C 201 -10.89 -44.30 20.83
CA ALA C 201 -10.56 -45.69 20.54
C ALA C 201 -9.74 -45.82 19.26
N ASP C 202 -10.06 -44.99 18.25
CA ASP C 202 -9.33 -45.06 16.98
C ASP C 202 -7.94 -44.44 17.08
N ILE C 203 -7.76 -43.45 17.95
CA ILE C 203 -6.43 -42.89 18.19
C ILE C 203 -5.51 -43.96 18.77
N PHE C 204 -6.03 -44.76 19.70
CA PHE C 204 -5.21 -45.79 20.34
C PHE C 204 -4.84 -46.90 19.38
N SER C 205 -5.80 -47.37 18.58
CA SER C 205 -5.57 -48.53 17.73
C SER C 205 -4.72 -48.22 16.51
N SER C 206 -4.65 -46.96 16.10
CA SER C 206 -3.90 -46.58 14.90
C SER C 206 -2.51 -46.04 15.22
N TYR C 207 -2.22 -45.75 16.48
CA TYR C 207 -0.92 -45.21 16.86
C TYR C 207 0.10 -46.32 17.04
N ARG C 208 1.33 -46.05 16.62
CA ARG C 208 2.50 -46.87 16.91
C ARG C 208 3.66 -45.93 17.14
N PRO C 209 4.55 -46.25 18.08
CA PRO C 209 5.69 -45.35 18.34
C PRO C 209 6.69 -45.37 17.19
N GLY C 210 7.14 -44.18 16.81
CA GLY C 210 8.16 -44.01 15.80
C GLY C 210 7.64 -43.66 14.41
N ILE C 211 6.33 -43.84 14.17
CA ILE C 211 5.79 -43.56 12.85
C ILE C 211 5.72 -42.06 12.60
N LEU C 212 5.34 -41.29 13.62
CA LEU C 212 5.30 -39.83 13.59
C LEU C 212 4.20 -39.29 12.67
N LEU C 213 4.10 -39.83 11.46
CA LEU C 213 3.13 -39.37 10.47
C LEU C 213 2.26 -40.56 10.06
N TRP C 214 1.01 -40.57 10.52
CA TRP C 214 0.13 -41.70 10.27
C TRP C 214 -1.30 -41.21 10.04
N HIS C 215 -2.10 -42.07 9.42
CA HIS C 215 -3.47 -41.75 9.06
C HIS C 215 -4.44 -42.20 10.15
N VAL C 216 -5.40 -41.32 10.45
CA VAL C 216 -6.55 -41.67 11.30
C VAL C 216 -7.78 -41.43 10.45
N SER C 217 -8.24 -42.48 9.76
CA SER C 217 -9.24 -42.30 8.71
C SER C 217 -10.55 -41.76 9.24
N SER C 218 -10.89 -42.06 10.50
CA SER C 218 -12.14 -41.59 11.07
C SER C 218 -12.07 -40.15 11.57
N GLN C 219 -10.95 -39.46 11.39
CA GLN C 219 -10.85 -38.11 11.89
C GLN C 219 -11.58 -37.14 10.94
N SER C 220 -11.86 -35.95 11.46
CA SER C 220 -12.61 -34.93 10.75
C SER C 220 -12.12 -33.57 11.19
N LEU C 221 -11.77 -32.72 10.23
CA LEU C 221 -11.22 -31.41 10.52
C LEU C 221 -12.13 -30.33 9.93
N SER C 222 -12.15 -29.18 10.59
CA SER C 222 -12.90 -28.04 10.07
C SER C 222 -12.17 -27.46 8.86
N PHE C 223 -12.69 -26.38 8.32
CA PHE C 223 -12.33 -25.95 6.97
C PHE C 223 -11.71 -24.56 6.98
N ASP C 224 -10.97 -24.29 5.90
CA ASP C 224 -10.41 -22.97 5.67
C ASP C 224 -11.51 -22.00 5.26
N SER C 225 -11.14 -20.73 5.08
CA SER C 225 -12.11 -19.72 4.71
C SER C 225 -11.41 -18.58 3.99
N SER C 226 -12.10 -17.98 3.02
CA SER C 226 -11.62 -16.77 2.35
C SER C 226 -12.33 -15.52 2.86
N ASN C 227 -13.23 -15.66 3.82
CA ASN C 227 -13.94 -14.54 4.42
C ASN C 227 -13.00 -13.80 5.36
N PRO C 228 -12.65 -12.55 5.07
CA PRO C 228 -11.73 -11.81 5.95
C PRO C 228 -12.24 -11.65 7.36
N GLU C 229 -13.54 -11.82 7.61
CA GLU C 229 -14.06 -11.79 8.97
C GLU C 229 -13.37 -12.81 9.87
N TYR C 230 -12.90 -13.92 9.29
CA TYR C 230 -12.30 -14.99 10.07
C TYR C 230 -10.79 -14.88 10.21
N PHE C 231 -10.15 -13.95 9.50
CA PHE C 231 -8.70 -13.83 9.56
C PHE C 231 -8.25 -13.47 10.98
N ASP C 232 -7.29 -14.23 11.50
CA ASP C 232 -6.65 -13.97 12.79
C ASP C 232 -7.62 -14.13 13.98
N GLY C 233 -8.72 -14.85 13.80
CA GLY C 233 -9.75 -14.96 14.80
C GLY C 233 -9.51 -15.96 15.92
N TYR C 234 -8.46 -16.76 15.84
CA TYR C 234 -8.13 -17.78 16.85
C TYR C 234 -9.34 -18.66 17.17
N TRP C 235 -10.10 -18.99 16.13
CA TRP C 235 -11.16 -20.00 16.21
C TRP C 235 -10.61 -21.28 16.83
N GLY C 236 -11.21 -21.69 17.94
CA GLY C 236 -10.71 -22.82 18.70
C GLY C 236 -9.88 -22.47 19.92
N TYR C 237 -9.85 -21.19 20.30
CA TYR C 237 -9.21 -20.78 21.55
C TYR C 237 -9.84 -21.46 22.75
N SER C 238 -11.13 -21.75 22.67
CA SER C 238 -11.86 -22.52 23.66
C SER C 238 -12.86 -23.40 22.94
N VAL C 239 -13.37 -24.43 23.63
CA VAL C 239 -14.25 -25.40 23.00
C VAL C 239 -15.05 -26.13 24.07
N ALA C 240 -16.27 -26.53 23.71
CA ALA C 240 -17.17 -27.28 24.59
C ALA C 240 -18.16 -28.02 23.70
N VAL C 241 -18.96 -28.88 24.31
CA VAL C 241 -19.96 -29.66 23.61
C VAL C 241 -21.29 -29.55 24.35
N GLY C 242 -22.38 -29.72 23.61
CA GLY C 242 -23.71 -29.60 24.20
C GLY C 242 -24.77 -30.02 23.19
N GLU C 243 -26.02 -29.89 23.63
CA GLU C 243 -27.18 -30.25 22.82
C GLU C 243 -27.98 -28.98 22.51
N PHE C 244 -28.03 -28.62 21.23
CA PHE C 244 -28.68 -27.39 20.81
C PHE C 244 -29.55 -27.51 19.56
N ASP C 245 -29.65 -28.68 18.94
CA ASP C 245 -30.40 -28.81 17.70
C ASP C 245 -31.67 -29.66 17.85
N GLY C 246 -31.99 -30.11 19.06
CA GLY C 246 -33.17 -30.90 19.30
C GLY C 246 -33.00 -32.39 19.07
N ASP C 247 -32.16 -32.77 18.12
CA ASP C 247 -31.88 -34.19 17.88
C ASP C 247 -30.90 -34.69 18.93
N LEU C 248 -31.34 -35.66 19.73
CA LEU C 248 -30.49 -36.24 20.76
C LEU C 248 -29.45 -37.19 20.21
N ASN C 249 -29.55 -37.58 18.94
CA ASN C 249 -28.54 -38.44 18.33
C ASN C 249 -27.27 -37.66 18.01
N THR C 250 -27.42 -36.39 17.62
CA THR C 250 -26.31 -35.57 17.18
C THR C 250 -25.69 -34.83 18.36
N THR C 251 -24.40 -34.54 18.24
CA THR C 251 -23.67 -33.76 19.24
C THR C 251 -23.18 -32.46 18.59
N GLU C 252 -23.50 -31.34 19.22
CA GLU C 252 -23.15 -30.02 18.71
C GLU C 252 -21.91 -29.50 19.42
N TYR C 253 -21.06 -28.79 18.68
CA TYR C 253 -19.86 -28.19 19.23
C TYR C 253 -20.07 -26.71 19.50
N VAL C 254 -19.28 -26.17 20.42
CA VAL C 254 -19.28 -24.76 20.76
C VAL C 254 -17.84 -24.27 20.72
N VAL C 255 -17.58 -23.29 19.87
CA VAL C 255 -16.23 -22.80 19.62
C VAL C 255 -16.16 -21.31 19.92
N GLY C 256 -15.13 -20.90 20.65
CA GLY C 256 -14.87 -19.49 20.89
C GLY C 256 -13.79 -18.99 19.94
N ALA C 257 -14.05 -17.86 19.31
CA ALA C 257 -13.09 -17.18 18.43
C ALA C 257 -12.97 -15.76 18.93
N PRO C 258 -12.13 -15.52 19.93
CA PRO C 258 -12.16 -14.24 20.65
C PRO C 258 -11.53 -13.06 19.92
N THR C 259 -10.90 -13.26 18.77
CA THR C 259 -10.44 -12.14 17.94
C THR C 259 -11.12 -12.15 16.57
N TRP C 260 -12.21 -12.90 16.41
CA TRP C 260 -12.98 -12.90 15.17
C TRP C 260 -13.36 -11.48 14.78
N SER C 261 -13.39 -11.24 13.46
CA SER C 261 -13.85 -9.98 12.86
C SER C 261 -13.19 -8.78 13.55
N TRP C 262 -11.90 -8.66 13.28
CA TRP C 262 -11.09 -7.53 13.74
C TRP C 262 -11.23 -7.34 15.24
N THR C 263 -11.04 -8.45 15.97
CA THR C 263 -11.05 -8.53 17.43
C THR C 263 -12.41 -8.19 18.04
N LEU C 264 -13.50 -8.22 17.25
CA LEU C 264 -14.82 -8.09 17.84
C LEU C 264 -15.14 -9.33 18.70
N GLY C 265 -14.66 -10.50 18.30
CA GLY C 265 -14.89 -11.70 19.05
C GLY C 265 -16.18 -12.39 18.70
N ALA C 266 -16.22 -13.71 18.79
CA ALA C 266 -17.43 -14.45 18.44
C ALA C 266 -17.42 -15.82 19.09
N VAL C 267 -18.61 -16.39 19.22
CA VAL C 267 -18.81 -17.79 19.59
C VAL C 267 -19.78 -18.39 18.59
N GLU C 268 -19.47 -19.59 18.11
CA GLU C 268 -20.31 -20.29 17.15
C GLU C 268 -20.67 -21.67 17.67
N ILE C 269 -21.89 -22.10 17.35
CA ILE C 269 -22.39 -23.43 17.69
C ILE C 269 -22.55 -24.20 16.40
N LEU C 270 -21.87 -25.34 16.29
CA LEU C 270 -21.80 -26.10 15.04
C LEU C 270 -22.34 -27.51 15.24
N ASP C 271 -22.59 -28.19 14.12
CA ASP C 271 -22.91 -29.61 14.16
C ASP C 271 -21.63 -30.42 14.00
N SER C 272 -21.77 -31.75 14.00
CA SER C 272 -20.61 -32.63 13.94
C SER C 272 -19.83 -32.46 12.63
N TYR C 273 -20.44 -31.89 11.60
CA TYR C 273 -19.79 -31.68 10.31
C TYR C 273 -19.26 -30.26 10.16
N TYR C 274 -19.18 -29.50 11.26
CA TYR C 274 -18.63 -28.15 11.31
C TYR C 274 -19.46 -27.14 10.52
N GLN C 275 -20.73 -27.45 10.27
CA GLN C 275 -21.64 -26.47 9.71
C GLN C 275 -22.21 -25.59 10.81
N ARG C 276 -22.23 -24.29 10.57
CA ARG C 276 -22.59 -23.34 11.60
C ARG C 276 -24.09 -23.31 11.84
N LEU C 277 -24.49 -23.49 13.10
CA LEU C 277 -25.89 -23.39 13.50
C LEU C 277 -26.24 -22.01 14.03
N HIS C 278 -25.44 -21.48 14.96
CA HIS C 278 -25.67 -20.15 15.50
CA HIS C 278 -25.67 -20.18 15.57
C HIS C 278 -24.34 -19.45 15.72
N ARG C 279 -24.41 -18.12 15.76
CA ARG C 279 -23.23 -17.30 15.99
C ARG C 279 -23.58 -16.16 16.93
N LEU C 280 -22.75 -15.96 17.94
CA LEU C 280 -22.91 -14.86 18.89
C LEU C 280 -21.74 -13.91 18.74
N ARG C 281 -22.03 -12.67 18.37
CA ARG C 281 -21.00 -11.67 18.23
C ARG C 281 -20.66 -11.07 19.59
N GLY C 282 -19.40 -10.70 19.76
CA GLY C 282 -19.01 -9.94 20.93
C GLY C 282 -19.68 -8.58 20.96
N GLU C 283 -19.62 -7.96 22.14
CA GLU C 283 -20.25 -6.66 22.36
C GLU C 283 -19.29 -5.50 22.18
N GLN C 284 -18.00 -5.71 22.47
CA GLN C 284 -17.03 -4.63 22.50
C GLN C 284 -15.69 -5.19 22.06
N MET C 285 -15.04 -4.50 21.12
CA MET C 285 -13.79 -4.98 20.56
C MET C 285 -12.73 -5.14 21.64
N ALA C 286 -11.85 -6.12 21.47
CA ALA C 286 -10.72 -6.47 22.33
C ALA C 286 -11.12 -7.00 23.70
N SER C 287 -12.42 -7.10 24.01
CA SER C 287 -12.87 -7.69 25.27
C SER C 287 -12.59 -9.17 25.36
N TYR C 288 -12.18 -9.80 24.26
CA TYR C 288 -11.86 -11.24 24.21
C TYR C 288 -13.09 -12.09 24.52
N PHE C 289 -14.23 -11.69 23.96
CA PHE C 289 -15.48 -12.46 24.00
C PHE C 289 -15.27 -13.81 23.33
N GLY C 290 -15.34 -14.89 24.10
CA GLY C 290 -15.01 -16.22 23.62
C GLY C 290 -13.78 -16.82 24.27
N HIS C 291 -13.09 -16.08 25.14
CA HIS C 291 -11.98 -16.62 25.92
C HIS C 291 -12.38 -17.90 26.66
N SER C 292 -13.63 -17.99 27.10
CA SER C 292 -14.12 -19.19 27.76
C SER C 292 -15.60 -19.37 27.44
N VAL C 293 -16.00 -20.62 27.32
CA VAL C 293 -17.39 -21.00 27.08
C VAL C 293 -17.79 -22.06 28.11
N ALA C 294 -19.07 -22.06 28.47
CA ALA C 294 -19.61 -23.04 29.39
C ALA C 294 -20.97 -23.50 28.88
N VAL C 295 -21.31 -24.75 29.17
CA VAL C 295 -22.57 -25.35 28.74
C VAL C 295 -23.18 -26.08 29.93
N THR C 296 -24.38 -25.65 30.32
CA THR C 296 -25.13 -26.28 31.40
C THR C 296 -26.53 -25.68 31.42
N ASP C 297 -27.51 -26.51 31.76
CA ASP C 297 -28.88 -26.04 31.92
C ASP C 297 -29.02 -25.43 33.31
N VAL C 298 -29.24 -24.11 33.37
CA VAL C 298 -29.29 -23.41 34.65
C VAL C 298 -30.71 -23.13 35.13
N ASN C 299 -31.71 -23.21 34.26
CA ASN C 299 -33.08 -22.90 34.63
C ASN C 299 -33.95 -24.16 34.71
N GLY C 300 -33.34 -25.34 34.72
CA GLY C 300 -34.07 -26.57 34.95
C GLY C 300 -35.12 -26.90 33.92
N ASP C 301 -34.94 -26.43 32.68
CA ASP C 301 -35.88 -26.72 31.60
C ASP C 301 -35.48 -27.96 30.80
N GLY C 302 -34.31 -28.55 31.10
CA GLY C 302 -33.79 -29.65 30.33
C GLY C 302 -32.97 -29.26 29.13
N ARG C 303 -32.98 -27.98 28.74
CA ARG C 303 -32.26 -27.50 27.58
C ARG C 303 -30.96 -26.83 28.00
N HIS C 304 -29.86 -27.24 27.37
CA HIS C 304 -28.55 -26.66 27.69
C HIS C 304 -28.55 -25.16 27.39
N ASP C 305 -27.84 -24.42 28.23
CA ASP C 305 -27.70 -22.99 28.06
C ASP C 305 -26.22 -22.65 27.90
N LEU C 306 -25.96 -21.47 27.35
CA LEU C 306 -24.61 -21.08 26.98
C LEU C 306 -24.13 -19.92 27.83
N LEU C 307 -22.87 -20.00 28.27
CA LEU C 307 -22.22 -18.95 29.03
C LEU C 307 -20.91 -18.60 28.35
N VAL C 308 -20.72 -17.31 28.04
CA VAL C 308 -19.52 -16.82 27.38
C VAL C 308 -18.85 -15.82 28.31
N GLY C 309 -17.52 -15.85 28.32
CA GLY C 309 -16.72 -14.94 29.13
C GLY C 309 -15.90 -14.01 28.26
N ALA C 310 -15.99 -12.71 28.56
CA ALA C 310 -15.18 -11.68 27.92
C ALA C 310 -14.38 -10.99 29.01
N PRO C 311 -13.21 -11.54 29.37
CA PRO C 311 -12.53 -11.10 30.59
C PRO C 311 -11.90 -9.71 30.53
N LEU C 312 -11.80 -9.09 29.36
CA LEU C 312 -11.23 -7.75 29.25
C LEU C 312 -12.28 -6.71 28.88
N TYR C 313 -13.55 -7.01 29.11
CA TYR C 313 -14.61 -6.04 28.83
C TYR C 313 -14.41 -4.79 29.70
N MET C 314 -14.53 -3.63 29.10
CA MET C 314 -14.43 -2.37 29.82
C MET C 314 -15.84 -1.84 30.08
N GLU C 315 -16.17 -1.67 31.36
CA GLU C 315 -17.46 -1.18 31.79
C GLU C 315 -17.52 0.34 31.70
N SER C 316 -18.71 0.85 31.36
CA SER C 316 -18.89 2.30 31.25
C SER C 316 -19.06 2.89 32.64
N ARG C 317 -18.18 3.82 32.99
CA ARG C 317 -18.24 4.54 34.25
C ARG C 317 -18.81 5.93 34.02
N ALA C 318 -18.98 6.68 35.10
CA ALA C 318 -19.43 8.05 34.99
C ALA C 318 -18.32 8.92 34.40
N ASP C 319 -18.72 10.10 33.92
CA ASP C 319 -17.81 11.05 33.26
C ASP C 319 -17.24 10.50 31.96
N ARG C 320 -18.01 9.64 31.27
CA ARG C 320 -17.62 9.03 30.01
C ARG C 320 -16.28 8.29 30.14
N LYS C 321 -16.20 7.43 31.15
CA LYS C 321 -15.01 6.65 31.45
C LYS C 321 -15.27 5.17 31.17
N LEU C 322 -14.16 4.43 31.01
CA LEU C 322 -14.20 3.00 30.83
C LEU C 322 -13.27 2.34 31.85
N ALA C 323 -13.69 1.22 32.40
CA ALA C 323 -12.92 0.47 33.40
C ALA C 323 -12.95 -1.01 33.06
N GLU C 324 -11.77 -1.60 32.89
CA GLU C 324 -11.65 -3.00 32.52
C GLU C 324 -11.93 -3.89 33.73
N VAL C 325 -12.95 -4.74 33.62
CA VAL C 325 -13.38 -5.57 34.74
C VAL C 325 -13.76 -6.97 34.27
N GLY C 326 -14.20 -7.11 33.03
CA GLY C 326 -14.64 -8.40 32.55
C GLY C 326 -16.14 -8.60 32.67
N ARG C 327 -16.69 -9.42 31.75
CA ARG C 327 -18.13 -9.64 31.68
C ARG C 327 -18.41 -11.08 31.29
N VAL C 328 -19.48 -11.65 31.83
CA VAL C 328 -20.00 -12.96 31.45
C VAL C 328 -21.40 -12.78 30.90
N TYR C 329 -21.71 -13.52 29.84
CA TYR C 329 -23.00 -13.47 29.15
C TYR C 329 -23.70 -14.82 29.29
N LEU C 330 -25.02 -14.80 29.49
CA LEU C 330 -25.82 -16.01 29.65
C LEU C 330 -26.90 -16.05 28.59
N PHE C 331 -26.86 -17.08 27.75
CA PHE C 331 -27.86 -17.31 26.70
C PHE C 331 -28.66 -18.56 27.04
N LEU C 332 -29.97 -18.39 27.21
CA LEU C 332 -30.86 -19.50 27.50
C LEU C 332 -31.43 -20.06 26.20
N GLN C 333 -31.33 -21.38 26.03
CA GLN C 333 -31.82 -22.01 24.81
C GLN C 333 -33.34 -21.97 24.76
N PRO C 334 -33.95 -21.36 23.75
CA PRO C 334 -35.40 -21.29 23.70
C PRO C 334 -36.01 -22.62 23.28
N ARG C 335 -37.33 -22.69 23.39
CA ARG C 335 -38.05 -23.90 23.00
C ARG C 335 -38.10 -24.00 21.48
N GLY C 336 -37.99 -25.23 20.98
CA GLY C 336 -38.04 -25.49 19.55
C GLY C 336 -36.75 -25.14 18.84
N PRO C 337 -36.80 -25.06 17.51
CA PRO C 337 -35.59 -24.84 16.72
C PRO C 337 -35.07 -23.41 16.74
N HIS C 338 -35.63 -22.56 17.59
CA HIS C 338 -35.37 -21.13 17.52
C HIS C 338 -33.89 -20.83 17.76
N ALA C 339 -33.44 -19.73 17.16
CA ALA C 339 -32.08 -19.27 17.33
C ALA C 339 -31.92 -18.58 18.68
N LEU C 340 -30.73 -18.73 19.25
CA LEU C 340 -30.43 -18.08 20.53
C LEU C 340 -30.45 -16.57 20.36
N GLY C 341 -31.31 -15.90 21.12
CA GLY C 341 -31.52 -14.48 21.00
C GLY C 341 -30.55 -13.64 21.81
N ALA C 342 -31.04 -12.49 22.27
CA ALA C 342 -30.23 -11.59 23.06
C ALA C 342 -29.84 -12.25 24.38
N PRO C 343 -28.78 -11.76 25.04
CA PRO C 343 -28.39 -12.33 26.33
C PRO C 343 -29.52 -12.23 27.35
N SER C 344 -29.72 -13.31 28.10
CA SER C 344 -30.72 -13.32 29.16
C SER C 344 -30.23 -12.65 30.43
N LEU C 345 -28.92 -12.55 30.62
CA LEU C 345 -28.35 -11.98 31.84
C LEU C 345 -26.91 -11.59 31.57
N LEU C 346 -26.50 -10.43 32.10
CA LEU C 346 -25.13 -9.95 32.03
C LEU C 346 -24.55 -9.91 33.44
N LEU C 347 -23.40 -10.54 33.64
CA LEU C 347 -22.67 -10.46 34.88
C LEU C 347 -21.37 -9.71 34.63
N THR C 348 -21.09 -8.72 35.46
CA THR C 348 -19.95 -7.84 35.25
C THR C 348 -19.08 -7.79 36.50
N GLY C 349 -17.78 -7.85 36.31
CA GLY C 349 -16.85 -7.73 37.42
C GLY C 349 -16.82 -6.33 37.98
N THR C 350 -16.11 -6.18 39.10
CA THR C 350 -15.99 -4.88 39.77
C THR C 350 -14.56 -4.45 40.02
N GLN C 351 -13.60 -5.37 40.10
CA GLN C 351 -12.21 -5.03 40.38
C GLN C 351 -11.47 -4.72 39.09
N LEU C 352 -10.82 -3.56 39.05
CA LEU C 352 -10.06 -3.15 37.88
C LEU C 352 -8.97 -4.17 37.56
N TYR C 353 -8.93 -4.61 36.30
CA TYR C 353 -7.99 -5.61 35.81
C TYR C 353 -8.22 -6.98 36.45
N GLY C 354 -9.38 -7.19 37.08
CA GLY C 354 -9.64 -8.45 37.75
C GLY C 354 -9.84 -9.63 36.80
N ARG C 355 -10.28 -9.36 35.57
CA ARG C 355 -10.46 -10.38 34.52
C ARG C 355 -11.59 -11.35 34.87
N PHE C 356 -12.68 -10.82 35.42
CA PHE C 356 -13.91 -11.56 35.63
C PHE C 356 -14.37 -12.21 34.32
N GLY C 357 -14.59 -13.52 34.36
CA GLY C 357 -14.95 -14.26 33.16
C GLY C 357 -13.83 -15.02 32.50
N SER C 358 -12.66 -15.12 33.15
CA SER C 358 -11.54 -15.85 32.55
CA SER C 358 -11.54 -15.85 32.54
C SER C 358 -11.80 -17.35 32.50
N ALA C 359 -12.63 -17.85 33.42
CA ALA C 359 -12.99 -19.26 33.45
C ALA C 359 -14.41 -19.36 34.00
N ILE C 360 -15.22 -20.21 33.37
CA ILE C 360 -16.59 -20.42 33.78
C ILE C 360 -16.80 -21.93 33.89
N ALA C 361 -17.14 -22.39 35.09
CA ALA C 361 -17.20 -23.81 35.38
C ALA C 361 -18.60 -24.22 35.81
N PRO C 362 -19.27 -25.11 35.08
CA PRO C 362 -20.49 -25.74 35.62
C PRO C 362 -20.19 -26.42 36.94
N LEU C 363 -21.10 -26.27 37.90
CA LEU C 363 -20.96 -26.88 39.21
C LEU C 363 -21.91 -28.03 39.44
N GLY C 364 -22.82 -28.30 38.49
CA GLY C 364 -23.91 -29.16 38.85
C GLY C 364 -24.83 -28.41 39.80
N ASP C 365 -25.71 -29.15 40.47
CA ASP C 365 -26.62 -28.56 41.44
C ASP C 365 -25.92 -28.56 42.81
N LEU C 366 -25.33 -27.42 43.16
CA LEU C 366 -24.50 -27.36 44.36
C LEU C 366 -25.33 -27.55 45.63
N ASP C 367 -26.46 -26.85 45.74
CA ASP C 367 -27.31 -26.95 46.92
C ASP C 367 -28.42 -27.98 46.77
N ARG C 368 -28.46 -28.71 45.65
CA ARG C 368 -29.45 -29.76 45.41
C ARG C 368 -30.87 -29.24 45.59
N ASP C 369 -31.16 -28.13 44.91
CA ASP C 369 -32.50 -27.54 44.94
C ASP C 369 -33.27 -27.75 43.65
N GLY C 370 -32.64 -28.26 42.60
CA GLY C 370 -33.30 -28.50 41.33
C GLY C 370 -32.75 -27.70 40.17
N TYR C 371 -31.82 -26.79 40.39
CA TYR C 371 -31.23 -25.98 39.34
C TYR C 371 -29.72 -26.05 39.43
N ASN C 372 -29.08 -26.30 38.29
CA ASN C 372 -27.62 -26.34 38.26
C ASN C 372 -27.06 -24.93 38.45
N ASP C 373 -25.83 -24.87 38.94
CA ASP C 373 -25.20 -23.63 39.33
C ASP C 373 -23.82 -23.52 38.70
N ILE C 374 -23.30 -22.30 38.63
CA ILE C 374 -22.02 -22.05 37.98
C ILE C 374 -21.08 -21.35 38.94
N ALA C 375 -19.79 -21.38 38.58
CA ALA C 375 -18.76 -20.59 39.25
C ALA C 375 -18.00 -19.82 38.18
N VAL C 376 -17.73 -18.55 38.46
CA VAL C 376 -16.99 -17.68 37.56
C VAL C 376 -15.76 -17.17 38.29
N ALA C 377 -14.63 -17.14 37.58
CA ALA C 377 -13.36 -16.77 38.17
C ALA C 377 -12.93 -15.38 37.74
N ALA C 378 -12.27 -14.67 38.64
CA ALA C 378 -11.60 -13.40 38.36
C ALA C 378 -10.19 -13.55 38.89
N PRO C 379 -9.26 -14.04 38.07
CA PRO C 379 -7.94 -14.43 38.60
C PRO C 379 -7.12 -13.30 39.21
N TYR C 380 -7.47 -12.04 38.97
CA TYR C 380 -6.80 -10.92 39.62
C TYR C 380 -7.82 -10.00 40.28
N GLY C 381 -8.96 -10.58 40.66
CA GLY C 381 -10.03 -9.84 41.30
C GLY C 381 -9.92 -9.88 42.81
N GLY C 382 -10.98 -9.41 43.46
CA GLY C 382 -10.99 -9.24 44.89
C GLY C 382 -10.45 -7.87 45.26
N PRO C 383 -10.77 -7.42 46.48
CA PRO C 383 -10.32 -6.07 46.88
C PRO C 383 -8.81 -5.92 46.89
N SER C 384 -8.09 -7.04 47.05
CA SER C 384 -6.64 -7.04 47.07
C SER C 384 -6.02 -7.40 45.73
N GLY C 385 -6.82 -7.78 44.73
CA GLY C 385 -6.28 -8.18 43.45
C GLY C 385 -5.62 -9.54 43.41
N ARG C 386 -5.81 -10.37 44.44
CA ARG C 386 -5.15 -11.66 44.52
C ARG C 386 -5.93 -12.79 43.86
N GLY C 387 -7.22 -12.59 43.57
CA GLY C 387 -8.02 -13.60 42.92
C GLY C 387 -9.27 -14.01 43.66
N GLN C 388 -10.35 -14.24 42.91
CA GLN C 388 -11.66 -14.45 43.49
C GLN C 388 -12.47 -15.37 42.58
N VAL C 389 -13.24 -16.27 43.19
CA VAL C 389 -14.16 -17.14 42.48
C VAL C 389 -15.55 -16.87 43.04
N LEU C 390 -16.52 -16.67 42.14
CA LEU C 390 -17.87 -16.30 42.52
C LEU C 390 -18.85 -17.39 42.10
N VAL C 391 -19.70 -17.80 43.03
CA VAL C 391 -20.71 -18.83 42.80
C VAL C 391 -22.04 -18.16 42.52
N PHE C 392 -22.69 -18.57 41.43
CA PHE C 392 -24.01 -18.08 41.06
C PHE C 392 -24.97 -19.27 40.97
N LEU C 393 -26.14 -19.14 41.60
CA LEU C 393 -27.08 -20.24 41.69
C LEU C 393 -28.12 -20.17 40.58
N GLY C 394 -28.49 -21.33 40.06
CA GLY C 394 -29.50 -21.38 39.03
C GLY C 394 -30.89 -21.14 39.59
N GLN C 395 -31.77 -20.62 38.72
CA GLN C 395 -33.14 -20.32 39.08
C GLN C 395 -34.02 -20.52 37.85
N SER C 396 -35.33 -20.50 38.07
CA SER C 396 -36.27 -20.74 36.97
C SER C 396 -36.10 -19.72 35.85
N GLU C 397 -35.65 -18.52 36.17
CA GLU C 397 -35.43 -17.46 35.20
C GLU C 397 -33.99 -17.41 34.68
N GLY C 398 -33.10 -18.25 35.19
CA GLY C 398 -31.73 -18.27 34.74
C GLY C 398 -30.72 -18.37 35.87
N LEU C 399 -30.18 -17.24 36.30
CA LEU C 399 -29.25 -17.18 37.42
C LEU C 399 -29.59 -16.00 38.31
N ARG C 400 -29.20 -16.10 39.57
CA ARG C 400 -29.29 -14.98 40.48
C ARG C 400 -28.22 -13.95 40.13
N SER C 401 -28.60 -12.68 40.09
CA SER C 401 -27.67 -11.63 39.67
C SER C 401 -26.52 -11.46 40.66
N ARG C 402 -26.78 -11.66 41.95
CA ARG C 402 -25.74 -11.49 42.96
C ARG C 402 -25.23 -12.84 43.43
N PRO C 403 -23.91 -12.98 43.62
CA PRO C 403 -23.35 -14.30 43.94
C PRO C 403 -23.74 -14.75 45.34
N SER C 404 -24.08 -16.03 45.45
CA SER C 404 -24.45 -16.61 46.73
C SER C 404 -23.23 -16.90 47.60
N GLN C 405 -22.03 -16.93 47.03
CA GLN C 405 -20.81 -17.19 47.79
C GLN C 405 -19.62 -16.67 47.00
N VAL C 406 -18.59 -16.23 47.73
CA VAL C 406 -17.36 -15.70 47.16
C VAL C 406 -16.19 -16.37 47.85
N LEU C 407 -15.26 -16.92 47.07
CA LEU C 407 -14.05 -17.56 47.57
C LEU C 407 -12.86 -16.68 47.25
N ASP C 408 -12.19 -16.17 48.28
CA ASP C 408 -11.01 -15.33 48.11
C ASP C 408 -9.75 -16.18 48.06
N SER C 409 -8.81 -15.77 47.23
CA SER C 409 -7.58 -16.53 47.00
C SER C 409 -6.83 -16.72 48.31
N PRO C 410 -6.59 -17.96 48.74
CA PRO C 410 -5.74 -18.19 49.92
C PRO C 410 -4.25 -18.07 49.64
N PHE C 411 -3.87 -17.79 48.41
CA PHE C 411 -2.50 -17.75 47.95
C PHE C 411 -1.98 -16.33 47.89
N PRO C 412 -0.66 -16.15 47.70
CA PRO C 412 -0.13 -14.78 47.58
C PRO C 412 -0.47 -14.11 46.26
N THR C 413 -0.02 -12.88 46.08
CA THR C 413 -0.24 -12.14 44.85
C THR C 413 0.42 -12.86 43.67
N GLY C 414 -0.24 -12.80 42.52
CA GLY C 414 0.29 -13.39 41.31
C GLY C 414 0.03 -14.86 41.11
N SER C 415 -0.78 -15.49 41.97
CA SER C 415 -1.05 -16.92 41.84
C SER C 415 -1.99 -17.25 40.69
N ALA C 416 -2.72 -16.26 40.17
CA ALA C 416 -3.71 -16.48 39.11
C ALA C 416 -4.79 -17.46 39.54
N PHE C 417 -5.08 -17.44 40.85
CA PHE C 417 -6.16 -18.20 41.48
C PHE C 417 -7.44 -18.18 40.67
N GLY C 418 -7.84 -19.33 40.13
CA GLY C 418 -9.06 -19.43 39.36
C GLY C 418 -8.87 -19.41 37.86
N PHE C 419 -7.64 -19.25 37.37
CA PHE C 419 -7.41 -19.33 35.93
C PHE C 419 -7.94 -20.64 35.36
N SER C 420 -8.01 -21.68 36.20
CA SER C 420 -8.67 -22.93 35.84
C SER C 420 -9.65 -23.32 36.94
N LEU C 421 -10.77 -23.91 36.53
CA LEU C 421 -11.83 -24.32 37.43
C LEU C 421 -12.43 -25.64 36.95
N ARG C 422 -12.97 -26.42 37.88
CA ARG C 422 -13.72 -27.61 37.52
C ARG C 422 -14.60 -28.02 38.69
N GLY C 423 -15.84 -28.36 38.39
CA GLY C 423 -16.78 -28.79 39.41
C GLY C 423 -17.68 -29.92 38.96
N ALA C 424 -18.85 -30.03 39.58
CA ALA C 424 -19.91 -30.98 39.22
C ALA C 424 -19.53 -32.43 39.47
N VAL C 425 -18.52 -32.70 40.28
CA VAL C 425 -18.10 -34.06 40.60
C VAL C 425 -17.90 -34.15 42.11
N ASP C 426 -18.59 -35.11 42.74
CA ASP C 426 -18.54 -35.31 44.18
C ASP C 426 -17.30 -36.13 44.52
N ILE C 427 -16.22 -35.46 44.94
CA ILE C 427 -14.96 -36.16 45.10
C ILE C 427 -14.88 -36.92 46.42
N ASP C 428 -15.61 -36.49 47.44
CA ASP C 428 -15.54 -37.15 48.74
C ASP C 428 -16.74 -38.04 49.02
N ASP C 429 -17.61 -38.24 48.03
CA ASP C 429 -18.74 -39.17 48.12
C ASP C 429 -19.71 -38.78 49.23
N ASN C 430 -19.83 -37.49 49.51
CA ASN C 430 -20.79 -37.02 50.50
C ASN C 430 -22.15 -36.69 49.88
N GLY C 431 -22.31 -36.89 48.58
CA GLY C 431 -23.56 -36.62 47.91
C GLY C 431 -23.69 -35.22 47.33
N TYR C 432 -22.65 -34.38 47.45
CA TYR C 432 -22.67 -33.02 46.95
C TYR C 432 -21.48 -32.78 46.04
N PRO C 433 -21.68 -32.12 44.90
CA PRO C 433 -20.56 -31.86 43.99
C PRO C 433 -19.62 -30.80 44.53
N ASP C 434 -18.33 -30.97 44.22
CA ASP C 434 -17.26 -30.16 44.78
C ASP C 434 -16.59 -29.34 43.69
N LEU C 435 -15.60 -28.53 44.10
CA LEU C 435 -14.94 -27.59 43.21
C LEU C 435 -13.43 -27.64 43.43
N ILE C 436 -12.67 -27.72 42.34
CA ILE C 436 -11.22 -27.60 42.37
C ILE C 436 -10.82 -26.32 41.65
N VAL C 437 -9.89 -25.58 42.24
CA VAL C 437 -9.41 -24.32 41.70
C VAL C 437 -7.90 -24.40 41.56
N GLY C 438 -7.40 -24.02 40.38
CA GLY C 438 -5.97 -24.00 40.12
C GLY C 438 -5.38 -22.62 40.31
N ALA C 439 -4.10 -22.58 40.67
CA ALA C 439 -3.38 -21.32 40.88
C ALA C 439 -1.94 -21.53 40.41
N TYR C 440 -1.77 -21.51 39.09
CA TYR C 440 -0.49 -21.91 38.50
C TYR C 440 0.67 -21.03 38.93
N GLY C 441 0.40 -19.76 39.23
CA GLY C 441 1.46 -18.87 39.69
C GLY C 441 2.04 -19.25 41.04
N ALA C 442 1.31 -20.01 41.84
CA ALA C 442 1.81 -20.56 43.09
C ALA C 442 2.05 -22.06 43.02
N ASN C 443 1.83 -22.68 41.85
CA ASN C 443 2.06 -24.10 41.65
C ASN C 443 1.24 -24.95 42.62
N GLN C 444 -0.04 -24.60 42.77
CA GLN C 444 -0.89 -25.27 43.75
C GLN C 444 -2.32 -25.36 43.24
N VAL C 445 -3.07 -26.28 43.85
CA VAL C 445 -4.48 -26.48 43.57
C VAL C 445 -5.23 -26.49 44.90
N ALA C 446 -6.38 -25.83 44.94
CA ALA C 446 -7.24 -25.80 46.12
C ALA C 446 -8.53 -26.58 45.85
N VAL C 447 -8.96 -27.35 46.85
CA VAL C 447 -10.18 -28.15 46.75
C VAL C 447 -11.18 -27.64 47.77
N TYR C 448 -12.38 -27.30 47.28
CA TYR C 448 -13.48 -26.84 48.13
C TYR C 448 -14.56 -27.91 48.14
N ARG C 449 -15.01 -28.28 49.34
CA ARG C 449 -15.98 -29.35 49.53
C ARG C 449 -17.35 -28.78 49.87
N ALA C 450 -18.37 -29.21 49.13
CA ALA C 450 -19.73 -28.77 49.36
C ALA C 450 -20.32 -29.51 50.56
N GLN C 451 -20.80 -28.74 51.52
CA GLN C 451 -21.35 -29.32 52.74
C GLN C 451 -22.87 -29.39 52.66
N PRO C 452 -23.48 -30.30 53.42
CA PRO C 452 -24.94 -30.46 53.35
C PRO C 452 -25.68 -29.22 53.83
N VAL C 453 -26.78 -28.92 53.16
CA VAL C 453 -27.62 -27.78 53.53
C VAL C 453 -28.73 -28.22 54.48
N ASN D 3 -43.01 32.89 57.80
CA ASN D 3 -41.94 32.27 57.03
C ASN D 3 -41.43 31.01 57.73
N ILE D 4 -40.57 30.27 57.03
CA ILE D 4 -40.07 28.99 57.56
C ILE D 4 -39.00 29.16 58.62
N CYS D 5 -38.50 30.39 58.85
CA CYS D 5 -37.51 30.58 59.90
C CYS D 5 -38.15 30.61 61.29
N THR D 6 -39.28 31.30 61.42
CA THR D 6 -39.96 31.37 62.70
C THR D 6 -40.74 30.10 63.02
N THR D 7 -41.28 29.44 61.99
CA THR D 7 -42.15 28.28 62.17
C THR D 7 -41.38 26.97 62.29
N ARG D 8 -40.18 27.00 62.87
CA ARG D 8 -39.45 25.79 63.19
C ARG D 8 -39.18 25.61 64.67
N GLY D 9 -39.21 26.68 65.46
CA GLY D 9 -38.87 26.60 66.87
C GLY D 9 -37.45 26.09 67.06
N VAL D 10 -36.50 26.71 66.34
CA VAL D 10 -35.12 26.26 66.39
C VAL D 10 -34.57 26.48 67.80
N SER D 11 -33.77 25.52 68.26
CA SER D 11 -33.21 25.57 69.59
C SER D 11 -31.92 26.37 69.67
N SER D 12 -31.23 26.58 68.55
CA SER D 12 -29.92 27.19 68.59
C SER D 12 -29.69 28.03 67.35
N CYS D 13 -28.65 28.87 67.42
CA CYS D 13 -28.25 29.68 66.27
C CYS D 13 -27.82 28.80 65.11
N GLN D 14 -27.03 27.75 65.40
CA GLN D 14 -26.56 26.85 64.35
C GLN D 14 -27.72 26.17 63.65
N GLN D 15 -28.71 25.70 64.41
CA GLN D 15 -29.90 25.11 63.82
C GLN D 15 -30.65 26.11 62.95
N CYS D 16 -30.60 27.39 63.30
CA CYS D 16 -31.33 28.42 62.57
C CYS D 16 -30.75 28.62 61.17
N LEU D 17 -29.42 28.72 61.06
CA LEU D 17 -28.79 28.90 59.76
C LEU D 17 -29.05 27.70 58.85
N ALA D 18 -29.18 26.51 59.44
CA ALA D 18 -29.41 25.30 58.66
C ALA D 18 -30.85 25.15 58.18
N VAL D 19 -31.73 26.11 58.50
CA VAL D 19 -33.10 26.06 57.99
C VAL D 19 -33.14 26.55 56.55
N SER D 20 -32.43 27.63 56.25
CA SER D 20 -32.40 28.22 54.92
C SER D 20 -31.27 29.24 54.83
N PRO D 21 -30.65 29.40 53.66
CA PRO D 21 -29.66 30.48 53.48
C PRO D 21 -30.25 31.86 53.68
N MET D 22 -31.57 31.93 53.80
CA MET D 22 -32.32 33.16 53.97
C MET D 22 -32.47 33.55 55.44
N CYS D 23 -32.44 32.59 56.35
CA CYS D 23 -32.67 32.86 57.76
C CYS D 23 -31.48 33.57 58.40
N ALA D 24 -31.78 34.36 59.43
CA ALA D 24 -30.78 35.00 60.27
C ALA D 24 -31.11 34.71 61.73
N TRP D 25 -30.19 35.07 62.63
CA TRP D 25 -30.37 34.80 64.04
C TRP D 25 -29.98 36.03 64.86
N CYS D 26 -30.80 36.35 65.85
CA CYS D 26 -30.55 37.44 66.78
C CYS D 26 -30.16 36.84 68.12
N SER D 27 -28.92 37.13 68.56
CA SER D 27 -28.42 36.66 69.85
C SER D 27 -28.48 37.75 70.92
N ASP D 28 -29.18 38.85 70.65
CA ASP D 28 -29.31 39.92 71.63
C ASP D 28 -30.02 39.41 72.87
N GLU D 29 -29.39 39.62 74.03
CA GLU D 29 -30.00 39.18 75.28
C GLU D 29 -31.18 40.05 75.67
N ALA D 30 -31.17 41.32 75.25
CA ALA D 30 -32.26 42.24 75.55
C ALA D 30 -33.29 42.26 74.42
N LEU D 31 -33.87 41.09 74.17
CA LEU D 31 -34.88 40.91 73.14
C LEU D 31 -36.24 40.70 73.78
N PRO D 32 -37.31 41.20 73.15
CA PRO D 32 -38.66 40.87 73.62
C PRO D 32 -38.86 39.36 73.70
N LEU D 33 -39.43 38.90 74.82
CA LEU D 33 -39.55 37.47 75.06
C LEU D 33 -40.47 36.80 74.04
N GLY D 34 -41.43 37.54 73.49
CA GLY D 34 -42.29 36.98 72.47
C GLY D 34 -41.71 36.97 71.07
N SER D 35 -40.55 37.60 70.87
CA SER D 35 -39.98 37.75 69.54
C SER D 35 -39.17 36.50 69.17
N PRO D 36 -39.33 36.01 67.94
CA PRO D 36 -38.53 34.85 67.51
C PRO D 36 -37.10 35.26 67.19
N ARG D 37 -36.15 34.43 67.63
CA ARG D 37 -34.75 34.73 67.40
C ARG D 37 -34.27 34.29 66.01
N CYS D 38 -35.05 33.48 65.30
CA CYS D 38 -34.70 33.02 63.95
C CYS D 38 -35.72 33.58 62.97
N ASP D 39 -35.28 34.51 62.14
CA ASP D 39 -36.16 35.21 61.21
C ASP D 39 -35.29 35.83 60.13
N LEU D 40 -35.94 36.55 59.21
CA LEU D 40 -35.20 37.32 58.21
C LEU D 40 -34.47 38.47 58.89
N LYS D 41 -33.37 38.93 58.27
CA LYS D 41 -32.58 39.99 58.86
C LYS D 41 -33.39 41.27 59.01
N GLU D 42 -34.35 41.52 58.11
CA GLU D 42 -35.16 42.72 58.20
C GLU D 42 -36.13 42.63 59.37
N ASN D 43 -36.83 41.50 59.50
CA ASN D 43 -37.77 41.33 60.61
C ASN D 43 -37.06 41.42 61.96
N LEU D 44 -35.81 40.97 62.04
CA LEU D 44 -35.07 41.06 63.29
C LEU D 44 -34.70 42.49 63.62
N LEU D 45 -34.30 43.27 62.61
CA LEU D 45 -33.98 44.67 62.84
C LEU D 45 -35.19 45.47 63.28
N LYS D 46 -36.39 45.07 62.85
CA LYS D 46 -37.60 45.76 63.27
C LYS D 46 -37.81 45.63 64.78
N ASP D 47 -37.41 44.51 65.37
CA ASP D 47 -37.52 44.29 66.81
C ASP D 47 -36.34 44.88 67.58
N ASN D 48 -35.66 45.86 67.00
CA ASN D 48 -34.56 46.58 67.65
C ASN D 48 -33.41 45.67 68.04
N CYS D 49 -33.28 44.52 67.38
CA CYS D 49 -32.15 43.64 67.62
C CYS D 49 -30.86 44.38 67.29
N ALA D 50 -29.90 44.34 68.21
CA ALA D 50 -28.63 45.00 68.05
C ALA D 50 -27.98 44.55 66.74
N PRO D 51 -27.72 45.45 65.79
CA PRO D 51 -27.16 45.03 64.49
C PRO D 51 -25.89 44.20 64.61
N GLU D 52 -25.00 44.54 65.54
CA GLU D 52 -23.79 43.78 65.75
C GLU D 52 -24.02 42.49 66.52
N SER D 53 -25.28 42.17 66.85
CA SER D 53 -25.62 40.91 67.51
C SER D 53 -26.33 39.95 66.56
N ILE D 54 -26.34 40.25 65.26
CA ILE D 54 -27.05 39.43 64.28
C ILE D 54 -26.05 38.54 63.56
N GLU D 55 -26.39 37.26 63.45
CA GLU D 55 -25.58 36.30 62.71
C GLU D 55 -26.23 36.04 61.37
N PHE D 56 -25.55 36.39 60.29
CA PHE D 56 -26.08 36.18 58.96
C PHE D 56 -24.94 36.03 57.95
N PRO D 57 -24.33 34.86 57.84
CA PRO D 57 -23.24 34.68 56.86
C PRO D 57 -23.75 34.78 55.43
N VAL D 58 -22.87 35.23 54.54
CA VAL D 58 -23.18 35.38 53.13
C VAL D 58 -22.18 34.53 52.34
N SER D 59 -22.68 33.58 51.56
CA SER D 59 -21.82 32.80 50.68
C SER D 59 -21.18 33.71 49.64
N GLU D 60 -19.86 33.62 49.53
CA GLU D 60 -19.10 34.50 48.66
C GLU D 60 -18.04 33.69 47.92
N ALA D 61 -17.51 34.30 46.86
CA ALA D 61 -16.38 33.76 46.10
C ALA D 61 -15.33 34.85 46.00
N ARG D 62 -14.11 34.53 46.46
CA ARG D 62 -13.02 35.49 46.53
C ARG D 62 -11.82 34.97 45.75
N VAL D 63 -11.31 35.78 44.84
CA VAL D 63 -10.15 35.40 44.03
C VAL D 63 -8.88 35.60 44.85
N LEU D 64 -8.01 34.60 44.86
CA LEU D 64 -6.75 34.64 45.59
C LEU D 64 -5.57 34.86 44.65
N GLU D 65 -5.36 33.95 43.71
CA GLU D 65 -4.31 34.07 42.70
C GLU D 65 -4.96 34.30 41.35
N ASP D 66 -4.47 35.29 40.62
CA ASP D 66 -5.15 35.76 39.41
C ASP D 66 -4.13 36.28 38.39
N ARG D 67 -3.17 35.44 38.04
CA ARG D 67 -2.18 35.83 37.05
C ARG D 67 -2.84 35.98 35.68
N PRO D 68 -2.34 36.91 34.86
CA PRO D 68 -2.89 37.05 33.51
C PRO D 68 -2.55 35.85 32.64
N LEU D 69 -3.43 35.58 31.69
CA LEU D 69 -3.17 34.55 30.69
C LEU D 69 -1.97 34.96 29.84
N SER D 70 -1.06 34.03 29.64
CA SER D 70 0.13 34.31 28.85
C SER D 70 -0.23 34.57 27.39
N ASP D 71 0.62 35.32 26.71
CA ASP D 71 0.47 35.56 25.28
C ASP D 71 1.25 34.55 24.46
N LYS D 72 2.45 34.18 24.92
CA LYS D 72 3.29 33.22 24.24
C LYS D 72 3.70 32.14 25.23
N GLY D 73 4.15 31.00 24.69
CA GLY D 73 4.51 29.88 25.54
C GLY D 73 5.99 29.55 25.50
N SER D 74 6.80 30.48 25.03
CA SER D 74 8.24 30.29 24.93
C SER D 74 8.92 30.81 26.19
N GLY D 75 10.24 30.93 26.15
CA GLY D 75 10.99 31.39 27.30
C GLY D 75 11.05 30.38 28.42
N ASP D 76 10.52 30.75 29.59
CA ASP D 76 10.52 29.88 30.75
C ASP D 76 9.14 29.27 30.94
N SER D 77 9.10 27.96 31.14
CA SER D 77 7.83 27.27 31.30
C SER D 77 7.15 27.62 32.61
N SER D 78 7.93 28.02 33.62
CA SER D 78 7.34 28.45 34.88
C SER D 78 6.56 29.76 34.75
N GLN D 79 6.78 30.50 33.67
CA GLN D 79 6.06 31.75 33.45
C GLN D 79 4.73 31.57 32.73
N VAL D 80 4.50 30.42 32.10
CA VAL D 80 3.33 30.23 31.27
C VAL D 80 2.10 30.05 32.14
N THR D 81 1.03 30.78 31.82
CA THR D 81 -0.24 30.71 32.52
C THR D 81 -1.33 30.44 31.50
N GLN D 82 -2.02 29.31 31.65
CA GLN D 82 -3.07 28.90 30.72
C GLN D 82 -4.45 28.88 31.34
N VAL D 83 -4.57 29.09 32.65
CA VAL D 83 -5.85 29.06 33.36
C VAL D 83 -5.94 30.32 34.22
N SER D 84 -7.10 30.97 34.21
CA SER D 84 -7.34 32.18 34.98
C SER D 84 -8.75 32.15 35.56
N PRO D 85 -8.89 32.36 36.88
CA PRO D 85 -7.79 32.51 37.83
C PRO D 85 -7.20 31.17 38.25
N GLN D 86 -6.24 31.18 39.17
CA GLN D 86 -5.55 29.96 39.57
C GLN D 86 -5.91 29.47 40.96
N ARG D 87 -6.42 30.33 41.84
CA ARG D 87 -6.85 29.92 43.17
C ARG D 87 -7.90 30.88 43.67
N ILE D 88 -9.03 30.34 44.13
CA ILE D 88 -10.10 31.15 44.71
C ILE D 88 -10.55 30.51 46.02
N ALA D 89 -11.21 31.32 46.84
CA ALA D 89 -11.73 30.91 48.14
C ALA D 89 -13.25 30.95 48.11
N LEU D 90 -13.87 29.79 48.33
CA LEU D 90 -15.32 29.65 48.26
C LEU D 90 -15.88 29.46 49.67
N ARG D 91 -16.89 30.26 50.02
CA ARG D 91 -17.58 30.13 51.29
C ARG D 91 -19.04 29.76 51.01
N LEU D 92 -19.52 28.72 51.68
CA LEU D 92 -20.90 28.27 51.49
C LEU D 92 -21.54 27.98 52.83
N ARG D 93 -22.76 28.46 53.02
CA ARG D 93 -23.58 28.10 54.17
C ARG D 93 -24.55 27.00 53.78
N PRO D 94 -25.14 26.29 54.74
CA PRO D 94 -25.89 25.06 54.42
C PRO D 94 -26.91 25.22 53.31
N ASP D 95 -26.84 24.30 52.33
CA ASP D 95 -27.78 24.19 51.23
C ASP D 95 -27.78 25.41 50.31
N ASP D 96 -26.75 26.24 50.39
CA ASP D 96 -26.64 27.41 49.53
C ASP D 96 -25.79 27.09 48.31
N SER D 97 -25.78 28.02 47.36
CA SER D 97 -24.98 27.90 46.16
C SER D 97 -24.35 29.23 45.82
N LYS D 98 -23.21 29.18 45.14
CA LYS D 98 -22.51 30.35 44.65
C LYS D 98 -21.84 29.96 43.34
N ASN D 99 -21.53 30.97 42.52
CA ASN D 99 -20.93 30.70 41.22
C ASN D 99 -19.66 31.53 41.03
N PHE D 100 -18.86 31.08 40.06
CA PHE D 100 -17.58 31.69 39.73
C PHE D 100 -17.24 31.30 38.29
N SER D 101 -16.09 31.76 37.82
CA SER D 101 -15.71 31.60 36.42
C SER D 101 -14.29 31.08 36.30
N ILE D 102 -13.98 30.52 35.12
CA ILE D 102 -12.65 30.06 34.79
C ILE D 102 -12.38 30.40 33.32
N GLN D 103 -11.14 30.78 33.02
CA GLN D 103 -10.71 31.08 31.67
C GLN D 103 -9.59 30.13 31.28
N VAL D 104 -9.67 29.58 30.07
CA VAL D 104 -8.69 28.63 29.56
C VAL D 104 -8.27 29.08 28.17
N ARG D 105 -6.96 29.07 27.91
CA ARG D 105 -6.42 29.49 26.63
C ARG D 105 -5.45 28.46 26.10
N GLN D 106 -5.52 28.21 24.79
CA GLN D 106 -4.50 27.43 24.08
C GLN D 106 -3.41 28.41 23.66
N VAL D 107 -2.36 28.51 24.49
CA VAL D 107 -1.35 29.53 24.31
C VAL D 107 -0.56 29.27 23.03
N GLU D 108 -0.26 30.35 22.31
CA GLU D 108 0.56 30.24 21.10
C GLU D 108 2.01 29.96 21.47
N ASP D 109 2.68 29.22 20.58
CA ASP D 109 4.11 28.92 20.69
C ASP D 109 4.42 28.11 21.95
N TYR D 110 3.71 27.00 22.11
CA TYR D 110 3.99 26.09 23.21
C TYR D 110 4.92 24.97 22.75
N PRO D 111 5.80 24.48 23.62
CA PRO D 111 6.74 23.43 23.21
C PRO D 111 6.04 22.12 22.86
N VAL D 112 6.63 21.40 21.91
CA VAL D 112 6.05 20.17 21.38
C VAL D 112 7.13 19.08 21.31
N ASP D 113 6.80 17.89 21.80
CA ASP D 113 7.63 16.69 21.65
C ASP D 113 6.93 15.72 20.71
N ILE D 114 7.64 15.27 19.68
CA ILE D 114 7.11 14.29 18.74
C ILE D 114 8.05 13.09 18.70
N TYR D 115 7.55 11.94 19.15
CA TYR D 115 8.30 10.69 19.11
C TYR D 115 7.67 9.79 18.04
N TYR D 116 8.47 9.43 17.03
CA TYR D 116 7.99 8.72 15.84
C TYR D 116 8.18 7.22 16.06
N LEU D 117 7.06 6.50 16.18
CA LEU D 117 7.05 5.06 16.48
C LEU D 117 6.60 4.31 15.24
N MET D 118 7.52 3.58 14.61
CA MET D 118 7.36 3.12 13.25
C MET D 118 7.34 1.60 13.17
N ASP D 119 6.28 1.04 12.59
CA ASP D 119 6.27 -0.33 12.15
C ASP D 119 7.39 -0.55 11.14
N LEU D 120 8.28 -1.50 11.44
CA LEU D 120 9.38 -1.82 10.53
C LEU D 120 9.37 -3.27 10.09
N SER D 121 8.18 -3.87 10.00
CA SER D 121 8.06 -5.13 9.28
C SER D 121 8.30 -4.89 7.79
N TYR D 122 8.32 -5.97 7.02
CA TYR D 122 8.77 -5.88 5.63
C TYR D 122 7.82 -5.02 4.79
N SER D 123 6.54 -4.99 5.15
CA SER D 123 5.52 -4.18 4.48
CA SER D 123 5.64 -4.21 4.30
C SER D 123 5.91 -2.71 4.37
N MET D 124 6.78 -2.25 5.28
CA MET D 124 7.10 -0.84 5.44
C MET D 124 8.48 -0.49 4.88
N LYS D 125 9.02 -1.30 3.98
CA LYS D 125 10.33 -1.02 3.41
C LYS D 125 10.30 0.21 2.50
N ASP D 126 9.23 0.34 1.71
CA ASP D 126 9.06 1.53 0.88
C ASP D 126 8.84 2.77 1.73
N ASP D 127 8.05 2.64 2.80
CA ASP D 127 7.80 3.74 3.72
C ASP D 127 9.12 4.37 4.20
N LEU D 128 10.10 3.53 4.51
CA LEU D 128 11.38 4.02 5.02
C LEU D 128 12.11 4.90 4.00
N TRP D 129 11.85 4.70 2.71
CA TRP D 129 12.45 5.58 1.72
CA TRP D 129 12.42 5.55 1.68
C TRP D 129 11.77 6.94 1.65
N SER D 130 10.50 7.03 2.03
CA SER D 130 9.79 8.30 1.96
C SER D 130 10.21 9.27 3.06
N ILE D 131 10.60 8.76 4.23
CA ILE D 131 10.86 9.61 5.39
C ILE D 131 12.35 9.84 5.60
N GLN D 132 13.15 9.74 4.54
CA GLN D 132 14.60 9.89 4.67
C GLN D 132 14.97 11.24 5.29
N ASN D 133 14.33 12.30 4.83
CA ASN D 133 14.58 13.65 5.34
C ASN D 133 13.33 14.21 6.02
N LEU D 134 12.58 13.35 6.70
CA LEU D 134 11.36 13.79 7.39
C LEU D 134 11.69 14.75 8.52
N GLY D 135 12.75 14.47 9.27
CA GLY D 135 13.09 15.33 10.41
C GLY D 135 13.35 16.76 10.01
N THR D 136 14.00 16.96 8.86
CA THR D 136 14.23 18.32 8.37
C THR D 136 12.93 18.98 7.94
N LYS D 137 12.13 18.27 7.13
CA LYS D 137 10.88 18.84 6.66
C LYS D 137 9.89 19.04 7.79
N LEU D 138 9.84 18.10 8.75
CA LEU D 138 8.97 18.24 9.89
C LEU D 138 9.34 19.46 10.72
N ALA D 139 10.64 19.74 10.83
CA ALA D 139 11.07 20.95 11.53
C ALA D 139 10.60 22.21 10.82
N THR D 140 10.68 22.23 9.49
CA THR D 140 10.29 23.41 8.73
C THR D 140 8.83 23.77 8.97
N GLN D 141 7.95 22.77 9.00
CA GLN D 141 6.53 23.05 9.14
C GLN D 141 6.12 23.31 10.58
N MET D 142 6.72 22.58 11.53
CA MET D 142 6.43 22.81 12.94
C MET D 142 7.03 24.11 13.44
N ARG D 143 8.06 24.64 12.77
CA ARG D 143 8.65 25.90 13.18
C ARG D 143 7.68 27.06 13.03
N LYS D 144 6.67 26.93 12.16
CA LYS D 144 5.63 27.95 12.06
C LYS D 144 4.70 27.94 13.27
N LEU D 145 4.68 26.86 14.04
CA LEU D 145 3.79 26.72 15.17
C LEU D 145 4.49 26.80 16.52
N THR D 146 5.76 26.40 16.61
CA THR D 146 6.45 26.34 17.89
C THR D 146 7.91 26.72 17.73
N SER D 147 8.45 27.34 18.78
CA SER D 147 9.87 27.67 18.87
C SER D 147 10.68 26.60 19.58
N ASN D 148 10.03 25.61 20.20
CA ASN D 148 10.69 24.60 21.03
C ASN D 148 10.23 23.22 20.59
N LEU D 149 10.80 22.73 19.49
CA LEU D 149 10.46 21.42 18.94
C LEU D 149 11.55 20.41 19.26
N ARG D 150 11.14 19.21 19.67
CA ARG D 150 12.03 18.08 19.87
C ARG D 150 11.41 16.84 19.24
N ILE D 151 12.24 16.05 18.54
CA ILE D 151 11.77 14.86 17.83
C ILE D 151 12.67 13.67 18.17
N GLY D 152 12.10 12.47 18.04
CA GLY D 152 12.79 11.23 18.32
C GLY D 152 12.21 10.11 17.50
N PHE D 153 12.78 8.91 17.66
CA PHE D 153 12.43 7.79 16.79
C PHE D 153 12.55 6.46 17.54
N GLY D 154 11.61 5.56 17.25
CA GLY D 154 11.64 4.19 17.72
C GLY D 154 11.01 3.30 16.68
N ALA D 155 11.17 1.98 16.86
CA ALA D 155 10.75 1.03 15.84
C ALA D 155 10.30 -0.27 16.49
N PHE D 156 9.40 -0.98 15.80
CA PHE D 156 8.87 -2.24 16.31
C PHE D 156 8.58 -3.19 15.16
N VAL D 157 8.58 -4.48 15.47
CA VAL D 157 8.03 -5.50 14.58
C VAL D 157 6.98 -6.29 15.36
N ASP D 158 7.43 -7.30 16.11
CA ASP D 158 6.54 -8.18 16.86
C ASP D 158 7.39 -8.94 17.88
N LYS D 159 6.72 -9.70 18.73
CA LYS D 159 7.42 -10.49 19.73
C LYS D 159 8.34 -11.51 19.05
N PRO D 160 9.66 -11.45 19.29
CA PRO D 160 10.60 -12.34 18.59
C PRO D 160 10.61 -13.75 19.17
N VAL D 161 9.53 -14.47 18.88
CA VAL D 161 9.34 -15.83 19.39
C VAL D 161 8.41 -16.57 18.43
N SER D 162 8.68 -17.85 18.24
CA SER D 162 7.79 -18.70 17.45
C SER D 162 6.38 -18.67 18.07
N PRO D 163 5.32 -18.57 17.26
CA PRO D 163 5.27 -18.63 15.79
C PRO D 163 5.31 -17.29 15.07
N TYR D 164 5.40 -16.19 15.82
CA TYR D 164 5.54 -14.88 15.17
C TYR D 164 6.85 -14.81 14.39
N MET D 165 7.89 -15.50 14.87
CA MET D 165 9.23 -15.42 14.32
C MET D 165 9.56 -16.69 13.56
N TYR D 166 10.17 -16.53 12.38
CA TYR D 166 10.73 -17.67 11.66
C TYR D 166 11.95 -18.20 12.40
N ILE D 167 11.99 -19.52 12.62
CA ILE D 167 13.01 -20.09 13.47
C ILE D 167 13.75 -21.25 12.80
N SER D 168 13.63 -21.35 11.47
CA SER D 168 14.38 -22.38 10.75
C SER D 168 14.56 -21.94 9.32
N PRO D 169 15.71 -22.20 8.69
CA PRO D 169 16.95 -22.80 9.21
C PRO D 169 17.70 -21.85 10.15
N PRO D 170 18.87 -22.25 10.68
CA PRO D 170 19.65 -21.30 11.49
C PRO D 170 19.97 -20.01 10.77
N GLU D 171 19.99 -20.02 9.43
CA GLU D 171 20.22 -18.80 8.67
C GLU D 171 19.07 -17.80 8.85
N ALA D 172 17.84 -18.31 9.04
CA ALA D 172 16.68 -17.44 9.11
C ALA D 172 16.65 -16.59 10.37
N LEU D 173 17.32 -17.03 11.44
CA LEU D 173 17.38 -16.21 12.66
C LEU D 173 18.26 -14.99 12.47
N GLU D 174 19.30 -15.09 11.63
CA GLU D 174 20.16 -13.96 11.34
C GLU D 174 19.63 -13.10 10.20
N ASN D 175 18.91 -13.72 9.26
CA ASN D 175 18.35 -13.02 8.10
C ASN D 175 16.99 -13.63 7.82
N PRO D 176 15.92 -13.04 8.38
CA PRO D 176 14.57 -13.54 8.07
C PRO D 176 14.21 -13.48 6.59
N CYS D 177 14.99 -12.75 5.78
CA CYS D 177 14.79 -12.65 4.35
C CYS D 177 15.70 -13.59 3.56
N TYR D 178 16.09 -14.71 4.17
CA TYR D 178 17.01 -15.64 3.52
C TYR D 178 16.36 -16.30 2.30
N ASP D 179 15.09 -16.72 2.42
CA ASP D 179 14.40 -17.42 1.34
C ASP D 179 13.95 -16.49 0.23
N MET D 180 14.36 -15.23 0.31
CA MET D 180 14.23 -14.26 -0.77
C MET D 180 15.64 -13.80 -1.16
N LYS D 181 15.73 -13.16 -2.32
CA LYS D 181 17.02 -12.73 -2.85
C LYS D 181 17.42 -11.38 -2.24
N THR D 182 17.43 -11.34 -0.91
CA THR D 182 17.69 -10.10 -0.19
C THR D 182 18.06 -10.42 1.26
N THR D 183 18.23 -9.36 2.06
CA THR D 183 18.70 -9.45 3.43
C THR D 183 18.00 -8.40 4.28
N CYS D 184 17.46 -8.82 5.42
CA CYS D 184 16.85 -7.91 6.37
C CYS D 184 17.42 -8.17 7.76
N LEU D 185 17.00 -7.34 8.73
CA LEU D 185 17.48 -7.38 10.10
C LEU D 185 16.91 -8.58 10.86
N PRO D 186 17.66 -9.11 11.82
CA PRO D 186 17.06 -10.05 12.78
C PRO D 186 15.88 -9.40 13.50
N MET D 187 14.86 -10.22 13.75
CA MET D 187 13.61 -9.71 14.30
C MET D 187 13.82 -9.08 15.67
N PHE D 188 13.08 -8.00 15.93
CA PHE D 188 13.12 -7.33 17.22
C PHE D 188 11.71 -6.90 17.61
N GLY D 189 11.44 -6.92 18.91
CA GLY D 189 10.14 -6.51 19.40
C GLY D 189 9.94 -5.00 19.37
N TYR D 190 10.80 -4.28 20.10
CA TYR D 190 10.79 -2.83 20.10
C TYR D 190 12.15 -2.34 20.52
N LYS D 191 12.69 -1.37 19.79
CA LYS D 191 13.95 -0.73 20.14
C LYS D 191 13.78 0.78 20.10
N HIS D 192 14.20 1.46 21.16
CA HIS D 192 14.30 2.91 21.13
C HIS D 192 15.56 3.29 20.37
N VAL D 193 15.42 4.23 19.44
CA VAL D 193 16.51 4.62 18.54
C VAL D 193 17.04 6.00 18.87
N LEU D 194 16.18 7.01 18.91
CA LEU D 194 16.62 8.39 19.11
C LEU D 194 15.84 9.04 20.24
N THR D 195 16.56 9.47 21.28
CA THR D 195 15.96 10.27 22.33
C THR D 195 15.53 11.62 21.79
N LEU D 196 14.42 12.14 22.30
CA LEU D 196 13.91 13.45 21.89
C LEU D 196 14.99 14.51 21.99
N THR D 197 15.26 15.19 20.88
CA THR D 197 16.29 16.20 20.79
C THR D 197 15.83 17.33 19.89
N ASP D 198 16.46 18.49 20.04
CA ASP D 198 16.18 19.62 19.16
C ASP D 198 17.08 19.65 17.94
N GLN D 199 18.02 18.71 17.84
CA GLN D 199 18.92 18.60 16.69
C GLN D 199 18.26 17.69 15.66
N VAL D 200 17.44 18.28 14.79
CA VAL D 200 16.65 17.48 13.85
C VAL D 200 17.53 16.72 12.86
N THR D 201 18.78 17.15 12.65
CA THR D 201 19.67 16.40 11.76
C THR D 201 20.01 15.03 12.34
N ARG D 202 19.97 14.91 13.67
CA ARG D 202 20.15 13.60 14.30
C ARG D 202 19.06 12.63 13.84
N PHE D 203 17.84 13.12 13.65
CA PHE D 203 16.73 12.29 13.20
C PHE D 203 17.02 11.71 11.82
N ASN D 204 17.42 12.57 10.87
CA ASN D 204 17.73 12.10 9.52
C ASN D 204 18.90 11.12 9.52
N GLU D 205 19.89 11.33 10.40
CA GLU D 205 21.05 10.44 10.44
C GLU D 205 20.65 9.04 10.91
N GLU D 206 19.83 8.95 11.96
CA GLU D 206 19.44 7.64 12.48
C GLU D 206 18.44 6.95 11.56
N VAL D 207 17.58 7.71 10.88
CA VAL D 207 16.59 7.12 9.99
C VAL D 207 17.26 6.43 8.82
N LYS D 208 18.34 7.01 8.28
CA LYS D 208 19.01 6.41 7.14
C LYS D 208 19.73 5.11 7.50
N LYS D 209 20.01 4.87 8.78
CA LYS D 209 20.62 3.62 9.18
C LYS D 209 19.59 2.50 9.36
N GLN D 210 18.32 2.84 9.45
CA GLN D 210 17.29 1.85 9.76
C GLN D 210 17.02 0.94 8.56
N SER D 211 16.50 -0.25 8.87
CA SER D 211 16.11 -1.21 7.86
C SER D 211 15.04 -2.11 8.45
N VAL D 212 14.20 -2.67 7.58
CA VAL D 212 13.05 -3.47 8.00
C VAL D 212 13.50 -4.86 8.42
N SER D 213 12.58 -5.59 9.06
CA SER D 213 12.78 -7.02 9.32
C SER D 213 11.65 -7.81 8.66
N ARG D 214 11.27 -8.93 9.26
CA ARG D 214 10.22 -9.78 8.69
C ARG D 214 9.74 -10.75 9.76
N ASN D 215 8.42 -10.93 9.83
CA ASN D 215 7.81 -11.93 10.70
C ASN D 215 6.65 -12.59 9.96
N ARG D 216 5.99 -13.53 10.62
CA ARG D 216 5.04 -14.41 9.94
C ARG D 216 3.61 -13.89 9.95
N ASP D 217 3.09 -13.50 11.11
CA ASP D 217 1.66 -13.20 11.21
C ASP D 217 1.38 -11.71 11.05
N ALA D 218 0.25 -11.43 10.39
CA ALA D 218 -0.12 -10.06 10.03
C ALA D 218 -0.25 -9.13 11.22
N PRO D 219 -0.96 -9.46 12.29
CA PRO D 219 -1.00 -8.53 13.44
C PRO D 219 0.38 -8.38 14.05
N GLU D 220 0.73 -7.16 14.40
CA GLU D 220 2.07 -6.86 14.86
C GLU D 220 2.04 -6.45 16.33
N GLY D 221 3.22 -6.19 16.88
CA GLY D 221 3.34 -5.93 18.31
C GLY D 221 3.58 -4.48 18.68
N GLY D 222 2.88 -3.56 18.01
CA GLY D 222 3.09 -2.15 18.28
C GLY D 222 2.56 -1.69 19.62
N PHE D 223 1.51 -2.35 20.13
CA PHE D 223 0.98 -1.95 21.43
C PHE D 223 2.00 -2.17 22.54
N ASP D 224 2.81 -3.22 22.41
CA ASP D 224 4.00 -3.36 23.24
C ASP D 224 4.88 -2.12 23.16
N ALA D 225 5.05 -1.57 21.95
CA ALA D 225 5.91 -0.41 21.76
C ALA D 225 5.26 0.85 22.33
N ILE D 226 3.96 1.04 22.10
CA ILE D 226 3.27 2.19 22.66
C ILE D 226 3.43 2.22 24.18
N MET D 227 3.32 1.07 24.84
CA MET D 227 3.43 1.02 26.29
C MET D 227 4.80 1.45 26.76
N GLN D 228 5.86 1.00 26.08
CA GLN D 228 7.22 1.31 26.53
C GLN D 228 7.59 2.75 26.23
N ALA D 229 7.23 3.27 25.06
CA ALA D 229 7.49 4.67 24.77
C ALA D 229 6.75 5.59 25.73
N THR D 230 5.65 5.10 26.30
CA THR D 230 4.87 5.89 27.24
C THR D 230 5.51 5.93 28.62
N VAL D 231 5.92 4.76 29.14
CA VAL D 231 6.35 4.66 30.54
C VAL D 231 7.86 4.76 30.72
N CYS D 232 8.66 4.68 29.66
CA CYS D 232 10.11 4.84 29.79
C CYS D 232 10.43 6.33 29.62
N ASP D 233 10.15 7.09 30.68
CA ASP D 233 10.21 8.55 30.62
C ASP D 233 11.62 9.04 30.29
N GLU D 234 12.61 8.62 31.09
CA GLU D 234 13.95 9.16 30.95
C GLU D 234 14.58 8.79 29.62
N LYS D 235 14.32 7.57 29.15
CA LYS D 235 14.93 7.11 27.91
C LYS D 235 14.31 7.81 26.70
N ILE D 236 12.98 7.85 26.64
CA ILE D 236 12.31 8.56 25.56
C ILE D 236 12.61 10.05 25.64
N GLY D 237 12.58 10.61 26.85
CA GLY D 237 12.96 11.98 27.06
C GLY D 237 11.83 13.00 27.00
N TRP D 238 10.62 12.62 27.40
CA TRP D 238 9.52 13.58 27.40
C TRP D 238 9.82 14.74 28.35
N ARG D 239 9.47 15.95 27.91
CA ARG D 239 9.70 17.15 28.70
C ARG D 239 8.47 17.48 29.55
N ASN D 240 8.72 18.17 30.67
CA ASN D 240 7.66 18.42 31.64
C ASN D 240 6.57 19.31 31.06
N ASP D 241 6.94 20.38 30.39
CA ASP D 241 6.00 21.41 29.94
C ASP D 241 6.02 21.42 28.41
N ALA D 242 5.33 20.45 27.82
CA ALA D 242 5.28 20.33 26.37
C ALA D 242 4.12 19.42 25.99
N SER D 243 3.56 19.66 24.82
CA SER D 243 2.63 18.72 24.23
C SER D 243 3.38 17.47 23.81
N HIS D 244 2.88 16.31 24.21
CA HIS D 244 3.52 15.03 23.90
C HIS D 244 2.73 14.35 22.80
N LEU D 245 3.31 14.31 21.60
CA LEU D 245 2.73 13.60 20.47
C LEU D 245 3.48 12.29 20.25
N LEU D 246 2.74 11.20 20.13
CA LEU D 246 3.29 9.86 19.87
C LEU D 246 2.69 9.37 18.56
N VAL D 247 3.49 9.39 17.50
CA VAL D 247 3.02 9.08 16.15
C VAL D 247 3.26 7.61 15.89
N PHE D 248 2.16 6.85 15.78
CA PHE D 248 2.16 5.40 15.62
C PHE D 248 1.75 5.10 14.18
N THR D 249 2.70 4.65 13.37
CA THR D 249 2.46 4.37 11.96
C THR D 249 2.54 2.87 11.71
N THR D 250 1.50 2.32 11.08
CA THR D 250 1.45 0.90 10.75
C THR D 250 0.46 0.71 9.61
N ASP D 251 0.60 -0.42 8.91
CA ASP D 251 -0.34 -0.79 7.85
C ASP D 251 -1.04 -2.11 8.13
N ALA D 252 -1.14 -2.50 9.40
CA ALA D 252 -1.62 -3.85 9.72
C ALA D 252 -2.41 -3.83 11.02
N LYS D 253 -3.15 -4.93 11.24
CA LYS D 253 -3.79 -5.21 12.51
C LYS D 253 -2.79 -5.17 13.66
N THR D 254 -3.28 -5.15 14.90
CA THR D 254 -2.41 -5.11 16.05
C THR D 254 -2.73 -6.27 17.00
N HIS D 255 -1.68 -6.79 17.63
CA HIS D 255 -1.86 -7.78 18.68
C HIS D 255 -2.39 -7.11 19.94
N ILE D 256 -3.24 -7.81 20.67
CA ILE D 256 -3.86 -7.27 21.87
C ILE D 256 -3.55 -8.21 23.04
N ALA D 257 -3.88 -7.75 24.25
CA ALA D 257 -3.68 -8.56 25.43
C ALA D 257 -4.44 -9.88 25.31
N LEU D 258 -3.80 -10.95 25.77
CA LEU D 258 -4.20 -12.37 25.73
C LEU D 258 -3.81 -13.05 24.42
N ASP D 259 -3.35 -12.31 23.40
CA ASP D 259 -2.83 -12.96 22.21
C ASP D 259 -1.55 -13.73 22.51
N GLY D 260 -0.80 -13.30 23.52
CA GLY D 260 0.52 -13.85 23.77
C GLY D 260 0.52 -15.33 24.12
N ARG D 261 -0.64 -15.86 24.50
CA ARG D 261 -0.72 -17.28 24.84
C ARG D 261 -0.37 -18.17 23.65
N LEU D 262 -0.56 -17.65 22.43
CA LEU D 262 -0.12 -18.40 21.25
C LEU D 262 1.39 -18.57 21.21
N ALA D 263 2.15 -17.77 21.96
CA ALA D 263 3.58 -17.96 22.12
C ALA D 263 3.93 -18.52 23.49
N GLY D 264 2.95 -19.06 24.22
CA GLY D 264 3.18 -19.53 25.57
C GLY D 264 3.34 -18.45 26.61
N ILE D 265 2.98 -17.21 26.29
CA ILE D 265 3.16 -16.07 27.19
C ILE D 265 1.82 -15.80 27.88
N VAL D 266 1.80 -15.97 29.20
CA VAL D 266 0.57 -15.80 29.97
C VAL D 266 0.68 -14.71 31.03
N GLN D 267 1.86 -14.16 31.28
CA GLN D 267 2.02 -13.18 32.34
C GLN D 267 1.44 -11.84 31.90
N PRO D 268 0.55 -11.23 32.69
CA PRO D 268 -0.06 -9.97 32.29
C PRO D 268 0.99 -8.85 32.21
N ASN D 269 0.72 -7.90 31.31
CA ASN D 269 1.58 -6.72 31.22
C ASN D 269 1.54 -5.93 32.51
N ASP D 270 2.70 -5.49 32.98
CA ASP D 270 2.78 -4.80 34.26
C ASP D 270 2.84 -3.28 34.14
N GLY D 271 2.92 -2.75 32.92
CA GLY D 271 2.98 -1.31 32.75
C GLY D 271 4.23 -0.66 33.29
N GLN D 272 5.34 -1.39 33.36
CA GLN D 272 6.61 -0.85 33.82
C GLN D 272 7.60 -0.80 32.66
N CYS D 273 8.62 0.05 32.81
CA CYS D 273 9.66 0.17 31.80
C CYS D 273 10.60 -1.01 31.88
N HIS D 274 10.96 -1.55 30.72
CA HIS D 274 11.89 -2.66 30.64
C HIS D 274 12.88 -2.47 29.50
N VAL D 275 13.22 -1.22 29.20
CA VAL D 275 14.15 -0.88 28.15
C VAL D 275 15.43 -0.37 28.83
N GLY D 276 16.44 -1.22 28.88
CA GLY D 276 17.69 -0.88 29.53
C GLY D 276 18.73 -0.27 28.61
N SER D 277 20.00 -0.60 28.87
CA SER D 277 21.10 0.04 28.15
C SER D 277 21.10 -0.32 26.67
N ASP D 278 20.72 -1.56 26.35
CA ASP D 278 20.72 -2.02 24.96
C ASP D 278 19.55 -1.46 24.15
N ASN D 279 18.68 -0.68 24.77
CA ASN D 279 17.60 0.05 24.09
C ASN D 279 16.57 -0.88 23.44
N HIS D 280 16.52 -2.14 23.86
CA HIS D 280 15.49 -3.06 23.42
C HIS D 280 14.53 -3.37 24.56
N TYR D 281 13.29 -3.69 24.21
CA TYR D 281 12.29 -4.15 25.17
C TYR D 281 12.65 -5.56 25.59
N SER D 282 13.09 -5.73 26.84
CA SER D 282 13.63 -7.01 27.28
C SER D 282 12.54 -7.98 27.71
N ALA D 283 11.33 -7.51 27.97
CA ALA D 283 10.24 -8.38 28.37
C ALA D 283 9.34 -8.78 27.20
N SER D 284 9.77 -8.54 25.96
CA SER D 284 8.94 -8.85 24.80
C SER D 284 8.53 -10.33 24.79
N THR D 285 9.46 -11.22 25.12
CA THR D 285 9.23 -12.65 25.04
C THR D 285 8.75 -13.26 26.36
N THR D 286 8.50 -12.45 27.39
CA THR D 286 8.06 -12.96 28.67
C THR D 286 6.78 -12.33 29.21
N MET D 287 6.25 -11.30 28.54
CA MET D 287 5.14 -10.53 29.07
C MET D 287 4.13 -10.26 27.97
N ASP D 288 2.85 -10.40 28.30
CA ASP D 288 1.80 -10.30 27.31
C ASP D 288 1.65 -8.86 26.83
N TYR D 289 1.03 -8.70 25.67
CA TYR D 289 0.69 -7.37 25.17
C TYR D 289 -0.22 -6.67 26.18
N PRO D 290 -0.18 -5.34 26.25
CA PRO D 290 -1.04 -4.62 27.19
C PRO D 290 -2.49 -4.59 26.72
N SER D 291 -3.38 -4.43 27.68
CA SER D 291 -4.79 -4.25 27.35
C SER D 291 -5.07 -2.78 27.04
N LEU D 292 -6.19 -2.53 26.38
CA LEU D 292 -6.58 -1.16 26.07
C LEU D 292 -6.63 -0.31 27.33
N GLY D 293 -7.27 -0.83 28.39
CA GLY D 293 -7.43 -0.06 29.61
C GLY D 293 -6.11 0.27 30.27
N LEU D 294 -5.17 -0.68 30.27
CA LEU D 294 -3.85 -0.39 30.79
C LEU D 294 -3.17 0.69 29.97
N MET D 295 -3.30 0.64 28.64
CA MET D 295 -2.74 1.69 27.80
C MET D 295 -3.36 3.04 28.11
N THR D 296 -4.70 3.09 28.23
CA THR D 296 -5.38 4.34 28.58
C THR D 296 -4.81 4.95 29.85
N GLU D 297 -4.57 4.11 30.86
CA GLU D 297 -4.10 4.60 32.16
C GLU D 297 -2.71 5.23 32.06
N LYS D 298 -1.81 4.62 31.29
CA LYS D 298 -0.44 5.11 31.21
C LYS D 298 -0.33 6.37 30.37
N LEU D 299 -0.90 6.35 29.16
CA LEU D 299 -0.97 7.55 28.33
C LEU D 299 -1.52 8.73 29.11
N SER D 300 -2.62 8.51 29.85
CA SER D 300 -3.24 9.57 30.65
C SER D 300 -2.32 10.03 31.77
N GLN D 301 -1.65 9.09 32.45
CA GLN D 301 -0.77 9.43 33.56
C GLN D 301 0.46 10.19 33.10
N LYS D 302 0.97 9.86 31.90
CA LYS D 302 2.15 10.51 31.35
C LYS D 302 1.82 11.67 30.42
N ASN D 303 0.53 11.91 30.15
CA ASN D 303 0.08 13.02 29.30
C ASN D 303 0.58 12.88 27.87
N ILE D 304 0.37 11.70 27.29
CA ILE D 304 0.75 11.41 25.92
C ILE D 304 -0.49 11.47 25.04
N ASN D 305 -0.39 12.17 23.91
CA ASN D 305 -1.43 12.16 22.89
C ASN D 305 -1.02 11.12 21.85
N LEU D 306 -1.72 10.00 21.83
CA LEU D 306 -1.43 8.94 20.87
C LEU D 306 -2.11 9.24 19.54
N ILE D 307 -1.35 9.12 18.45
CA ILE D 307 -1.84 9.36 17.10
C ILE D 307 -1.72 8.05 16.32
N PHE D 308 -2.85 7.47 15.93
CA PHE D 308 -2.87 6.34 15.02
C PHE D 308 -2.73 6.86 13.60
N ALA D 309 -1.58 6.59 12.97
CA ALA D 309 -1.33 6.92 11.57
C ALA D 309 -1.31 5.62 10.79
N VAL D 310 -2.47 5.22 10.28
CA VAL D 310 -2.66 3.89 9.71
C VAL D 310 -3.22 4.01 8.31
N THR D 311 -3.05 2.93 7.54
CA THR D 311 -3.40 2.93 6.13
C THR D 311 -4.88 2.65 5.94
N GLU D 312 -5.39 3.03 4.76
CA GLU D 312 -6.81 2.96 4.41
C GLU D 312 -7.46 1.65 4.84
N ASN D 313 -6.71 0.55 4.75
CA ASN D 313 -7.27 -0.78 4.99
C ASN D 313 -7.48 -1.11 6.47
N VAL D 314 -7.02 -0.26 7.40
CA VAL D 314 -7.23 -0.53 8.81
C VAL D 314 -7.67 0.74 9.54
N VAL D 315 -8.13 1.75 8.79
CA VAL D 315 -8.59 2.99 9.41
C VAL D 315 -9.77 2.71 10.33
N ASN D 316 -10.79 2.02 9.82
CA ASN D 316 -11.98 1.71 10.61
C ASN D 316 -11.61 0.95 11.88
N LEU D 317 -10.59 0.09 11.79
CA LEU D 317 -10.17 -0.68 12.96
C LEU D 317 -9.61 0.22 14.05
N TYR D 318 -8.73 1.15 13.69
CA TYR D 318 -8.11 2.01 14.68
C TYR D 318 -9.01 3.17 15.08
N GLN D 319 -9.91 3.60 14.20
CA GLN D 319 -10.93 4.57 14.62
C GLN D 319 -11.84 3.95 15.68
N ASN D 320 -12.12 2.65 15.56
CA ASN D 320 -12.95 1.98 16.54
C ASN D 320 -12.22 1.77 17.86
N TYR D 321 -10.92 1.46 17.80
CA TYR D 321 -10.11 1.48 19.01
C TYR D 321 -10.04 2.88 19.61
N SER D 322 -9.88 3.89 18.76
CA SER D 322 -9.79 5.27 19.23
C SER D 322 -10.96 5.64 20.13
N GLU D 323 -12.17 5.20 19.77
CA GLU D 323 -13.35 5.47 20.59
C GLU D 323 -13.28 4.78 21.95
N LEU D 324 -12.42 3.77 22.10
CA LEU D 324 -12.23 3.10 23.38
C LEU D 324 -11.06 3.66 24.18
N ILE D 325 -10.26 4.55 23.60
CA ILE D 325 -9.18 5.21 24.31
C ILE D 325 -9.36 6.71 24.11
N PRO D 326 -10.21 7.37 24.90
CA PRO D 326 -10.52 8.78 24.65
C PRO D 326 -9.26 9.64 24.61
N GLY D 327 -9.23 10.58 23.68
CA GLY D 327 -8.09 11.45 23.48
C GLY D 327 -7.17 11.06 22.34
N THR D 328 -7.34 9.88 21.76
CA THR D 328 -6.50 9.43 20.66
C THR D 328 -7.04 9.93 19.33
N THR D 329 -6.13 10.12 18.38
CA THR D 329 -6.44 10.67 17.06
C THR D 329 -6.07 9.67 15.99
N VAL D 330 -6.80 9.70 14.88
CA VAL D 330 -6.56 8.79 13.76
C VAL D 330 -6.41 9.61 12.49
N GLY D 331 -5.33 9.37 11.75
CA GLY D 331 -5.14 9.94 10.44
C GLY D 331 -4.84 8.86 9.43
N VAL D 332 -5.27 9.10 8.19
CA VAL D 332 -5.11 8.12 7.14
C VAL D 332 -3.72 8.23 6.55
N LEU D 333 -2.92 7.17 6.69
CA LEU D 333 -1.55 7.15 6.20
C LEU D 333 -1.49 6.50 4.82
N SER D 334 -0.68 7.08 3.94
CA SER D 334 -0.49 6.50 2.61
C SER D 334 0.25 5.18 2.70
N MET D 335 0.14 4.37 1.64
CA MET D 335 0.84 3.09 1.61
C MET D 335 2.35 3.24 1.64
N ASP D 336 2.87 4.45 1.48
CA ASP D 336 4.31 4.70 1.47
C ASP D 336 4.74 5.72 2.52
N SER D 337 3.82 6.18 3.38
CA SER D 337 4.08 7.22 4.37
C SER D 337 4.47 8.55 3.75
N SER D 338 4.13 8.79 2.48
CA SER D 338 4.53 10.04 1.85
C SER D 338 3.71 11.23 2.34
N ASN D 339 2.59 11.01 3.02
CA ASN D 339 1.75 12.08 3.53
C ASN D 339 1.86 12.28 5.03
N VAL D 340 2.76 11.57 5.70
CA VAL D 340 2.79 11.56 7.17
C VAL D 340 3.12 12.94 7.74
N LEU D 341 3.77 13.81 6.97
CA LEU D 341 4.08 15.15 7.45
C LEU D 341 2.80 15.94 7.72
N GLN D 342 1.98 16.14 6.68
CA GLN D 342 0.70 16.82 6.86
C GLN D 342 -0.17 16.11 7.89
N LEU D 343 -0.07 14.77 7.94
CA LEU D 343 -0.83 13.99 8.91
C LEU D 343 -0.49 14.39 10.34
N ILE D 344 0.80 14.63 10.60
CA ILE D 344 1.23 15.01 11.95
C ILE D 344 0.78 16.43 12.27
N VAL D 345 0.89 17.33 11.29
CA VAL D 345 0.49 18.72 11.51
C VAL D 345 -1.01 18.81 11.74
N ASP D 346 -1.80 18.06 10.96
CA ASP D 346 -3.25 18.10 11.10
C ASP D 346 -3.70 17.58 12.45
N ALA D 347 -3.13 16.47 12.90
CA ALA D 347 -3.53 15.86 14.17
C ALA D 347 -3.14 16.75 15.35
N TYR D 348 -1.98 17.42 15.28
CA TYR D 348 -1.60 18.34 16.33
C TYR D 348 -2.59 19.49 16.46
N GLY D 349 -3.03 20.04 15.32
CA GLY D 349 -4.04 21.07 15.37
C GLY D 349 -5.36 20.57 15.92
N LYS D 350 -5.75 19.35 15.55
CA LYS D 350 -6.97 18.75 16.11
C LYS D 350 -6.82 18.50 17.61
N ILE D 351 -5.63 18.10 18.05
CA ILE D 351 -5.38 17.86 19.46
C ILE D 351 -5.57 19.14 20.27
N ARG D 352 -5.13 20.27 19.71
CA ARG D 352 -5.21 21.55 20.40
C ARG D 352 -6.43 22.36 20.02
N SER D 353 -7.45 21.70 19.46
CA SER D 353 -8.73 22.34 19.14
C SER D 353 -9.77 22.10 20.23
N LYS D 354 -9.38 21.49 21.34
CA LYS D 354 -10.31 21.08 22.37
C LYS D 354 -9.87 21.61 23.72
N VAL D 355 -10.84 22.02 24.54
CA VAL D 355 -10.65 22.31 25.94
C VAL D 355 -11.74 21.57 26.70
N GLU D 356 -11.33 20.70 27.64
CA GLU D 356 -12.26 19.86 28.38
C GLU D 356 -11.89 19.89 29.84
N LEU D 357 -12.78 20.42 30.67
CA LEU D 357 -12.52 20.52 32.10
C LEU D 357 -12.80 19.19 32.79
N GLU D 358 -11.95 18.87 33.77
CA GLU D 358 -12.15 17.73 34.66
C GLU D 358 -12.01 18.22 36.09
N VAL D 359 -12.71 17.54 37.00
CA VAL D 359 -12.76 17.93 38.40
C VAL D 359 -12.13 16.83 39.24
N ARG D 360 -11.23 17.22 40.14
CA ARG D 360 -10.54 16.28 41.01
C ARG D 360 -10.83 16.61 42.47
N ASP D 361 -11.08 15.56 43.26
CA ASP D 361 -11.28 15.67 44.71
C ASP D 361 -12.53 16.45 45.08
N LEU D 362 -13.56 16.39 44.25
CA LEU D 362 -14.81 17.04 44.59
C LEU D 362 -15.43 16.36 45.82
N PRO D 363 -15.68 17.09 46.90
CA PRO D 363 -16.26 16.45 48.08
C PRO D 363 -17.64 15.86 47.79
N GLU D 364 -18.03 14.90 48.63
CA GLU D 364 -19.29 14.19 48.43
C GLU D 364 -20.48 15.14 48.41
N GLU D 365 -20.43 16.19 49.24
CA GLU D 365 -21.56 17.09 49.45
C GLU D 365 -21.61 18.24 48.47
N LEU D 366 -20.68 18.31 47.52
CA LEU D 366 -20.68 19.37 46.52
C LEU D 366 -21.05 18.80 45.16
N SER D 367 -21.80 19.59 44.38
CA SER D 367 -22.15 19.26 43.02
C SER D 367 -22.02 20.51 42.18
N LEU D 368 -21.48 20.36 40.97
CA LEU D 368 -21.19 21.49 40.11
C LEU D 368 -22.09 21.47 38.88
N SER D 369 -22.21 22.64 38.26
CA SER D 369 -22.91 22.82 37.00
C SER D 369 -22.13 23.84 36.17
N PHE D 370 -22.13 23.64 34.86
CA PHE D 370 -21.26 24.39 33.97
C PHE D 370 -22.04 25.00 32.82
N ASN D 371 -21.68 26.22 32.45
CA ASN D 371 -22.11 26.84 31.20
C ASN D 371 -20.86 27.28 30.45
N ALA D 372 -20.73 26.82 29.21
CA ALA D 372 -19.54 27.06 28.41
C ALA D 372 -19.78 28.20 27.44
N THR D 373 -18.74 29.02 27.25
CA THR D 373 -18.72 30.08 26.24
C THR D 373 -17.53 29.80 25.33
N CYS D 374 -17.81 29.24 24.15
CA CYS D 374 -16.74 28.81 23.26
C CYS D 374 -16.59 29.77 22.08
N LEU D 375 -16.90 29.29 20.87
CA LEU D 375 -16.85 30.12 19.68
C LEU D 375 -17.69 31.37 19.86
N ASN D 376 -17.11 32.52 19.54
CA ASN D 376 -17.74 33.84 19.72
C ASN D 376 -18.07 33.99 21.21
N ASN D 377 -19.19 34.60 21.55
CA ASN D 377 -19.68 34.67 22.93
C ASN D 377 -20.96 33.86 23.09
N GLU D 378 -21.02 32.70 22.44
CA GLU D 378 -22.20 31.85 22.48
C GLU D 378 -22.14 30.99 23.73
N VAL D 379 -23.04 31.26 24.68
CA VAL D 379 -23.10 30.48 25.92
C VAL D 379 -23.85 29.18 25.64
N ILE D 380 -23.28 28.07 26.07
CA ILE D 380 -23.83 26.74 25.84
C ILE D 380 -24.12 26.11 27.20
N PRO D 381 -25.39 26.08 27.63
CA PRO D 381 -25.69 25.60 28.98
C PRO D 381 -25.44 24.11 29.13
N GLY D 382 -25.02 23.73 30.33
CA GLY D 382 -24.80 22.34 30.68
C GLY D 382 -23.67 21.69 29.92
N LEU D 383 -22.51 22.35 29.85
CA LEU D 383 -21.39 21.84 29.08
C LEU D 383 -20.09 22.34 29.69
N LYS D 384 -19.12 21.44 29.82
CA LYS D 384 -17.82 21.77 30.40
C LYS D 384 -16.68 21.60 29.40
N SER D 385 -16.98 21.67 28.10
CA SER D 385 -15.96 21.44 27.08
C SER D 385 -16.24 22.31 25.87
N CYS D 386 -15.18 22.64 25.14
CA CYS D 386 -15.26 23.36 23.89
C CYS D 386 -14.52 22.59 22.80
N MET D 387 -15.00 22.71 21.57
CA MET D 387 -14.39 22.07 20.42
C MET D 387 -14.28 23.05 19.26
N GLY D 388 -13.45 22.70 18.29
CA GLY D 388 -13.27 23.53 17.12
C GLY D 388 -12.46 24.79 17.34
N LEU D 389 -11.53 24.77 18.28
CA LEU D 389 -10.75 25.96 18.60
C LEU D 389 -9.47 26.00 17.77
N LYS D 390 -9.02 27.21 17.47
CA LYS D 390 -7.71 27.43 16.91
C LYS D 390 -6.74 27.74 18.03
N ILE D 391 -5.44 27.53 17.75
CA ILE D 391 -4.41 27.94 18.69
C ILE D 391 -4.53 29.45 18.91
N GLY D 392 -4.45 29.86 20.17
CA GLY D 392 -4.60 31.25 20.54
C GLY D 392 -5.99 31.63 21.00
N ASP D 393 -6.96 30.73 20.90
CA ASP D 393 -8.33 31.03 21.30
C ASP D 393 -8.48 30.89 22.82
N THR D 394 -9.36 31.70 23.38
CA THR D 394 -9.65 31.69 24.81
C THR D 394 -11.13 31.41 25.01
N VAL D 395 -11.44 30.46 25.88
CA VAL D 395 -12.82 30.12 26.23
C VAL D 395 -12.98 30.31 27.73
N SER D 396 -14.23 30.28 28.17
CA SER D 396 -14.55 30.49 29.58
C SER D 396 -15.71 29.59 29.98
N PHE D 397 -15.82 29.37 31.29
CA PHE D 397 -16.88 28.55 31.85
C PHE D 397 -17.42 29.22 33.10
N SER D 398 -18.74 29.27 33.22
CA SER D 398 -19.39 29.69 34.45
C SER D 398 -19.74 28.44 35.24
N ILE D 399 -19.39 28.44 36.53
CA ILE D 399 -19.48 27.25 37.38
C ILE D 399 -20.24 27.61 38.64
N GLU D 400 -21.22 26.78 39.01
CA GLU D 400 -22.03 26.99 40.19
C GLU D 400 -21.86 25.81 41.14
N ALA D 401 -21.39 26.09 42.35
CA ALA D 401 -21.21 25.08 43.38
C ALA D 401 -22.41 25.09 44.32
N LYS D 402 -23.00 23.92 44.55
CA LYS D 402 -24.12 23.77 45.46
C LYS D 402 -23.80 22.69 46.48
N VAL D 403 -23.80 23.07 47.76
CA VAL D 403 -23.53 22.15 48.85
C VAL D 403 -24.86 21.64 49.41
N ARG D 404 -24.89 20.38 49.81
CA ARG D 404 -26.07 19.74 50.38
C ARG D 404 -25.81 19.47 51.85
N GLY D 405 -26.47 20.22 52.72
CA GLY D 405 -26.28 20.08 54.15
C GLY D 405 -25.03 20.79 54.64
N CYS D 406 -24.53 20.32 55.78
CA CYS D 406 -23.29 20.83 56.37
C CYS D 406 -22.35 19.67 56.64
N PRO D 407 -21.22 19.57 55.94
CA PRO D 407 -20.31 18.45 56.15
C PRO D 407 -19.58 18.55 57.48
N GLN D 408 -18.98 17.42 57.87
CA GLN D 408 -18.23 17.37 59.12
C GLN D 408 -16.95 18.19 59.04
N GLU D 409 -16.20 18.07 57.95
CA GLU D 409 -15.01 18.87 57.76
C GLU D 409 -15.40 20.25 57.22
N LYS D 410 -14.91 21.29 57.87
CA LYS D 410 -15.31 22.65 57.51
C LYS D 410 -14.47 23.26 56.41
N GLU D 411 -13.34 22.65 56.05
CA GLU D 411 -12.47 23.19 55.02
C GLU D 411 -12.00 22.08 54.10
N LYS D 412 -12.28 22.23 52.81
CA LYS D 412 -11.81 21.32 51.78
C LYS D 412 -11.42 22.14 50.55
N SER D 413 -10.57 21.56 49.72
CA SER D 413 -10.16 22.20 48.47
C SER D 413 -10.11 21.15 47.37
N PHE D 414 -10.60 21.51 46.19
CA PHE D 414 -10.58 20.63 45.04
C PHE D 414 -9.95 21.36 43.86
N THR D 415 -9.87 20.67 42.73
CA THR D 415 -9.12 21.14 41.57
C THR D 415 -9.99 21.04 40.32
N ILE D 416 -9.92 22.08 39.50
CA ILE D 416 -10.51 22.08 38.16
C ILE D 416 -9.37 22.27 37.18
N LYS D 417 -9.09 21.25 36.38
CA LYS D 417 -7.98 21.29 35.44
C LYS D 417 -8.49 20.94 34.04
N PRO D 418 -8.02 21.63 33.01
CA PRO D 418 -8.31 21.19 31.64
C PRO D 418 -7.53 19.93 31.33
N VAL D 419 -8.19 19.01 30.61
CA VAL D 419 -7.56 17.73 30.28
C VAL D 419 -6.31 17.98 29.45
N GLY D 420 -5.18 17.45 29.91
CA GLY D 420 -3.93 17.59 29.22
C GLY D 420 -3.12 18.83 29.58
N PHE D 421 -3.71 19.78 30.29
CA PHE D 421 -3.04 21.01 30.66
C PHE D 421 -2.22 20.83 31.93
N LYS D 422 -1.29 21.76 32.15
CA LYS D 422 -0.52 21.79 33.38
C LYS D 422 -1.15 22.67 34.45
N ASP D 423 -1.58 23.87 34.07
CA ASP D 423 -2.19 24.78 35.01
C ASP D 423 -3.60 24.31 35.37
N SER D 424 -4.06 24.73 36.55
CA SER D 424 -5.37 24.34 37.06
C SER D 424 -5.89 25.44 37.96
N LEU D 425 -7.16 25.29 38.35
CA LEU D 425 -7.81 26.18 39.30
C LEU D 425 -8.04 25.41 40.59
N ILE D 426 -7.49 25.91 41.68
CA ILE D 426 -7.66 25.31 43.01
C ILE D 426 -8.74 26.08 43.74
N VAL D 427 -9.81 25.38 44.13
CA VAL D 427 -10.97 25.98 44.77
C VAL D 427 -10.93 25.58 46.24
N GLN D 428 -10.61 26.53 47.12
CA GLN D 428 -10.57 26.29 48.56
C GLN D 428 -11.95 26.62 49.14
N VAL D 429 -12.64 25.61 49.64
CA VAL D 429 -14.01 25.75 50.14
C VAL D 429 -14.00 25.85 51.65
N THR D 430 -14.81 26.77 52.19
CA THR D 430 -15.03 26.88 53.62
C THR D 430 -16.52 26.83 53.88
N PHE D 431 -16.95 25.82 54.63
CA PHE D 431 -18.37 25.63 54.94
C PHE D 431 -18.71 26.43 56.19
N ASP D 432 -19.65 27.38 56.04
CA ASP D 432 -19.99 28.30 57.12
C ASP D 432 -21.30 27.85 57.75
N CYS D 433 -21.18 26.90 58.68
CA CYS D 433 -22.36 26.35 59.37
C CYS D 433 -22.57 26.88 60.76
N ASP D 434 -21.53 27.44 61.39
CA ASP D 434 -21.61 27.86 62.78
C ASP D 434 -21.87 29.35 62.89
N CYS D 435 -22.22 29.78 64.08
CA CYS D 435 -22.41 31.19 64.39
C CYS D 435 -21.19 31.71 65.14
N ALA D 436 -20.83 32.97 64.84
CA ALA D 436 -19.66 33.56 65.47
C ALA D 436 -19.81 33.63 66.99
N CYS D 437 -21.05 33.76 67.48
CA CYS D 437 -21.29 33.81 68.92
C CYS D 437 -21.00 32.50 69.63
N GLN D 438 -20.78 31.40 68.89
CA GLN D 438 -20.45 30.14 69.54
C GLN D 438 -19.08 30.17 70.20
N ALA D 439 -18.14 30.93 69.62
CA ALA D 439 -16.81 31.05 70.21
C ALA D 439 -16.82 31.71 71.58
N GLN D 440 -17.93 32.37 71.95
CA GLN D 440 -18.05 33.01 73.24
C GLN D 440 -19.06 32.30 74.14
N ALA D 441 -19.37 31.04 73.85
CA ALA D 441 -20.33 30.30 74.65
C ALA D 441 -19.80 30.09 76.07
N GLU D 442 -20.73 30.07 77.03
CA GLU D 442 -20.38 29.93 78.44
C GLU D 442 -20.86 28.59 78.97
N PRO D 443 -20.00 27.59 79.09
CA PRO D 443 -20.43 26.30 79.63
C PRO D 443 -20.57 26.34 81.14
N ASN D 444 -21.42 25.45 81.65
CA ASN D 444 -21.72 25.38 83.08
C ASN D 444 -22.18 26.74 83.61
N SER D 445 -22.99 27.42 82.81
CA SER D 445 -23.41 28.78 83.12
C SER D 445 -24.46 28.78 84.22
N HIS D 446 -24.36 29.76 85.11
CA HIS D 446 -25.36 29.95 86.15
C HIS D 446 -26.72 30.32 85.56
N ARG D 447 -26.75 30.83 84.34
CA ARG D 447 -27.98 31.24 83.69
C ARG D 447 -28.80 30.06 83.17
N CYS D 448 -28.26 28.85 83.18
CA CYS D 448 -28.91 27.68 82.61
C CYS D 448 -28.94 26.56 83.65
N ASN D 449 -30.07 26.41 84.34
CA ASN D 449 -30.30 25.34 85.30
C ASN D 449 -29.28 25.36 86.44
N ASN D 450 -28.78 26.54 86.79
CA ASN D 450 -27.81 26.70 87.86
C ASN D 450 -26.54 25.90 87.58
N GLY D 451 -26.05 25.96 86.35
CA GLY D 451 -24.80 25.34 85.99
C GLY D 451 -24.88 24.05 85.22
N ASN D 452 -26.07 23.64 84.77
CA ASN D 452 -26.22 22.37 84.07
C ASN D 452 -26.26 22.51 82.55
N GLY D 453 -26.34 23.74 82.02
CA GLY D 453 -26.43 23.96 80.60
C GLY D 453 -25.38 24.94 80.13
N THR D 454 -25.41 25.20 78.82
CA THR D 454 -24.49 26.11 78.17
C THR D 454 -25.25 27.32 77.65
N PHE D 455 -24.74 28.51 77.97
CA PHE D 455 -25.29 29.77 77.47
C PHE D 455 -24.57 30.12 76.18
N GLU D 456 -25.26 29.96 75.06
CA GLU D 456 -24.68 30.14 73.73
C GLU D 456 -25.62 30.97 72.88
N CYS D 457 -25.14 32.13 72.41
CA CYS D 457 -25.87 32.98 71.47
C CYS D 457 -27.21 33.44 72.04
N GLY D 458 -27.28 33.64 73.35
CA GLY D 458 -28.46 34.18 73.99
C GLY D 458 -29.50 33.19 74.44
N VAL D 459 -29.26 31.89 74.26
CA VAL D 459 -30.19 30.85 74.69
C VAL D 459 -29.41 29.79 75.48
N CYS D 460 -30.16 28.91 76.13
CA CYS D 460 -29.56 27.84 76.94
C CYS D 460 -29.61 26.53 76.18
N ARG D 461 -28.46 25.86 76.10
CA ARG D 461 -28.31 24.58 75.43
C ARG D 461 -27.97 23.50 76.45
N CYS D 462 -28.59 22.32 76.29
CA CYS D 462 -28.23 21.19 77.13
C CYS D 462 -26.78 20.81 76.86
N GLY D 463 -26.03 20.61 77.94
CA GLY D 463 -24.59 20.40 77.85
C GLY D 463 -24.24 18.97 77.50
N PRO D 464 -22.94 18.74 77.32
CA PRO D 464 -22.49 17.41 76.88
C PRO D 464 -22.75 16.35 77.93
N GLY D 465 -23.28 15.21 77.48
CA GLY D 465 -23.59 14.10 78.35
C GLY D 465 -25.03 14.04 78.84
N TRP D 466 -25.83 15.06 78.53
CA TRP D 466 -27.24 15.07 78.87
C TRP D 466 -28.07 14.58 77.68
N LEU D 467 -29.28 14.12 77.98
CA LEU D 467 -30.18 13.59 76.97
C LEU D 467 -31.55 14.24 77.09
N GLY D 468 -32.17 14.49 75.95
CA GLY D 468 -33.50 15.08 75.90
C GLY D 468 -33.45 16.50 75.34
N SER D 469 -34.64 17.09 75.25
CA SER D 469 -34.76 18.48 74.79
C SER D 469 -34.29 19.44 75.87
N GLN D 470 -34.99 19.46 77.00
CA GLN D 470 -34.62 20.29 78.15
C GLN D 470 -33.94 19.48 79.24
N CYS D 471 -33.07 18.55 78.84
CA CYS D 471 -32.32 17.70 79.76
C CYS D 471 -33.25 16.91 80.68
N GLU E 1 -14.70 -51.11 5.09
CA GLU E 1 -13.66 -52.00 4.58
C GLU E 1 -12.92 -51.38 3.40
N VAL E 2 -11.60 -51.33 3.51
CA VAL E 2 -10.76 -50.81 2.43
C VAL E 2 -10.57 -51.90 1.39
N GLN E 3 -10.72 -51.52 0.12
CA GLN E 3 -10.59 -52.47 -0.98
C GLN E 3 -10.33 -51.70 -2.27
N LEU E 4 -9.31 -52.11 -3.01
CA LEU E 4 -8.95 -51.50 -4.29
C LEU E 4 -9.44 -52.39 -5.42
N GLN E 5 -10.12 -51.79 -6.39
CA GLN E 5 -10.72 -52.52 -7.51
C GLN E 5 -10.19 -51.93 -8.81
N GLN E 6 -9.24 -52.63 -9.42
CA GLN E 6 -8.62 -52.17 -10.65
C GLN E 6 -9.45 -52.62 -11.86
N SER E 7 -9.05 -52.17 -13.05
CA SER E 7 -9.76 -52.48 -14.27
C SER E 7 -9.44 -53.90 -14.73
N GLY E 8 -10.03 -54.30 -15.85
CA GLY E 8 -9.83 -55.63 -16.39
C GLY E 8 -8.57 -55.74 -17.24
N ALA E 9 -8.27 -56.97 -17.64
CA ALA E 9 -7.09 -57.24 -18.45
C ALA E 9 -7.12 -56.44 -19.74
N GLU E 10 -5.94 -56.25 -20.33
CA GLU E 10 -5.79 -55.47 -21.55
C GLU E 10 -4.87 -56.21 -22.51
N LEU E 11 -5.18 -56.11 -23.81
CA LEU E 11 -4.33 -56.63 -24.86
C LEU E 11 -4.24 -55.60 -25.96
N VAL E 12 -3.02 -55.22 -26.33
CA VAL E 12 -2.78 -54.12 -27.26
C VAL E 12 -1.51 -54.41 -28.04
N LYS E 13 -1.39 -53.75 -29.19
CA LYS E 13 -0.26 -53.94 -30.10
C LYS E 13 0.88 -52.99 -29.75
N PRO E 14 2.11 -53.33 -30.13
CA PRO E 14 3.25 -52.46 -29.77
C PRO E 14 3.11 -51.07 -30.36
N GLY E 15 3.44 -50.07 -29.54
CA GLY E 15 3.34 -48.68 -29.95
C GLY E 15 2.05 -47.99 -29.57
N ALA E 16 1.07 -48.72 -29.05
CA ALA E 16 -0.20 -48.13 -28.66
C ALA E 16 -0.06 -47.49 -27.27
N SER E 17 -1.18 -47.07 -26.69
CA SER E 17 -1.17 -46.44 -25.37
C SER E 17 -2.43 -46.86 -24.61
N VAL E 18 -2.24 -47.31 -23.37
CA VAL E 18 -3.33 -47.79 -22.54
C VAL E 18 -3.32 -47.02 -21.22
N LYS E 19 -4.49 -46.90 -20.60
CA LYS E 19 -4.65 -46.27 -19.30
C LYS E 19 -5.38 -47.25 -18.37
N LEU E 20 -4.70 -47.69 -17.32
CA LEU E 20 -5.30 -48.58 -16.34
C LEU E 20 -6.03 -47.77 -15.27
N SER E 21 -6.96 -48.43 -14.58
CA SER E 21 -7.82 -47.79 -13.61
C SER E 21 -7.74 -48.49 -12.27
N CYS E 22 -7.90 -47.72 -11.18
CA CYS E 22 -7.86 -48.25 -9.82
C CYS E 22 -8.87 -47.45 -8.99
N THR E 23 -10.01 -48.06 -8.69
CA THR E 23 -11.11 -47.40 -7.99
C THR E 23 -11.10 -47.75 -6.52
N ALA E 24 -11.34 -46.74 -5.67
CA ALA E 24 -11.44 -46.95 -4.24
C ALA E 24 -12.84 -47.43 -3.87
N SER E 25 -12.89 -48.30 -2.85
CA SER E 25 -14.14 -48.90 -2.40
C SER E 25 -14.14 -48.91 -0.88
N GLY E 26 -15.02 -48.12 -0.27
CA GLY E 26 -15.10 -48.02 1.17
C GLY E 26 -14.31 -46.89 1.78
N PHE E 27 -13.72 -46.01 0.96
CA PHE E 27 -12.92 -44.90 1.44
C PHE E 27 -12.76 -43.90 0.31
N ASN E 28 -12.30 -42.72 0.66
CA ASN E 28 -12.05 -41.67 -0.32
C ASN E 28 -10.65 -41.80 -0.89
N ILE E 29 -10.55 -41.65 -2.21
CA ILE E 29 -9.25 -41.73 -2.88
C ILE E 29 -8.33 -40.60 -2.43
N LYS E 30 -8.90 -39.52 -1.90
CA LYS E 30 -8.14 -38.37 -1.43
C LYS E 30 -7.39 -38.64 -0.12
N ASP E 31 -7.63 -39.79 0.51
CA ASP E 31 -7.13 -40.02 1.86
C ASP E 31 -5.61 -40.14 1.90
N THR E 32 -5.04 -41.06 1.12
CA THR E 32 -3.64 -41.43 1.25
C THR E 32 -2.92 -41.33 -0.09
N TYR E 33 -1.61 -41.56 -0.03
CA TYR E 33 -0.81 -41.78 -1.22
C TYR E 33 -1.33 -42.98 -1.99
N VAL E 34 -1.14 -42.96 -3.31
CA VAL E 34 -1.45 -44.09 -4.17
C VAL E 34 -0.23 -44.39 -5.04
N HIS E 35 0.16 -45.65 -5.09
CA HIS E 35 1.33 -46.09 -5.85
C HIS E 35 0.90 -47.02 -6.98
N TRP E 36 1.86 -47.30 -7.87
CA TRP E 36 1.69 -48.28 -8.94
C TRP E 36 2.93 -49.16 -8.97
N VAL E 37 2.72 -50.47 -9.04
CA VAL E 37 3.81 -51.45 -8.98
C VAL E 37 3.67 -52.41 -10.16
N LYS E 38 4.81 -52.75 -10.77
CA LYS E 38 4.88 -53.63 -11.93
C LYS E 38 5.47 -54.98 -11.51
N GLN E 39 4.94 -56.06 -12.06
CA GLN E 39 5.34 -57.41 -11.67
C GLN E 39 5.60 -58.26 -12.91
N ARG E 40 6.82 -58.80 -13.02
CA ARG E 40 7.21 -59.74 -14.06
C ARG E 40 7.75 -61.01 -13.43
N PRO E 41 7.57 -62.17 -14.08
CA PRO E 41 8.01 -63.43 -13.45
C PRO E 41 9.51 -63.52 -13.22
N GLU E 42 10.33 -62.96 -14.11
CA GLU E 42 11.78 -63.06 -13.97
C GLU E 42 12.37 -61.84 -13.25
N GLN E 43 12.04 -60.64 -13.73
CA GLN E 43 12.58 -59.42 -13.11
C GLN E 43 12.05 -59.25 -11.70
N GLY E 44 10.73 -59.31 -11.53
CA GLY E 44 10.13 -59.17 -10.22
C GLY E 44 9.28 -57.93 -10.04
N LEU E 45 9.22 -57.42 -8.81
CA LEU E 45 8.40 -56.27 -8.50
C LEU E 45 9.20 -54.99 -8.67
N GLU E 46 8.66 -54.05 -9.45
CA GLU E 46 9.30 -52.77 -9.69
C GLU E 46 8.33 -51.65 -9.32
N TRP E 47 8.80 -50.69 -8.53
CA TRP E 47 8.02 -49.53 -8.16
C TRP E 47 8.00 -48.54 -9.31
N ILE E 48 6.81 -48.11 -9.71
CA ILE E 48 6.67 -47.19 -10.84
C ILE E 48 6.65 -45.76 -10.32
N GLY E 49 5.67 -45.44 -9.48
CA GLY E 49 5.55 -44.09 -9.00
C GLY E 49 4.50 -43.95 -7.92
N ARG E 50 4.15 -42.69 -7.65
CA ARG E 50 3.28 -42.33 -6.54
C ARG E 50 2.52 -41.06 -6.90
N ILE E 51 1.31 -40.93 -6.34
CA ILE E 51 0.51 -39.73 -6.52
C ILE E 51 -0.17 -39.39 -5.20
N ASP E 52 -0.36 -38.09 -4.97
CA ASP E 52 -1.19 -37.59 -3.87
C ASP E 52 -2.50 -37.10 -4.46
N PRO E 53 -3.56 -37.91 -4.44
CA PRO E 53 -4.83 -37.51 -5.07
C PRO E 53 -5.43 -36.23 -4.50
N ALA E 54 -4.94 -35.77 -3.35
CA ALA E 54 -5.46 -34.53 -2.78
C ALA E 54 -4.98 -33.30 -3.53
N ASN E 55 -3.80 -33.37 -4.15
CA ASN E 55 -3.26 -32.22 -4.86
C ASN E 55 -2.63 -32.57 -6.21
N GLY E 56 -2.58 -33.85 -6.59
CA GLY E 56 -2.09 -34.23 -7.90
C GLY E 56 -0.59 -34.35 -8.04
N TYR E 57 0.18 -34.06 -6.99
CA TYR E 57 1.63 -34.15 -7.09
C TYR E 57 2.07 -35.60 -7.21
N THR E 58 3.13 -35.82 -7.99
CA THR E 58 3.56 -37.16 -8.36
C THR E 58 5.05 -37.35 -8.12
N LYS E 59 5.44 -38.61 -8.01
CA LYS E 59 6.83 -39.04 -7.96
C LYS E 59 7.00 -40.24 -8.89
N TYR E 60 8.24 -40.45 -9.35
CA TYR E 60 8.50 -41.52 -10.31
C TYR E 60 9.89 -42.09 -10.10
N ASP E 61 10.01 -43.40 -10.29
CA ASP E 61 11.31 -44.01 -10.54
C ASP E 61 11.81 -43.50 -11.90
N PRO E 62 13.02 -42.94 -11.97
CA PRO E 62 13.49 -42.38 -13.26
C PRO E 62 13.53 -43.38 -14.40
N LYS E 63 13.48 -44.69 -14.11
CA LYS E 63 13.37 -45.67 -15.18
C LYS E 63 12.12 -45.44 -16.02
N PHE E 64 10.96 -45.35 -15.36
CA PHE E 64 9.68 -45.20 -16.03
C PHE E 64 9.40 -43.76 -16.47
N GLN E 65 10.42 -42.92 -16.58
CA GLN E 65 10.19 -41.54 -17.01
C GLN E 65 9.85 -41.50 -18.48
N GLY E 66 8.74 -40.83 -18.81
CA GLY E 66 8.30 -40.72 -20.18
C GLY E 66 7.18 -41.68 -20.51
N LYS E 67 7.33 -42.95 -20.12
CA LYS E 67 6.31 -43.96 -20.39
C LYS E 67 5.12 -43.80 -19.45
N ALA E 68 5.35 -44.00 -18.16
CA ALA E 68 4.28 -43.99 -17.18
C ALA E 68 3.88 -42.57 -16.81
N THR E 69 2.58 -42.37 -16.61
CA THR E 69 2.04 -41.06 -16.24
C THR E 69 0.85 -41.30 -15.32
N ILE E 70 1.03 -41.06 -14.03
CA ILE E 70 0.00 -41.34 -13.04
C ILE E 70 -0.87 -40.11 -12.86
N THR E 71 -2.19 -40.32 -12.87
CA THR E 71 -3.16 -39.25 -12.67
C THR E 71 -4.24 -39.75 -11.72
N ALA E 72 -5.16 -38.86 -11.35
CA ALA E 72 -6.26 -39.22 -10.47
C ALA E 72 -7.38 -38.21 -10.63
N ASP E 73 -8.52 -38.54 -10.02
CA ASP E 73 -9.73 -37.73 -10.10
C ASP E 73 -10.53 -37.98 -8.83
N THR E 74 -10.66 -36.95 -7.99
CA THR E 74 -11.39 -37.13 -6.73
C THR E 74 -12.88 -37.34 -6.97
N SER E 75 -13.41 -36.81 -8.08
CA SER E 75 -14.83 -36.97 -8.36
C SER E 75 -15.18 -38.42 -8.66
N SER E 76 -14.33 -39.11 -9.45
CA SER E 76 -14.56 -40.51 -9.78
C SER E 76 -14.02 -41.46 -8.72
N ASN E 77 -13.28 -40.95 -7.72
CA ASN E 77 -12.71 -41.78 -6.67
C ASN E 77 -11.81 -42.87 -7.26
N THR E 78 -10.93 -42.44 -8.17
CA THR E 78 -10.16 -43.39 -8.97
C THR E 78 -8.87 -42.74 -9.44
N ALA E 79 -7.78 -43.50 -9.40
CA ALA E 79 -6.50 -43.10 -9.95
C ALA E 79 -6.19 -43.94 -11.19
N TYR E 80 -5.30 -43.42 -12.04
CA TYR E 80 -5.00 -44.04 -13.31
C TYR E 80 -3.48 -44.11 -13.53
N LEU E 81 -3.08 -45.03 -14.41
CA LEU E 81 -1.69 -45.18 -14.84
C LEU E 81 -1.69 -45.30 -16.36
N GLN E 82 -1.21 -44.26 -17.05
CA GLN E 82 -1.17 -44.24 -18.50
C GLN E 82 0.19 -44.71 -18.98
N LEU E 83 0.20 -45.75 -19.81
CA LEU E 83 1.43 -46.29 -20.39
C LEU E 83 1.40 -46.06 -21.90
N SER E 84 2.34 -45.27 -22.39
CA SER E 84 2.45 -44.93 -23.80
C SER E 84 3.67 -45.61 -24.41
N SER E 85 3.64 -45.79 -25.73
CA SER E 85 4.70 -46.45 -26.47
C SER E 85 5.02 -47.82 -25.88
N LEU E 86 4.14 -48.79 -26.14
CA LEU E 86 4.22 -50.08 -25.49
C LEU E 86 5.15 -51.03 -26.23
N THR E 87 5.89 -51.82 -25.46
CA THR E 87 6.77 -52.85 -25.99
C THR E 87 6.50 -54.15 -25.26
N SER E 88 7.15 -55.23 -25.73
CA SER E 88 7.10 -56.49 -25.00
C SER E 88 7.64 -56.34 -23.59
N GLU E 89 8.56 -55.39 -23.38
CA GLU E 89 9.09 -55.14 -22.05
C GLU E 89 8.01 -54.72 -21.07
N ASP E 90 6.96 -54.06 -21.57
CA ASP E 90 5.85 -53.60 -20.73
C ASP E 90 4.84 -54.69 -20.41
N THR E 91 5.04 -55.91 -20.91
CA THR E 91 4.10 -57.00 -20.65
C THR E 91 4.29 -57.45 -19.20
N ALA E 92 3.39 -57.01 -18.32
CA ALA E 92 3.50 -57.30 -16.90
C ALA E 92 2.15 -57.08 -16.24
N VAL E 93 2.07 -57.45 -14.97
CA VAL E 93 0.90 -57.19 -14.12
C VAL E 93 1.18 -55.93 -13.32
N TYR E 94 0.17 -55.07 -13.22
CA TYR E 94 0.31 -53.77 -12.57
C TYR E 94 -0.68 -53.67 -11.42
N TYR E 95 -0.21 -53.17 -10.28
CA TYR E 95 -1.00 -53.07 -9.06
C TYR E 95 -1.00 -51.64 -8.56
N CYS E 96 -2.11 -51.25 -7.93
CA CYS E 96 -2.17 -50.00 -7.17
C CYS E 96 -2.14 -50.31 -5.68
N VAL E 97 -1.42 -49.47 -4.93
CA VAL E 97 -1.13 -49.72 -3.52
C VAL E 97 -1.40 -48.45 -2.72
N ARG E 98 -1.86 -48.63 -1.49
CA ARG E 98 -2.03 -47.56 -0.52
C ARG E 98 -1.71 -48.10 0.87
N PRO E 99 -1.34 -47.23 1.79
CA PRO E 99 -0.97 -47.68 3.14
C PRO E 99 -2.17 -47.83 4.07
N LEU E 100 -1.91 -48.46 5.22
CA LEU E 100 -2.93 -48.59 6.27
C LEU E 100 -2.85 -47.41 7.24
N TYR E 101 -1.76 -47.31 7.99
CA TYR E 101 -1.54 -46.22 8.93
C TYR E 101 -0.33 -45.39 8.56
N ASP E 102 0.84 -46.02 8.44
CA ASP E 102 2.08 -45.33 8.07
C ASP E 102 1.90 -44.60 6.74
N TYR E 103 2.14 -43.28 6.74
CA TYR E 103 2.02 -42.50 5.53
C TYR E 103 2.79 -43.12 4.37
N TYR E 104 3.93 -43.74 4.65
CA TYR E 104 4.89 -44.17 3.64
C TYR E 104 4.85 -45.67 3.34
N ALA E 105 3.91 -46.41 3.94
CA ALA E 105 3.91 -47.86 3.83
C ALA E 105 3.16 -48.33 2.57
N MET E 106 3.17 -49.65 2.35
CA MET E 106 2.56 -50.29 1.18
C MET E 106 1.78 -51.52 1.68
N ASP E 107 0.55 -51.29 2.14
CA ASP E 107 -0.20 -52.31 2.86
C ASP E 107 -1.43 -52.84 2.13
N TYR E 108 -2.15 -52.00 1.39
CA TYR E 108 -3.35 -52.41 0.67
C TYR E 108 -3.07 -52.46 -0.82
N TRP E 109 -3.40 -53.58 -1.45
CA TRP E 109 -3.12 -53.82 -2.86
C TRP E 109 -4.38 -54.21 -3.61
N GLY E 110 -4.53 -53.69 -4.82
CA GLY E 110 -5.59 -54.10 -5.70
C GLY E 110 -5.40 -55.54 -6.16
N GLN E 111 -6.36 -56.00 -6.95
CA GLN E 111 -6.32 -57.37 -7.45
C GLN E 111 -5.37 -57.52 -8.64
N GLY E 112 -4.94 -56.44 -9.25
CA GLY E 112 -3.98 -56.50 -10.34
C GLY E 112 -4.65 -56.47 -11.70
N THR E 113 -3.91 -55.98 -12.70
CA THR E 113 -4.39 -55.91 -14.06
C THR E 113 -3.27 -56.38 -14.98
N SER E 114 -3.56 -57.38 -15.81
CA SER E 114 -2.59 -57.91 -16.75
C SER E 114 -2.62 -57.09 -18.04
N VAL E 115 -1.44 -56.69 -18.51
CA VAL E 115 -1.29 -55.92 -19.75
C VAL E 115 -0.39 -56.72 -20.68
N THR E 116 -0.96 -57.18 -21.80
CA THR E 116 -0.24 -57.99 -22.77
C THR E 116 -0.02 -57.16 -24.03
N VAL E 117 1.22 -57.15 -24.52
CA VAL E 117 1.61 -56.40 -25.71
C VAL E 117 2.04 -57.41 -26.76
N SER E 118 1.21 -57.61 -27.78
CA SER E 118 1.51 -58.55 -28.85
C SER E 118 0.93 -58.01 -30.16
N SER E 119 1.43 -58.57 -31.26
CA SER E 119 1.01 -58.15 -32.60
C SER E 119 0.05 -59.13 -33.27
N ALA E 120 0.03 -60.39 -32.83
CA ALA E 120 -0.69 -61.43 -33.55
C ALA E 120 -2.20 -61.16 -33.57
N LYS E 121 -2.87 -61.76 -34.55
CA LYS E 121 -4.31 -61.68 -34.67
C LYS E 121 -4.95 -62.83 -33.90
N THR E 122 -6.27 -62.85 -33.84
CA THR E 122 -6.99 -63.94 -33.21
C THR E 122 -6.81 -65.22 -34.02
N THR E 123 -6.19 -66.23 -33.43
CA THR E 123 -5.84 -67.46 -34.14
C THR E 123 -6.31 -68.66 -33.35
N ALA E 124 -7.00 -69.58 -34.04
CA ALA E 124 -7.43 -70.83 -33.45
C ALA E 124 -6.27 -71.82 -33.38
N PRO E 125 -6.21 -72.64 -32.34
CA PRO E 125 -5.07 -73.55 -32.17
C PRO E 125 -5.18 -74.78 -33.07
N SER E 126 -4.01 -75.37 -33.32
CA SER E 126 -3.91 -76.64 -34.04
C SER E 126 -3.66 -77.75 -33.02
N VAL E 127 -4.61 -78.67 -32.93
CA VAL E 127 -4.55 -79.75 -31.94
C VAL E 127 -3.92 -80.98 -32.59
N TYR E 128 -2.90 -81.53 -31.94
CA TYR E 128 -2.15 -82.65 -32.46
C TYR E 128 -2.17 -83.80 -31.45
N PRO E 129 -2.54 -85.02 -31.88
CA PRO E 129 -2.53 -86.16 -30.96
C PRO E 129 -1.13 -86.74 -30.79
N LEU E 130 -0.81 -87.11 -29.55
CA LEU E 130 0.50 -87.66 -29.21
C LEU E 130 0.31 -89.06 -28.62
N ALA E 131 0.68 -90.09 -29.40
CA ALA E 131 0.67 -91.50 -29.06
C ALA E 131 2.07 -91.97 -28.70
N PRO E 132 2.21 -93.02 -27.90
CA PRO E 132 3.55 -93.51 -27.54
C PRO E 132 4.30 -94.00 -28.77
N VAL E 133 5.59 -94.33 -28.56
CA VAL E 133 6.46 -94.76 -29.63
C VAL E 133 5.94 -96.07 -30.21
N CYS E 134 6.53 -97.19 -29.81
CA CYS E 134 6.10 -98.50 -30.28
C CYS E 134 6.60 -99.60 -29.34
N THR E 135 3.70 -103.22 -22.44
CA THR E 135 4.85 -102.38 -22.16
C THR E 135 4.62 -101.56 -20.90
N GLY E 136 4.59 -102.23 -19.75
CA GLY E 136 4.41 -101.56 -18.48
C GLY E 136 2.99 -101.67 -17.96
N SER E 137 2.81 -101.19 -16.73
CA SER E 137 1.49 -101.22 -16.09
C SER E 137 0.61 -100.09 -16.58
N SER E 138 1.18 -98.97 -17.00
CA SER E 138 0.42 -97.82 -17.44
C SER E 138 1.05 -97.26 -18.72
N VAL E 139 0.33 -96.33 -19.34
CA VAL E 139 0.76 -95.69 -20.57
C VAL E 139 0.39 -94.22 -20.51
N THR E 140 1.25 -93.37 -21.08
CA THR E 140 1.05 -91.92 -21.07
C THR E 140 0.74 -91.44 -22.48
N LEU E 141 -0.31 -90.63 -22.61
CA LEU E 141 -0.68 -90.02 -23.87
C LEU E 141 -0.49 -88.50 -23.78
N GLY E 142 -0.59 -87.84 -24.93
CA GLY E 142 -0.34 -86.41 -24.99
C GLY E 142 -1.25 -85.70 -25.97
N CYS E 143 -1.28 -84.37 -25.84
CA CYS E 143 -2.11 -83.54 -26.70
C CYS E 143 -1.42 -82.19 -26.84
N LEU E 144 -0.93 -81.90 -28.05
CA LEU E 144 -0.17 -80.68 -28.32
C LEU E 144 -1.10 -79.62 -28.89
N VAL E 145 -1.19 -78.48 -28.20
CA VAL E 145 -2.01 -77.35 -28.63
C VAL E 145 -1.05 -76.23 -29.01
N LYS E 146 -0.80 -76.07 -30.30
CA LYS E 146 0.23 -75.18 -30.81
C LYS E 146 -0.39 -74.09 -31.67
N GLY E 147 0.21 -72.90 -31.61
CA GLY E 147 -0.16 -71.80 -32.47
C GLY E 147 -1.56 -71.27 -32.25
N TYR E 148 -1.72 -70.40 -31.26
CA TYR E 148 -3.02 -69.76 -31.01
C TYR E 148 -2.79 -68.45 -30.29
N PHE E 149 -3.80 -67.57 -30.38
CA PHE E 149 -3.74 -66.27 -29.72
C PHE E 149 -5.15 -65.71 -29.65
N PRO E 150 -5.54 -65.09 -28.52
CA PRO E 150 -4.73 -65.00 -27.31
C PRO E 150 -5.12 -66.02 -26.24
N GLU E 151 -4.68 -65.78 -25.01
CA GLU E 151 -5.05 -66.61 -23.88
C GLU E 151 -6.48 -66.33 -23.45
N PRO E 152 -7.15 -67.30 -22.81
CA PRO E 152 -6.70 -68.66 -22.50
C PRO E 152 -7.37 -69.75 -23.32
N VAL E 153 -7.11 -71.01 -22.95
CA VAL E 153 -7.75 -72.16 -23.55
C VAL E 153 -8.12 -73.15 -22.43
N THR E 154 -9.09 -74.00 -22.71
CA THR E 154 -9.56 -75.02 -21.78
C THR E 154 -9.40 -76.39 -22.43
N LEU E 155 -8.63 -77.26 -21.78
CA LEU E 155 -8.34 -78.59 -22.30
C LEU E 155 -8.88 -79.64 -21.33
N THR E 156 -9.66 -80.58 -21.87
CA THR E 156 -10.18 -81.71 -21.10
C THR E 156 -9.93 -83.00 -21.86
N TRP E 157 -9.96 -84.11 -21.12
CA TRP E 157 -9.80 -85.45 -21.68
C TRP E 157 -11.13 -86.18 -21.56
N ASN E 158 -11.64 -86.67 -22.70
CA ASN E 158 -12.95 -87.31 -22.76
C ASN E 158 -14.03 -86.39 -22.19
N SER E 159 -13.86 -85.08 -22.43
CA SER E 159 -14.82 -84.06 -22.03
C SER E 159 -14.97 -83.97 -20.52
N GLY E 160 -13.88 -84.20 -19.78
CA GLY E 160 -13.87 -84.01 -18.34
C GLY E 160 -14.00 -85.28 -17.52
N SER E 161 -14.42 -86.40 -18.12
CA SER E 161 -14.59 -87.62 -17.36
C SER E 161 -13.26 -88.18 -16.85
N LEU E 162 -12.15 -87.81 -17.48
CA LEU E 162 -10.82 -88.16 -16.98
C LEU E 162 -10.33 -87.02 -16.10
N SER E 163 -10.68 -87.07 -14.82
CA SER E 163 -10.34 -86.02 -13.87
C SER E 163 -9.05 -86.29 -13.11
N SER E 164 -8.43 -87.45 -13.30
CA SER E 164 -7.24 -87.83 -12.55
C SER E 164 -6.11 -88.18 -13.51
N GLY E 165 -4.89 -88.05 -13.01
CA GLY E 165 -3.70 -88.33 -13.81
C GLY E 165 -3.50 -87.40 -14.97
N VAL E 166 -3.84 -86.12 -14.81
CA VAL E 166 -3.74 -85.14 -15.88
C VAL E 166 -2.82 -84.01 -15.42
N HIS E 167 -1.85 -83.67 -16.27
CA HIS E 167 -0.92 -82.56 -16.01
C HIS E 167 -0.99 -81.60 -17.19
N THR E 168 -1.79 -80.54 -17.06
CA THR E 168 -1.88 -79.51 -18.09
C THR E 168 -0.87 -78.42 -17.78
N PHE E 169 0.05 -78.18 -18.71
CA PHE E 169 1.17 -77.29 -18.47
C PHE E 169 0.82 -75.85 -18.86
N PRO E 170 1.46 -74.88 -18.20
CA PRO E 170 1.20 -73.48 -18.53
C PRO E 170 1.66 -73.14 -19.94
N ALA E 171 0.87 -72.31 -20.62
CA ALA E 171 1.18 -71.91 -21.98
C ALA E 171 2.42 -71.03 -22.01
N VAL E 172 3.19 -71.17 -23.09
CA VAL E 172 4.41 -70.39 -23.31
C VAL E 172 4.22 -69.59 -24.59
N LEU E 173 4.48 -68.29 -24.52
CA LEU E 173 4.36 -67.40 -25.67
C LEU E 173 5.63 -67.51 -26.51
N GLN E 174 5.53 -68.14 -27.67
CA GLN E 174 6.67 -68.32 -28.58
C GLN E 174 6.40 -67.50 -29.83
N SER E 175 7.03 -66.33 -29.91
CA SER E 175 6.96 -65.44 -31.07
C SER E 175 5.50 -65.16 -31.47
N ASP E 176 4.87 -64.32 -30.65
CA ASP E 176 3.52 -63.81 -30.90
C ASP E 176 2.43 -64.86 -30.74
N LEU E 177 2.79 -66.14 -30.69
CA LEU E 177 1.82 -67.21 -30.58
C LEU E 177 2.11 -68.08 -29.37
N TYR E 178 1.08 -68.74 -28.86
CA TYR E 178 1.15 -69.54 -27.66
C TYR E 178 1.22 -71.03 -27.99
N THR E 179 1.92 -71.77 -27.12
CA THR E 179 2.04 -73.21 -27.24
C THR E 179 1.72 -73.83 -25.88
N LEU E 180 0.84 -74.84 -25.88
CA LEU E 180 0.40 -75.49 -24.66
C LEU E 180 0.39 -77.00 -24.87
N SER E 181 0.68 -77.73 -23.80
CA SER E 181 0.71 -79.19 -23.85
C SER E 181 0.04 -79.75 -22.61
N SER E 182 -0.46 -80.98 -22.73
CA SER E 182 -1.07 -81.68 -21.62
C SER E 182 -0.81 -83.17 -21.77
N SER E 183 -0.74 -83.88 -20.65
CA SER E 183 -0.49 -85.31 -20.63
C SER E 183 -1.48 -86.00 -19.71
N VAL E 184 -1.81 -87.23 -20.05
CA VAL E 184 -2.73 -88.06 -19.26
C VAL E 184 -2.11 -89.45 -19.11
N THR E 185 -2.30 -90.06 -17.95
CA THR E 185 -1.76 -91.39 -17.66
C THR E 185 -2.89 -92.31 -17.22
N VAL E 186 -3.00 -93.46 -17.88
CA VAL E 186 -4.01 -94.47 -17.57
C VAL E 186 -3.34 -95.84 -17.61
N THR E 187 -4.06 -96.83 -17.09
CA THR E 187 -3.55 -98.19 -17.07
C THR E 187 -3.44 -98.74 -18.50
N SER E 188 -2.52 -99.69 -18.68
CA SER E 188 -2.29 -100.26 -20.01
C SER E 188 -3.47 -101.07 -20.51
N SER E 189 -4.40 -101.44 -19.63
CA SER E 189 -5.62 -102.14 -20.04
C SER E 189 -6.74 -101.19 -20.43
N THR E 190 -6.55 -99.89 -20.25
CA THR E 190 -7.55 -98.89 -20.64
C THR E 190 -7.40 -98.46 -22.09
N TRP E 191 -6.16 -98.26 -22.54
CA TRP E 191 -5.86 -97.77 -23.88
C TRP E 191 -4.90 -98.73 -24.56
N PRO E 192 -5.08 -98.99 -25.87
CA PRO E 192 -6.12 -98.42 -26.74
C PRO E 192 -7.41 -99.22 -26.79
N SER E 193 -7.64 -100.11 -25.81
CA SER E 193 -8.86 -100.90 -25.81
C SER E 193 -10.10 -100.03 -25.64
N GLN E 194 -9.96 -98.84 -25.08
CA GLN E 194 -11.04 -97.87 -24.96
C GLN E 194 -10.65 -96.58 -25.65
N SER E 195 -11.63 -95.70 -25.84
CA SER E 195 -11.43 -94.44 -26.55
C SER E 195 -10.98 -93.35 -25.60
N ILE E 196 -9.99 -92.58 -26.04
CA ILE E 196 -9.48 -91.42 -25.30
C ILE E 196 -9.33 -90.27 -26.28
N THR E 197 -9.99 -89.14 -25.99
CA THR E 197 -10.03 -88.01 -26.88
C THR E 197 -9.66 -86.73 -26.13
N CYS E 198 -8.90 -85.87 -26.80
CA CYS E 198 -8.48 -84.59 -26.26
C CYS E 198 -9.43 -83.49 -26.75
N ASN E 199 -10.14 -82.87 -25.81
CA ASN E 199 -11.10 -81.82 -26.11
C ASN E 199 -10.48 -80.46 -25.81
N VAL E 200 -10.31 -79.63 -26.84
CA VAL E 200 -9.71 -78.31 -26.72
C VAL E 200 -10.70 -77.28 -27.22
N ALA E 201 -10.86 -76.20 -26.47
CA ALA E 201 -11.74 -75.10 -26.84
C ALA E 201 -11.00 -73.78 -26.70
N HIS E 202 -11.27 -72.85 -27.62
CA HIS E 202 -10.65 -71.53 -27.63
C HIS E 202 -11.74 -70.48 -27.73
N PRO E 203 -12.12 -69.85 -26.61
CA PRO E 203 -13.25 -68.91 -26.65
C PRO E 203 -13.01 -67.68 -27.53
N ALA E 204 -11.76 -67.22 -27.63
CA ALA E 204 -11.48 -66.02 -28.40
C ALA E 204 -11.83 -66.20 -29.87
N SER E 205 -11.55 -67.37 -30.42
CA SER E 205 -11.89 -67.69 -31.81
C SER E 205 -13.16 -68.52 -31.93
N SER E 206 -13.76 -68.92 -30.81
CA SER E 206 -15.00 -69.71 -30.78
C SER E 206 -14.84 -71.01 -31.59
N THR E 207 -13.91 -71.85 -31.13
CA THR E 207 -13.61 -73.11 -31.78
C THR E 207 -13.55 -74.22 -30.74
N LYS E 208 -13.89 -75.43 -31.17
CA LYS E 208 -13.85 -76.61 -30.31
C LYS E 208 -13.42 -77.80 -31.16
N VAL E 209 -12.25 -78.34 -30.88
CA VAL E 209 -11.67 -79.43 -31.66
C VAL E 209 -11.48 -80.64 -30.76
N ASP E 210 -11.77 -81.83 -31.29
CA ASP E 210 -11.53 -83.10 -30.61
C ASP E 210 -10.60 -83.94 -31.45
N LYS E 211 -9.51 -84.43 -30.84
CA LYS E 211 -8.52 -85.27 -31.51
C LYS E 211 -8.39 -86.58 -30.75
N LYS E 212 -8.90 -87.66 -31.32
CA LYS E 212 -8.81 -88.97 -30.70
C LYS E 212 -7.41 -89.55 -30.88
N ILE E 213 -6.79 -89.96 -29.78
CA ILE E 213 -5.45 -90.53 -29.83
C ILE E 213 -5.50 -91.90 -30.49
N GLU E 214 -4.67 -92.08 -31.52
CA GLU E 214 -4.64 -93.34 -32.24
C GLU E 214 -3.25 -93.96 -32.19
N PRO E 215 -3.15 -95.29 -32.09
CA PRO E 215 -1.83 -95.93 -32.07
C PRO E 215 -1.11 -95.77 -33.40
N ARG E 216 0.21 -95.74 -33.33
CA ARG E 216 1.04 -95.54 -34.51
C ARG E 216 1.30 -96.85 -35.24
N ASP F 1 19.87 -45.97 -5.86
CA ASP F 1 18.82 -46.88 -5.44
C ASP F 1 19.35 -47.91 -4.45
N ILE F 2 18.49 -48.34 -3.53
CA ILE F 2 18.84 -49.31 -2.51
C ILE F 2 18.53 -50.71 -3.02
N LEU F 3 19.46 -51.64 -2.82
CA LEU F 3 19.30 -53.02 -3.25
C LEU F 3 18.89 -53.89 -2.08
N MET F 4 17.85 -54.71 -2.28
CA MET F 4 17.30 -55.57 -1.25
C MET F 4 17.60 -57.03 -1.61
N THR F 5 18.63 -57.59 -0.99
CA THR F 5 18.98 -58.99 -1.19
C THR F 5 18.15 -59.86 -0.25
N GLN F 6 17.29 -60.70 -0.82
CA GLN F 6 16.38 -61.53 -0.05
C GLN F 6 16.79 -62.99 -0.19
N SER F 7 17.16 -63.60 0.93
CA SER F 7 17.59 -64.99 0.99
C SER F 7 16.76 -65.76 2.01
N PRO F 8 16.49 -67.05 1.75
CA PRO F 8 16.87 -67.77 0.53
C PRO F 8 15.85 -67.56 -0.59
N SER F 9 16.20 -67.99 -1.81
CA SER F 9 15.26 -67.86 -2.92
C SER F 9 14.06 -68.79 -2.75
N SER F 10 14.23 -69.88 -2.03
CA SER F 10 13.16 -70.82 -1.74
C SER F 10 13.62 -71.75 -0.63
N MET F 11 12.64 -72.37 0.05
CA MET F 11 12.93 -73.32 1.10
C MET F 11 11.82 -74.38 1.13
N SER F 12 12.22 -75.65 1.18
CA SER F 12 11.28 -76.76 1.23
C SER F 12 11.13 -77.18 2.69
N VAL F 13 10.01 -76.79 3.29
CA VAL F 13 9.76 -77.01 4.71
C VAL F 13 8.45 -77.76 4.88
N SER F 14 8.16 -78.14 6.12
CA SER F 14 6.99 -78.95 6.45
C SER F 14 5.95 -78.10 7.17
N LEU F 15 4.75 -78.67 7.28
CA LEU F 15 3.65 -77.99 7.95
C LEU F 15 3.86 -78.03 9.46
N GLY F 16 3.84 -76.87 10.10
CA GLY F 16 4.02 -76.75 11.53
C GLY F 16 5.41 -76.33 11.95
N ASP F 17 6.36 -76.22 11.01
CA ASP F 17 7.69 -75.78 11.36
C ASP F 17 7.70 -74.28 11.65
N THR F 18 8.81 -73.82 12.22
CA THR F 18 9.04 -72.40 12.48
C THR F 18 10.20 -71.96 11.58
N VAL F 19 9.87 -71.23 10.53
CA VAL F 19 10.84 -70.80 9.54
C VAL F 19 11.05 -69.29 9.68
N SER F 20 12.08 -68.79 9.01
CA SER F 20 12.39 -67.36 9.06
C SER F 20 13.01 -66.94 7.73
N ILE F 21 12.53 -65.82 7.20
CA ILE F 21 13.08 -65.22 5.98
C ILE F 21 13.89 -63.99 6.38
N THR F 22 14.99 -63.75 5.68
CA THR F 22 15.83 -62.59 5.93
C THR F 22 15.86 -61.68 4.71
N CYS F 23 16.20 -60.42 4.94
CA CYS F 23 16.31 -59.41 3.90
C CYS F 23 17.46 -58.48 4.26
N HIS F 24 18.32 -58.21 3.29
CA HIS F 24 19.51 -57.37 3.50
C HIS F 24 19.44 -56.17 2.57
N ALA F 25 19.65 -54.98 3.13
CA ALA F 25 19.67 -53.75 2.37
C ALA F 25 21.11 -53.26 2.22
N SER F 26 21.38 -52.60 1.08
CA SER F 26 22.72 -52.10 0.79
C SER F 26 23.11 -50.90 1.67
N GLN F 27 22.23 -50.47 2.58
CA GLN F 27 22.53 -49.43 3.56
C GLN F 27 21.41 -49.47 4.60
N GLY F 28 21.71 -48.95 5.79
CA GLY F 28 20.74 -48.92 6.87
C GLY F 28 19.43 -48.26 6.49
N ILE F 29 18.31 -48.92 6.77
CA ILE F 29 16.99 -48.41 6.43
C ILE F 29 16.14 -48.15 7.66
N SER F 30 16.67 -48.38 8.86
CA SER F 30 16.06 -47.97 10.13
C SER F 30 14.60 -48.41 10.23
N SER F 31 14.37 -49.69 10.00
CA SER F 31 13.08 -50.37 10.16
C SER F 31 12.04 -49.91 9.15
N ASN F 32 12.40 -49.12 8.15
CA ASN F 32 11.46 -48.67 7.13
C ASN F 32 11.34 -49.77 6.07
N ILE F 33 10.56 -50.78 6.41
CA ILE F 33 10.46 -51.99 5.61
C ILE F 33 9.13 -52.66 5.90
N GLY F 34 8.55 -53.27 4.86
CA GLY F 34 7.33 -54.04 5.01
C GLY F 34 7.49 -55.41 4.37
N TRP F 35 6.61 -56.32 4.80
CA TRP F 35 6.63 -57.69 4.31
C TRP F 35 5.30 -58.02 3.64
N LEU F 36 5.36 -58.76 2.54
CA LEU F 36 4.22 -59.00 1.68
C LEU F 36 4.05 -60.48 1.43
N GLN F 37 2.79 -60.90 1.24
CA GLN F 37 2.46 -62.29 0.93
C GLN F 37 1.60 -62.32 -0.33
N GLN F 38 1.91 -63.27 -1.22
CA GLN F 38 1.13 -63.48 -2.43
C GLN F 38 0.80 -64.97 -2.53
N LYS F 39 -0.45 -65.32 -2.24
CA LYS F 39 -0.89 -66.69 -2.37
C LYS F 39 -0.96 -67.08 -3.86
N PRO F 40 -0.79 -68.38 -4.17
CA PRO F 40 -0.70 -68.80 -5.58
C PRO F 40 -1.84 -68.31 -6.46
N GLY F 41 -1.50 -67.56 -7.50
CA GLY F 41 -2.48 -67.02 -8.42
C GLY F 41 -3.26 -65.82 -7.91
N LYS F 42 -3.06 -65.42 -6.66
CA LYS F 42 -3.81 -64.33 -6.06
C LYS F 42 -2.96 -63.07 -6.00
N SER F 43 -3.51 -62.03 -5.38
CA SER F 43 -2.83 -60.75 -5.27
C SER F 43 -2.04 -60.70 -3.96
N PHE F 44 -1.61 -59.50 -3.58
CA PHE F 44 -0.77 -59.34 -2.41
C PHE F 44 -1.60 -58.97 -1.18
N MET F 45 -1.04 -59.28 -0.01
CA MET F 45 -1.62 -58.92 1.27
C MET F 45 -0.50 -58.41 2.18
N GLY F 46 -0.77 -57.30 2.87
CA GLY F 46 0.23 -56.74 3.76
C GLY F 46 0.37 -57.55 5.03
N LEU F 47 1.61 -57.77 5.44
CA LEU F 47 1.93 -58.53 6.63
C LEU F 47 2.53 -57.67 7.75
N ILE F 48 3.58 -56.92 7.43
CA ILE F 48 4.29 -56.10 8.41
C ILE F 48 4.52 -54.72 7.82
N TYR F 49 4.44 -53.69 8.65
CA TYR F 49 4.89 -52.36 8.28
C TYR F 49 5.81 -51.83 9.37
N TYR F 50 6.77 -51.00 8.96
CA TYR F 50 7.76 -50.42 9.85
C TYR F 50 8.44 -51.49 10.72
N GLY F 51 8.82 -52.58 10.08
CA GLY F 51 9.65 -53.59 10.74
C GLY F 51 9.03 -54.61 11.67
N THR F 52 8.18 -54.16 12.61
CA THR F 52 7.66 -55.03 13.64
C THR F 52 6.14 -55.06 13.76
N ASN F 53 5.42 -54.17 13.10
CA ASN F 53 3.99 -54.02 13.35
C ASN F 53 3.17 -54.85 12.38
N LEU F 54 2.30 -55.69 12.94
CA LEU F 54 1.41 -56.52 12.14
C LEU F 54 0.30 -55.68 11.53
N VAL F 55 -0.01 -55.95 10.26
CA VAL F 55 -1.17 -55.35 9.62
C VAL F 55 -2.43 -55.91 10.27
N ASP F 56 -3.44 -55.06 10.43
CA ASP F 56 -4.71 -55.50 11.01
C ASP F 56 -5.26 -56.70 10.26
N GLY F 57 -5.48 -57.79 10.99
CA GLY F 57 -6.00 -59.02 10.44
C GLY F 57 -4.97 -60.13 10.31
N VAL F 58 -3.69 -59.81 10.43
CA VAL F 58 -2.63 -60.81 10.26
C VAL F 58 -2.50 -61.60 11.56
N PRO F 59 -2.51 -62.94 11.49
CA PRO F 59 -2.37 -63.74 12.72
C PRO F 59 -1.05 -63.45 13.43
N SER F 60 -1.04 -63.70 14.73
CA SER F 60 0.12 -63.41 15.56
C SER F 60 1.27 -64.40 15.35
N ARG F 61 1.09 -65.43 14.52
CA ARG F 61 2.20 -66.33 14.23
C ARG F 61 3.23 -65.71 13.30
N PHE F 62 2.93 -64.55 12.74
CA PHE F 62 3.91 -63.77 11.98
C PHE F 62 4.58 -62.75 12.89
N SER F 63 5.85 -62.46 12.61
CA SER F 63 6.58 -61.47 13.39
C SER F 63 7.80 -61.01 12.61
N GLY F 64 7.99 -59.69 12.54
CA GLY F 64 9.18 -59.12 11.96
C GLY F 64 10.16 -58.69 13.03
N SER F 65 11.43 -58.67 12.67
CA SER F 65 12.49 -58.30 13.61
C SER F 65 13.66 -57.72 12.83
N GLY F 66 14.69 -57.29 13.55
CA GLY F 66 15.90 -56.77 12.96
C GLY F 66 16.02 -55.27 13.14
N SER F 67 17.16 -54.76 12.67
CA SER F 67 17.45 -53.33 12.71
C SER F 67 18.58 -53.04 11.74
N GLY F 68 18.84 -51.75 11.53
CA GLY F 68 19.89 -51.32 10.64
C GLY F 68 19.65 -51.71 9.19
N ALA F 69 20.39 -52.72 8.70
CA ALA F 69 20.28 -53.16 7.31
C ALA F 69 20.06 -54.66 7.21
N ASP F 70 19.61 -55.31 8.28
CA ASP F 70 19.41 -56.76 8.31
C ASP F 70 18.12 -57.04 9.06
N TYR F 71 17.13 -57.59 8.36
CA TYR F 71 15.79 -57.76 8.91
C TYR F 71 15.28 -59.17 8.61
N SER F 72 14.31 -59.61 9.40
CA SER F 72 13.83 -60.98 9.34
C SER F 72 12.33 -61.04 9.53
N LEU F 73 11.69 -61.90 8.74
CA LEU F 73 10.28 -62.25 8.89
C LEU F 73 10.17 -63.69 9.34
N THR F 74 9.43 -63.93 10.42
CA THR F 74 9.36 -65.24 11.04
C THR F 74 7.91 -65.71 11.13
N ILE F 75 7.69 -66.98 10.77
CA ILE F 75 6.37 -67.61 10.82
C ILE F 75 6.50 -68.84 11.71
N SER F 76 5.84 -68.81 12.86
CA SER F 76 5.85 -69.93 13.79
C SER F 76 4.66 -70.85 13.52
N SER F 77 4.92 -72.15 13.50
CA SER F 77 3.90 -73.17 13.26
C SER F 77 3.18 -72.92 11.94
N LEU F 78 3.80 -73.31 10.83
CA LEU F 78 3.26 -73.00 9.51
C LEU F 78 1.89 -73.63 9.31
N ASP F 79 1.03 -72.91 8.60
CA ASP F 79 -0.29 -73.38 8.21
C ASP F 79 -0.32 -73.59 6.70
N SER F 80 -1.27 -74.40 6.24
CA SER F 80 -1.39 -74.69 4.81
C SER F 80 -1.53 -73.41 3.99
N GLU F 81 -2.15 -72.38 4.56
CA GLU F 81 -2.29 -71.11 3.86
C GLU F 81 -0.94 -70.43 3.66
N ASP F 82 0.03 -70.69 4.54
CA ASP F 82 1.28 -69.95 4.55
C ASP F 82 2.22 -70.33 3.41
N PHE F 83 1.90 -71.37 2.63
CA PHE F 83 2.73 -71.76 1.49
C PHE F 83 2.44 -70.82 0.34
N ALA F 84 3.28 -69.80 0.17
CA ALA F 84 3.07 -68.78 -0.83
C ALA F 84 4.39 -68.06 -1.09
N ASP F 85 4.32 -66.91 -1.75
CA ASP F 85 5.48 -66.08 -2.02
C ASP F 85 5.55 -64.92 -1.04
N TYR F 86 6.77 -64.50 -0.73
CA TYR F 86 6.98 -63.42 0.24
C TYR F 86 8.06 -62.49 -0.28
N TYR F 87 7.85 -61.18 -0.08
CA TYR F 87 8.78 -60.16 -0.55
C TYR F 87 8.96 -59.11 0.53
N CYS F 88 10.20 -58.59 0.64
CA CYS F 88 10.47 -57.42 1.45
C CYS F 88 10.53 -56.18 0.56
N VAL F 89 10.11 -55.05 1.12
CA VAL F 89 10.13 -53.78 0.41
C VAL F 89 10.61 -52.71 1.37
N GLN F 90 11.53 -51.87 0.91
CA GLN F 90 12.03 -50.75 1.72
C GLN F 90 11.40 -49.45 1.22
N TYR F 91 10.98 -48.62 2.16
CA TYR F 91 10.47 -47.29 1.81
C TYR F 91 11.21 -46.22 2.60
N ALA F 92 12.52 -46.43 2.80
CA ALA F 92 13.35 -45.40 3.42
C ALA F 92 13.73 -44.32 2.42
N GLN F 93 13.95 -44.69 1.17
CA GLN F 93 14.33 -43.75 0.13
C GLN F 93 13.47 -43.97 -1.11
N LEU F 94 13.25 -42.89 -1.85
CA LEU F 94 12.71 -43.12 -3.18
C LEU F 94 13.84 -43.33 -4.17
N PRO F 95 13.69 -44.23 -5.15
CA PRO F 95 12.50 -45.07 -5.38
C PRO F 95 12.40 -46.24 -4.40
N TYR F 96 11.16 -46.61 -4.07
CA TYR F 96 10.93 -47.84 -3.31
C TYR F 96 11.49 -49.02 -4.09
N THR F 97 12.13 -49.95 -3.38
CA THR F 97 12.72 -51.12 -4.01
C THR F 97 12.31 -52.38 -3.25
N PHE F 98 12.29 -53.50 -3.97
CA PHE F 98 11.84 -54.78 -3.45
C PHE F 98 12.99 -55.77 -3.42
N GLY F 99 12.73 -56.92 -2.79
CA GLY F 99 13.68 -58.01 -2.75
C GLY F 99 13.40 -59.05 -3.83
N GLY F 100 14.31 -60.02 -3.92
CA GLY F 100 14.19 -61.05 -4.94
C GLY F 100 12.95 -61.91 -4.77
N GLY F 101 12.64 -62.29 -3.53
CA GLY F 101 11.47 -63.10 -3.25
C GLY F 101 11.81 -64.42 -2.59
N THR F 102 10.83 -65.02 -1.91
CA THR F 102 11.01 -66.29 -1.24
C THR F 102 9.78 -67.15 -1.46
N LYS F 103 9.98 -68.36 -1.96
CA LYS F 103 8.91 -69.29 -2.25
C LYS F 103 8.96 -70.42 -1.23
N LEU F 104 7.91 -70.55 -0.43
CA LEU F 104 7.81 -71.61 0.56
C LEU F 104 7.14 -72.82 -0.08
N GLU F 105 7.83 -73.95 -0.10
CA GLU F 105 7.35 -75.16 -0.74
C GLU F 105 7.29 -76.31 0.28
N ILE F 106 6.56 -77.35 -0.08
CA ILE F 106 6.37 -78.50 0.80
C ILE F 106 7.53 -79.46 0.64
N LYS F 107 8.14 -79.85 1.76
CA LYS F 107 9.19 -80.86 1.74
C LYS F 107 8.57 -82.25 1.66
N ARG F 108 9.24 -83.14 0.94
CA ARG F 108 8.75 -84.49 0.74
C ARG F 108 9.91 -85.37 0.31
N ALA F 109 9.67 -86.68 0.33
CA ALA F 109 10.68 -87.63 -0.13
C ALA F 109 10.93 -87.43 -1.63
N ASP F 110 12.19 -87.64 -2.02
CA ASP F 110 12.56 -87.45 -3.42
C ASP F 110 11.88 -88.49 -4.30
N ALA F 111 11.62 -88.10 -5.55
CA ALA F 111 10.94 -88.97 -6.50
C ALA F 111 11.55 -88.77 -7.89
N ALA F 112 11.77 -89.89 -8.59
CA ALA F 112 12.32 -89.85 -9.93
C ALA F 112 11.24 -89.55 -10.95
N PRO F 113 11.55 -88.78 -11.99
CA PRO F 113 10.53 -88.43 -12.99
C PRO F 113 10.14 -89.61 -13.86
N THR F 114 8.98 -89.48 -14.50
CA THR F 114 8.48 -90.47 -15.46
C THR F 114 8.58 -89.86 -16.85
N VAL F 115 9.60 -90.27 -17.60
CA VAL F 115 9.90 -89.68 -18.89
C VAL F 115 9.12 -90.39 -19.98
N SER F 116 8.57 -89.61 -20.91
CA SER F 116 7.80 -90.13 -22.03
C SER F 116 8.04 -89.25 -23.24
N ILE F 117 8.54 -89.84 -24.32
CA ILE F 117 8.87 -89.09 -25.54
C ILE F 117 7.82 -89.40 -26.61
N PHE F 118 7.52 -88.39 -27.43
CA PHE F 118 6.46 -88.49 -28.42
C PHE F 118 6.90 -87.88 -29.75
N PRO F 119 7.00 -88.69 -30.81
CA PRO F 119 7.36 -88.15 -32.13
C PRO F 119 6.26 -87.28 -32.69
N PRO F 120 6.52 -86.54 -33.77
CA PRO F 120 5.47 -85.67 -34.32
C PRO F 120 4.29 -86.47 -34.86
N SER F 121 3.09 -85.90 -34.69
CA SER F 121 1.88 -86.54 -35.16
C SER F 121 1.78 -86.47 -36.68
N SER F 122 0.86 -87.26 -37.23
CA SER F 122 0.65 -87.26 -38.67
C SER F 122 -0.04 -85.97 -39.13
N GLU F 123 -0.91 -85.41 -38.29
CA GLU F 123 -1.57 -84.15 -38.64
C GLU F 123 -0.57 -83.01 -38.76
N GLN F 124 0.49 -83.03 -37.93
CA GLN F 124 1.47 -81.96 -37.97
C GLN F 124 2.46 -82.13 -39.13
N LEU F 125 2.86 -83.37 -39.41
CA LEU F 125 3.79 -83.60 -40.50
C LEU F 125 3.19 -83.24 -41.85
N THR F 126 1.86 -83.33 -41.98
CA THR F 126 1.22 -82.96 -43.24
C THR F 126 1.19 -81.45 -43.44
N SER F 127 1.19 -80.68 -42.35
CA SER F 127 1.13 -79.23 -42.43
C SER F 127 2.51 -78.59 -42.51
N GLY F 128 3.58 -79.39 -42.60
CA GLY F 128 4.92 -78.87 -42.74
C GLY F 128 5.71 -78.71 -41.45
N GLY F 129 5.12 -79.01 -40.30
CA GLY F 129 5.79 -78.89 -39.02
C GLY F 129 6.14 -80.23 -38.41
N ALA F 130 6.99 -80.18 -37.40
CA ALA F 130 7.44 -81.38 -36.71
C ALA F 130 7.85 -80.99 -35.30
N SER F 131 7.15 -81.51 -34.30
CA SER F 131 7.43 -81.20 -32.91
C SER F 131 7.61 -82.49 -32.13
N VAL F 132 8.70 -82.58 -31.39
CA VAL F 132 9.01 -83.76 -30.57
C VAL F 132 8.81 -83.35 -29.11
N VAL F 133 7.82 -83.94 -28.46
CA VAL F 133 7.45 -83.61 -27.09
C VAL F 133 8.04 -84.65 -26.15
N CYS F 134 8.37 -84.23 -24.93
CA CYS F 134 8.93 -85.11 -23.91
C CYS F 134 8.39 -84.68 -22.56
N PHE F 135 7.64 -85.58 -21.90
CA PHE F 135 6.99 -85.28 -20.64
C PHE F 135 7.77 -85.91 -19.49
N LEU F 136 8.05 -85.10 -18.46
CA LEU F 136 8.76 -85.52 -17.26
C LEU F 136 7.84 -85.23 -16.08
N ASN F 137 7.15 -86.27 -15.59
CA ASN F 137 6.04 -86.09 -14.67
C ASN F 137 6.35 -86.66 -13.30
N ASN F 138 5.90 -85.94 -12.27
CA ASN F 138 5.85 -86.41 -10.89
C ASN F 138 7.24 -86.72 -10.34
N PHE F 139 8.07 -85.68 -10.26
CA PHE F 139 9.39 -85.77 -9.67
C PHE F 139 9.53 -84.79 -8.52
N TYR F 140 10.55 -85.02 -7.70
CA TYR F 140 10.89 -84.12 -6.60
C TYR F 140 12.36 -84.32 -6.26
N PRO F 141 13.13 -83.25 -5.99
CA PRO F 141 12.70 -81.84 -6.01
C PRO F 141 12.52 -81.25 -7.41
N LYS F 142 12.25 -79.94 -7.45
CA LYS F 142 11.92 -79.29 -8.71
C LYS F 142 13.12 -79.13 -9.63
N ASP F 143 14.34 -79.11 -9.09
CA ASP F 143 15.53 -78.86 -9.89
C ASP F 143 15.77 -80.03 -10.83
N ILE F 144 15.82 -79.75 -12.13
CA ILE F 144 15.99 -80.78 -13.15
C ILE F 144 16.51 -80.13 -14.41
N ASN F 145 17.28 -80.89 -15.19
CA ASN F 145 17.78 -80.45 -16.49
C ASN F 145 17.37 -81.44 -17.56
N VAL F 146 17.09 -80.93 -18.75
CA VAL F 146 16.72 -81.75 -19.90
C VAL F 146 17.68 -81.43 -21.04
N LYS F 147 18.02 -82.45 -21.83
CA LYS F 147 18.96 -82.30 -22.94
C LYS F 147 18.43 -83.07 -24.14
N TRP F 148 18.38 -82.42 -25.29
CA TRP F 148 17.97 -83.05 -26.54
C TRP F 148 19.19 -83.44 -27.35
N LYS F 149 19.20 -84.67 -27.85
CA LYS F 149 20.30 -85.18 -28.66
C LYS F 149 19.76 -85.69 -29.98
N ILE F 150 20.15 -85.04 -31.07
CA ILE F 150 19.77 -85.45 -32.42
C ILE F 150 20.94 -86.21 -33.02
N ASP F 151 20.75 -87.52 -33.23
CA ASP F 151 21.82 -88.42 -33.70
C ASP F 151 23.02 -88.36 -32.76
N GLY F 152 22.74 -88.32 -31.45
CA GLY F 152 23.74 -88.25 -30.42
C GLY F 152 24.26 -86.86 -30.13
N SER F 153 24.17 -85.94 -31.09
CA SER F 153 24.66 -84.58 -30.90
C SER F 153 23.61 -83.71 -30.22
N GLU F 154 24.07 -82.88 -29.27
CA GLU F 154 23.15 -82.03 -28.53
C GLU F 154 22.48 -81.01 -29.44
N ARG F 155 21.25 -80.64 -29.09
CA ARG F 155 20.47 -79.66 -29.84
C ARG F 155 19.94 -78.61 -28.87
N GLN F 156 20.17 -77.34 -29.17
CA GLN F 156 19.79 -76.24 -28.30
C GLN F 156 19.01 -75.17 -29.05
N ASN F 157 18.32 -75.55 -30.11
CA ASN F 157 17.56 -74.60 -30.92
C ASN F 157 16.15 -75.14 -31.14
N GLY F 158 15.15 -74.29 -30.88
CA GLY F 158 13.77 -74.70 -31.05
C GLY F 158 13.17 -75.44 -29.87
N VAL F 159 13.81 -75.38 -28.70
CA VAL F 159 13.34 -76.07 -27.51
C VAL F 159 12.49 -75.12 -26.68
N LEU F 160 11.32 -75.59 -26.25
CA LEU F 160 10.43 -74.82 -25.40
C LEU F 160 10.04 -75.67 -24.20
N ASN F 161 10.20 -75.10 -23.01
CA ASN F 161 9.93 -75.80 -21.76
C ASN F 161 8.86 -75.06 -20.95
N SER F 162 8.13 -75.84 -20.16
CA SER F 162 7.08 -75.29 -19.31
C SER F 162 6.94 -76.15 -18.07
N TRP F 163 6.91 -75.52 -16.90
CA TRP F 163 6.86 -76.22 -15.63
C TRP F 163 5.50 -76.03 -14.97
N THR F 164 5.04 -77.07 -14.29
CA THR F 164 3.85 -76.99 -13.47
C THR F 164 4.22 -76.57 -12.05
N ASP F 165 3.25 -75.99 -11.36
CA ASP F 165 3.44 -75.68 -9.95
C ASP F 165 3.49 -76.98 -9.13
N GLN F 166 3.81 -76.85 -7.85
CA GLN F 166 3.87 -78.02 -6.99
C GLN F 166 2.49 -78.66 -6.90
N ASP F 167 2.42 -79.93 -7.29
CA ASP F 167 1.14 -80.61 -7.41
C ASP F 167 0.43 -80.66 -6.06
N SER F 168 -0.84 -80.21 -6.05
CA SER F 168 -1.57 -80.09 -4.80
C SER F 168 -1.83 -81.43 -4.13
N LYS F 169 -1.70 -82.53 -4.87
CA LYS F 169 -1.99 -83.86 -4.32
C LYS F 169 -0.74 -84.50 -3.73
N ASP F 170 0.22 -84.84 -4.60
CA ASP F 170 1.41 -85.58 -4.20
C ASP F 170 2.65 -84.70 -4.05
N SER F 171 2.49 -83.38 -4.13
CA SER F 171 3.59 -82.43 -3.95
C SER F 171 4.74 -82.67 -4.91
N THR F 172 4.42 -83.12 -6.12
CA THR F 172 5.43 -83.38 -7.13
C THR F 172 5.43 -82.27 -8.19
N TYR F 173 6.40 -82.34 -9.09
CA TYR F 173 6.54 -81.39 -10.18
C TYR F 173 6.49 -82.14 -11.51
N SER F 174 6.12 -81.42 -12.56
CA SER F 174 6.09 -81.97 -13.90
C SER F 174 6.62 -80.93 -14.89
N MET F 175 7.14 -81.41 -16.00
CA MET F 175 7.82 -80.55 -16.98
C MET F 175 7.50 -81.01 -18.39
N SER F 176 7.32 -80.06 -19.30
CA SER F 176 7.01 -80.34 -20.69
C SER F 176 8.03 -79.64 -21.57
N SER F 177 8.72 -80.41 -22.41
CA SER F 177 9.73 -79.89 -23.32
C SER F 177 9.32 -80.22 -24.75
N THR F 178 9.40 -79.23 -25.64
CA THR F 178 8.97 -79.39 -27.03
C THR F 178 10.07 -78.90 -27.95
N LEU F 179 10.61 -79.81 -28.75
CA LEU F 179 11.63 -79.49 -29.75
C LEU F 179 10.94 -79.37 -31.10
N THR F 180 10.76 -78.13 -31.56
CA THR F 180 10.01 -77.84 -32.78
C THR F 180 10.98 -77.67 -33.94
N LEU F 181 10.82 -78.50 -34.96
CA LEU F 181 11.63 -78.44 -36.17
C LEU F 181 10.71 -78.32 -37.39
N THR F 182 11.32 -78.16 -38.56
CA THR F 182 10.59 -78.20 -39.82
C THR F 182 10.58 -79.62 -40.36
N LYS F 183 9.51 -79.95 -41.11
CA LYS F 183 9.41 -81.26 -41.71
C LYS F 183 10.62 -81.57 -42.59
N ASP F 184 11.22 -80.53 -43.18
CA ASP F 184 12.43 -80.72 -43.97
C ASP F 184 13.58 -81.24 -43.11
N GLU F 185 13.87 -80.53 -42.00
CA GLU F 185 15.02 -80.92 -41.17
C GLU F 185 14.74 -82.19 -40.38
N TYR F 186 13.46 -82.48 -40.10
CA TYR F 186 13.12 -83.67 -39.33
C TYR F 186 13.56 -84.95 -40.03
N GLU F 187 13.52 -84.96 -41.37
CA GLU F 187 13.90 -86.13 -42.13
C GLU F 187 15.40 -86.17 -42.47
N ARG F 188 16.14 -85.11 -42.15
CA ARG F 188 17.58 -85.12 -42.33
C ARG F 188 18.32 -85.76 -41.15
N HIS F 189 17.59 -86.35 -40.21
CA HIS F 189 18.17 -87.03 -39.06
C HIS F 189 17.31 -88.24 -38.72
N ASN F 190 17.81 -89.06 -37.79
CA ASN F 190 17.15 -90.34 -37.48
C ASN F 190 16.81 -90.45 -36.00
N SER F 191 17.79 -90.66 -35.12
CA SER F 191 17.51 -90.92 -33.71
C SER F 191 17.38 -89.61 -32.94
N TYR F 192 16.31 -89.50 -32.16
CA TYR F 192 16.06 -88.34 -31.31
C TYR F 192 15.99 -88.80 -29.86
N THR F 193 16.74 -88.13 -28.99
CA THR F 193 16.90 -88.53 -27.60
C THR F 193 16.46 -87.41 -26.68
N CYS F 194 15.80 -87.77 -25.59
CA CYS F 194 15.37 -86.84 -24.54
C CYS F 194 16.00 -87.30 -23.22
N GLU F 195 17.08 -86.63 -22.82
CA GLU F 195 17.79 -86.97 -21.60
C GLU F 195 17.33 -86.07 -20.45
N ALA F 196 17.44 -86.61 -19.22
CA ALA F 196 16.95 -85.92 -18.04
C ALA F 196 17.90 -86.19 -16.87
N THR F 197 18.51 -85.14 -16.34
CA THR F 197 19.39 -85.24 -15.19
C THR F 197 18.65 -84.81 -13.94
N HIS F 198 18.73 -85.64 -12.89
CA HIS F 198 18.03 -85.36 -11.64
C HIS F 198 18.84 -85.98 -10.50
N LYS F 199 18.64 -85.44 -9.29
CA LYS F 199 19.38 -85.92 -8.14
C LYS F 199 18.98 -87.33 -7.71
N THR F 200 17.87 -87.85 -8.23
CA THR F 200 17.46 -89.22 -7.92
C THR F 200 18.22 -90.25 -8.71
N SER F 201 19.09 -89.84 -9.64
CA SER F 201 19.80 -90.78 -10.49
C SER F 201 21.18 -90.23 -10.81
N THR F 202 22.19 -91.09 -10.71
CA THR F 202 23.52 -90.71 -11.16
C THR F 202 23.57 -90.56 -12.67
N SER F 203 22.97 -91.52 -13.40
CA SER F 203 22.91 -91.53 -14.84
C SER F 203 21.64 -90.83 -15.32
N PRO F 204 21.68 -90.18 -16.48
CA PRO F 204 20.49 -89.52 -17.00
C PRO F 204 19.45 -90.53 -17.47
N ILE F 205 18.18 -90.20 -17.22
CA ILE F 205 17.09 -91.00 -17.75
C ILE F 205 16.98 -90.73 -19.25
N VAL F 206 17.10 -91.79 -20.04
CA VAL F 206 17.17 -91.68 -21.49
C VAL F 206 15.92 -92.33 -22.09
N LYS F 207 15.20 -91.57 -22.92
CA LYS F 207 14.09 -92.08 -23.70
C LYS F 207 14.28 -91.62 -25.14
N SER F 208 14.31 -92.57 -26.07
CA SER F 208 14.65 -92.27 -27.45
C SER F 208 13.72 -93.02 -28.40
N PHE F 209 13.72 -92.57 -29.65
CA PHE F 209 13.02 -93.26 -30.73
C PHE F 209 13.79 -93.01 -32.02
N ASN F 210 13.67 -93.94 -32.96
CA ASN F 210 14.29 -93.81 -34.27
C ASN F 210 13.22 -93.45 -35.30
N ARG F 211 13.51 -92.46 -36.13
CA ARG F 211 12.57 -92.07 -37.18
C ARG F 211 12.37 -93.23 -38.15
N ASN F 212 11.20 -93.22 -38.82
CA ASN F 212 10.78 -94.29 -39.72
C ASN F 212 10.54 -95.59 -38.97
N GLU F 213 11.51 -96.02 -38.18
CA GLU F 213 11.41 -97.29 -37.47
C GLU F 213 10.37 -97.24 -36.37
N CYS F 214 9.68 -98.37 -36.19
CA CYS F 214 8.75 -98.56 -35.09
C CYS F 214 8.80 -100.00 -34.62
N GLU G 1 -16.25 43.32 -3.40
CA GLU G 1 -15.46 44.54 -3.37
C GLU G 1 -14.43 44.51 -2.23
N VAL G 2 -13.22 44.96 -2.53
CA VAL G 2 -12.15 44.98 -1.53
C VAL G 2 -12.47 46.01 -0.46
N GLN G 3 -12.46 45.57 0.80
CA GLN G 3 -12.60 46.46 1.94
C GLN G 3 -11.71 45.96 3.07
N LEU G 4 -11.09 46.89 3.78
CA LEU G 4 -10.21 46.59 4.90
C LEU G 4 -10.81 47.23 6.16
N GLN G 5 -11.42 46.41 7.00
CA GLN G 5 -12.05 46.87 8.24
C GLN G 5 -11.06 46.70 9.38
N GLN G 6 -10.74 47.80 10.05
CA GLN G 6 -9.80 47.81 11.16
C GLN G 6 -10.53 47.87 12.49
N SER G 7 -9.79 47.56 13.56
CA SER G 7 -10.38 47.49 14.88
C SER G 7 -10.77 48.89 15.38
N GLY G 8 -11.50 48.90 16.49
CA GLY G 8 -11.98 50.16 17.04
C GLY G 8 -10.88 50.98 17.67
N ALA G 9 -11.20 52.24 17.93
CA ALA G 9 -10.25 53.15 18.53
C ALA G 9 -9.76 52.63 19.87
N GLU G 10 -8.46 52.74 20.10
CA GLU G 10 -7.82 52.24 21.31
C GLU G 10 -7.41 53.40 22.21
N LEU G 11 -7.32 53.11 23.50
CA LEU G 11 -6.97 54.11 24.51
C LEU G 11 -6.25 53.38 25.64
N VAL G 12 -4.92 53.51 25.66
CA VAL G 12 -4.08 52.73 26.55
C VAL G 12 -3.16 53.66 27.33
N LYS G 13 -2.40 53.07 28.25
CA LYS G 13 -1.53 53.80 29.15
C LYS G 13 -0.06 53.61 28.76
N PRO G 14 0.81 54.56 29.10
CA PRO G 14 2.22 54.45 28.69
C PRO G 14 2.90 53.23 29.29
N GLY G 15 3.64 52.51 28.45
CA GLY G 15 4.35 51.33 28.86
C GLY G 15 3.61 50.03 28.61
N ALA G 16 2.34 50.09 28.22
CA ALA G 16 1.56 48.90 27.96
C ALA G 16 1.76 48.45 26.51
N SER G 17 0.94 47.51 26.06
CA SER G 17 0.99 47.02 24.69
C SER G 17 -0.43 46.94 24.14
N VAL G 18 -0.54 47.09 22.82
CA VAL G 18 -1.81 47.07 22.12
C VAL G 18 -1.61 46.34 20.79
N LYS G 19 -2.67 45.68 20.33
CA LYS G 19 -2.63 44.87 19.12
C LYS G 19 -3.81 45.25 18.23
N LEU G 20 -3.54 45.99 17.16
CA LEU G 20 -4.56 46.40 16.21
C LEU G 20 -4.78 45.29 15.17
N SER G 21 -5.97 45.29 14.57
CA SER G 21 -6.36 44.26 13.62
C SER G 21 -6.87 44.90 12.34
N CYS G 22 -6.81 44.11 11.26
CA CYS G 22 -7.21 44.57 9.92
C CYS G 22 -7.81 43.36 9.21
N THR G 23 -9.13 43.30 9.16
CA THR G 23 -9.84 42.14 8.61
C THR G 23 -10.18 42.39 7.15
N ALA G 24 -9.81 41.44 6.29
CA ALA G 24 -10.07 41.55 4.87
C ALA G 24 -11.54 41.22 4.57
N SER G 25 -12.16 42.04 3.72
CA SER G 25 -13.53 41.81 3.29
C SER G 25 -13.56 41.79 1.77
N GLY G 26 -14.28 40.83 1.20
CA GLY G 26 -14.41 40.73 -0.24
C GLY G 26 -13.25 40.09 -0.94
N PHE G 27 -12.27 39.58 -0.21
CA PHE G 27 -11.11 38.92 -0.80
C PHE G 27 -10.40 38.12 0.29
N ASN G 28 -9.36 37.40 -0.12
CA ASN G 28 -8.53 36.60 0.77
C ASN G 28 -7.31 37.42 1.16
N ILE G 29 -7.11 37.61 2.47
CA ILE G 29 -5.97 38.36 2.99
C ILE G 29 -4.64 37.78 2.48
N LYS G 30 -4.64 36.53 2.02
CA LYS G 30 -3.45 35.86 1.53
C LYS G 30 -3.01 36.34 0.15
N ASP G 31 -3.79 37.21 -0.49
CA ASP G 31 -3.59 37.48 -1.91
C ASP G 31 -2.40 38.40 -2.18
N THR G 32 -2.22 39.46 -1.38
CA THR G 32 -1.18 40.44 -1.62
C THR G 32 -0.41 40.70 -0.32
N TYR G 33 0.59 41.58 -0.40
CA TYR G 33 1.20 42.15 0.80
C TYR G 33 0.16 42.92 1.60
N VAL G 34 0.42 43.06 2.90
CA VAL G 34 -0.36 43.93 3.78
C VAL G 34 0.62 44.80 4.54
N HIS G 35 0.46 46.12 4.41
CA HIS G 35 1.35 47.10 5.02
C HIS G 35 0.66 47.76 6.22
N TRP G 36 1.46 48.45 7.01
CA TRP G 36 0.96 49.28 8.12
C TRP G 36 1.63 50.64 8.05
N VAL G 37 0.82 51.69 8.13
CA VAL G 37 1.29 53.07 8.01
C VAL G 37 0.79 53.88 9.21
N LYS G 38 1.66 54.74 9.73
CA LYS G 38 1.36 55.60 10.87
C LYS G 38 1.21 57.04 10.37
N GLN G 39 0.19 57.73 10.87
CA GLN G 39 -0.06 59.12 10.50
C GLN G 39 -0.17 59.98 11.75
N ARG G 40 0.53 61.11 11.74
CA ARG G 40 0.43 62.15 12.75
C ARG G 40 0.24 63.49 12.07
N PRO G 41 -0.38 64.46 12.75
CA PRO G 41 -0.62 65.76 12.09
C PRO G 41 0.66 66.52 11.80
N GLU G 42 1.67 66.43 12.67
CA GLU G 42 2.91 67.16 12.46
C GLU G 42 3.92 66.34 11.66
N GLN G 43 4.15 65.09 12.07
CA GLN G 43 5.18 64.27 11.44
C GLN G 43 4.74 63.69 10.10
N GLY G 44 3.44 63.61 9.84
CA GLY G 44 2.97 63.12 8.56
C GLY G 44 2.82 61.62 8.48
N LEU G 45 3.12 61.04 7.32
CA LEU G 45 2.89 59.63 7.04
C LEU G 45 4.21 58.86 7.15
N GLU G 46 4.19 57.76 7.90
CA GLU G 46 5.37 56.93 8.11
C GLU G 46 5.02 55.48 7.85
N TRP G 47 5.82 54.84 7.00
CA TRP G 47 5.66 53.41 6.69
C TRP G 47 6.29 52.58 7.79
N ILE G 48 5.48 51.75 8.43
CA ILE G 48 5.97 50.86 9.49
C ILE G 48 6.60 49.60 8.92
N GLY G 49 5.88 48.92 8.03
CA GLY G 49 6.37 47.67 7.49
C GLY G 49 5.26 46.94 6.75
N ARG G 50 5.57 45.72 6.35
CA ARG G 50 4.63 44.93 5.55
C ARG G 50 4.74 43.47 5.96
N ILE G 51 3.79 42.67 5.51
CA ILE G 51 3.79 41.24 5.72
C ILE G 51 3.20 40.55 4.50
N ASP G 52 3.76 39.41 4.14
CA ASP G 52 3.13 38.51 3.18
C ASP G 52 2.33 37.50 3.97
N PRO G 53 1.02 37.69 4.11
CA PRO G 53 0.22 36.74 4.91
C PRO G 53 0.29 35.31 4.42
N ALA G 54 0.70 35.07 3.17
CA ALA G 54 0.80 33.70 2.67
C ALA G 54 1.84 32.90 3.44
N ASN G 55 2.98 33.51 3.75
CA ASN G 55 4.09 32.82 4.38
C ASN G 55 4.55 33.43 5.70
N GLY G 56 4.13 34.66 6.01
CA GLY G 56 4.46 35.29 7.27
C GLY G 56 5.74 36.10 7.28
N TYR G 57 6.41 36.27 6.15
CA TYR G 57 7.64 37.04 6.11
C TYR G 57 7.33 38.53 6.18
N THR G 58 8.15 39.26 6.92
CA THR G 58 7.89 40.65 7.26
C THR G 58 9.09 41.52 6.94
N LYS G 59 8.82 42.79 6.67
CA LYS G 59 9.84 43.82 6.54
C LYS G 59 9.45 45.00 7.43
N TYR G 60 10.46 45.76 7.84
CA TYR G 60 10.24 46.88 8.77
C TYR G 60 11.16 48.03 8.42
N ASP G 61 10.67 49.24 8.63
CA ASP G 61 11.57 50.39 8.76
C ASP G 61 12.37 50.22 10.04
N PRO G 62 13.70 50.33 9.99
CA PRO G 62 14.50 50.20 11.22
C PRO G 62 14.14 51.19 12.32
N LYS G 63 13.33 52.21 12.04
CA LYS G 63 12.86 53.10 13.09
C LYS G 63 11.90 52.41 14.04
N PHE G 64 11.14 51.43 13.55
CA PHE G 64 10.11 50.76 14.35
C PHE G 64 10.56 49.39 14.85
N GLN G 65 11.81 49.01 14.62
CA GLN G 65 12.29 47.70 15.04
C GLN G 65 12.26 47.59 16.56
N GLY G 66 11.55 46.59 17.07
CA GLY G 66 11.36 46.40 18.49
C GLY G 66 10.09 47.01 19.03
N LYS G 67 9.58 48.07 18.40
CA LYS G 67 8.32 48.69 18.80
C LYS G 67 7.12 48.02 18.14
N ALA G 68 7.20 47.73 16.84
CA ALA G 68 6.08 47.20 16.08
C ALA G 68 6.34 45.76 15.69
N THR G 69 5.28 44.94 15.74
CA THR G 69 5.32 43.57 15.28
C THR G 69 4.09 43.31 14.42
N ILE G 70 4.31 42.81 13.21
CA ILE G 70 3.26 42.61 12.23
C ILE G 70 3.03 41.11 12.05
N THR G 71 1.78 40.68 12.23
CA THR G 71 1.41 39.28 12.10
C THR G 71 0.10 39.18 11.33
N ALA G 72 -0.25 37.95 10.96
CA ALA G 72 -1.46 37.70 10.18
C ALA G 72 -1.95 36.29 10.45
N ASP G 73 -3.28 36.12 10.37
CA ASP G 73 -3.92 34.81 10.52
C ASP G 73 -4.83 34.62 9.30
N THR G 74 -4.35 33.83 8.33
CA THR G 74 -5.14 33.53 7.14
C THR G 74 -6.48 32.90 7.49
N SER G 75 -6.53 32.14 8.60
CA SER G 75 -7.78 31.47 8.97
C SER G 75 -8.87 32.48 9.33
N SER G 76 -8.50 33.60 9.93
CA SER G 76 -9.46 34.65 10.27
C SER G 76 -9.41 35.83 9.30
N ASN G 77 -8.66 35.68 8.19
CA ASN G 77 -8.60 36.71 7.14
C ASN G 77 -8.16 38.06 7.69
N THR G 78 -7.29 38.06 8.69
CA THR G 78 -6.96 39.25 9.44
C THR G 78 -5.44 39.41 9.54
N ALA G 79 -4.99 40.67 9.50
CA ALA G 79 -3.61 41.03 9.78
C ALA G 79 -3.57 41.91 11.03
N TYR G 80 -2.45 41.86 11.74
CA TYR G 80 -2.34 42.53 13.04
C TYR G 80 -1.10 43.39 13.10
N LEU G 81 -1.19 44.45 13.90
CA LEU G 81 -0.06 45.32 14.22
C LEU G 81 0.01 45.46 15.73
N GLN G 82 1.06 44.93 16.33
CA GLN G 82 1.26 44.99 17.77
C GLN G 82 2.33 46.01 18.11
N LEU G 83 2.00 46.92 19.02
CA LEU G 83 2.91 47.96 19.49
C LEU G 83 3.14 47.76 20.98
N SER G 84 4.40 47.80 21.39
CA SER G 84 4.80 47.58 22.77
C SER G 84 5.50 48.83 23.31
N SER G 85 5.65 48.85 24.64
CA SER G 85 6.33 49.94 25.34
C SER G 85 5.82 51.30 24.88
N LEU G 86 4.51 51.46 24.92
CA LEU G 86 3.85 52.61 24.31
C LEU G 86 4.23 53.91 25.02
N THR G 87 4.37 54.97 24.23
CA THR G 87 4.66 56.31 24.74
C THR G 87 3.74 57.31 24.06
N SER G 88 3.90 58.58 24.43
CA SER G 88 3.08 59.64 23.86
C SER G 88 3.33 59.81 22.37
N GLU G 89 4.56 59.53 21.91
CA GLU G 89 4.86 59.65 20.49
C GLU G 89 4.17 58.58 19.66
N ASP G 90 3.72 57.49 20.29
CA ASP G 90 2.98 56.46 19.59
C ASP G 90 1.52 56.82 19.35
N THR G 91 1.04 57.93 19.92
CA THR G 91 -0.32 58.38 19.70
C THR G 91 -0.47 58.84 18.26
N ALA G 92 -1.24 58.11 17.47
CA ALA G 92 -1.38 58.38 16.04
C ALA G 92 -2.57 57.58 15.53
N VAL G 93 -2.83 57.71 14.23
CA VAL G 93 -3.84 56.92 13.52
C VAL G 93 -3.11 55.93 12.63
N TYR G 94 -3.57 54.67 12.63
CA TYR G 94 -2.86 53.59 11.98
C TYR G 94 -3.71 52.98 10.87
N TYR G 95 -3.06 52.70 9.74
CA TYR G 95 -3.72 52.23 8.54
C TYR G 95 -3.07 50.94 8.04
N CYS G 96 -3.89 50.03 7.53
CA CYS G 96 -3.40 48.89 6.77
C CYS G 96 -3.68 49.12 5.29
N VAL G 97 -2.72 48.73 4.45
CA VAL G 97 -2.75 49.04 3.02
C VAL G 97 -2.40 47.78 2.23
N ARG G 98 -3.03 47.62 1.07
CA ARG G 98 -2.68 46.60 0.11
C ARG G 98 -2.73 47.20 -1.29
N PRO G 99 -2.03 46.61 -2.25
CA PRO G 99 -2.07 47.14 -3.61
C PRO G 99 -3.24 46.58 -4.42
N LEU G 100 -3.50 47.26 -5.54
CA LEU G 100 -4.54 46.82 -6.47
C LEU G 100 -3.97 45.77 -7.42
N TYR G 101 -3.16 46.21 -8.38
CA TYR G 101 -2.56 45.32 -9.37
C TYR G 101 -1.05 45.20 -9.18
N ASP G 102 -0.33 46.31 -9.19
CA ASP G 102 1.11 46.30 -8.97
C ASP G 102 1.45 45.66 -7.63
N TYR G 103 2.42 44.74 -7.65
CA TYR G 103 2.80 44.00 -6.45
C TYR G 103 3.28 44.92 -5.33
N TYR G 104 3.83 46.09 -5.67
CA TYR G 104 4.51 46.94 -4.70
C TYR G 104 3.73 48.20 -4.37
N ALA G 105 2.57 48.42 -4.98
CA ALA G 105 1.84 49.66 -4.84
C ALA G 105 1.15 49.73 -3.48
N MET G 106 0.42 50.86 -3.25
CA MET G 106 -0.25 51.17 -1.99
C MET G 106 -1.60 51.84 -2.34
N ASP G 107 -2.56 51.03 -2.76
CA ASP G 107 -3.77 51.54 -3.40
C ASP G 107 -5.01 51.47 -2.51
N TYR G 108 -5.26 50.36 -1.83
CA TYR G 108 -6.44 50.20 -0.99
C TYR G 108 -6.07 50.43 0.47
N TRP G 109 -6.89 51.19 1.19
CA TRP G 109 -6.61 51.56 2.56
C TRP G 109 -7.77 51.21 3.46
N GLY G 110 -7.45 50.83 4.70
CA GLY G 110 -8.47 50.70 5.72
C GLY G 110 -8.88 52.05 6.28
N GLN G 111 -10.01 52.05 6.99
CA GLN G 111 -10.56 53.31 7.48
C GLN G 111 -9.70 53.94 8.57
N GLY G 112 -8.77 53.21 9.14
CA GLY G 112 -7.87 53.76 10.15
C GLY G 112 -8.34 53.43 11.55
N THR G 113 -7.38 53.35 12.47
CA THR G 113 -7.65 53.11 13.89
C THR G 113 -6.85 54.11 14.71
N SER G 114 -7.54 54.86 15.57
CA SER G 114 -6.90 55.87 16.40
C SER G 114 -6.38 55.25 17.69
N VAL G 115 -5.19 55.68 18.10
CA VAL G 115 -4.54 55.21 19.32
C VAL G 115 -4.12 56.42 20.13
N THR G 116 -4.44 56.41 21.43
CA THR G 116 -4.08 57.49 22.34
C THR G 116 -3.42 56.89 23.57
N VAL G 117 -2.25 57.43 23.93
CA VAL G 117 -1.47 56.96 25.07
C VAL G 117 -1.46 58.07 26.11
N SER G 118 -2.03 57.80 27.28
CA SER G 118 -2.14 58.82 28.32
C SER G 118 -2.31 58.15 29.68
N SER G 119 -1.59 58.66 30.68
CA SER G 119 -1.78 58.23 32.05
C SER G 119 -3.06 58.78 32.66
N ALA G 120 -3.75 59.69 31.97
CA ALA G 120 -4.94 60.33 32.52
C ALA G 120 -6.04 59.30 32.78
N LYS G 121 -6.83 59.58 33.80
CA LYS G 121 -8.01 58.80 34.12
C LYS G 121 -9.25 59.60 33.74
N THR G 122 -10.37 58.89 33.59
CA THR G 122 -11.61 59.50 33.13
C THR G 122 -12.01 60.66 34.02
N THR G 123 -12.00 61.87 33.45
CA THR G 123 -12.25 63.10 34.19
C THR G 123 -13.38 63.86 33.52
N ALA G 124 -14.34 64.34 34.31
CA ALA G 124 -15.46 65.09 33.77
C ALA G 124 -15.04 66.53 33.47
N PRO G 125 -15.66 67.16 32.48
CA PRO G 125 -15.27 68.52 32.10
C PRO G 125 -15.89 69.59 32.98
N SER G 126 -15.19 70.73 33.06
CA SER G 126 -15.70 71.92 33.71
C SER G 126 -16.22 72.87 32.63
N VAL G 127 -17.50 73.22 32.72
CA VAL G 127 -18.15 74.09 31.74
C VAL G 127 -18.26 75.49 32.32
N TYR G 128 -17.77 76.48 31.57
CA TYR G 128 -17.76 77.86 32.01
C TYR G 128 -18.44 78.74 30.96
N PRO G 129 -19.41 79.57 31.36
CA PRO G 129 -20.04 80.48 30.40
C PRO G 129 -19.11 81.63 30.05
N LEU G 130 -19.29 82.16 28.83
CA LEU G 130 -18.46 83.25 28.32
C LEU G 130 -19.38 84.35 27.80
N ALA G 131 -19.66 85.35 28.65
CA ALA G 131 -20.44 86.55 28.41
C ALA G 131 -19.51 87.73 28.12
N PRO G 132 -19.91 88.63 27.22
CA PRO G 132 -19.04 89.75 26.87
C PRO G 132 -18.91 90.75 28.02
N VAL G 133 -18.04 91.73 27.80
CA VAL G 133 -17.80 92.79 28.78
C VAL G 133 -18.80 93.92 28.53
N CYS G 134 -18.99 94.76 29.55
CA CYS G 134 -19.93 95.87 29.48
C CYS G 134 -19.53 96.87 28.40
N THR G 135 -22.80 96.36 22.88
CA THR G 135 -22.49 97.73 22.49
C THR G 135 -22.65 97.93 20.99
N GLY G 136 -22.52 96.84 20.23
CA GLY G 136 -22.66 96.86 18.79
C GLY G 136 -24.04 96.42 18.34
N SER G 137 -24.11 96.00 17.08
CA SER G 137 -25.36 95.50 16.50
C SER G 137 -25.47 93.98 16.57
N SER G 138 -24.35 93.27 16.67
CA SER G 138 -24.32 91.82 16.82
C SER G 138 -23.44 91.45 18.00
N VAL G 139 -23.85 90.43 18.74
CA VAL G 139 -23.15 90.01 19.94
C VAL G 139 -22.65 88.58 19.74
N THR G 140 -21.61 88.24 20.50
CA THR G 140 -20.98 86.91 20.42
C THR G 140 -20.78 86.37 21.82
N LEU G 141 -21.30 85.18 22.08
CA LEU G 141 -21.14 84.48 23.34
C LEU G 141 -20.21 83.28 23.14
N GLY G 142 -19.92 82.59 24.23
CA GLY G 142 -19.00 81.47 24.17
C GLY G 142 -19.27 80.46 25.26
N CYS G 143 -18.51 79.36 25.20
CA CYS G 143 -18.60 78.29 26.18
C CYS G 143 -17.24 77.60 26.24
N LEU G 144 -16.74 77.38 27.45
CA LEU G 144 -15.39 76.85 27.66
C LEU G 144 -15.50 75.51 28.39
N VAL G 145 -15.12 74.43 27.72
CA VAL G 145 -15.12 73.09 28.27
C VAL G 145 -13.68 72.73 28.58
N LYS G 146 -13.34 72.62 29.86
CA LYS G 146 -11.95 72.53 30.29
C LYS G 146 -11.71 71.32 31.17
N GLY G 147 -10.65 70.58 30.86
CA GLY G 147 -10.13 69.57 31.76
C GLY G 147 -10.84 68.23 31.77
N TYR G 148 -11.19 67.70 30.60
CA TYR G 148 -11.86 66.41 30.52
C TYR G 148 -10.96 65.37 29.86
N PHE G 149 -11.34 64.11 30.05
CA PHE G 149 -10.65 62.97 29.45
C PHE G 149 -11.51 61.72 29.59
N PRO G 150 -11.62 60.89 28.55
CA PRO G 150 -11.03 61.15 27.23
C PRO G 150 -12.00 61.87 26.30
N GLU G 151 -11.62 61.97 25.02
CA GLU G 151 -12.52 62.51 24.02
C GLU G 151 -13.61 61.49 23.71
N PRO G 152 -14.73 61.93 23.10
CA PRO G 152 -15.06 63.28 22.70
C PRO G 152 -16.13 63.94 23.57
N VAL G 153 -16.54 65.15 23.17
CA VAL G 153 -17.66 65.84 23.77
C VAL G 153 -18.54 66.37 22.66
N THR G 154 -19.85 66.26 22.85
CA THR G 154 -20.83 66.87 21.96
C THR G 154 -21.31 68.17 22.58
N LEU G 155 -21.23 69.26 21.81
CA LEU G 155 -21.60 70.58 22.29
C LEU G 155 -22.70 71.15 21.40
N THR G 156 -23.80 71.55 22.01
CA THR G 156 -24.90 72.20 21.31
C THR G 156 -25.33 73.44 22.08
N TRP G 157 -26.05 74.31 21.38
CA TRP G 157 -26.63 75.51 21.98
C TRP G 157 -28.14 75.35 22.02
N ASN G 158 -28.73 75.56 23.20
CA ASN G 158 -30.17 75.45 23.41
C ASN G 158 -30.69 74.07 22.98
N SER G 159 -29.94 73.03 23.33
CA SER G 159 -30.31 71.65 23.00
C SER G 159 -30.44 71.46 21.48
N GLY G 160 -29.44 71.94 20.75
CA GLY G 160 -29.43 71.84 19.31
C GLY G 160 -30.34 72.80 18.58
N SER G 161 -31.10 73.63 19.31
CA SER G 161 -32.00 74.58 18.65
C SER G 161 -31.22 75.59 17.82
N LEU G 162 -30.39 76.40 18.48
CA LEU G 162 -29.54 77.34 17.77
C LEU G 162 -28.45 76.57 17.03
N SER G 163 -28.49 76.61 15.70
CA SER G 163 -27.62 75.78 14.87
C SER G 163 -26.59 76.62 14.13
N SER G 164 -27.01 77.44 13.17
CA SER G 164 -26.06 78.21 12.37
C SER G 164 -25.49 79.37 13.19
N GLY G 165 -24.39 79.92 12.69
CA GLY G 165 -23.68 80.96 13.40
C GLY G 165 -22.91 80.47 14.59
N VAL G 166 -22.36 79.27 14.52
CA VAL G 166 -21.69 78.61 15.65
C VAL G 166 -20.35 78.07 15.18
N HIS G 167 -19.33 78.22 16.03
CA HIS G 167 -17.99 77.68 15.78
C HIS G 167 -17.54 76.87 16.98
N THR G 168 -17.51 75.54 16.85
CA THR G 168 -16.96 74.67 17.87
C THR G 168 -15.56 74.25 17.46
N PHE G 169 -14.56 74.62 18.28
CA PHE G 169 -13.16 74.46 17.92
C PHE G 169 -12.64 73.09 18.32
N PRO G 170 -11.69 72.55 17.54
CA PRO G 170 -11.13 71.24 17.86
C PRO G 170 -10.43 71.25 19.21
N ALA G 171 -10.65 70.18 19.98
CA ALA G 171 -10.04 70.06 21.30
C ALA G 171 -8.52 70.06 21.18
N VAL G 172 -7.86 70.52 22.25
CA VAL G 172 -6.41 70.56 22.32
C VAL G 172 -6.00 69.94 23.65
N LEU G 173 -4.87 69.22 23.64
CA LEU G 173 -4.41 68.45 24.80
C LEU G 173 -3.66 69.37 25.75
N GLN G 174 -4.25 69.67 26.90
CA GLN G 174 -3.65 70.52 27.92
C GLN G 174 -3.04 69.62 29.00
N SER G 175 -1.83 69.15 28.72
CA SER G 175 -1.05 68.31 29.63
C SER G 175 -1.91 67.21 30.26
N ASP G 176 -2.20 66.15 29.50
CA ASP G 176 -2.96 64.98 29.91
C ASP G 176 -4.45 65.27 30.09
N LEU G 177 -4.93 66.45 29.70
CA LEU G 177 -6.34 66.78 29.75
C LEU G 177 -6.73 67.58 28.52
N TYR G 178 -8.01 67.49 28.15
CA TYR G 178 -8.52 68.14 26.95
C TYR G 178 -9.26 69.42 27.29
N THR G 179 -9.19 70.39 26.38
CA THR G 179 -9.90 71.65 26.48
C THR G 179 -10.51 71.99 25.14
N LEU G 180 -11.77 72.42 25.16
CA LEU G 180 -12.51 72.76 23.97
C LEU G 180 -13.33 74.01 24.24
N SER G 181 -13.67 74.74 23.18
CA SER G 181 -14.47 75.95 23.31
C SER G 181 -15.34 76.10 22.07
N SER G 182 -16.42 76.87 22.22
CA SER G 182 -17.34 77.12 21.13
C SER G 182 -17.91 78.53 21.24
N SER G 183 -18.01 79.21 20.11
CA SER G 183 -18.59 80.55 20.03
C SER G 183 -19.89 80.51 19.24
N VAL G 184 -20.71 81.55 19.46
CA VAL G 184 -22.00 81.68 18.79
C VAL G 184 -22.31 83.17 18.71
N THR G 185 -22.96 83.56 17.61
CA THR G 185 -23.18 84.97 17.30
C THR G 185 -24.62 85.19 16.89
N VAL G 186 -25.26 86.20 17.49
CA VAL G 186 -26.62 86.61 17.13
C VAL G 186 -26.65 88.13 17.04
N THR G 187 -27.84 88.71 17.09
CA THR G 187 -28.00 90.16 17.08
C THR G 187 -28.22 90.69 18.50
N SER G 188 -28.05 92.01 18.65
CA SER G 188 -28.22 92.62 19.96
C SER G 188 -29.66 92.52 20.45
N SER G 189 -30.63 92.45 19.52
CA SER G 189 -32.02 92.29 19.91
C SER G 189 -32.31 90.88 20.43
N THR G 190 -31.45 89.91 20.12
CA THR G 190 -31.69 88.54 20.55
C THR G 190 -31.21 88.31 21.99
N TRP G 191 -30.02 88.78 22.32
CA TRP G 191 -29.46 88.55 23.65
C TRP G 191 -29.26 89.87 24.38
N PRO G 192 -29.50 89.91 25.71
CA PRO G 192 -29.93 88.81 26.57
C PRO G 192 -31.44 88.59 26.65
N SER G 193 -32.19 89.08 25.66
CA SER G 193 -33.64 88.89 25.65
C SER G 193 -33.98 87.41 25.51
N GLN G 194 -33.38 86.73 24.53
CA GLN G 194 -33.60 85.31 24.33
C GLN G 194 -32.59 84.51 25.13
N SER G 195 -33.08 83.57 25.93
CA SER G 195 -32.21 82.75 26.76
C SER G 195 -31.36 81.83 25.89
N ILE G 196 -30.06 81.78 26.17
CA ILE G 196 -29.12 80.93 25.43
C ILE G 196 -28.35 80.09 26.44
N THR G 197 -28.36 78.77 26.22
CA THR G 197 -27.74 77.83 27.14
C THR G 197 -26.75 76.95 26.39
N CYS G 198 -25.61 76.67 27.03
CA CYS G 198 -24.58 75.81 26.48
C CYS G 198 -24.79 74.39 27.01
N ASN G 199 -24.96 73.43 26.11
CA ASN G 199 -25.20 72.04 26.46
C ASN G 199 -23.99 71.21 26.05
N VAL G 200 -23.38 70.52 27.02
CA VAL G 200 -22.18 69.74 26.81
C VAL G 200 -22.39 68.36 27.41
N ALA G 201 -22.05 67.32 26.65
CA ALA G 201 -22.21 65.94 27.07
C ALA G 201 -20.88 65.22 26.97
N HIS G 202 -20.45 64.59 28.07
CA HIS G 202 -19.24 63.78 28.12
C HIS G 202 -19.66 62.35 28.40
N PRO G 203 -19.94 61.55 27.37
CA PRO G 203 -20.46 60.19 27.60
C PRO G 203 -19.52 59.29 28.39
N ALA G 204 -18.22 59.58 28.40
CA ALA G 204 -17.29 58.75 29.16
C ALA G 204 -17.61 58.79 30.65
N SER G 205 -17.70 59.99 31.21
CA SER G 205 -18.11 60.15 32.60
C SER G 205 -19.62 60.14 32.78
N SER G 206 -20.38 60.02 31.70
CA SER G 206 -21.84 59.97 31.74
C SER G 206 -22.42 61.22 32.40
N THR G 207 -21.88 62.38 32.05
CA THR G 207 -22.34 63.65 32.58
C THR G 207 -22.81 64.54 31.43
N LYS G 208 -23.87 65.32 31.68
CA LYS G 208 -24.43 66.24 30.70
C LYS G 208 -24.83 67.51 31.44
N VAL G 209 -23.90 68.47 31.49
CA VAL G 209 -24.11 69.72 32.21
C VAL G 209 -24.71 70.75 31.26
N ASP G 210 -25.40 71.73 31.83
CA ASP G 210 -25.97 72.84 31.08
C ASP G 210 -25.72 74.13 31.85
N LYS G 211 -25.12 75.12 31.19
CA LYS G 211 -24.77 76.39 31.80
C LYS G 211 -25.33 77.52 30.94
N LYS G 212 -26.25 78.31 31.51
CA LYS G 212 -26.82 79.44 30.80
C LYS G 212 -25.85 80.63 30.85
N ILE G 213 -25.82 81.40 29.77
CA ILE G 213 -24.95 82.57 29.68
C ILE G 213 -25.62 83.74 30.38
N GLU G 214 -24.93 84.30 31.38
CA GLU G 214 -25.47 85.43 32.13
C GLU G 214 -24.61 86.66 31.89
N PRO G 215 -25.22 87.82 31.62
CA PRO G 215 -24.42 89.04 31.39
C PRO G 215 -23.71 89.52 32.64
N ARG G 216 -23.07 90.68 32.56
CA ARG G 216 -22.29 91.21 33.67
C ARG G 216 -22.84 92.56 34.13
N ASP H 1 17.58 56.26 3.23
CA ASP H 1 16.16 56.43 2.90
C ASP H 1 15.97 57.52 1.85
N ILE H 2 14.96 57.36 1.01
CA ILE H 2 14.68 58.29 -0.07
C ILE H 2 13.78 59.40 0.46
N LEU H 3 14.20 60.64 0.26
CA LEU H 3 13.42 61.80 0.68
C LEU H 3 12.48 62.22 -0.44
N MET H 4 11.24 62.52 -0.06
CA MET H 4 10.20 62.94 -1.01
C MET H 4 9.78 64.35 -0.63
N THR H 5 10.27 65.33 -1.39
CA THR H 5 9.89 66.72 -1.19
C THR H 5 8.68 67.03 -2.06
N GLN H 6 7.52 67.19 -1.43
CA GLN H 6 6.28 67.50 -2.12
C GLN H 6 5.99 68.99 -2.02
N SER H 7 5.53 69.57 -3.12
CA SER H 7 5.28 71.00 -3.20
C SER H 7 4.07 71.25 -4.09
N PRO H 8 3.27 72.28 -3.79
CA PRO H 8 3.38 73.12 -2.58
C PRO H 8 2.60 72.53 -1.42
N SER H 9 2.86 73.02 -0.21
CA SER H 9 2.15 72.51 0.96
C SER H 9 0.68 72.88 0.96
N SER H 10 0.30 73.93 0.23
CA SER H 10 -1.10 74.33 0.12
C SER H 10 -1.25 75.26 -1.07
N MET H 11 -2.44 75.24 -1.67
CA MET H 11 -2.79 76.15 -2.74
C MET H 11 -4.26 76.54 -2.60
N SER H 12 -4.56 77.81 -2.84
CA SER H 12 -5.92 78.33 -2.79
C SER H 12 -6.37 78.55 -4.23
N VAL H 13 -7.32 77.74 -4.69
CA VAL H 13 -7.72 77.67 -6.08
C VAL H 13 -9.24 77.61 -6.16
N SER H 14 -9.75 77.52 -7.39
CA SER H 14 -11.18 77.64 -7.64
C SER H 14 -11.67 76.45 -8.47
N LEU H 15 -12.99 76.31 -8.50
CA LEU H 15 -13.61 75.24 -9.26
C LEU H 15 -13.34 75.42 -10.75
N GLY H 16 -13.08 74.32 -11.44
CA GLY H 16 -12.79 74.34 -12.86
C GLY H 16 -11.34 74.65 -13.21
N ASP H 17 -10.51 74.99 -12.24
CA ASP H 17 -9.12 75.29 -12.51
C ASP H 17 -8.34 74.01 -12.82
N THR H 18 -7.17 74.19 -13.41
CA THR H 18 -6.23 73.09 -13.69
C THR H 18 -4.97 73.34 -12.86
N VAL H 19 -4.73 72.48 -11.88
CA VAL H 19 -3.63 72.63 -10.95
C VAL H 19 -2.72 71.42 -11.03
N SER H 20 -1.48 71.59 -10.59
CA SER H 20 -0.50 70.52 -10.61
C SER H 20 0.27 70.49 -9.30
N ILE H 21 0.56 69.27 -8.83
CA ILE H 21 1.30 69.03 -7.62
C ILE H 21 2.55 68.24 -7.98
N THR H 22 3.72 68.76 -7.62
CA THR H 22 4.98 68.08 -7.92
C THR H 22 5.49 67.34 -6.69
N CYS H 23 6.41 66.41 -6.95
CA CYS H 23 7.03 65.58 -5.92
C CYS H 23 8.43 65.26 -6.41
N HIS H 24 9.44 65.60 -5.61
CA HIS H 24 10.84 65.46 -5.99
C HIS H 24 11.53 64.46 -5.08
N ALA H 25 12.28 63.54 -5.68
CA ALA H 25 12.96 62.48 -4.95
C ALA H 25 14.46 62.73 -4.91
N SER H 26 15.09 62.32 -3.80
CA SER H 26 16.53 62.51 -3.62
C SER H 26 17.36 61.65 -4.56
N GLN H 27 16.75 60.68 -5.24
CA GLN H 27 17.42 59.90 -6.26
C GLN H 27 16.37 59.40 -7.24
N GLY H 28 16.83 58.79 -8.33
CA GLY H 28 15.90 58.27 -9.32
C GLY H 28 15.06 57.14 -8.76
N ILE H 29 13.77 57.16 -9.10
CA ILE H 29 12.84 56.13 -8.64
C ILE H 29 12.10 55.45 -9.79
N SER H 30 12.35 55.87 -11.03
CA SER H 30 11.83 55.23 -12.24
C SER H 30 10.35 54.86 -12.12
N SER H 31 9.53 55.89 -11.92
CA SER H 31 8.08 55.84 -11.96
C SER H 31 7.46 54.96 -10.87
N ASN H 32 8.24 54.53 -9.87
CA ASN H 32 7.70 53.75 -8.77
C ASN H 32 7.12 54.69 -7.72
N ILE H 33 6.05 55.37 -8.09
CA ILE H 33 5.44 56.41 -7.27
C ILE H 33 3.93 56.26 -7.33
N GLY H 34 3.28 56.44 -6.19
CA GLY H 34 1.83 56.47 -6.12
C GLY H 34 1.33 57.79 -5.58
N TRP H 35 0.09 58.16 -5.93
CA TRP H 35 -0.53 59.37 -5.46
C TRP H 35 -1.78 59.02 -4.65
N LEU H 36 -2.04 59.79 -3.60
CA LEU H 36 -3.07 59.48 -2.62
C LEU H 36 -3.91 60.71 -2.31
N GLN H 37 -5.18 60.49 -2.02
CA GLN H 37 -6.12 61.54 -1.67
C GLN H 37 -6.78 61.21 -0.34
N GLN H 38 -6.91 62.23 0.53
CA GLN H 38 -7.57 62.10 1.82
C GLN H 38 -8.56 63.24 1.99
N LYS H 39 -9.85 62.93 1.87
CA LYS H 39 -10.88 63.92 2.10
C LYS H 39 -10.97 64.25 3.59
N PRO H 40 -11.44 65.46 3.93
CA PRO H 40 -11.42 65.89 5.35
C PRO H 40 -12.18 64.93 6.25
N GLY H 41 -11.52 64.51 7.32
CA GLY H 41 -12.13 63.61 8.28
C GLY H 41 -12.42 62.22 7.76
N LYS H 42 -11.71 61.79 6.71
CA LYS H 42 -11.95 60.49 6.10
C LYS H 42 -10.61 59.80 5.87
N SER H 43 -10.67 58.59 5.33
CA SER H 43 -9.46 57.78 5.13
C SER H 43 -8.88 58.07 3.74
N PHE H 44 -8.01 57.19 3.26
CA PHE H 44 -7.26 57.41 2.04
C PHE H 44 -7.89 56.66 0.87
N MET H 45 -7.75 57.25 -0.31
CA MET H 45 -8.09 56.61 -1.58
C MET H 45 -6.88 56.69 -2.49
N GLY H 46 -6.58 55.57 -3.17
CA GLY H 46 -5.51 55.57 -4.14
C GLY H 46 -5.95 56.24 -5.44
N LEU H 47 -5.04 56.98 -6.05
CA LEU H 47 -5.30 57.68 -7.29
C LEU H 47 -4.46 57.17 -8.44
N ILE H 48 -3.14 57.11 -8.27
CA ILE H 48 -2.21 56.73 -9.32
C ILE H 48 -1.25 55.69 -8.77
N TYR H 49 -0.89 54.71 -9.61
CA TYR H 49 0.21 53.81 -9.30
C TYR H 49 1.15 53.73 -10.51
N TYR H 50 2.41 53.40 -10.21
CA TYR H 50 3.48 53.31 -11.20
C TYR H 50 3.50 54.53 -12.12
N GLY H 51 3.42 55.70 -11.52
CA GLY H 51 3.58 56.96 -12.26
C GLY H 51 2.38 57.51 -13.00
N THR H 52 1.72 56.70 -13.83
CA THR H 52 0.71 57.21 -14.76
C THR H 52 -0.61 56.44 -14.76
N ASN H 53 -0.73 55.33 -14.04
CA ASN H 53 -1.87 54.44 -14.18
C ASN H 53 -2.94 54.77 -13.16
N LEU H 54 -4.15 55.07 -13.64
CA LEU H 54 -5.27 55.40 -12.77
C LEU H 54 -5.72 54.16 -11.99
N VAL H 55 -6.03 54.37 -10.71
CA VAL H 55 -6.70 53.34 -9.93
C VAL H 55 -8.13 53.18 -10.44
N ASP H 56 -8.62 51.94 -10.42
CA ASP H 56 -9.97 51.66 -10.90
C ASP H 56 -11.00 52.52 -10.17
N GLY H 57 -11.84 53.20 -10.95
CA GLY H 57 -12.87 54.06 -10.42
C GLY H 57 -12.52 55.52 -10.36
N VAL H 58 -11.26 55.87 -10.57
CA VAL H 58 -10.83 57.26 -10.47
C VAL H 58 -11.15 57.98 -11.77
N PRO H 59 -11.75 59.17 -11.73
CA PRO H 59 -12.05 59.91 -12.97
C PRO H 59 -10.78 60.28 -13.71
N SER H 60 -10.93 60.49 -15.02
CA SER H 60 -9.78 60.76 -15.88
C SER H 60 -9.30 62.20 -15.79
N ARG H 61 -10.01 63.08 -15.07
CA ARG H 61 -9.47 64.42 -14.85
C ARG H 61 -8.21 64.40 -13.99
N PHE H 62 -7.90 63.25 -13.37
CA PHE H 62 -6.63 63.05 -12.70
C PHE H 62 -5.63 62.39 -13.64
N SER H 63 -4.39 62.88 -13.61
CA SER H 63 -3.34 62.30 -14.42
C SER H 63 -2.00 62.49 -13.72
N GLY H 64 -1.07 61.58 -13.99
CA GLY H 64 0.26 61.66 -13.43
C GLY H 64 1.31 61.56 -14.52
N SER H 65 2.43 62.24 -14.29
CA SER H 65 3.52 62.26 -15.25
C SER H 65 4.83 62.43 -14.50
N GLY H 66 5.92 62.44 -15.25
CA GLY H 66 7.24 62.62 -14.70
C GLY H 66 8.15 61.43 -14.99
N SER H 67 9.41 61.60 -14.64
CA SER H 67 10.43 60.57 -14.81
C SER H 67 11.60 60.93 -13.91
N GLY H 68 12.56 60.00 -13.83
CA GLY H 68 13.72 60.19 -12.98
C GLY H 68 13.36 60.45 -11.54
N ALA H 69 13.52 61.68 -11.09
CA ALA H 69 13.25 62.05 -9.70
C ALA H 69 12.17 63.13 -9.58
N ASP H 70 11.51 63.51 -10.68
CA ASP H 70 10.57 64.61 -10.69
C ASP H 70 9.26 64.14 -11.29
N TYR H 71 8.18 64.24 -10.52
CA TYR H 71 6.89 63.72 -10.93
C TYR H 71 5.81 64.73 -10.57
N SER H 72 4.67 64.62 -11.24
CA SER H 72 3.60 65.60 -11.09
C SER H 72 2.25 64.90 -11.11
N LEU H 73 1.28 65.53 -10.44
CA LEU H 73 -0.12 65.11 -10.46
C LEU H 73 -0.95 66.32 -10.88
N THR H 74 -1.68 66.19 -11.98
CA THR H 74 -2.50 67.27 -12.51
C THR H 74 -3.98 66.92 -12.38
N ILE H 75 -4.79 67.90 -12.01
CA ILE H 75 -6.23 67.74 -11.86
C ILE H 75 -6.87 68.77 -12.78
N SER H 76 -7.26 68.35 -13.99
CA SER H 76 -7.92 69.26 -14.92
C SER H 76 -9.35 69.52 -14.46
N SER H 77 -9.75 70.80 -14.49
CA SER H 77 -11.11 71.20 -14.13
C SER H 77 -11.48 70.72 -12.74
N LEU H 78 -11.04 71.44 -11.71
CA LEU H 78 -11.25 71.02 -10.33
C LEU H 78 -12.74 70.87 -10.02
N ASP H 79 -13.04 70.02 -9.04
CA ASP H 79 -14.39 69.75 -8.61
C ASP H 79 -14.50 70.02 -7.12
N SER H 80 -15.75 70.07 -6.64
CA SER H 80 -15.99 70.37 -5.22
C SER H 80 -15.40 69.30 -4.32
N GLU H 81 -15.43 68.03 -4.73
CA GLU H 81 -14.82 66.97 -3.95
C GLU H 81 -13.30 66.95 -4.03
N ASP H 82 -12.71 67.66 -5.01
CA ASP H 82 -11.26 67.61 -5.19
C ASP H 82 -10.50 68.43 -4.16
N PHE H 83 -11.19 69.20 -3.32
CA PHE H 83 -10.55 69.97 -2.26
C PHE H 83 -10.28 69.04 -1.08
N ALA H 84 -9.02 68.63 -0.94
CA ALA H 84 -8.62 67.62 0.05
C ALA H 84 -7.10 67.63 0.15
N ASP H 85 -6.56 66.62 0.83
CA ASP H 85 -5.11 66.45 0.99
C ASP H 85 -4.60 65.42 0.00
N TYR H 86 -3.42 65.69 -0.56
CA TYR H 86 -2.80 64.80 -1.54
C TYR H 86 -1.37 64.50 -1.12
N TYR H 87 -0.94 63.25 -1.30
CA TYR H 87 0.37 62.79 -0.88
C TYR H 87 0.98 61.92 -1.97
N CYS H 88 2.30 62.02 -2.14
CA CYS H 88 3.05 61.07 -2.96
C CYS H 88 3.71 60.03 -2.07
N VAL H 89 4.01 58.88 -2.67
CA VAL H 89 4.72 57.80 -1.97
C VAL H 89 5.54 57.05 -2.99
N GLN H 90 6.83 56.85 -2.70
CA GLN H 90 7.71 56.08 -3.55
C GLN H 90 7.83 54.67 -3.01
N TYR H 91 7.90 53.69 -3.91
CA TYR H 91 8.17 52.32 -3.51
C TYR H 91 9.34 51.73 -4.30
N ALA H 92 10.26 52.59 -4.75
CA ALA H 92 11.44 52.08 -5.45
C ALA H 92 12.41 51.38 -4.51
N GLN H 93 12.44 51.78 -3.25
CA GLN H 93 13.33 51.18 -2.27
C GLN H 93 12.61 51.03 -0.94
N LEU H 94 13.06 50.06 -0.15
CA LEU H 94 12.57 49.99 1.21
C LEU H 94 13.49 50.78 2.13
N PRO H 95 12.95 51.53 3.11
CA PRO H 95 11.53 51.61 3.45
C PRO H 95 10.75 52.56 2.55
N TYR H 96 9.46 52.30 2.35
CA TYR H 96 8.61 53.23 1.62
C TYR H 96 8.58 54.57 2.35
N THR H 97 8.58 55.66 1.58
CA THR H 97 8.59 56.99 2.17
C THR H 97 7.59 57.88 1.45
N PHE H 98 7.07 58.86 2.20
CA PHE H 98 5.97 59.70 1.75
C PHE H 98 6.42 61.16 1.61
N GLY H 99 5.60 61.92 0.88
CA GLY H 99 5.77 63.36 0.84
C GLY H 99 5.04 64.04 1.98
N GLY H 100 5.32 65.34 2.13
CA GLY H 100 4.74 66.11 3.22
C GLY H 100 3.27 66.44 3.06
N GLY H 101 2.73 66.29 1.86
CA GLY H 101 1.32 66.52 1.63
C GLY H 101 1.04 67.85 0.96
N THR H 102 -0.21 68.00 0.51
CA THR H 102 -0.66 69.20 -0.18
C THR H 102 -2.15 69.35 0.06
N LYS H 103 -2.57 70.51 0.58
CA LYS H 103 -3.97 70.78 0.87
C LYS H 103 -4.51 71.78 -0.15
N LEU H 104 -5.55 71.37 -0.88
CA LEU H 104 -6.23 72.25 -1.82
C LEU H 104 -7.38 72.94 -1.09
N GLU H 105 -7.33 74.27 -1.02
CA GLU H 105 -8.33 75.04 -0.29
C GLU H 105 -9.06 75.98 -1.24
N ILE H 106 -10.29 76.32 -0.86
CA ILE H 106 -11.13 77.17 -1.70
C ILE H 106 -10.65 78.61 -1.64
N LYS H 107 -10.62 79.27 -2.80
CA LYS H 107 -10.19 80.65 -2.89
C LYS H 107 -11.40 81.58 -2.82
N ARG H 108 -11.24 82.69 -2.08
CA ARG H 108 -12.30 83.67 -1.94
C ARG H 108 -11.67 85.04 -1.70
N ALA H 109 -12.52 86.04 -1.51
CA ALA H 109 -12.05 87.39 -1.24
C ALA H 109 -11.60 87.52 0.20
N ASP H 110 -10.63 88.41 0.42
CA ASP H 110 -10.08 88.60 1.76
C ASP H 110 -11.17 89.07 2.72
N ALA H 111 -11.00 88.72 3.99
CA ALA H 111 -11.98 89.06 5.02
C ALA H 111 -11.28 89.22 6.35
N ALA H 112 -11.63 90.28 7.07
CA ALA H 112 -11.04 90.58 8.36
C ALA H 112 -11.70 89.75 9.45
N PRO H 113 -11.01 89.51 10.58
CA PRO H 113 -11.62 88.73 11.65
C PRO H 113 -12.51 89.57 12.55
N THR H 114 -13.47 88.90 13.17
CA THR H 114 -14.30 89.50 14.20
C THR H 114 -13.77 89.05 15.56
N VAL H 115 -13.11 89.96 16.25
CA VAL H 115 -12.41 89.63 17.50
C VAL H 115 -13.35 89.89 18.68
N SER H 116 -13.32 88.98 19.64
CA SER H 116 -14.09 89.10 20.88
C SER H 116 -13.26 88.56 22.02
N ILE H 117 -13.23 89.28 23.14
CA ILE H 117 -12.45 88.90 24.30
C ILE H 117 -13.40 88.63 25.46
N PHE H 118 -13.05 87.64 26.29
CA PHE H 118 -13.93 87.20 27.36
C PHE H 118 -13.14 87.01 28.64
N PRO H 119 -13.48 87.72 29.72
CA PRO H 119 -12.78 87.54 31.00
C PRO H 119 -13.14 86.21 31.62
N PRO H 120 -12.48 85.81 32.71
CA PRO H 120 -12.86 84.57 33.39
C PRO H 120 -14.28 84.64 33.91
N SER H 121 -14.94 83.48 33.93
CA SER H 121 -16.26 83.36 34.50
C SER H 121 -16.17 83.30 36.03
N SER H 122 -17.29 83.61 36.68
CA SER H 122 -17.31 83.57 38.14
C SER H 122 -17.12 82.16 38.66
N GLU H 123 -17.67 81.17 37.95
CA GLU H 123 -17.51 79.77 38.35
C GLU H 123 -16.03 79.37 38.41
N GLN H 124 -15.28 79.71 37.36
CA GLN H 124 -13.87 79.34 37.31
C GLN H 124 -13.07 80.13 38.36
N LEU H 125 -13.44 81.38 38.60
CA LEU H 125 -12.70 82.20 39.56
C LEU H 125 -12.81 81.62 40.97
N THR H 126 -14.02 81.27 41.40
CA THR H 126 -14.19 80.62 42.69
C THR H 126 -13.53 79.26 42.75
N SER H 127 -13.12 78.69 41.61
CA SER H 127 -12.42 77.42 41.58
C SER H 127 -10.91 77.57 41.70
N GLY H 128 -10.37 78.77 41.47
CA GLY H 128 -8.96 79.02 41.65
C GLY H 128 -8.15 79.25 40.38
N GLY H 129 -8.79 79.29 39.21
CA GLY H 129 -8.10 79.52 37.97
C GLY H 129 -8.75 80.65 37.19
N ALA H 130 -8.01 81.14 36.20
CA ALA H 130 -8.46 82.27 35.40
C ALA H 130 -8.08 82.05 33.94
N SER H 131 -9.10 81.96 33.08
CA SER H 131 -8.90 81.79 31.65
C SER H 131 -9.51 82.98 30.92
N VAL H 132 -8.69 83.66 30.10
CA VAL H 132 -9.15 84.72 29.22
C VAL H 132 -9.22 84.14 27.81
N VAL H 133 -10.41 84.19 27.20
CA VAL H 133 -10.63 83.62 25.88
C VAL H 133 -10.74 84.76 24.87
N CYS H 134 -10.24 84.49 23.66
CA CYS H 134 -10.24 85.45 22.56
C CYS H 134 -10.66 84.71 21.29
N PHE H 135 -11.79 85.09 20.71
CA PHE H 135 -12.27 84.49 19.47
C PHE H 135 -11.90 85.37 18.28
N LEU H 136 -11.45 84.74 17.21
CA LEU H 136 -11.10 85.42 15.96
C LEU H 136 -11.82 84.67 14.84
N ASN H 137 -12.96 85.22 14.39
CA ASN H 137 -13.90 84.47 13.58
C ASN H 137 -13.96 84.99 12.15
N ASN H 138 -14.10 84.04 11.21
CA ASN H 138 -14.49 84.30 9.82
C ASN H 138 -13.55 85.30 9.14
N PHE H 139 -12.35 84.82 8.84
CA PHE H 139 -11.36 85.61 8.12
C PHE H 139 -10.76 84.78 6.99
N TYR H 140 -10.14 85.49 6.04
CA TYR H 140 -9.45 84.90 4.92
C TYR H 140 -8.36 85.88 4.51
N PRO H 141 -7.12 85.40 4.25
CA PRO H 141 -6.70 83.99 4.27
C PRO H 141 -6.45 83.44 5.67
N LYS H 142 -5.99 82.19 5.74
CA LYS H 142 -5.80 81.52 7.02
C LYS H 142 -4.62 82.05 7.81
N ASP H 143 -3.67 82.71 7.15
CA ASP H 143 -2.46 83.19 7.81
C ASP H 143 -2.82 84.31 8.78
N ILE H 144 -2.72 84.03 10.08
CA ILE H 144 -3.10 84.99 11.11
C ILE H 144 -2.24 84.77 12.34
N ASN H 145 -2.00 85.83 13.09
CA ASN H 145 -1.16 85.79 14.28
C ASN H 145 -1.86 86.48 15.45
N VAL H 146 -1.69 85.92 16.64
CA VAL H 146 -2.32 86.44 17.85
C VAL H 146 -1.23 86.76 18.87
N LYS H 147 -1.50 87.76 19.71
CA LYS H 147 -0.54 88.19 20.71
C LYS H 147 -1.29 88.62 21.96
N TRP H 148 -0.95 88.03 23.10
CA TRP H 148 -1.57 88.36 24.37
C TRP H 148 -0.72 89.39 25.12
N LYS H 149 -1.39 90.38 25.71
CA LYS H 149 -0.71 91.43 26.46
C LYS H 149 -1.38 91.60 27.82
N ILE H 150 -0.57 91.52 28.87
CA ILE H 150 -1.01 91.77 30.25
C ILE H 150 -0.36 93.06 30.72
N ASP H 151 -1.19 94.07 31.01
CA ASP H 151 -0.70 95.39 31.40
C ASP H 151 0.26 95.96 30.36
N GLY H 152 -0.07 95.75 29.08
CA GLY H 152 0.70 96.30 27.99
C GLY H 152 1.90 95.49 27.56
N SER H 153 2.26 94.43 28.30
CA SER H 153 3.44 93.64 28.00
C SER H 153 3.02 92.25 27.50
N GLU H 154 3.74 91.77 26.49
CA GLU H 154 3.40 90.51 25.85
C GLU H 154 3.54 89.34 26.83
N ARG H 155 2.71 88.33 26.64
CA ARG H 155 2.71 87.12 27.45
C ARG H 155 2.64 85.92 26.52
N GLN H 156 3.41 84.87 26.83
CA GLN H 156 3.52 83.74 25.93
C GLN H 156 3.26 82.40 26.63
N ASN H 157 3.55 82.31 27.92
CA ASN H 157 3.35 81.08 28.66
C ASN H 157 1.89 80.95 29.09
N GLY H 158 1.28 79.83 28.76
CA GLY H 158 -0.11 79.58 29.11
C GLY H 158 -1.12 79.87 28.03
N VAL H 159 -0.73 79.82 26.76
CA VAL H 159 -1.61 80.13 25.64
C VAL H 159 -1.86 78.84 24.85
N LEU H 160 -3.13 78.55 24.59
CA LEU H 160 -3.54 77.39 23.81
C LEU H 160 -4.42 77.86 22.66
N ASN H 161 -4.00 77.57 21.44
CA ASN H 161 -4.71 78.00 20.24
C ASN H 161 -5.39 76.81 19.57
N SER H 162 -6.46 77.11 18.85
CA SER H 162 -7.21 76.09 18.13
C SER H 162 -7.78 76.71 16.86
N TRP H 163 -7.71 75.96 15.76
CA TRP H 163 -8.15 76.45 14.47
C TRP H 163 -9.22 75.52 13.90
N THR H 164 -10.19 76.11 13.22
CA THR H 164 -11.16 75.34 12.46
C THR H 164 -10.68 75.16 11.03
N ASP H 165 -11.12 74.08 10.40
CA ASP H 165 -10.90 73.93 8.98
C ASP H 165 -11.83 74.87 8.21
N GLN H 166 -11.48 75.11 6.95
CA GLN H 166 -12.24 76.04 6.12
C GLN H 166 -13.73 75.73 6.17
N ASP H 167 -14.51 76.69 6.67
CA ASP H 167 -15.94 76.50 6.80
C ASP H 167 -16.58 76.25 5.44
N SER H 168 -17.68 75.49 5.44
CA SER H 168 -18.23 74.96 4.20
C SER H 168 -18.76 76.06 3.30
N LYS H 169 -19.73 76.83 3.79
CA LYS H 169 -20.53 77.70 2.92
C LYS H 169 -20.08 79.15 2.90
N ASP H 170 -19.04 79.53 3.64
CA ASP H 170 -18.46 80.85 3.49
C ASP H 170 -16.97 80.83 3.13
N SER H 171 -16.31 79.67 3.26
CA SER H 171 -14.90 79.51 2.91
C SER H 171 -13.99 80.40 3.74
N THR H 172 -14.36 80.66 4.99
CA THR H 172 -13.54 81.44 5.91
C THR H 172 -12.95 80.51 6.97
N TYR H 173 -12.10 81.08 7.81
CA TYR H 173 -11.43 80.37 8.89
C TYR H 173 -11.70 81.06 10.21
N SER H 174 -11.46 80.33 11.31
CA SER H 174 -11.70 80.86 12.64
C SER H 174 -10.66 80.30 13.59
N MET H 175 -10.44 81.02 14.70
CA MET H 175 -9.36 80.71 15.62
C MET H 175 -9.79 81.06 17.04
N SER H 176 -9.34 80.26 18.00
CA SER H 176 -9.64 80.45 19.41
C SER H 176 -8.33 80.43 20.20
N SER H 177 -8.08 81.50 20.96
CA SER H 177 -6.89 81.62 21.78
C SER H 177 -7.29 81.80 23.24
N THR H 178 -6.66 81.04 24.13
CA THR H 178 -7.02 81.00 25.54
C THR H 178 -5.77 81.19 26.39
N LEU H 179 -5.78 82.20 27.25
CA LEU H 179 -4.72 82.44 28.22
C LEU H 179 -5.21 82.03 29.60
N THR H 180 -4.56 81.04 30.20
CA THR H 180 -4.96 80.51 31.50
C THR H 180 -3.90 80.85 32.54
N LEU H 181 -4.33 81.54 33.60
CA LEU H 181 -3.49 81.86 34.74
C LEU H 181 -4.13 81.31 36.00
N THR H 182 -3.38 81.35 37.09
CA THR H 182 -3.97 81.10 38.39
C THR H 182 -4.82 82.30 38.80
N LYS H 183 -5.76 82.06 39.71
CA LYS H 183 -6.58 83.15 40.22
C LYS H 183 -5.73 84.23 40.89
N ASP H 184 -4.69 83.81 41.61
CA ASP H 184 -3.85 84.76 42.33
C ASP H 184 -2.98 85.57 41.37
N GLU H 185 -2.45 84.92 40.32
CA GLU H 185 -1.64 85.65 39.34
C GLU H 185 -2.50 86.58 38.49
N TYR H 186 -3.77 86.22 38.29
CA TYR H 186 -4.67 87.03 37.47
C TYR H 186 -5.04 88.34 38.15
N GLU H 187 -4.95 88.41 39.47
CA GLU H 187 -5.33 89.61 40.21
C GLU H 187 -4.15 90.54 40.48
N ARG H 188 -2.93 90.14 40.12
CA ARG H 188 -1.79 91.04 40.22
C ARG H 188 -1.80 92.12 39.13
N HIS H 189 -2.66 91.98 38.13
CA HIS H 189 -2.67 92.87 36.98
C HIS H 189 -4.09 93.36 36.73
N ASN H 190 -4.22 94.28 35.78
CA ASN H 190 -5.50 94.94 35.55
C ASN H 190 -5.94 94.89 34.09
N SER H 191 -5.02 94.98 33.13
CA SER H 191 -5.35 95.08 31.72
C SER H 191 -5.01 93.79 31.01
N TYR H 192 -5.93 93.32 30.15
CA TYR H 192 -5.74 92.12 29.37
C TYR H 192 -6.17 92.39 27.93
N THR H 193 -5.40 91.87 26.98
CA THR H 193 -5.52 92.27 25.59
C THR H 193 -5.07 91.13 24.68
N CYS H 194 -5.79 90.92 23.59
CA CYS H 194 -5.32 90.11 22.47
C CYS H 194 -5.25 90.98 21.22
N GLU H 195 -4.19 90.79 20.43
CA GLU H 195 -3.94 91.55 19.21
C GLU H 195 -3.89 90.58 18.03
N ALA H 196 -4.64 90.91 16.98
CA ALA H 196 -4.74 90.08 15.79
C ALA H 196 -4.01 90.74 14.63
N THR H 197 -3.05 90.03 14.04
CA THR H 197 -2.25 90.54 12.93
C THR H 197 -2.61 89.77 11.67
N HIS H 198 -3.21 90.45 10.71
CA HIS H 198 -3.68 89.84 9.47
C HIS H 198 -3.15 90.64 8.30
N LYS H 199 -3.19 90.03 7.10
CA LYS H 199 -2.78 90.74 5.90
C LYS H 199 -3.80 91.78 5.46
N THR H 200 -5.01 91.77 6.04
CA THR H 200 -6.02 92.75 5.68
C THR H 200 -5.59 94.15 6.09
N SER H 201 -5.43 94.37 7.39
CA SER H 201 -5.02 95.66 7.92
C SER H 201 -3.53 95.63 8.28
N THR H 202 -2.85 96.74 8.03
CA THR H 202 -1.46 96.86 8.42
C THR H 202 -1.29 97.15 9.91
N SER H 203 -2.35 97.59 10.58
CA SER H 203 -2.37 97.82 12.02
C SER H 203 -3.12 96.68 12.70
N PRO H 204 -2.59 96.17 13.81
CA PRO H 204 -3.23 95.03 14.47
C PRO H 204 -4.57 95.39 15.06
N ILE H 205 -5.50 94.45 14.98
CA ILE H 205 -6.81 94.60 15.60
C ILE H 205 -6.69 94.25 17.08
N VAL H 206 -7.17 95.14 17.93
CA VAL H 206 -6.91 95.10 19.37
C VAL H 206 -8.23 95.05 20.12
N LYS H 207 -8.31 94.20 21.13
CA LYS H 207 -9.46 94.13 22.02
C LYS H 207 -8.99 93.90 23.44
N SER H 208 -9.48 94.73 24.37
CA SER H 208 -9.03 94.73 25.74
C SER H 208 -10.21 94.81 26.70
N PHE H 209 -9.92 94.55 27.97
CA PHE H 209 -10.84 94.81 29.07
C PHE H 209 -10.00 95.02 30.32
N ASN H 210 -10.65 95.52 31.37
CA ASN H 210 -9.97 95.80 32.63
C ASN H 210 -10.67 95.06 33.76
N ARG H 211 -9.89 94.32 34.55
CA ARG H 211 -10.39 93.73 35.78
C ARG H 211 -10.76 94.84 36.77
N ASN H 212 -11.63 94.49 37.72
CA ASN H 212 -12.15 95.44 38.70
C ASN H 212 -12.88 96.60 38.02
N GLU H 213 -13.44 96.35 36.84
CA GLU H 213 -14.07 97.40 36.05
C GLU H 213 -14.93 96.76 34.97
N CYS H 214 -16.04 97.42 34.65
CA CYS H 214 -16.90 96.99 33.55
C CYS H 214 -17.73 98.16 33.05
N ARG I 1 16.26 17.62 -2.98
CA ARG I 1 15.10 17.76 -3.85
C ARG I 1 15.72 17.63 -5.26
N GLY I 2 15.19 16.70 -6.12
CA GLY I 2 15.77 16.54 -7.47
C GLY I 2 17.10 15.75 -7.42
N ASP I 3 18.15 16.23 -8.18
CA ASP I 3 19.48 15.55 -8.19
C ASP I 3 20.11 15.97 -6.82
N DPN I 4 19.64 15.45 -5.62
CA DPN I 4 20.22 15.84 -4.34
C DPN I 4 19.00 15.68 -3.33
O DPN I 4 18.19 14.78 -3.53
CB DPN I 4 21.44 14.98 -3.90
CG DPN I 4 21.96 15.12 -2.51
CD1 DPN I 4 22.70 16.24 -2.13
CD2 DPN I 4 21.71 14.16 -1.52
CE1 DPN I 4 23.19 16.40 -0.84
CE2 DPN I 4 22.19 14.32 -0.22
CZ DPN I 4 22.93 15.43 0.12
N VAL I 5 18.85 16.57 -2.23
CA VAL I 5 17.71 16.48 -1.25
C VAL I 5 16.41 16.55 -2.10
N ARG J 1 0.73 -13.16 2.56
CA ARG J 1 -0.12 -13.75 3.63
C ARG J 1 0.62 -13.36 4.92
N GLY J 2 -0.04 -12.50 5.79
CA GLY J 2 0.61 -12.08 7.03
C GLY J 2 1.33 -10.74 6.80
N ASP J 3 2.64 -10.64 7.23
CA ASP J 3 3.41 -9.41 7.04
C ASP J 3 3.84 -9.49 5.53
N DPN J 4 3.05 -8.94 4.50
CA DPN J 4 3.45 -9.01 3.08
C DPN J 4 2.20 -9.69 2.37
O DPN J 4 1.07 -9.28 2.60
CB DPN J 4 3.78 -7.62 2.45
CG DPN J 4 4.68 -7.49 1.24
CD1 DPN J 4 5.81 -6.66 1.24
CD2 DPN J 4 4.43 -8.20 0.04
CE1 DPN J 4 6.65 -6.55 0.14
CE2 DPN J 4 5.27 -8.07 -1.06
CZ DPN J 4 6.38 -7.25 -1.03
N VAL J 5 2.41 -10.75 1.47
CA VAL J 5 1.31 -11.48 0.73
C VAL J 5 0.35 -12.04 1.81
C1 NAG K . 6.32 -2.20 -12.11
C2 NAG K . 5.62 -1.05 -11.37
C3 NAG K . 4.65 -1.60 -10.31
C4 NAG K . 3.70 -2.63 -10.92
C5 NAG K . 4.50 -3.72 -11.64
C6 NAG K . 3.64 -4.71 -12.38
C7 NAG K . 7.09 0.92 -11.33
C8 NAG K . 8.09 1.70 -10.53
N2 NAG K . 6.59 -0.18 -10.74
O3 NAG K . 3.89 -0.53 -9.77
O4 NAG K . 2.94 -3.21 -9.86
O5 NAG K . 5.35 -3.10 -12.62
O6 NAG K . 2.57 -4.07 -13.08
O7 NAG K . 6.75 1.26 -12.46
C1 NAG K . 1.52 -3.17 -10.15
C2 NAG K . 0.88 -4.26 -9.30
C3 NAG K . -0.60 -4.33 -9.59
C4 NAG K . -1.25 -2.96 -9.42
C5 NAG K . -0.48 -1.88 -10.16
C6 NAG K . -0.95 -0.48 -9.83
C7 NAG K . 2.46 -6.06 -8.75
C8 NAG K . 3.00 -7.40 -9.15
N2 NAG K . 1.52 -5.55 -9.55
O3 NAG K . -1.19 -5.27 -8.69
O4 NAG K . -2.56 -3.00 -9.99
O5 NAG K . 0.93 -1.92 -9.83
O6 NAG K . -1.02 -0.26 -8.42
O7 NAG K . 2.85 -5.48 -7.75
C1 MAN K . -3.62 -3.38 -9.08
C2 MAN K . -4.60 -2.18 -9.05
C3 MAN K . -5.38 -2.14 -7.73
C4 MAN K . -5.55 -3.54 -7.13
C5 MAN K . -4.16 -4.15 -6.83
C6 MAN K . -4.14 -5.68 -6.84
O2 MAN K . -5.61 -2.31 -10.07
O3 MAN K . -6.66 -1.52 -7.92
O4 MAN K . -6.30 -3.46 -5.93
O5 MAN K . -3.15 -3.68 -7.78
O6 MAN K . -4.81 -6.14 -8.02
C1 MAN K . -6.73 -0.25 -7.24
C2 MAN K . -8.18 0.28 -7.40
C3 MAN K . -8.44 0.69 -8.84
C4 MAN K . -7.40 1.71 -9.30
C5 MAN K . -5.99 1.10 -9.14
C6 MAN K . -4.89 2.07 -9.46
O2 MAN K . -8.40 1.46 -6.62
O3 MAN K . -9.75 1.21 -9.03
O4 MAN K . -7.59 2.05 -10.67
O5 MAN K . -5.79 0.69 -7.76
O6 MAN K . -3.66 1.51 -9.02
C1 NAG L . 8.88 -33.78 -31.74
C2 NAG L . 9.00 -34.37 -33.15
C3 NAG L . 7.66 -34.95 -33.60
C4 NAG L . 7.09 -35.89 -32.56
C5 NAG L . 7.07 -35.22 -31.19
C6 NAG L . 6.62 -36.14 -30.08
C7 NAG L . 10.75 -33.12 -34.33
C8 NAG L . 11.04 -32.03 -35.32
N2 NAG L . 9.46 -33.36 -34.08
O3 NAG L . 7.83 -35.63 -34.84
O4 NAG L . 5.77 -36.28 -32.92
O5 NAG L . 8.38 -34.77 -30.85
O6 NAG L . 6.21 -35.40 -28.93
O7 NAG L . 11.64 -33.76 -33.79
C1 NAG L . 5.77 -37.69 -33.13
C2 NAG L . 4.32 -38.14 -33.30
C3 NAG L . 4.25 -39.63 -33.61
C4 NAG L . 5.16 -39.99 -34.77
C5 NAG L . 6.57 -39.46 -34.52
C6 NAG L . 7.49 -39.68 -35.70
C7 NAG L . 2.77 -36.71 -32.02
C8 NAG L . 2.05 -36.53 -30.73
N2 NAG L . 3.54 -37.81 -32.12
O3 NAG L . 2.90 -39.97 -33.90
O4 NAG L . 5.21 -41.41 -34.92
O5 NAG L . 6.52 -38.05 -34.29
O6 NAG L . 7.79 -41.05 -35.87
O7 NAG L . 2.69 -35.91 -32.94
C1 NAG M . -16.11 -0.24 13.43
C2 NAG M . -16.29 -1.59 12.72
C3 NAG M . -17.53 -1.59 11.83
C4 NAG M . -18.75 -1.07 12.57
C5 NAG M . -18.44 0.27 13.20
C6 NAG M . -19.58 0.84 14.02
C7 NAG M . -14.01 -2.48 12.42
C8 NAG M . -12.89 -2.72 11.44
N2 NAG M . -15.11 -1.91 11.92
O3 NAG M . -17.77 -2.91 11.36
O4 NAG M . -19.83 -0.92 11.65
O5 NAG M . -17.32 0.11 14.09
O6 NAG M . -20.00 -0.07 15.04
O7 NAG M . -13.92 -2.81 13.60
C1 NAG M . -20.93 -1.80 11.99
C2 NAG M . -22.18 -1.20 11.34
C3 NAG M . -23.40 -2.07 11.67
C4 NAG M . -23.14 -3.53 11.32
C5 NAG M . -21.79 -4.01 11.88
C6 NAG M . -21.40 -5.38 11.38
C7 NAG M . -22.30 1.21 10.95
C8 NAG M . -22.55 2.55 11.56
N2 NAG M . -22.39 0.16 11.77
O3 NAG M . -24.50 -1.57 10.92
O4 NAG M . -24.13 -4.36 11.94
O5 NAG M . -20.73 -3.12 11.50
O6 NAG M . -21.15 -5.38 9.98
O7 NAG M . -22.03 1.07 9.75
C1 MAN M . -25.44 -4.44 11.32
C2 MAN M . -25.76 -5.95 11.17
C3 MAN M . -26.71 -6.20 10.01
C4 MAN M . -27.69 -5.01 9.87
C5 MAN M . -26.90 -3.73 9.50
C6 MAN M . -27.57 -2.46 10.01
O2 MAN M . -26.42 -6.46 12.34
O3 MAN M . -27.42 -7.42 10.14
O4 MAN M . -28.66 -5.28 8.87
O5 MAN M . -25.55 -3.77 10.06
O6 MAN M . -28.02 -1.71 8.88
C1 MAN M . -26.81 -8.44 9.31
C2 MAN M . -27.83 -9.61 9.17
C3 MAN M . -27.95 -10.37 10.50
C4 MAN M . -26.56 -10.76 11.03
C5 MAN M . -25.72 -9.50 11.18
C6 MAN M . -24.33 -9.75 11.67
O2 MAN M . -27.37 -10.56 8.23
O3 MAN M . -28.77 -11.51 10.39
O4 MAN M . -26.67 -11.42 12.28
O5 MAN M . -25.60 -8.86 9.87
O6 MAN M . -23.70 -8.49 11.89
C1 NAG N . -26.31 28.39 33.32
C2 NAG N . -26.31 29.25 34.60
C3 NAG N . -27.69 29.22 35.26
C4 NAG N . -28.78 29.53 34.26
C5 NAG N . -28.68 28.60 33.07
C6 NAG N . -29.71 28.87 32.00
C7 NAG N . -24.05 29.28 35.54
C8 NAG N . -23.12 28.68 36.55
N2 NAG N . -25.29 28.79 35.52
O3 NAG N . -27.70 30.17 36.32
O4 NAG N . -30.07 29.39 34.88
O5 NAG N . -27.39 28.77 32.46
O6 NAG N . -29.48 30.10 31.34
O7 NAG N . -23.70 30.17 34.78
C1 NAG N . -30.61 30.70 35.12
C2 NAG N . -32.07 30.56 35.57
C3 NAG N . -32.65 31.93 35.91
C4 NAG N . -31.76 32.67 36.90
C5 NAG N . -30.33 32.72 36.38
C6 NAG N . -29.36 33.32 37.38
C7 NAG N . -33.01 28.57 34.49
C8 NAG N . -33.88 28.06 33.37
N2 NAG N . -32.87 29.90 34.57
O3 NAG N . -33.96 31.78 36.44
O4 NAG N . -32.23 34.00 37.09
O5 NAG N . -29.85 31.39 36.11
O6 NAG N . -28.04 33.37 36.85
O7 NAG N . -32.46 27.81 35.27
CA CA O . -20.18 20.24 -15.99
CA CA P . -20.98 10.31 -26.35
CA CA Q . -19.58 11.95 -39.34
CA CA R . -15.47 24.12 -45.83
C1 GOL S . 18.20 31.53 -23.46
O1 GOL S . 19.37 31.95 -24.10
C2 GOL S . 18.62 30.97 -22.08
O2 GOL S . 18.47 29.60 -22.00
C3 GOL S . 17.73 31.72 -21.07
O3 GOL S . 17.79 33.08 -21.40
C1 GOL T . -16.02 -0.19 -39.60
O1 GOL T . -14.72 -0.40 -40.01
C2 GOL T . -16.02 -0.31 -38.06
O2 GOL T . -15.20 -1.35 -37.64
C3 GOL T . -17.50 -0.55 -37.68
O3 GOL T . -17.53 -0.88 -36.33
C1 GOL U . -18.54 19.10 -30.36
O1 GOL U . -17.41 18.36 -30.72
C2 GOL U . -19.24 18.31 -29.25
O2 GOL U . -18.96 16.95 -29.33
C3 GOL U . -20.74 18.61 -29.48
O3 GOL U . -21.46 17.59 -28.87
C1 GOL V . 12.08 8.76 -38.21
O1 GOL V . 11.08 7.83 -38.55
C2 GOL V . 11.57 9.54 -36.97
O2 GOL V . 12.56 10.30 -36.39
C3 GOL V . 11.02 8.45 -36.03
O3 GOL V . 10.42 9.12 -34.95
C1 GOL W . -7.00 2.25 -19.20
O1 GOL W . -6.79 3.51 -19.78
C2 GOL W . -5.72 1.42 -19.44
O2 GOL W . -4.84 2.06 -20.30
C3 GOL W . -6.23 0.08 -20.01
O3 GOL W . -6.89 0.39 -21.19
C1 GOL X . -3.53 13.24 -4.79
O1 GOL X . -2.40 13.69 -4.10
C2 GOL X . -3.85 11.83 -4.23
O2 GOL X . -3.03 11.49 -3.16
C3 GOL X . -3.69 10.89 -5.43
O3 GOL X . -4.52 9.79 -5.19
C1 GOL Y . -11.92 13.53 -52.77
O1 GOL Y . -11.85 12.69 -53.87
C2 GOL Y . -11.98 12.64 -51.50
O2 GOL Y . -11.29 11.45 -51.67
C3 GOL Y . -13.49 12.40 -51.26
O3 GOL Y . -13.93 11.46 -52.19
S SO4 Z . 7.62 29.25 -0.77
O1 SO4 Z . 8.97 28.71 -0.91
O2 SO4 Z . 6.97 29.28 -2.08
O3 SO4 Z . 6.85 28.42 0.15
O4 SO4 Z . 7.70 30.62 -0.24
S SO4 AA . 4.78 22.51 -51.69
O1 SO4 AA . 5.41 21.72 -52.74
O2 SO4 AA . 4.17 23.70 -52.28
O3 SO4 AA . 3.77 21.72 -50.99
O4 SO4 AA . 5.81 22.93 -50.73
S SO4 BA . 9.65 2.66 -49.94
O1 SO4 BA . 10.50 3.27 -50.96
O2 SO4 BA . 9.15 1.37 -50.42
O3 SO4 BA . 8.51 3.53 -49.66
O4 SO4 BA . 10.42 2.47 -48.71
S SO4 CA . -20.09 23.81 -40.58
O1 SO4 CA . -19.57 23.45 -41.89
O2 SO4 CA . -21.13 24.84 -40.74
O3 SO4 CA . -20.67 22.63 -39.94
O4 SO4 CA . -19.02 24.33 -39.74
MN MN DA . 21.26 12.48 -9.84
MN MN EA . 25.64 7.37 -3.48
MN MN FA . 18.42 15.55 -14.25
C1 NAG GA . 15.16 -37.61 -38.26
C2 NAG GA . 16.70 -37.61 -38.13
C3 NAG GA . 17.20 -39.04 -37.95
C4 NAG GA . 16.49 -39.71 -36.78
C5 NAG GA . 14.99 -39.66 -36.99
C6 NAG GA . 14.20 -40.23 -35.83
C7 NAG GA . 18.14 -35.96 -39.22
C8 NAG GA . 18.71 -35.47 -40.52
N2 NAG GA . 17.33 -37.00 -39.29
O3 NAG GA . 18.61 -39.02 -37.71
O4 NAG GA . 16.91 -41.07 -36.66
O5 NAG GA . 14.58 -38.29 -37.14
O6 NAG GA . 12.81 -40.09 -36.04
O7 NAG GA . 18.41 -35.42 -38.15
S SO4 HA . 21.12 -8.73 -27.99
O1 SO4 HA . 21.58 -9.08 -29.33
O2 SO4 HA . 21.20 -7.28 -27.82
O3 SO4 HA . 19.74 -9.17 -27.82
O4 SO4 HA . 21.97 -9.38 -27.00
CA CA IA . -27.89 -32.75 18.91
CA CA JA . -32.14 -24.04 29.84
CA CA KA . -28.65 -25.20 42.58
CA CA LA . -18.60 -33.57 47.84
C1 GOL MA . -23.54 -9.03 23.22
O1 GOL MA . -22.40 -9.44 22.53
C2 GOL MA . -24.72 -9.84 22.63
O2 GOL MA . -24.30 -11.00 22.01
C3 GOL MA . -25.46 -8.88 21.68
O3 GOL MA . -24.48 -8.12 21.03
C1 GOL NA . -25.23 3.07 8.52
O1 GOL NA . -25.15 2.44 7.29
C2 GOL NA . -25.93 2.09 9.49
O2 GOL NA . -26.42 0.98 8.82
C3 GOL NA . -27.05 2.92 10.15
O3 GOL NA . -27.84 2.03 10.87
S SO4 OA . -19.14 -17.45 5.96
O1 SO4 OA . -17.70 -17.48 6.17
O2 SO4 OA . -19.42 -16.94 4.62
O3 SO4 OA . -19.77 -16.59 6.96
O4 SO4 OA . -19.68 -18.81 6.08
S SO4 PA . -25.45 -30.32 32.70
O1 SO4 PA . -25.19 -31.44 31.79
O2 SO4 PA . -26.59 -29.56 32.22
O3 SO4 PA . -25.74 -30.84 34.03
O4 SO4 PA . -24.27 -29.47 32.75
MN MN QA . 4.02 -6.11 8.58
MN MN RA . 5.05 -0.01 2.39
MN MN SA . 3.18 -10.13 13.39
C1 NAG TA . -22.33 34.62 39.32
C2 NAG TA . -21.27 35.61 38.81
C3 NAG TA . -21.90 36.97 38.52
C4 NAG TA . -23.13 36.83 37.62
C5 NAG TA . -24.10 35.84 38.24
C6 NAG TA . -25.32 35.58 37.39
C7 NAG TA . -18.93 35.37 39.51
C8 NAG TA . -17.95 35.59 40.61
N2 NAG TA . -20.19 35.75 39.76
O3 NAG TA . -20.94 37.82 37.88
O4 NAG TA . -23.77 38.09 37.46
O5 NAG TA . -23.44 34.58 38.42
O6 NAG TA . -26.15 34.58 37.96
O7 NAG TA . -18.61 34.86 38.43
C1 GOL UA . -3.52 13.48 28.40
O1 GOL UA . -3.22 14.51 27.52
C2 GOL UA . -4.55 12.54 27.70
O2 GOL UA . -4.08 11.23 27.61
C3 GOL UA . -4.82 13.16 26.31
O3 GOL UA . -5.66 12.29 25.63
C1 GOL VA . -8.75 61.79 8.98
O1 GOL VA . -8.43 62.81 8.09
C2 GOL VA . -7.87 61.98 10.23
O2 GOL VA . -7.05 63.08 10.11
C3 GOL VA . -7.06 60.66 10.35
O3 GOL VA . -7.99 59.62 10.30
S SO4 WA . 13.29 56.83 -15.68
O1 SO4 WA . 13.52 55.41 -15.92
O2 SO4 WA . 13.58 57.59 -16.89
O3 SO4 WA . 11.90 57.03 -15.30
O4 SO4 WA . 14.16 57.29 -14.60
#